data_7OMK
#
_entry.id   7OMK
#
_entity_poly.entity_id   1
_entity_poly.type   'polypeptide(L)'
_entity_poly.pdbx_seq_one_letter_code
;SPLCKMHHRRCVLRVVRKDGENKGRQFYACSLPRGAQCGFFEWADLSFPFCKHGKRSIMKTVLKIGPNNGKNFFVCPLEK
EKQCNFFQWAENG
;
_entity_poly.pdbx_strand_id   A
#
# COMPACT_ATOMS: atom_id res chain seq x y z
N SER A 1 7.18 1.72 2.10
CA SER A 1 6.19 2.55 1.38
C SER A 1 6.86 3.76 0.79
N PRO A 2 6.27 4.35 -0.26
CA PRO A 2 6.94 5.54 -0.81
C PRO A 2 6.77 6.75 0.11
N LEU A 3 7.54 7.79 -0.16
CA LEU A 3 7.55 9.00 0.64
C LEU A 3 7.51 10.18 -0.30
N CYS A 4 6.88 11.29 0.10
CA CYS A 4 6.91 12.45 -0.76
C CYS A 4 8.31 13.03 -0.67
N LYS A 5 8.75 13.68 -1.74
CA LYS A 5 10.11 14.21 -1.81
C LYS A 5 10.36 15.41 -0.91
N MET A 6 9.30 16.09 -0.51
CA MET A 6 9.44 17.31 0.28
C MET A 6 9.65 17.05 1.77
N HIS A 7 8.96 16.06 2.31
CA HIS A 7 9.00 15.81 3.77
C HIS A 7 9.60 14.46 4.16
N HIS A 8 9.87 13.61 3.17
CA HIS A 8 10.43 12.26 3.42
C HIS A 8 9.61 11.52 4.48
N ARG A 9 8.31 11.74 4.46
CA ARG A 9 7.41 11.22 5.48
C ARG A 9 6.10 10.71 4.88
N ARG A 10 5.70 9.51 5.28
CA ARG A 10 4.41 8.94 4.86
C ARG A 10 3.38 9.72 5.62
N CYS A 11 2.31 10.13 4.97
CA CYS A 11 1.26 10.87 5.68
C CYS A 11 -0.14 10.27 5.61
N VAL A 12 -0.72 10.09 4.42
CA VAL A 12 -2.01 9.39 4.32
C VAL A 12 -2.07 8.60 3.04
N LEU A 13 -2.93 7.60 3.02
CA LEU A 13 -3.12 6.73 1.86
C LEU A 13 -4.54 6.97 1.33
N ARG A 14 -4.67 7.14 0.03
CA ARG A 14 -5.96 7.37 -0.63
C ARG A 14 -6.11 6.38 -1.79
N VAL A 15 -7.31 6.31 -2.34
CA VAL A 15 -7.62 5.42 -3.46
C VAL A 15 -8.22 6.28 -4.56
N VAL A 16 -7.81 6.05 -5.81
CA VAL A 16 -8.33 6.82 -6.94
C VAL A 16 -9.77 6.40 -7.22
N ARG A 17 -10.71 7.34 -7.09
CA ARG A 17 -12.12 7.07 -7.39
C ARG A 17 -12.48 7.52 -8.80
N LYS A 18 -11.61 8.31 -9.42
CA LYS A 18 -11.81 8.77 -10.79
C LYS A 18 -11.61 7.59 -11.72
N ASP A 19 -12.32 7.58 -12.83
CA ASP A 19 -12.11 6.54 -13.83
C ASP A 19 -10.87 6.90 -14.64
N GLY A 20 -10.28 5.90 -15.28
CA GLY A 20 -9.05 6.08 -16.03
C GLY A 20 -8.19 4.84 -15.85
N GLU A 21 -6.98 4.85 -16.39
CA GLU A 21 -6.07 3.71 -16.29
C GLU A 21 -5.65 3.44 -14.85
N ASN A 22 -5.76 4.46 -14.02
CA ASN A 22 -5.35 4.37 -12.62
C ASN A 22 -6.55 4.25 -11.67
N LYS A 23 -7.70 3.92 -12.20
CA LYS A 23 -8.90 3.74 -11.38
C LYS A 23 -8.66 2.66 -10.34
N GLY A 24 -8.98 2.96 -9.10
CA GLY A 24 -8.81 1.98 -8.02
C GLY A 24 -7.40 1.85 -7.49
N ARG A 25 -6.45 2.58 -8.06
CA ARG A 25 -5.06 2.50 -7.57
C ARG A 25 -4.95 3.17 -6.23
N GLN A 26 -3.98 2.71 -5.46
CA GLN A 26 -3.70 3.25 -4.14
C GLN A 26 -2.55 4.24 -4.27
N PHE A 27 -2.62 5.35 -3.56
CA PHE A 27 -1.54 6.34 -3.59
C PHE A 27 -1.43 7.08 -2.27
N TYR A 28 -0.24 7.55 -1.97
CA TYR A 28 0.02 8.31 -0.76
C TYR A 28 -0.09 9.78 -1.09
N ALA A 29 -0.47 10.56 -0.09
CA ALA A 29 -0.64 11.99 -0.21
C ALA A 29 -0.21 12.60 1.13
N CYS A 30 0.01 13.91 1.13
CA CYS A 30 0.42 14.66 2.29
C CYS A 30 -0.79 15.10 3.12
N SER A 31 -0.64 15.05 4.43
CA SER A 31 -1.70 15.48 5.35
C SER A 31 -1.08 16.34 6.44
N LEU A 32 -0.07 17.10 6.05
CA LEU A 32 0.60 17.99 7.01
C LEU A 32 -0.31 19.19 7.30
N PRO A 33 -0.08 19.90 8.43
CA PRO A 33 -0.95 21.01 8.83
C PRO A 33 -0.80 22.23 7.93
N ARG A 34 -1.80 23.11 7.94
CA ARG A 34 -1.79 24.29 7.06
C ARG A 34 -0.49 25.05 7.19
N GLY A 35 0.07 25.42 6.04
CA GLY A 35 1.36 26.09 5.97
C GLY A 35 2.42 25.17 5.43
N ALA A 36 2.34 23.88 5.79
CA ALA A 36 3.26 22.88 5.27
C ALA A 36 2.46 21.82 4.49
N GLN A 37 2.89 21.49 3.29
CA GLN A 37 2.24 20.48 2.45
C GLN A 37 3.08 20.36 1.21
N CYS A 38 2.73 19.45 0.33
CA CYS A 38 3.42 19.31 -0.93
C CYS A 38 2.41 18.77 -1.94
N GLY A 39 2.59 19.11 -3.20
CA GLY A 39 1.69 18.63 -4.25
C GLY A 39 2.17 17.32 -4.83
N PHE A 40 3.01 16.63 -4.08
CA PHE A 40 3.57 15.35 -4.51
C PHE A 40 2.62 14.26 -4.04
N PHE A 41 2.44 13.26 -4.88
CA PHE A 41 1.60 12.10 -4.59
C PHE A 41 2.44 10.92 -4.99
N GLU A 42 2.29 9.80 -4.29
CA GLU A 42 3.12 8.63 -4.58
C GLU A 42 2.32 7.39 -4.79
N TRP A 43 2.60 6.67 -5.86
CA TRP A 43 1.85 5.44 -6.13
C TRP A 43 2.24 4.38 -5.10
N ALA A 44 1.27 3.86 -4.38
CA ALA A 44 1.53 2.89 -3.32
C ALA A 44 1.92 1.53 -3.92
N ASP A 45 1.61 1.36 -5.20
CA ASP A 45 1.96 0.12 -5.91
C ASP A 45 3.47 -0.07 -5.94
N LEU A 46 4.20 1.03 -5.88
CA LEU A 46 5.65 1.01 -5.86
C LEU A 46 6.18 0.31 -4.61
N SER A 47 5.36 0.25 -3.57
CA SER A 47 5.75 -0.38 -2.31
C SER A 47 5.62 -1.90 -2.38
N PHE A 48 4.94 -2.40 -3.41
CA PHE A 48 4.74 -3.83 -3.52
C PHE A 48 5.83 -4.38 -4.41
N PRO A 49 6.63 -5.33 -3.91
CA PRO A 49 7.61 -5.88 -4.85
C PRO A 49 6.95 -6.94 -5.72
N PHE A 50 7.73 -7.55 -6.59
CA PHE A 50 7.25 -8.68 -7.35
C PHE A 50 7.13 -9.87 -6.38
N CYS A 51 6.25 -10.81 -6.69
CA CYS A 51 6.17 -12.04 -5.93
C CYS A 51 6.81 -13.10 -6.80
N LYS A 52 6.93 -14.32 -6.29
CA LYS A 52 7.58 -15.42 -7.00
C LYS A 52 7.03 -15.71 -8.41
N HIS A 53 5.80 -15.32 -8.69
CA HIS A 53 5.20 -15.55 -10.01
C HIS A 53 5.54 -14.46 -11.03
N GLY A 54 6.33 -13.47 -10.62
CA GLY A 54 6.67 -12.37 -11.52
C GLY A 54 5.50 -11.43 -11.67
N LYS A 55 4.66 -11.36 -10.64
CA LYS A 55 3.47 -10.51 -10.64
C LYS A 55 3.56 -9.64 -9.41
N ARG A 56 2.93 -8.47 -9.43
CA ARG A 56 2.99 -7.54 -8.30
C ARG A 56 2.29 -8.14 -7.08
N SER A 57 2.80 -7.82 -5.90
CA SER A 57 2.17 -8.23 -4.64
C SER A 57 1.06 -7.24 -4.34
N ILE A 58 0.20 -7.56 -3.39
CA ILE A 58 -0.89 -6.67 -2.99
C ILE A 58 -0.93 -6.56 -1.46
N MET A 59 -1.52 -5.47 -0.96
CA MET A 59 -1.59 -5.23 0.48
C MET A 59 -2.84 -5.84 1.11
N LYS A 60 -2.67 -6.47 2.27
CA LYS A 60 -3.78 -6.96 3.09
C LYS A 60 -3.42 -6.63 4.52
N THR A 61 -4.39 -6.76 5.42
CA THR A 61 -4.20 -6.36 6.82
C THR A 61 -4.45 -7.53 7.77
N VAL A 62 -3.71 -7.57 8.87
CA VAL A 62 -3.90 -8.61 9.88
C VAL A 62 -5.11 -8.22 10.72
N LEU A 63 -6.10 -9.10 10.76
CA LEU A 63 -7.31 -8.85 11.57
C LEU A 63 -7.33 -9.72 12.83
N LYS A 64 -6.36 -10.60 12.95
CA LYS A 64 -6.25 -11.46 14.13
C LYS A 64 -5.63 -10.69 15.28
N ILE A 65 -6.31 -10.76 16.42
CA ILE A 65 -5.85 -10.08 17.62
C ILE A 65 -4.49 -10.63 18.03
N GLY A 66 -3.56 -9.74 18.35
CA GLY A 66 -2.22 -10.13 18.74
C GLY A 66 -1.35 -8.90 18.58
N PRO A 67 -0.03 -8.98 18.80
CA PRO A 67 0.79 -7.77 18.66
C PRO A 67 0.95 -7.28 17.23
N ASN A 68 0.55 -8.11 16.27
CA ASN A 68 0.63 -7.74 14.85
C ASN A 68 -0.74 -7.36 14.30
N ASN A 69 -1.74 -7.23 15.17
CA ASN A 69 -3.08 -6.86 14.70
C ASN A 69 -3.01 -5.46 14.10
N GLY A 70 -3.69 -5.27 12.98
CA GLY A 70 -3.69 -3.98 12.31
C GLY A 70 -2.50 -3.73 11.42
N LYS A 71 -1.45 -4.55 11.52
CA LYS A 71 -0.29 -4.38 10.66
C LYS A 71 -0.67 -4.80 9.25
N ASN A 72 -0.11 -4.12 8.27
CA ASN A 72 -0.35 -4.45 6.87
C ASN A 72 0.78 -5.34 6.41
N PHE A 73 0.50 -6.16 5.41
CA PHE A 73 1.51 -7.04 4.84
C PHE A 73 1.23 -7.21 3.35
N PHE A 74 2.23 -7.69 2.62
CA PHE A 74 2.14 -7.92 1.19
C PHE A 74 2.10 -9.42 0.93
N VAL A 75 1.18 -9.80 0.06
CA VAL A 75 0.87 -11.19 -0.30
C VAL A 75 0.55 -11.26 -1.79
N CYS A 76 0.35 -12.46 -2.31
CA CYS A 76 0.12 -12.65 -3.73
C CYS A 76 -1.38 -12.51 -4.07
N PRO A 77 -1.71 -11.88 -5.21
CA PRO A 77 -3.12 -11.67 -5.58
C PRO A 77 -3.89 -12.90 -6.05
N LEU A 78 -3.19 -14.00 -6.29
CA LEU A 78 -3.84 -15.22 -6.74
C LEU A 78 -4.54 -15.87 -5.54
N GLU A 79 -5.46 -16.78 -5.82
CA GLU A 79 -6.22 -17.45 -4.76
C GLU A 79 -5.31 -18.31 -3.88
N LYS A 80 -5.81 -18.71 -2.71
CA LYS A 80 -5.03 -19.47 -1.71
C LYS A 80 -4.28 -20.69 -2.25
N GLU A 81 -4.87 -21.37 -3.21
CA GLU A 81 -4.29 -22.58 -3.79
C GLU A 81 -3.21 -22.27 -4.84
N LYS A 82 -3.18 -21.03 -5.29
CA LYS A 82 -2.24 -20.60 -6.33
C LYS A 82 -1.30 -19.51 -5.84
N GLN A 83 -1.29 -19.22 -4.55
CA GLN A 83 -0.37 -18.23 -4.02
C GLN A 83 1.02 -18.83 -3.93
N CYS A 84 2.02 -17.96 -3.92
CA CYS A 84 3.40 -18.39 -3.80
C CYS A 84 3.80 -18.23 -2.34
N ASN A 85 4.87 -18.89 -1.95
CA ASN A 85 5.42 -18.75 -0.59
C ASN A 85 6.22 -17.45 -0.57
N PHE A 86 5.50 -16.34 -0.60
CA PHE A 86 6.08 -15.01 -0.59
C PHE A 86 5.18 -14.13 0.26
N PHE A 87 5.75 -13.55 1.31
CA PHE A 87 5.01 -12.74 2.26
C PHE A 87 5.98 -11.68 2.76
N GLN A 88 5.54 -10.44 2.86
CA GLN A 88 6.42 -9.38 3.39
C GLN A 88 5.65 -8.43 4.30
N TRP A 89 6.19 -8.10 5.46
CA TRP A 89 5.53 -7.15 6.36
C TRP A 89 5.68 -5.73 5.82
N ALA A 90 4.64 -4.92 5.98
CA ALA A 90 4.69 -3.52 5.57
C ALA A 90 5.10 -2.71 6.81
N GLU A 91 5.55 -1.49 6.58
CA GLU A 91 5.99 -0.61 7.67
C GLU A 91 4.81 -0.24 8.58
N ASN A 92 4.95 -0.52 9.87
CA ASN A 92 3.91 -0.16 10.86
C ASN A 92 4.25 1.14 11.58
N GLY A 93 5.34 1.77 11.19
CA GLY A 93 5.78 3.02 11.79
C GLY A 93 6.74 3.60 10.79
N SER A 1 7.06 2.95 3.82
CA SER A 1 6.05 3.43 2.84
C SER A 1 6.66 4.47 1.93
N PRO A 2 6.09 4.70 0.73
CA PRO A 2 6.72 5.67 -0.18
C PRO A 2 6.60 7.11 0.30
N LEU A 3 7.46 7.96 -0.23
CA LEU A 3 7.58 9.35 0.21
C LEU A 3 7.26 10.31 -0.92
N CYS A 4 6.71 11.47 -0.60
CA CYS A 4 6.55 12.47 -1.65
C CYS A 4 7.90 13.16 -1.76
N LYS A 5 8.23 13.69 -2.93
CA LYS A 5 9.51 14.37 -3.12
C LYS A 5 9.58 15.72 -2.40
N MET A 6 8.42 16.29 -2.12
CA MET A 6 8.35 17.61 -1.49
C MET A 6 8.77 17.63 -0.02
N HIS A 7 8.30 16.66 0.75
CA HIS A 7 8.57 16.64 2.19
C HIS A 7 9.40 15.46 2.68
N HIS A 8 9.69 14.52 1.78
CA HIS A 8 10.45 13.30 2.11
C HIS A 8 9.81 12.55 3.30
N ARG A 9 8.48 12.59 3.37
CA ARG A 9 7.75 11.94 4.46
C ARG A 9 6.58 11.14 3.90
N ARG A 10 6.36 9.98 4.51
CA ARG A 10 5.25 9.10 4.14
C ARG A 10 4.11 9.55 5.00
N CYS A 11 2.95 9.77 4.41
CA CYS A 11 1.81 10.26 5.20
C CYS A 11 0.49 9.49 5.21
N VAL A 12 -0.18 9.28 4.09
CA VAL A 12 -1.44 8.50 4.11
C VAL A 12 -1.64 7.71 2.83
N LEU A 13 -2.45 6.67 2.91
CA LEU A 13 -2.75 5.81 1.77
C LEU A 13 -4.26 5.91 1.50
N ARG A 14 -4.62 6.19 0.25
CA ARG A 14 -6.03 6.34 -0.16
C ARG A 14 -6.26 5.44 -1.38
N VAL A 15 -7.50 5.31 -1.80
CA VAL A 15 -7.87 4.47 -2.94
C VAL A 15 -8.56 5.35 -3.98
N VAL A 16 -8.26 5.14 -5.26
CA VAL A 16 -8.92 5.88 -6.33
C VAL A 16 -10.37 5.40 -6.42
N ARG A 17 -11.28 6.21 -5.91
CA ARG A 17 -12.71 5.87 -5.91
C ARG A 17 -13.40 6.27 -7.23
N LYS A 18 -12.72 7.08 -8.02
CA LYS A 18 -13.24 7.49 -9.33
C LYS A 18 -12.99 6.36 -10.31
N ASP A 19 -13.70 6.38 -11.43
CA ASP A 19 -13.51 5.37 -12.48
C ASP A 19 -12.32 5.77 -13.37
N GLY A 20 -11.99 4.92 -14.32
CA GLY A 20 -10.86 5.15 -15.21
C GLY A 20 -9.88 4.00 -15.09
N GLU A 21 -8.76 4.09 -15.80
CA GLU A 21 -7.74 3.03 -15.77
C GLU A 21 -7.21 2.79 -14.35
N ASN A 22 -7.14 3.87 -13.58
CA ASN A 22 -6.60 3.82 -12.23
C ASN A 22 -7.64 3.48 -11.16
N LYS A 23 -8.85 3.12 -11.57
CA LYS A 23 -9.92 2.80 -10.62
C LYS A 23 -9.50 1.70 -9.65
N GLY A 24 -9.70 1.95 -8.37
CA GLY A 24 -9.40 0.96 -7.35
C GLY A 24 -7.95 0.88 -6.93
N ARG A 25 -7.05 1.57 -7.62
CA ARG A 25 -5.63 1.49 -7.27
C ARG A 25 -5.38 2.24 -5.98
N GLN A 26 -4.45 1.71 -5.20
CA GLN A 26 -4.06 2.32 -3.94
C GLN A 26 -2.97 3.35 -4.24
N PHE A 27 -3.04 4.51 -3.60
CA PHE A 27 -2.07 5.57 -3.83
C PHE A 27 -1.77 6.29 -2.52
N TYR A 28 -0.62 6.94 -2.45
CA TYR A 28 -0.20 7.66 -1.26
C TYR A 28 -0.35 9.14 -1.47
N ALA A 29 -0.70 9.84 -0.40
CA ALA A 29 -0.93 11.27 -0.41
C ALA A 29 -0.34 11.87 0.86
N CYS A 30 -0.28 13.20 0.86
CA CYS A 30 0.26 13.98 1.97
C CYS A 30 -0.84 14.32 2.97
N SER A 31 -0.50 14.28 4.25
CA SER A 31 -1.43 14.64 5.31
C SER A 31 -0.69 15.52 6.31
N LEU A 32 0.11 16.42 5.76
CA LEU A 32 0.89 17.34 6.59
C LEU A 32 -0.06 18.41 7.20
N PRO A 33 0.40 19.12 8.26
CA PRO A 33 -0.42 20.18 8.91
C PRO A 33 -0.95 21.23 7.95
N ARG A 34 -2.05 21.88 8.33
CA ARG A 34 -2.64 22.93 7.48
C ARG A 34 -1.56 23.97 7.17
N GLY A 35 -1.42 24.28 5.89
CA GLY A 35 -0.39 25.22 5.44
C GLY A 35 0.72 24.52 4.70
N ALA A 36 0.98 23.26 5.04
CA ALA A 36 2.01 22.48 4.36
C ALA A 36 1.32 21.27 3.73
N GLN A 37 1.59 21.01 2.46
CA GLN A 37 0.99 19.90 1.72
C GLN A 37 1.67 19.90 0.36
N CYS A 38 1.34 18.94 -0.47
CA CYS A 38 1.90 18.87 -1.82
C CYS A 38 0.91 18.15 -2.70
N GLY A 39 0.94 18.46 -4.00
CA GLY A 39 0.06 17.79 -4.95
C GLY A 39 0.71 16.53 -5.51
N PHE A 40 1.80 16.12 -4.89
CA PHE A 40 2.51 14.92 -5.32
C PHE A 40 1.83 13.70 -4.71
N PHE A 41 1.51 12.73 -5.55
CA PHE A 41 0.88 11.49 -5.14
C PHE A 41 1.79 10.37 -5.58
N GLU A 42 1.82 9.30 -4.82
CA GLU A 42 2.65 8.13 -5.14
C GLU A 42 1.74 6.94 -5.36
N TRP A 43 2.18 5.93 -6.08
CA TRP A 43 1.35 4.75 -6.31
C TRP A 43 1.83 3.63 -5.39
N ALA A 44 0.90 3.03 -4.66
CA ALA A 44 1.27 2.03 -3.67
C ALA A 44 1.75 0.74 -4.34
N ASP A 45 1.27 0.47 -5.56
CA ASP A 45 1.67 -0.75 -6.25
C ASP A 45 3.15 -0.70 -6.63
N LEU A 46 3.72 0.48 -6.78
CA LEU A 46 5.15 0.61 -7.10
C LEU A 46 5.97 0.19 -5.88
N SER A 47 5.38 0.32 -4.71
CA SER A 47 6.03 -0.04 -3.45
C SER A 47 5.83 -1.53 -3.14
N PHE A 48 4.99 -2.20 -3.92
CA PHE A 48 4.76 -3.62 -3.72
C PHE A 48 5.77 -4.36 -4.57
N PRO A 49 6.61 -5.21 -3.96
CA PRO A 49 7.56 -5.89 -4.84
C PRO A 49 6.91 -7.04 -5.60
N PHE A 50 7.70 -7.66 -6.45
CA PHE A 50 7.29 -8.85 -7.17
C PHE A 50 7.12 -10.01 -6.19
N CYS A 51 6.38 -11.03 -6.62
CA CYS A 51 6.21 -12.26 -5.85
C CYS A 51 6.82 -13.37 -6.70
N LYS A 52 6.80 -14.61 -6.22
CA LYS A 52 7.41 -15.73 -6.95
C LYS A 52 6.84 -15.94 -8.35
N HIS A 53 5.59 -15.55 -8.57
CA HIS A 53 4.95 -15.69 -9.88
C HIS A 53 5.33 -14.56 -10.84
N GLY A 54 6.18 -13.64 -10.38
CA GLY A 54 6.59 -12.50 -11.20
C GLY A 54 5.60 -11.36 -11.10
N LYS A 55 4.37 -11.71 -10.75
CA LYS A 55 3.28 -10.74 -10.59
C LYS A 55 3.57 -9.86 -9.39
N ARG A 56 3.06 -8.64 -9.41
CA ARG A 56 3.23 -7.70 -8.30
C ARG A 56 2.45 -8.25 -7.10
N SER A 57 2.93 -7.98 -5.90
CA SER A 57 2.22 -8.37 -4.68
C SER A 57 1.19 -7.28 -4.39
N ILE A 58 0.35 -7.49 -3.39
CA ILE A 58 -0.68 -6.52 -2.97
C ILE A 58 -0.70 -6.43 -1.46
N MET A 59 -1.25 -5.35 -0.93
CA MET A 59 -1.36 -5.16 0.52
C MET A 59 -2.65 -5.75 1.11
N LYS A 60 -2.54 -6.42 2.24
CA LYS A 60 -3.68 -6.92 3.02
C LYS A 60 -3.38 -6.58 4.48
N THR A 61 -4.37 -6.74 5.35
CA THR A 61 -4.23 -6.36 6.77
C THR A 61 -4.43 -7.56 7.69
N VAL A 62 -3.69 -7.60 8.80
CA VAL A 62 -3.84 -8.67 9.78
C VAL A 62 -5.08 -8.36 10.61
N LEU A 63 -6.07 -9.24 10.56
CA LEU A 63 -7.30 -9.07 11.33
C LEU A 63 -7.33 -10.00 12.53
N LYS A 64 -6.34 -10.87 12.63
CA LYS A 64 -6.25 -11.79 13.75
C LYS A 64 -5.68 -11.07 14.96
N ILE A 65 -6.42 -11.09 16.05
CA ILE A 65 -6.00 -10.45 17.30
C ILE A 65 -4.67 -11.08 17.74
N GLY A 66 -3.72 -10.22 18.09
CA GLY A 66 -2.40 -10.64 18.49
C GLY A 66 -1.52 -9.41 18.45
N PRO A 67 -0.20 -9.52 18.68
CA PRO A 67 0.63 -8.31 18.67
C PRO A 67 0.83 -7.69 17.29
N ASN A 68 0.49 -8.44 16.24
CA ASN A 68 0.62 -7.95 14.86
C ASN A 68 -0.74 -7.53 14.30
N ASN A 69 -1.76 -7.46 15.15
CA ASN A 69 -3.10 -7.10 14.68
C ASN A 69 -3.11 -5.68 14.11
N GLY A 70 -3.78 -5.50 13.00
CA GLY A 70 -3.87 -4.19 12.36
C GLY A 70 -2.70 -3.87 11.45
N LYS A 71 -1.61 -4.63 11.54
CA LYS A 71 -0.46 -4.39 10.67
C LYS A 71 -0.79 -4.78 9.25
N ASN A 72 -0.18 -4.09 8.30
CA ASN A 72 -0.37 -4.39 6.89
C ASN A 72 0.78 -5.28 6.43
N PHE A 73 0.53 -6.10 5.41
CA PHE A 73 1.54 -6.98 4.86
C PHE A 73 1.33 -7.15 3.36
N PHE A 74 2.36 -7.58 2.65
CA PHE A 74 2.29 -7.82 1.21
C PHE A 74 2.18 -9.32 0.99
N VAL A 75 1.25 -9.69 0.11
CA VAL A 75 0.91 -11.08 -0.23
C VAL A 75 0.54 -11.12 -1.70
N CYS A 76 0.32 -12.30 -2.23
CA CYS A 76 0.06 -12.47 -3.65
C CYS A 76 -1.44 -12.32 -3.93
N PRO A 77 -1.80 -11.65 -5.05
CA PRO A 77 -3.22 -11.41 -5.36
C PRO A 77 -4.03 -12.63 -5.79
N LEU A 78 -3.38 -13.74 -6.08
CA LEU A 78 -4.09 -14.95 -6.43
C LEU A 78 -4.71 -15.49 -5.14
N GLU A 79 -5.73 -16.32 -5.25
CA GLU A 79 -6.37 -16.87 -4.05
C GLU A 79 -5.47 -17.90 -3.39
N LYS A 80 -5.79 -18.28 -2.16
CA LYS A 80 -4.94 -19.14 -1.31
C LYS A 80 -4.39 -20.38 -2.00
N GLU A 81 -5.24 -21.07 -2.75
CA GLU A 81 -4.83 -22.30 -3.44
C GLU A 81 -3.77 -22.05 -4.52
N LYS A 82 -3.65 -20.81 -4.96
CA LYS A 82 -2.69 -20.42 -6.01
C LYS A 82 -1.65 -19.42 -5.53
N GLN A 83 -1.61 -19.14 -4.24
CA GLN A 83 -0.64 -18.17 -3.72
C GLN A 83 0.75 -18.79 -3.62
N CYS A 84 1.74 -17.93 -3.77
CA CYS A 84 3.12 -18.33 -3.59
C CYS A 84 3.44 -18.09 -2.12
N ASN A 85 4.53 -18.66 -1.63
CA ASN A 85 4.96 -18.48 -0.24
C ASN A 85 5.57 -17.11 0.03
N PHE A 86 5.35 -16.15 -0.86
CA PHE A 86 5.90 -14.81 -0.71
C PHE A 86 5.01 -13.99 0.21
N PHE A 87 5.58 -13.59 1.34
CA PHE A 87 4.91 -12.76 2.32
C PHE A 87 5.95 -11.74 2.77
N GLN A 88 5.55 -10.50 2.93
CA GLN A 88 6.45 -9.46 3.44
C GLN A 88 5.65 -8.53 4.32
N TRP A 89 6.27 -7.82 5.25
CA TRP A 89 5.55 -6.87 6.07
C TRP A 89 5.50 -5.53 5.35
N ALA A 90 4.36 -4.86 5.41
CA ALA A 90 4.19 -3.58 4.73
C ALA A 90 4.60 -2.49 5.70
N GLU A 91 5.90 -2.27 5.75
CA GLU A 91 6.50 -1.31 6.67
C GLU A 91 7.42 -0.39 5.89
N ASN A 92 8.57 -0.92 5.51
CA ASN A 92 9.58 -0.19 4.72
C ASN A 92 9.89 1.15 5.39
N GLY A 93 10.35 1.07 6.63
CA GLY A 93 10.70 2.25 7.39
C GLY A 93 11.98 2.88 6.88
N SER A 1 7.63 2.58 1.54
CA SER A 1 6.59 3.20 0.72
C SER A 1 7.02 4.60 0.31
N PRO A 2 6.31 5.25 -0.64
CA PRO A 2 6.81 6.58 -0.98
C PRO A 2 6.60 7.61 0.13
N LEU A 3 7.46 8.62 0.12
CA LEU A 3 7.43 9.71 1.09
C LEU A 3 7.24 10.97 0.28
N CYS A 4 6.28 11.81 0.63
CA CYS A 4 6.05 13.01 -0.17
C CYS A 4 7.30 13.86 -0.04
N LYS A 5 7.60 14.63 -1.08
CA LYS A 5 8.87 15.34 -1.17
C LYS A 5 9.03 16.50 -0.22
N MET A 6 7.93 17.19 0.06
CA MET A 6 7.97 18.36 0.94
C MET A 6 8.26 18.01 2.41
N HIS A 7 7.75 16.87 2.87
CA HIS A 7 7.88 16.52 4.30
C HIS A 7 8.71 15.27 4.61
N HIS A 8 9.01 14.47 3.59
CA HIS A 8 9.79 13.23 3.75
C HIS A 8 9.25 12.30 4.85
N ARG A 9 7.92 12.23 4.96
CA ARG A 9 7.28 11.38 5.97
C ARG A 9 6.03 10.76 5.38
N ARG A 10 5.71 9.55 5.81
CA ARG A 10 4.49 8.88 5.34
C ARG A 10 3.41 9.65 6.07
N CYS A 11 2.46 10.20 5.35
CA CYS A 11 1.42 10.99 6.03
C CYS A 11 0.05 10.32 6.10
N VAL A 12 -0.58 10.00 4.97
CA VAL A 12 -1.79 9.14 4.98
C VAL A 12 -1.87 8.38 3.69
N LEU A 13 -2.65 7.32 3.70
CA LEU A 13 -2.88 6.49 2.54
C LEU A 13 -4.38 6.62 2.22
N ARG A 14 -4.70 6.84 0.96
CA ARG A 14 -6.09 7.03 0.51
C ARG A 14 -6.37 6.09 -0.65
N VAL A 15 -7.64 5.95 -1.02
CA VAL A 15 -8.07 5.10 -2.13
C VAL A 15 -8.86 5.98 -3.09
N VAL A 16 -8.64 5.84 -4.40
CA VAL A 16 -9.38 6.63 -5.38
C VAL A 16 -10.81 6.10 -5.44
N ARG A 17 -11.76 6.94 -5.04
CA ARG A 17 -13.18 6.56 -5.07
C ARG A 17 -13.88 7.05 -6.34
N LYS A 18 -13.18 7.86 -7.13
CA LYS A 18 -13.73 8.32 -8.41
C LYS A 18 -13.55 7.20 -9.42
N ASP A 19 -14.36 7.23 -10.46
CA ASP A 19 -14.27 6.23 -11.53
C ASP A 19 -13.15 6.61 -12.51
N GLY A 20 -12.86 5.74 -13.46
CA GLY A 20 -11.85 6.01 -14.46
C GLY A 20 -10.62 5.13 -14.35
N GLU A 21 -9.59 5.48 -15.10
CA GLU A 21 -8.32 4.73 -15.16
C GLU A 21 -7.67 4.48 -13.79
N ASN A 22 -7.93 5.36 -12.83
CA ASN A 22 -7.28 5.22 -11.52
C ASN A 22 -8.23 4.69 -10.44
N LYS A 23 -9.42 4.27 -10.83
CA LYS A 23 -10.43 3.79 -9.89
C LYS A 23 -9.89 2.67 -8.99
N GLY A 24 -10.09 2.83 -7.68
CA GLY A 24 -9.69 1.80 -6.73
C GLY A 24 -8.22 1.77 -6.36
N ARG A 25 -7.38 2.50 -7.09
CA ARG A 25 -5.94 2.50 -6.79
C ARG A 25 -5.68 3.21 -5.48
N GLN A 26 -4.56 2.89 -4.84
CA GLN A 26 -4.21 3.48 -3.56
C GLN A 26 -3.09 4.49 -3.76
N PHE A 27 -3.11 5.56 -2.97
CA PHE A 27 -2.09 6.60 -3.08
C PHE A 27 -1.86 7.28 -1.74
N TYR A 28 -0.66 7.80 -1.56
CA TYR A 28 -0.32 8.53 -0.37
C TYR A 28 -0.63 9.97 -0.61
N ALA A 29 -1.08 10.61 0.46
CA ALA A 29 -1.43 12.01 0.47
C ALA A 29 -0.96 12.57 1.81
N CYS A 30 -1.09 13.89 1.95
CA CYS A 30 -0.72 14.60 3.15
C CYS A 30 -1.96 14.87 3.98
N SER A 31 -1.84 14.76 5.30
CA SER A 31 -2.92 15.09 6.22
C SER A 31 -2.31 15.78 7.42
N LEU A 32 -1.30 16.57 7.14
CA LEU A 32 -0.60 17.32 8.19
C LEU A 32 -1.52 18.46 8.65
N PRO A 33 -1.24 19.05 9.83
CA PRO A 33 -2.09 20.11 10.38
C PRO A 33 -2.02 21.39 9.59
N ARG A 34 -3.02 22.26 9.75
CA ARG A 34 -3.10 23.51 8.98
C ARG A 34 -1.78 24.27 9.05
N GLY A 35 -1.37 24.77 7.89
CA GLY A 35 -0.09 25.44 7.76
C GLY A 35 0.90 24.56 7.02
N ALA A 36 0.84 23.24 7.25
CA ALA A 36 1.71 22.30 6.57
C ALA A 36 0.88 21.31 5.75
N GLN A 37 1.25 21.11 4.49
CA GLN A 37 0.56 20.20 3.58
C GLN A 37 1.32 20.25 2.26
N CYS A 38 0.95 19.38 1.32
CA CYS A 38 1.56 19.37 0.01
C CYS A 38 0.60 18.71 -0.95
N GLY A 39 0.61 19.13 -2.21
CA GLY A 39 -0.26 18.53 -3.23
C GLY A 39 0.42 17.37 -3.93
N PHE A 40 1.44 16.82 -3.30
CA PHE A 40 2.18 15.71 -3.88
C PHE A 40 1.50 14.40 -3.47
N PHE A 41 1.01 13.66 -4.46
CA PHE A 41 0.32 12.39 -4.21
C PHE A 41 1.13 11.28 -4.85
N GLU A 42 1.27 10.15 -4.17
CA GLU A 42 2.09 9.05 -4.70
C GLU A 42 1.46 7.68 -4.61
N TRP A 43 1.34 6.99 -5.74
CA TRP A 43 0.70 5.68 -5.77
C TRP A 43 1.33 4.71 -4.79
N ALA A 44 0.49 4.12 -3.94
CA ALA A 44 0.97 3.19 -2.92
C ALA A 44 1.31 1.88 -3.60
N ASP A 45 0.73 1.66 -4.78
CA ASP A 45 0.95 0.45 -5.56
C ASP A 45 2.42 0.32 -5.96
N LEU A 46 3.17 1.43 -5.91
CA LEU A 46 4.59 1.43 -6.24
C LEU A 46 5.38 0.66 -5.18
N SER A 47 4.83 0.59 -3.97
CA SER A 47 5.51 -0.05 -2.85
C SER A 47 5.44 -1.56 -2.89
N PHE A 48 4.63 -2.11 -3.77
CA PHE A 48 4.46 -3.56 -3.82
C PHE A 48 5.59 -4.23 -4.58
N PRO A 49 6.35 -5.12 -3.93
CA PRO A 49 7.38 -5.82 -4.71
C PRO A 49 6.76 -6.94 -5.56
N PHE A 50 7.61 -7.63 -6.29
CA PHE A 50 7.19 -8.79 -7.07
C PHE A 50 6.94 -9.98 -6.12
N CYS A 51 6.47 -11.08 -6.68
CA CYS A 51 6.31 -12.32 -5.92
C CYS A 51 6.89 -13.41 -6.80
N LYS A 52 6.92 -14.65 -6.32
CA LYS A 52 7.53 -15.77 -7.07
C LYS A 52 6.96 -15.97 -8.48
N HIS A 53 5.72 -15.58 -8.70
CA HIS A 53 5.08 -15.72 -10.01
C HIS A 53 5.47 -14.61 -10.98
N GLY A 54 6.27 -13.66 -10.52
CA GLY A 54 6.67 -12.51 -11.34
C GLY A 54 5.64 -11.39 -11.23
N LYS A 55 4.42 -11.79 -10.93
CA LYS A 55 3.31 -10.86 -10.74
C LYS A 55 3.58 -9.99 -9.52
N ARG A 56 3.04 -8.78 -9.51
CA ARG A 56 3.21 -7.88 -8.37
C ARG A 56 2.41 -8.41 -7.19
N SER A 57 2.86 -8.13 -5.98
CA SER A 57 2.14 -8.50 -4.78
C SER A 57 1.11 -7.40 -4.48
N ILE A 58 0.28 -7.62 -3.46
CA ILE A 58 -0.74 -6.65 -3.05
C ILE A 58 -0.72 -6.55 -1.53
N MET A 59 -1.26 -5.48 -0.98
CA MET A 59 -1.32 -5.29 0.47
C MET A 59 -2.61 -5.86 1.07
N LYS A 60 -2.49 -6.48 2.24
CA LYS A 60 -3.63 -6.91 3.04
C LYS A 60 -3.28 -6.57 4.48
N THR A 61 -4.26 -6.68 5.36
CA THR A 61 -4.10 -6.28 6.77
C THR A 61 -4.34 -7.46 7.71
N VAL A 62 -3.62 -7.50 8.81
CA VAL A 62 -3.81 -8.54 9.82
C VAL A 62 -5.06 -8.18 10.62
N LEU A 63 -6.07 -9.02 10.54
CA LEU A 63 -7.31 -8.81 11.30
C LEU A 63 -7.36 -9.74 12.51
N LYS A 64 -6.39 -10.62 12.60
CA LYS A 64 -6.31 -11.56 13.71
C LYS A 64 -5.75 -10.84 14.93
N ILE A 65 -6.49 -10.89 16.02
CA ILE A 65 -6.08 -10.27 17.27
C ILE A 65 -4.76 -10.90 17.72
N GLY A 66 -3.81 -10.06 18.08
CA GLY A 66 -2.50 -10.49 18.50
C GLY A 66 -1.61 -9.27 18.42
N PRO A 67 -0.29 -9.37 18.66
CA PRO A 67 0.53 -8.15 18.59
C PRO A 67 0.70 -7.60 17.18
N ASN A 68 0.37 -8.42 16.17
CA ASN A 68 0.49 -7.99 14.79
C ASN A 68 -0.81 -7.42 14.25
N ASN A 69 -1.86 -7.37 15.07
CA ASN A 69 -3.16 -6.90 14.62
C ASN A 69 -3.10 -5.48 14.08
N GLY A 70 -3.80 -5.25 12.98
CA GLY A 70 -3.85 -3.93 12.36
C GLY A 70 -2.67 -3.61 11.47
N LYS A 71 -1.64 -4.44 11.49
CA LYS A 71 -0.45 -4.19 10.68
C LYS A 71 -0.68 -4.70 9.27
N ASN A 72 -0.06 -4.03 8.30
CA ASN A 72 -0.22 -4.39 6.90
C ASN A 72 0.92 -5.27 6.43
N PHE A 73 0.66 -6.09 5.43
CA PHE A 73 1.65 -6.97 4.85
C PHE A 73 1.38 -7.15 3.35
N PHE A 74 2.36 -7.62 2.62
CA PHE A 74 2.24 -7.88 1.18
C PHE A 74 2.15 -9.40 0.96
N VAL A 75 1.24 -9.78 0.09
CA VAL A 75 0.90 -11.18 -0.25
C VAL A 75 0.53 -11.25 -1.72
N CYS A 76 0.35 -12.44 -2.24
CA CYS A 76 0.09 -12.64 -3.67
C CYS A 76 -1.42 -12.51 -3.97
N PRO A 77 -1.78 -11.84 -5.09
CA PRO A 77 -3.20 -11.62 -5.43
C PRO A 77 -3.99 -12.82 -5.94
N LEU A 78 -3.32 -13.92 -6.26
CA LEU A 78 -4.02 -15.10 -6.73
C LEU A 78 -4.71 -15.73 -5.53
N GLU A 79 -5.72 -16.56 -5.78
CA GLU A 79 -6.43 -17.24 -4.70
C GLU A 79 -5.51 -18.20 -3.95
N LYS A 80 -5.95 -18.62 -2.76
CA LYS A 80 -5.16 -19.43 -1.83
C LYS A 80 -4.45 -20.62 -2.46
N GLU A 81 -5.14 -21.38 -3.27
CA GLU A 81 -4.58 -22.58 -3.90
C GLU A 81 -3.52 -22.25 -4.96
N LYS A 82 -3.42 -20.98 -5.34
CA LYS A 82 -2.46 -20.52 -6.35
C LYS A 82 -1.48 -19.50 -5.80
N GLN A 83 -1.47 -19.28 -4.49
CA GLN A 83 -0.54 -18.30 -3.91
C GLN A 83 0.83 -18.91 -3.76
N CYS A 84 1.84 -18.08 -3.94
CA CYS A 84 3.22 -18.49 -3.72
C CYS A 84 3.49 -18.28 -2.24
N ASN A 85 4.53 -18.90 -1.72
CA ASN A 85 4.95 -18.71 -0.35
C ASN A 85 5.75 -17.41 -0.31
N PHE A 86 5.02 -16.32 -0.38
CA PHE A 86 5.58 -14.98 -0.33
C PHE A 86 4.72 -14.13 0.59
N PHE A 87 5.31 -13.69 1.68
CA PHE A 87 4.66 -12.83 2.65
C PHE A 87 5.73 -11.86 3.11
N GLN A 88 5.43 -10.57 3.11
CA GLN A 88 6.40 -9.58 3.58
C GLN A 88 5.69 -8.50 4.38
N TRP A 89 6.28 -8.05 5.46
CA TRP A 89 5.65 -7.01 6.27
C TRP A 89 5.75 -5.66 5.56
N ALA A 90 4.68 -4.89 5.63
CA ALA A 90 4.66 -3.56 5.06
C ALA A 90 5.00 -2.60 6.19
N GLU A 91 5.23 -1.35 5.86
CA GLU A 91 5.54 -0.33 6.87
C GLU A 91 4.34 -0.22 7.82
N ASN A 92 4.60 -0.41 9.10
CA ASN A 92 3.57 -0.38 10.13
C ASN A 92 4.08 0.41 11.33
N GLY A 93 5.25 1.00 11.13
CA GLY A 93 5.91 1.83 12.11
C GLY A 93 6.94 2.50 11.25
N SER A 1 7.54 2.15 0.96
CA SER A 1 6.46 3.01 0.42
C SER A 1 7.04 4.26 -0.21
N PRO A 2 6.35 4.87 -1.18
CA PRO A 2 6.94 6.05 -1.85
C PRO A 2 6.99 7.31 -0.99
N LEU A 3 7.82 8.26 -1.42
CA LEU A 3 8.00 9.55 -0.76
C LEU A 3 8.02 10.62 -1.84
N CYS A 4 7.15 11.61 -1.76
CA CYS A 4 7.14 12.63 -2.81
C CYS A 4 8.45 13.39 -2.75
N LYS A 5 8.90 13.88 -3.90
CA LYS A 5 10.20 14.55 -3.97
C LYS A 5 10.26 15.92 -3.31
N MET A 6 9.10 16.54 -3.10
CA MET A 6 9.07 17.87 -2.49
C MET A 6 9.41 17.85 -1.00
N HIS A 7 8.83 16.89 -0.28
CA HIS A 7 9.00 16.84 1.19
C HIS A 7 9.72 15.61 1.73
N HIS A 8 9.88 14.59 0.89
CA HIS A 8 10.54 13.33 1.27
C HIS A 8 9.98 12.72 2.57
N ARG A 9 8.67 12.82 2.77
CA ARG A 9 8.04 12.28 3.98
C ARG A 9 6.68 11.69 3.64
N ARG A 10 6.35 10.57 4.29
CA ARG A 10 5.04 9.93 4.09
C ARG A 10 4.09 10.86 4.79
N CYS A 11 3.05 11.31 4.11
CA CYS A 11 2.12 12.24 4.76
C CYS A 11 0.75 11.64 5.06
N VAL A 12 0.02 11.15 4.07
CA VAL A 12 -1.22 10.38 4.32
C VAL A 12 -1.41 9.38 3.21
N LEU A 13 -2.18 8.35 3.49
CA LEU A 13 -2.48 7.30 2.53
C LEU A 13 -4.00 7.33 2.30
N ARG A 14 -4.41 7.31 1.05
CA ARG A 14 -5.83 7.33 0.66
C ARG A 14 -6.06 6.17 -0.28
N VAL A 15 -7.31 5.92 -0.64
CA VAL A 15 -7.64 4.81 -1.54
C VAL A 15 -8.73 5.24 -2.52
N VAL A 16 -8.63 4.77 -3.75
CA VAL A 16 -9.59 5.12 -4.79
C VAL A 16 -10.93 4.45 -4.50
N ARG A 17 -12.00 5.23 -4.55
CA ARG A 17 -13.36 4.71 -4.37
C ARG A 17 -14.15 4.78 -5.68
N LYS A 18 -13.59 5.44 -6.68
CA LYS A 18 -14.23 5.51 -8.00
C LYS A 18 -13.91 4.21 -8.72
N ASP A 19 -14.65 3.94 -9.77
CA ASP A 19 -14.45 2.74 -10.58
C ASP A 19 -13.32 2.91 -11.59
N GLY A 20 -13.02 1.85 -12.33
CA GLY A 20 -11.96 1.86 -13.32
C GLY A 20 -10.88 0.90 -12.90
N GLU A 21 -9.79 0.80 -13.65
CA GLU A 21 -8.70 -0.14 -13.26
C GLU A 21 -8.06 0.27 -11.93
N ASN A 22 -8.23 1.54 -11.57
CA ASN A 22 -7.63 2.06 -10.36
C ASN A 22 -8.52 1.83 -9.14
N LYS A 23 -9.68 1.23 -9.33
CA LYS A 23 -10.61 0.98 -8.23
C LYS A 23 -9.92 0.15 -7.14
N GLY A 24 -9.93 0.67 -5.92
CA GLY A 24 -9.33 -0.05 -4.80
C GLY A 24 -7.84 0.16 -4.64
N ARG A 25 -7.15 0.75 -5.61
CA ARG A 25 -5.71 1.00 -5.46
C ARG A 25 -5.54 2.11 -4.45
N GLN A 26 -4.51 2.00 -3.63
CA GLN A 26 -4.23 3.03 -2.62
C GLN A 26 -3.16 3.95 -3.19
N PHE A 27 -3.13 5.18 -2.69
CA PHE A 27 -2.17 6.18 -3.13
C PHE A 27 -1.88 7.14 -1.99
N TYR A 28 -0.66 7.66 -1.95
CA TYR A 28 -0.25 8.57 -0.91
C TYR A 28 -0.55 9.98 -1.39
N ALA A 29 -0.78 10.86 -0.44
CA ALA A 29 -1.07 12.26 -0.69
C ALA A 29 -0.42 13.04 0.43
N CYS A 30 -0.35 14.34 0.20
CA CYS A 30 0.25 15.29 1.11
C CYS A 30 -0.78 15.83 2.10
N SER A 31 -0.37 16.02 3.33
CA SER A 31 -1.24 16.54 4.39
C SER A 31 -0.50 17.63 5.16
N LEU A 32 0.45 18.27 4.49
CA LEU A 32 1.22 19.33 5.13
C LEU A 32 0.33 20.56 5.35
N PRO A 33 0.72 21.45 6.29
CA PRO A 33 -0.10 22.62 6.64
C PRO A 33 -0.15 23.67 5.54
N ARG A 34 -1.17 24.53 5.61
CA ARG A 34 -1.39 25.56 4.59
C ARG A 34 -0.09 26.34 4.33
N GLY A 35 0.23 26.48 3.05
CA GLY A 35 1.47 27.12 2.62
C GLY A 35 2.46 26.11 2.08
N ALA A 36 2.49 24.92 2.65
CA ALA A 36 3.37 23.85 2.14
C ALA A 36 2.50 22.66 1.72
N GLN A 37 2.74 22.14 0.53
CA GLN A 37 2.02 21.00 -0.03
C GLN A 37 2.61 20.74 -1.40
N CYS A 38 2.21 19.66 -2.03
CA CYS A 38 2.59 19.39 -3.40
C CYS A 38 1.49 18.50 -3.96
N GLY A 39 1.27 18.56 -5.27
CA GLY A 39 0.22 17.76 -5.90
C GLY A 39 0.73 16.41 -6.36
N PHE A 40 1.84 15.97 -5.80
CA PHE A 40 2.43 14.70 -6.20
C PHE A 40 1.75 13.56 -5.44
N PHE A 41 0.75 12.96 -6.08
CA PHE A 41 0.07 11.80 -5.52
C PHE A 41 0.90 10.60 -5.95
N GLU A 42 1.05 9.61 -5.07
CA GLU A 42 1.92 8.47 -5.36
C GLU A 42 1.25 7.14 -5.17
N TRP A 43 1.25 6.32 -6.20
CA TRP A 43 0.60 5.02 -6.09
C TRP A 43 1.28 4.16 -5.04
N ALA A 44 0.48 3.59 -4.14
CA ALA A 44 1.00 2.73 -3.09
C ALA A 44 1.34 1.37 -3.70
N ASP A 45 0.94 1.18 -4.94
CA ASP A 45 1.25 -0.04 -5.68
C ASP A 45 2.76 -0.19 -5.84
N LEU A 46 3.44 0.95 -5.82
CA LEU A 46 4.89 1.02 -5.95
C LEU A 46 5.61 0.52 -4.70
N SER A 47 4.84 0.22 -3.66
CA SER A 47 5.40 -0.32 -2.42
C SER A 47 5.48 -1.83 -2.47
N PHE A 48 4.84 -2.43 -3.48
CA PHE A 48 4.78 -3.88 -3.56
C PHE A 48 5.85 -4.41 -4.49
N PRO A 49 6.76 -5.25 -3.99
CA PRO A 49 7.71 -5.78 -4.97
C PRO A 49 7.05 -6.89 -5.77
N PHE A 50 7.76 -7.35 -6.79
CA PHE A 50 7.28 -8.45 -7.62
C PHE A 50 7.25 -9.72 -6.74
N CYS A 51 6.59 -10.76 -7.20
CA CYS A 51 6.58 -12.04 -6.50
C CYS A 51 7.01 -13.10 -7.51
N LYS A 52 7.12 -14.35 -7.07
CA LYS A 52 7.60 -15.46 -7.93
C LYS A 52 6.91 -15.60 -9.28
N HIS A 53 5.66 -15.18 -9.38
CA HIS A 53 4.90 -15.31 -10.63
C HIS A 53 5.20 -14.22 -11.66
N GLY A 54 6.09 -13.30 -11.35
CA GLY A 54 6.44 -12.22 -12.26
C GLY A 54 5.40 -11.12 -12.25
N LYS A 55 4.65 -11.05 -11.16
CA LYS A 55 3.58 -10.06 -10.98
C LYS A 55 3.81 -9.55 -9.58
N ARG A 56 3.49 -8.30 -9.28
CA ARG A 56 3.73 -7.78 -7.93
C ARG A 56 2.66 -8.12 -6.91
N SER A 57 3.06 -8.02 -5.66
CA SER A 57 2.21 -8.35 -4.51
C SER A 57 1.11 -7.32 -4.27
N ILE A 58 0.29 -7.57 -3.26
CA ILE A 58 -0.78 -6.64 -2.86
C ILE A 58 -0.79 -6.55 -1.33
N MET A 59 -1.35 -5.47 -0.82
CA MET A 59 -1.45 -5.27 0.62
C MET A 59 -2.71 -5.90 1.20
N LYS A 60 -2.57 -6.53 2.36
CA LYS A 60 -3.70 -7.02 3.15
C LYS A 60 -3.35 -6.66 4.57
N THR A 61 -4.34 -6.68 5.46
CA THR A 61 -4.16 -6.26 6.84
C THR A 61 -4.46 -7.41 7.79
N VAL A 62 -3.73 -7.49 8.89
CA VAL A 62 -3.93 -8.54 9.89
C VAL A 62 -5.16 -8.18 10.71
N LEU A 63 -6.17 -9.03 10.68
CA LEU A 63 -7.40 -8.81 11.45
C LEU A 63 -7.43 -9.67 12.71
N LYS A 64 -6.43 -10.54 12.84
CA LYS A 64 -6.33 -11.40 14.01
C LYS A 64 -5.76 -10.61 15.18
N ILE A 65 -6.52 -10.55 16.26
CA ILE A 65 -6.10 -9.86 17.47
C ILE A 65 -4.78 -10.49 17.96
N GLY A 66 -3.82 -9.64 18.27
CA GLY A 66 -2.51 -10.08 18.71
C GLY A 66 -1.57 -8.89 18.55
N PRO A 67 -0.25 -9.05 18.77
CA PRO A 67 0.66 -7.90 18.67
C PRO A 67 0.85 -7.38 17.23
N ASN A 68 0.41 -8.15 16.25
CA ASN A 68 0.51 -7.74 14.86
C ASN A 68 -0.83 -7.29 14.29
N ASN A 69 -1.84 -7.15 15.14
CA ASN A 69 -3.17 -6.77 14.68
C ASN A 69 -3.15 -5.37 14.08
N GLY A 70 -3.82 -5.20 12.96
CA GLY A 70 -3.90 -3.90 12.29
C GLY A 70 -2.71 -3.59 11.42
N LYS A 71 -1.66 -4.42 11.47
CA LYS A 71 -0.48 -4.19 10.64
C LYS A 71 -0.74 -4.67 9.23
N ASN A 72 -0.07 -4.05 8.28
CA ASN A 72 -0.22 -4.41 6.86
C ASN A 72 0.89 -5.35 6.45
N PHE A 73 0.61 -6.18 5.46
CA PHE A 73 1.60 -7.09 4.92
C PHE A 73 1.32 -7.29 3.43
N PHE A 74 2.31 -7.80 2.72
CA PHE A 74 2.22 -8.05 1.30
C PHE A 74 2.12 -9.55 1.05
N VAL A 75 1.20 -9.91 0.17
CA VAL A 75 0.89 -11.29 -0.22
C VAL A 75 0.54 -11.30 -1.70
N CYS A 76 0.38 -12.48 -2.29
CA CYS A 76 0.16 -12.60 -3.72
C CYS A 76 -1.35 -12.47 -4.04
N PRO A 77 -1.70 -11.76 -5.14
CA PRO A 77 -3.11 -11.51 -5.48
C PRO A 77 -3.92 -12.66 -6.06
N LEU A 78 -3.27 -13.75 -6.44
CA LEU A 78 -4.00 -14.89 -6.99
C LEU A 78 -4.72 -15.62 -5.87
N GLU A 79 -5.66 -16.48 -6.22
CA GLU A 79 -6.39 -17.26 -5.20
C GLU A 79 -5.45 -18.23 -4.48
N LYS A 80 -5.88 -18.73 -3.33
CA LYS A 80 -5.05 -19.55 -2.45
C LYS A 80 -4.31 -20.68 -3.14
N GLU A 81 -4.99 -21.41 -4.00
CA GLU A 81 -4.39 -22.55 -4.71
C GLU A 81 -3.32 -22.13 -5.73
N LYS A 82 -3.25 -20.84 -6.02
CA LYS A 82 -2.30 -20.30 -7.00
C LYS A 82 -1.32 -19.31 -6.39
N GLN A 83 -1.32 -19.19 -5.08
CA GLN A 83 -0.41 -18.25 -4.42
C GLN A 83 0.97 -18.87 -4.25
N CYS A 84 1.98 -18.02 -4.30
CA CYS A 84 3.35 -18.44 -4.10
C CYS A 84 3.67 -18.23 -2.63
N ASN A 85 4.72 -18.88 -2.14
CA ASN A 85 5.16 -18.72 -0.77
C ASN A 85 5.99 -17.45 -0.66
N PHE A 86 5.29 -16.34 -0.71
CA PHE A 86 5.88 -15.01 -0.55
C PHE A 86 4.98 -14.18 0.35
N PHE A 87 5.55 -13.72 1.45
CA PHE A 87 4.84 -12.90 2.43
C PHE A 87 5.87 -11.89 2.93
N GLN A 88 5.48 -10.63 3.04
CA GLN A 88 6.42 -9.60 3.54
C GLN A 88 5.69 -8.56 4.39
N TRP A 89 6.22 -8.22 5.55
CA TRP A 89 5.58 -7.18 6.37
C TRP A 89 5.75 -5.81 5.71
N ALA A 90 4.70 -5.00 5.77
CA ALA A 90 4.74 -3.67 5.18
C ALA A 90 5.16 -2.69 6.27
N GLU A 91 5.71 -1.55 5.85
CA GLU A 91 6.20 -0.48 6.76
C GLU A 91 6.67 -0.90 8.17
N ASN A 92 7.61 -1.83 8.21
CA ASN A 92 8.24 -2.32 9.46
C ASN A 92 7.27 -2.98 10.46
N GLY A 93 6.26 -3.65 9.93
CA GLY A 93 5.33 -4.39 10.76
C GLY A 93 5.93 -5.64 11.35
N SER A 1 7.39 1.06 0.60
CA SER A 1 6.32 1.98 0.13
C SER A 1 6.92 3.25 -0.37
N PRO A 2 6.26 3.91 -1.35
CA PRO A 2 6.87 5.17 -1.73
C PRO A 2 6.64 6.21 -0.65
N LEU A 3 7.48 7.22 -0.63
CA LEU A 3 7.42 8.27 0.38
C LEU A 3 7.40 9.54 -0.42
N CYS A 4 6.73 10.59 0.04
CA CYS A 4 6.79 11.80 -0.76
C CYS A 4 8.18 12.34 -0.51
N LYS A 5 8.71 13.04 -1.50
CA LYS A 5 10.10 13.50 -1.47
C LYS A 5 10.39 14.63 -0.49
N MET A 6 9.34 15.34 -0.10
CA MET A 6 9.48 16.45 0.84
C MET A 6 9.61 16.00 2.30
N HIS A 7 8.86 14.98 2.70
CA HIS A 7 8.83 14.58 4.11
C HIS A 7 9.36 13.18 4.43
N HIS A 8 9.57 12.35 3.41
CA HIS A 8 10.12 10.99 3.58
C HIS A 8 9.35 10.12 4.58
N ARG A 9 8.03 10.26 4.60
CA ARG A 9 7.15 9.47 5.49
C ARG A 9 5.89 9.08 4.73
N ARG A 10 5.27 7.97 5.11
CA ARG A 10 3.98 7.60 4.50
C ARG A 10 3.01 8.54 5.20
N CYS A 11 2.40 9.45 4.47
CA CYS A 11 1.54 10.44 5.11
C CYS A 11 0.07 10.04 5.11
N VAL A 12 -0.51 9.76 3.96
CA VAL A 12 -1.83 9.12 3.93
C VAL A 12 -1.90 8.30 2.68
N LEU A 13 -2.72 7.27 2.72
CA LEU A 13 -2.93 6.42 1.57
C LEU A 13 -4.35 6.67 1.11
N ARG A 14 -4.49 6.98 -0.17
CA ARG A 14 -5.76 7.38 -0.77
C ARG A 14 -6.03 6.44 -1.95
N VAL A 15 -7.25 6.50 -2.49
CA VAL A 15 -7.63 5.65 -3.62
C VAL A 15 -8.26 6.53 -4.70
N VAL A 16 -7.89 6.32 -5.96
CA VAL A 16 -8.45 7.11 -7.06
C VAL A 16 -9.92 6.76 -7.23
N ARG A 17 -10.79 7.74 -7.00
CA ARG A 17 -12.24 7.55 -7.15
C ARG A 17 -12.73 7.95 -8.53
N LYS A 18 -11.87 8.58 -9.32
CA LYS A 18 -12.23 8.97 -10.68
C LYS A 18 -12.04 7.76 -11.59
N ASP A 19 -12.63 7.81 -12.76
CA ASP A 19 -12.49 6.75 -13.76
C ASP A 19 -11.21 7.00 -14.58
N GLY A 20 -10.91 6.09 -15.51
CA GLY A 20 -9.75 6.24 -16.36
C GLY A 20 -8.69 5.19 -16.08
N GLU A 21 -7.51 5.36 -16.67
CA GLU A 21 -6.39 4.43 -16.50
C GLU A 21 -6.04 4.22 -15.02
N ASN A 22 -6.14 5.27 -14.22
CA ASN A 22 -5.76 5.19 -12.82
C ASN A 22 -6.89 4.76 -11.89
N LYS A 23 -8.05 4.43 -12.43
CA LYS A 23 -9.24 4.10 -11.63
C LYS A 23 -8.99 3.02 -10.58
N GLY A 24 -9.32 3.35 -9.33
CA GLY A 24 -9.23 2.39 -8.25
C GLY A 24 -7.84 2.15 -7.68
N ARG A 25 -6.81 2.71 -8.30
CA ARG A 25 -5.44 2.49 -7.82
C ARG A 25 -5.22 3.25 -6.54
N GLN A 26 -4.36 2.70 -5.69
CA GLN A 26 -4.02 3.33 -4.43
C GLN A 26 -2.88 4.31 -4.70
N PHE A 27 -2.85 5.42 -3.98
CA PHE A 27 -1.80 6.41 -4.17
C PHE A 27 -1.54 7.10 -2.84
N TYR A 28 -0.29 7.45 -2.59
CA TYR A 28 0.07 8.11 -1.36
C TYR A 28 0.00 9.60 -1.58
N ALA A 29 -0.51 10.28 -0.57
CA ALA A 29 -0.71 11.73 -0.59
C ALA A 29 -0.24 12.26 0.77
N CYS A 30 -0.16 13.58 0.88
CA CYS A 30 0.24 14.26 2.10
C CYS A 30 -1.00 14.74 2.82
N SER A 31 -0.99 14.65 4.14
CA SER A 31 -2.09 15.15 4.97
C SER A 31 -1.48 15.73 6.23
N LEU A 32 -0.29 16.31 6.06
CA LEU A 32 0.39 16.92 7.20
C LEU A 32 -0.37 18.18 7.65
N PRO A 33 -0.14 18.64 8.89
CA PRO A 33 -0.88 19.78 9.43
C PRO A 33 -0.56 21.10 8.74
N ARG A 34 -1.48 22.05 8.85
CA ARG A 34 -1.35 23.36 8.18
C ARG A 34 0.05 23.95 8.40
N GLY A 35 0.65 24.36 7.30
CA GLY A 35 2.02 24.88 7.32
C GLY A 35 2.98 23.90 6.68
N ALA A 36 2.75 22.60 6.87
CA ALA A 36 3.58 21.58 6.25
C ALA A 36 2.69 20.73 5.35
N GLN A 37 3.13 20.49 4.11
CA GLN A 37 2.41 19.68 3.13
C GLN A 37 3.26 19.68 1.89
N CYS A 38 2.87 18.92 0.89
CA CYS A 38 3.55 18.90 -0.39
C CYS A 38 2.52 18.47 -1.42
N GLY A 39 2.67 18.93 -2.65
CA GLY A 39 1.76 18.55 -3.72
C GLY A 39 2.23 17.30 -4.44
N PHE A 40 3.10 16.55 -3.79
CA PHE A 40 3.67 15.34 -4.36
C PHE A 40 2.80 14.14 -4.03
N PHE A 41 2.50 13.34 -5.05
CA PHE A 41 1.67 12.16 -4.92
C PHE A 41 2.46 10.99 -5.49
N GLU A 42 2.28 9.81 -4.94
CA GLU A 42 3.01 8.62 -5.42
C GLU A 42 2.10 7.42 -5.61
N TRP A 43 2.47 6.52 -6.51
CA TRP A 43 1.64 5.33 -6.75
C TRP A 43 1.95 4.27 -5.70
N ALA A 44 0.94 3.83 -4.98
CA ALA A 44 1.16 2.90 -3.88
C ALA A 44 1.48 1.50 -4.38
N ASP A 45 1.25 1.24 -5.66
CA ASP A 45 1.57 -0.06 -6.24
C ASP A 45 3.08 -0.28 -6.18
N LEU A 46 3.84 0.82 -6.07
CA LEU A 46 5.29 0.76 -5.96
C LEU A 46 5.73 0.24 -4.59
N SER A 47 4.79 0.08 -3.67
CA SER A 47 5.10 -0.44 -2.34
C SER A 47 5.42 -1.91 -2.40
N PHE A 48 4.93 -2.56 -3.44
CA PHE A 48 5.07 -3.99 -3.57
C PHE A 48 6.13 -4.30 -4.61
N PRO A 49 7.05 -5.24 -4.30
CA PRO A 49 8.00 -5.62 -5.36
C PRO A 49 7.33 -6.58 -6.36
N PHE A 50 7.65 -7.85 -6.30
CA PHE A 50 7.06 -8.85 -7.17
C PHE A 50 6.98 -10.11 -6.34
N CYS A 51 6.24 -11.10 -6.84
CA CYS A 51 6.14 -12.39 -6.18
C CYS A 51 6.65 -13.44 -7.16
N LYS A 52 6.73 -14.70 -6.72
CA LYS A 52 7.29 -15.78 -7.55
C LYS A 52 6.68 -15.94 -8.94
N HIS A 53 5.43 -15.54 -9.09
CA HIS A 53 4.71 -15.66 -10.35
C HIS A 53 5.07 -14.58 -11.37
N GLY A 54 5.92 -13.64 -10.98
CA GLY A 54 6.31 -12.56 -11.87
C GLY A 54 5.24 -11.51 -11.91
N LYS A 55 4.47 -11.40 -10.83
CA LYS A 55 3.34 -10.47 -10.76
C LYS A 55 3.49 -9.62 -9.51
N ARG A 56 2.95 -8.40 -9.57
CA ARG A 56 3.00 -7.47 -8.44
C ARG A 56 2.25 -8.06 -7.25
N SER A 57 2.79 -7.86 -6.05
CA SER A 57 2.14 -8.30 -4.82
C SER A 57 1.07 -7.28 -4.42
N ILE A 58 0.25 -7.60 -3.43
CA ILE A 58 -0.81 -6.68 -2.97
C ILE A 58 -0.82 -6.56 -1.46
N MET A 59 -1.44 -5.51 -0.95
CA MET A 59 -1.52 -5.28 0.50
C MET A 59 -2.73 -5.95 1.13
N LYS A 60 -2.55 -6.49 2.33
CA LYS A 60 -3.64 -7.01 3.16
C LYS A 60 -3.31 -6.64 4.59
N THR A 61 -4.27 -6.79 5.48
CA THR A 61 -4.12 -6.38 6.88
C THR A 61 -4.33 -7.58 7.80
N VAL A 62 -3.62 -7.63 8.90
CA VAL A 62 -3.78 -8.73 9.86
C VAL A 62 -5.03 -8.46 10.68
N LEU A 63 -6.06 -9.24 10.43
CA LEU A 63 -7.33 -9.12 11.16
C LEU A 63 -7.36 -10.02 12.38
N LYS A 64 -6.46 -10.99 12.45
CA LYS A 64 -6.41 -11.90 13.58
C LYS A 64 -5.87 -11.14 14.79
N ILE A 65 -6.53 -11.30 15.93
CA ILE A 65 -6.14 -10.64 17.16
C ILE A 65 -4.74 -11.15 17.56
N GLY A 66 -3.87 -10.24 17.95
CA GLY A 66 -2.52 -10.59 18.33
C GLY A 66 -1.70 -9.32 18.32
N PRO A 67 -0.38 -9.36 18.62
CA PRO A 67 0.40 -8.12 18.63
C PRO A 67 0.61 -7.51 17.25
N ASN A 68 0.34 -8.28 16.21
CA ASN A 68 0.48 -7.79 14.84
C ASN A 68 -0.85 -7.38 14.24
N ASN A 69 -1.91 -7.33 15.05
CA ASN A 69 -3.22 -6.94 14.55
C ASN A 69 -3.16 -5.52 14.00
N GLY A 70 -3.84 -5.29 12.88
CA GLY A 70 -3.88 -3.98 12.27
C GLY A 70 -2.66 -3.66 11.41
N LYS A 71 -1.60 -4.44 11.53
CA LYS A 71 -0.41 -4.21 10.71
C LYS A 71 -0.70 -4.69 9.29
N ASN A 72 -0.12 -4.00 8.33
CA ASN A 72 -0.30 -4.37 6.92
C ASN A 72 0.87 -5.21 6.47
N PHE A 73 0.62 -6.06 5.50
CA PHE A 73 1.62 -6.93 4.92
C PHE A 73 1.32 -7.14 3.44
N PHE A 74 2.30 -7.59 2.69
CA PHE A 74 2.15 -7.82 1.27
C PHE A 74 2.14 -9.32 1.01
N VAL A 75 1.24 -9.75 0.12
CA VAL A 75 1.02 -11.16 -0.23
C VAL A 75 0.66 -11.24 -1.70
N CYS A 76 0.40 -12.45 -2.20
CA CYS A 76 0.11 -12.65 -3.61
C CYS A 76 -1.41 -12.47 -3.88
N PRO A 77 -1.78 -11.87 -5.03
CA PRO A 77 -3.20 -11.64 -5.32
C PRO A 77 -4.04 -12.84 -5.75
N LEU A 78 -3.40 -13.96 -6.04
CA LEU A 78 -4.11 -15.15 -6.51
C LEU A 78 -4.90 -15.84 -5.39
N GLU A 79 -5.69 -16.83 -5.79
CA GLU A 79 -6.50 -17.62 -4.87
C GLU A 79 -5.58 -18.36 -3.89
N LYS A 80 -6.12 -18.73 -2.73
CA LYS A 80 -5.33 -19.32 -1.63
C LYS A 80 -4.39 -20.46 -2.06
N GLU A 81 -4.90 -21.41 -2.81
CA GLU A 81 -4.12 -22.58 -3.23
C GLU A 81 -3.16 -22.27 -4.38
N LYS A 82 -3.31 -21.09 -4.95
CA LYS A 82 -2.51 -20.64 -6.08
C LYS A 82 -1.55 -19.52 -5.70
N GLN A 83 -1.51 -19.16 -4.42
CA GLN A 83 -0.56 -18.14 -3.98
C GLN A 83 0.80 -18.75 -3.77
N CYS A 84 1.83 -17.97 -4.04
CA CYS A 84 3.19 -18.39 -3.80
C CYS A 84 3.50 -18.07 -2.35
N ASN A 85 4.56 -18.67 -1.82
CA ASN A 85 5.00 -18.40 -0.45
C ASN A 85 5.79 -17.10 -0.44
N PHE A 86 5.06 -16.00 -0.57
CA PHE A 86 5.60 -14.66 -0.51
C PHE A 86 4.81 -13.88 0.53
N PHE A 87 5.49 -13.36 1.53
CA PHE A 87 4.88 -12.55 2.58
C PHE A 87 5.90 -11.51 2.99
N GLN A 88 5.49 -10.25 3.06
CA GLN A 88 6.41 -9.17 3.46
C GLN A 88 5.69 -8.16 4.36
N TRP A 89 6.25 -7.82 5.52
CA TRP A 89 5.62 -6.81 6.38
C TRP A 89 5.75 -5.43 5.74
N ALA A 90 4.73 -4.60 5.90
CA ALA A 90 4.76 -3.24 5.37
C ALA A 90 5.55 -2.33 6.34
N GLU A 91 6.06 -1.23 5.80
CA GLU A 91 6.82 -0.25 6.58
C GLU A 91 5.91 0.54 7.50
N ASN A 92 6.50 1.16 8.52
CA ASN A 92 5.75 1.96 9.49
C ASN A 92 6.21 3.43 9.57
N GLY A 93 7.06 3.85 8.63
CA GLY A 93 7.56 5.23 8.63
C GLY A 93 6.97 6.09 7.53
N SER A 1 7.76 1.92 1.42
CA SER A 1 6.84 2.63 0.48
C SER A 1 7.54 3.77 -0.17
N PRO A 2 6.94 4.34 -1.24
CA PRO A 2 7.59 5.53 -1.76
C PRO A 2 7.41 6.69 -0.77
N LEU A 3 8.20 7.74 -0.96
CA LEU A 3 8.20 8.89 -0.07
C LEU A 3 8.08 10.10 -0.95
N CYS A 4 7.47 11.18 -0.49
CA CYS A 4 7.41 12.35 -1.34
C CYS A 4 8.81 12.95 -1.33
N LYS A 5 9.17 13.64 -2.40
CA LYS A 5 10.52 14.22 -2.51
C LYS A 5 10.74 15.41 -1.59
N MET A 6 9.67 16.06 -1.18
CA MET A 6 9.77 17.25 -0.36
C MET A 6 10.16 16.98 1.09
N HIS A 7 9.54 15.97 1.71
CA HIS A 7 9.76 15.69 3.13
C HIS A 7 10.39 14.34 3.44
N HIS A 8 10.48 13.46 2.45
CA HIS A 8 11.08 12.12 2.62
C HIS A 8 10.51 11.31 3.81
N ARG A 9 9.21 11.45 4.03
CA ARG A 9 8.53 10.74 5.14
C ARG A 9 7.23 10.13 4.64
N ARG A 10 6.83 9.02 5.27
CA ARG A 10 5.55 8.38 4.97
C ARG A 10 4.53 9.24 5.67
N CYS A 11 3.45 9.64 5.01
CA CYS A 11 2.44 10.44 5.74
C CYS A 11 1.01 9.90 5.75
N VAL A 12 0.35 9.72 4.61
CA VAL A 12 -0.97 9.06 4.58
C VAL A 12 -1.17 8.30 3.30
N LEU A 13 -2.09 7.35 3.34
CA LEU A 13 -2.41 6.49 2.21
C LEU A 13 -3.89 6.73 1.84
N ARG A 14 -4.17 6.89 0.56
CA ARG A 14 -5.52 7.12 0.05
C ARG A 14 -5.76 6.14 -1.10
N VAL A 15 -7.01 6.06 -1.56
CA VAL A 15 -7.39 5.16 -2.65
C VAL A 15 -8.22 5.95 -3.67
N VAL A 16 -7.93 5.77 -4.95
CA VAL A 16 -8.64 6.49 -6.02
C VAL A 16 -10.09 6.00 -6.13
N ARG A 17 -11.03 6.94 -6.08
CA ARG A 17 -12.46 6.61 -6.23
C ARG A 17 -12.98 6.77 -7.65
N LYS A 18 -12.41 7.72 -8.39
CA LYS A 18 -12.82 7.96 -9.77
C LYS A 18 -12.54 6.78 -10.66
N ASP A 19 -13.33 6.64 -11.71
CA ASP A 19 -13.12 5.58 -12.68
C ASP A 19 -11.98 5.96 -13.62
N GLY A 20 -11.44 4.98 -14.33
CA GLY A 20 -10.30 5.16 -15.19
C GLY A 20 -9.34 4.02 -14.96
N GLU A 21 -8.21 4.01 -15.65
CA GLU A 21 -7.22 2.94 -15.49
C GLU A 21 -6.62 2.92 -14.07
N ASN A 22 -6.74 4.05 -13.38
CA ASN A 22 -6.22 4.18 -12.01
C ASN A 22 -7.29 3.94 -10.94
N LYS A 23 -8.48 3.53 -11.33
CA LYS A 23 -9.55 3.28 -10.36
C LYS A 23 -9.14 2.23 -9.33
N GLY A 24 -9.30 2.57 -8.05
CA GLY A 24 -8.98 1.65 -6.98
C GLY A 24 -7.52 1.57 -6.60
N ARG A 25 -6.64 2.26 -7.33
CA ARG A 25 -5.22 2.23 -6.99
C ARG A 25 -4.98 2.96 -5.68
N GLN A 26 -4.04 2.43 -4.91
CA GLN A 26 -3.63 3.05 -3.67
C GLN A 26 -2.56 4.10 -3.98
N PHE A 27 -2.54 5.20 -3.25
CA PHE A 27 -1.55 6.25 -3.45
C PHE A 27 -1.25 6.99 -2.15
N TYR A 28 -0.03 7.49 -2.03
CA TYR A 28 0.42 8.20 -0.83
C TYR A 28 0.25 9.68 -1.02
N ALA A 29 -0.02 10.36 0.08
CA ALA A 29 -0.21 11.80 0.12
C ALA A 29 0.39 12.32 1.43
N CYS A 30 0.49 13.65 1.51
CA CYS A 30 1.06 14.35 2.65
C CYS A 30 0.00 14.72 3.67
N SER A 31 0.35 14.61 4.95
CA SER A 31 -0.54 14.99 6.05
C SER A 31 0.24 15.82 7.05
N LEU A 32 1.19 16.60 6.55
CA LEU A 32 2.00 17.45 7.43
C LEU A 32 1.12 18.60 7.95
N PRO A 33 1.55 19.25 9.07
CA PRO A 33 0.76 20.31 9.69
C PRO A 33 0.70 21.58 8.85
N ARG A 34 -0.29 22.43 9.11
CA ARG A 34 -0.49 23.65 8.31
C ARG A 34 0.80 24.46 8.24
N GLY A 35 1.11 24.88 7.03
CA GLY A 35 2.35 25.61 6.75
C GLY A 35 3.32 24.74 5.97
N ALA A 36 3.35 23.45 6.26
CA ALA A 36 4.20 22.52 5.53
C ALA A 36 3.32 21.46 4.87
N GLN A 37 3.55 21.20 3.59
CA GLN A 37 2.79 20.21 2.82
C GLN A 37 3.42 20.18 1.45
N CYS A 38 2.97 19.27 0.60
CA CYS A 38 3.42 19.20 -0.77
C CYS A 38 2.32 18.54 -1.58
N GLY A 39 2.26 18.83 -2.86
CA GLY A 39 1.26 18.23 -3.74
C GLY A 39 1.84 17.02 -4.45
N PHE A 40 2.92 16.49 -3.90
CA PHE A 40 3.59 15.35 -4.50
C PHE A 40 2.94 14.05 -4.03
N PHE A 41 2.02 13.56 -4.84
CA PHE A 41 1.33 12.30 -4.58
C PHE A 41 2.17 11.18 -5.17
N GLU A 42 2.16 10.01 -4.55
CA GLU A 42 2.96 8.88 -5.04
C GLU A 42 2.15 7.62 -5.18
N TRP A 43 2.47 6.75 -6.13
CA TRP A 43 1.71 5.52 -6.28
C TRP A 43 2.16 4.50 -5.24
N ALA A 44 1.24 4.04 -4.42
CA ALA A 44 1.58 3.07 -3.36
C ALA A 44 1.86 1.71 -3.99
N ASP A 45 1.53 1.56 -5.26
CA ASP A 45 1.81 0.33 -5.99
C ASP A 45 3.32 0.09 -6.05
N LEU A 46 4.09 1.17 -5.99
CA LEU A 46 5.55 1.09 -6.01
C LEU A 46 6.10 0.50 -4.71
N SER A 47 5.24 0.36 -3.71
CA SER A 47 5.64 -0.22 -2.43
C SER A 47 5.59 -1.74 -2.49
N PHE A 48 5.05 -2.27 -3.57
CA PHE A 48 4.90 -3.71 -3.71
C PHE A 48 5.96 -4.28 -4.66
N PRO A 49 6.77 -5.23 -4.19
CA PRO A 49 7.67 -5.81 -5.19
C PRO A 49 6.93 -6.89 -5.97
N PHE A 50 7.64 -7.50 -6.90
CA PHE A 50 7.11 -8.65 -7.63
C PHE A 50 7.05 -9.84 -6.67
N CYS A 51 6.23 -10.83 -7.01
CA CYS A 51 6.16 -12.07 -6.26
C CYS A 51 6.76 -13.15 -7.17
N LYS A 52 6.80 -14.39 -6.71
CA LYS A 52 7.42 -15.48 -7.51
C LYS A 52 6.78 -15.69 -8.87
N HIS A 53 5.51 -15.31 -9.02
CA HIS A 53 4.81 -15.45 -10.30
C HIS A 53 5.12 -14.30 -11.27
N GLY A 54 5.95 -13.35 -10.84
CA GLY A 54 6.27 -12.18 -11.64
C GLY A 54 5.23 -11.09 -11.43
N LYS A 55 4.04 -11.51 -11.03
CA LYS A 55 2.93 -10.60 -10.78
C LYS A 55 3.23 -9.71 -9.58
N ARG A 56 2.63 -8.53 -9.55
CA ARG A 56 2.80 -7.60 -8.43
C ARG A 56 2.16 -8.19 -7.17
N SER A 57 2.75 -7.95 -6.02
CA SER A 57 2.16 -8.37 -4.76
C SER A 57 1.15 -7.30 -4.34
N ILE A 58 0.32 -7.59 -3.36
CA ILE A 58 -0.70 -6.64 -2.90
C ILE A 58 -0.73 -6.56 -1.38
N MET A 59 -1.33 -5.49 -0.87
CA MET A 59 -1.43 -5.26 0.57
C MET A 59 -2.69 -5.88 1.17
N LYS A 60 -2.54 -6.52 2.33
CA LYS A 60 -3.68 -7.02 3.11
C LYS A 60 -3.40 -6.69 4.58
N THR A 61 -4.42 -6.71 5.40
CA THR A 61 -4.30 -6.32 6.81
C THR A 61 -4.49 -7.52 7.75
N VAL A 62 -3.76 -7.55 8.86
CA VAL A 62 -3.91 -8.64 9.83
C VAL A 62 -5.14 -8.38 10.67
N LEU A 63 -6.17 -9.18 10.45
CA LEU A 63 -7.41 -9.06 11.22
C LEU A 63 -7.38 -9.93 12.46
N LYS A 64 -6.46 -10.89 12.50
CA LYS A 64 -6.33 -11.78 13.65
C LYS A 64 -5.76 -11.00 14.83
N ILE A 65 -6.37 -11.18 15.99
CA ILE A 65 -5.91 -10.52 17.22
C ILE A 65 -4.50 -11.06 17.54
N GLY A 66 -3.59 -10.15 17.88
CA GLY A 66 -2.23 -10.52 18.20
C GLY A 66 -1.39 -9.25 18.16
N PRO A 67 -0.07 -9.31 18.39
CA PRO A 67 0.73 -8.07 18.39
C PRO A 67 0.91 -7.45 17.00
N ASN A 68 0.51 -8.18 15.96
CA ASN A 68 0.59 -7.68 14.59
C ASN A 68 -0.77 -7.26 14.08
N ASN A 69 -1.77 -7.22 14.94
CA ASN A 69 -3.13 -6.86 14.53
C ASN A 69 -3.16 -5.45 13.98
N GLY A 70 -3.90 -5.26 12.89
CA GLY A 70 -4.03 -3.95 12.27
C GLY A 70 -2.87 -3.59 11.36
N LYS A 71 -1.76 -4.32 11.46
CA LYS A 71 -0.61 -4.03 10.61
C LYS A 71 -0.85 -4.61 9.23
N ASN A 72 -0.25 -4.00 8.24
CA ASN A 72 -0.43 -4.41 6.86
C ASN A 72 0.76 -5.24 6.41
N PHE A 73 0.53 -6.13 5.45
CA PHE A 73 1.55 -7.03 4.94
C PHE A 73 1.34 -7.24 3.45
N PHE A 74 2.37 -7.73 2.77
CA PHE A 74 2.32 -7.98 1.33
C PHE A 74 2.25 -9.47 1.05
N VAL A 75 1.34 -9.83 0.15
CA VAL A 75 0.99 -11.22 -0.19
C VAL A 75 0.57 -11.26 -1.65
N CYS A 76 0.36 -12.45 -2.18
CA CYS A 76 0.04 -12.61 -3.59
C CYS A 76 -1.48 -12.48 -3.78
N PRO A 77 -1.91 -11.84 -4.89
CA PRO A 77 -3.35 -11.64 -5.11
C PRO A 77 -4.16 -12.86 -5.52
N LEU A 78 -3.49 -13.95 -5.85
CA LEU A 78 -4.17 -15.17 -6.27
C LEU A 78 -4.81 -15.87 -5.08
N GLU A 79 -5.68 -16.83 -5.39
CA GLU A 79 -6.38 -17.62 -4.38
C GLU A 79 -5.36 -18.46 -3.60
N LYS A 80 -5.75 -18.92 -2.41
CA LYS A 80 -4.84 -19.63 -1.49
C LYS A 80 -4.01 -20.73 -2.15
N GLU A 81 -4.68 -21.58 -2.90
CA GLU A 81 -4.05 -22.75 -3.54
C GLU A 81 -3.09 -22.35 -4.66
N LYS A 82 -3.17 -21.11 -5.09
CA LYS A 82 -2.33 -20.60 -6.18
C LYS A 82 -1.41 -19.47 -5.75
N GLN A 83 -1.32 -19.21 -4.46
CA GLN A 83 -0.39 -18.19 -3.98
C GLN A 83 1.00 -18.78 -3.91
N CYS A 84 1.99 -17.92 -4.11
CA CYS A 84 3.38 -18.33 -4.01
C CYS A 84 3.84 -18.16 -2.58
N ASN A 85 4.99 -18.74 -2.25
CA ASN A 85 5.60 -18.58 -0.94
C ASN A 85 6.30 -17.23 -0.91
N PHE A 86 5.48 -16.21 -0.79
CA PHE A 86 5.92 -14.83 -0.68
C PHE A 86 5.08 -14.16 0.39
N PHE A 87 5.75 -13.54 1.35
CA PHE A 87 5.09 -12.78 2.40
C PHE A 87 6.08 -11.70 2.80
N GLN A 88 5.61 -10.48 2.97
CA GLN A 88 6.46 -9.38 3.41
C GLN A 88 5.63 -8.49 4.30
N TRP A 89 6.25 -7.54 5.00
CA TRP A 89 5.51 -6.63 5.88
C TRP A 89 5.52 -5.23 5.30
N ALA A 90 4.44 -4.51 5.52
CA ALA A 90 4.33 -3.12 5.09
C ALA A 90 4.97 -2.24 6.15
N GLU A 91 5.05 -0.95 5.86
CA GLU A 91 5.65 0.03 6.78
C GLU A 91 5.10 -0.07 8.19
N ASN A 92 6.00 -0.25 9.15
CA ASN A 92 5.64 -0.33 10.55
C ASN A 92 5.84 1.06 11.12
N GLY A 93 4.73 1.75 11.35
CA GLY A 93 4.77 3.07 11.96
C GLY A 93 4.87 2.93 13.46
N SER A 1 4.78 1.48 2.94
CA SER A 1 3.85 2.37 2.22
C SER A 1 4.45 3.75 2.09
N PRO A 2 4.09 4.49 1.04
CA PRO A 2 4.66 5.84 0.88
C PRO A 2 4.11 6.85 1.88
N LEU A 3 4.68 8.05 1.84
CA LEU A 3 4.30 9.16 2.73
C LEU A 3 4.24 10.41 1.89
N CYS A 4 3.39 11.37 2.23
CA CYS A 4 3.40 12.61 1.47
C CYS A 4 4.60 13.42 1.94
N LYS A 5 5.10 14.29 1.08
CA LYS A 5 6.28 15.11 1.40
C LYS A 5 6.00 16.20 2.44
N MET A 6 4.75 16.62 2.55
CA MET A 6 4.40 17.73 3.41
C MET A 6 4.34 17.39 4.89
N HIS A 7 3.76 16.24 5.22
CA HIS A 7 3.54 15.88 6.63
C HIS A 7 4.29 14.65 7.11
N HIS A 8 4.91 13.92 6.18
CA HIS A 8 5.68 12.70 6.50
C HIS A 8 4.88 11.70 7.37
N ARG A 9 3.59 11.58 7.10
CA ARG A 9 2.72 10.65 7.85
C ARG A 9 1.69 10.05 6.91
N ARG A 10 1.37 8.78 7.11
CA ARG A 10 0.36 8.10 6.28
C ARG A 10 -0.95 8.61 6.84
N CYS A 11 -1.90 8.89 5.97
CA CYS A 11 -3.21 9.34 6.45
C CYS A 11 -4.41 8.53 6.01
N VAL A 12 -4.63 8.33 4.71
CA VAL A 12 -5.68 7.42 4.26
C VAL A 12 -5.27 6.75 2.98
N LEU A 13 -5.87 5.61 2.71
CA LEU A 13 -5.61 4.84 1.51
C LEU A 13 -6.89 4.87 0.69
N ARG A 14 -6.78 5.19 -0.58
CA ARG A 14 -7.91 5.34 -1.49
C ARG A 14 -7.66 4.46 -2.73
N VAL A 15 -8.67 4.31 -3.56
CA VAL A 15 -8.55 3.54 -4.80
C VAL A 15 -9.07 4.39 -5.95
N VAL A 16 -8.37 4.43 -7.06
CA VAL A 16 -8.81 5.22 -8.22
C VAL A 16 -10.01 4.56 -8.89
N ARG A 17 -11.14 5.25 -8.93
CA ARG A 17 -12.34 4.73 -9.59
C ARG A 17 -12.51 5.30 -11.00
N LYS A 18 -11.87 6.43 -11.27
CA LYS A 18 -11.92 7.06 -12.59
C LYS A 18 -10.83 6.41 -13.46
N ASP A 19 -10.52 7.05 -14.57
CA ASP A 19 -9.43 6.70 -15.46
C ASP A 19 -9.58 5.32 -16.13
N GLY A 20 -8.48 4.79 -16.64
CA GLY A 20 -8.47 3.50 -17.29
C GLY A 20 -7.16 2.82 -17.01
N GLU A 21 -6.06 3.51 -17.34
CA GLU A 21 -4.71 3.00 -17.07
C GLU A 21 -4.48 2.89 -15.57
N ASN A 22 -4.90 3.91 -14.85
CA ASN A 22 -4.68 3.99 -13.42
C ASN A 22 -5.88 3.51 -12.62
N LYS A 23 -6.89 3.00 -13.31
CA LYS A 23 -8.11 2.56 -12.64
C LYS A 23 -7.80 1.36 -11.76
N GLY A 24 -8.28 1.40 -10.52
CA GLY A 24 -8.05 0.32 -9.58
C GLY A 24 -6.76 0.45 -8.79
N ARG A 25 -5.87 1.34 -9.18
CA ARG A 25 -4.62 1.52 -8.43
C ARG A 25 -4.91 2.10 -7.06
N GLN A 26 -4.16 1.64 -6.09
CA GLN A 26 -4.27 2.12 -4.72
C GLN A 26 -3.38 3.35 -4.57
N PHE A 27 -3.84 4.35 -3.83
CA PHE A 27 -3.03 5.53 -3.58
C PHE A 27 -3.29 6.10 -2.19
N TYR A 28 -2.30 6.74 -1.62
CA TYR A 28 -2.42 7.38 -0.33
C TYR A 28 -2.79 8.82 -0.54
N ALA A 29 -3.54 9.35 0.40
CA ALA A 29 -4.01 10.71 0.37
C ALA A 29 -4.00 11.22 1.81
N CYS A 30 -4.09 12.53 1.96
CA CYS A 30 -4.10 13.20 3.25
C CYS A 30 -5.51 13.33 3.80
N SER A 31 -5.64 13.15 5.11
CA SER A 31 -6.94 13.28 5.80
C SER A 31 -6.77 14.13 7.04
N LEU A 32 -5.84 15.08 6.96
CA LEU A 32 -5.59 15.97 8.09
C LEU A 32 -6.79 16.93 8.24
N PRO A 33 -6.95 17.55 9.41
CA PRO A 33 -8.12 18.41 9.67
C PRO A 33 -8.08 19.71 8.87
N ARG A 34 -9.24 20.34 8.71
CA ARG A 34 -9.34 21.57 7.91
C ARG A 34 -8.29 22.57 8.34
N GLY A 35 -7.60 23.13 7.36
CA GLY A 35 -6.52 24.06 7.59
C GLY A 35 -5.18 23.42 7.25
N ALA A 36 -5.04 22.14 7.52
CA ALA A 36 -3.81 21.42 7.17
C ALA A 36 -4.17 20.29 6.21
N GLN A 37 -3.43 20.19 5.11
CA GLN A 37 -3.64 19.17 4.08
C GLN A 37 -2.53 19.40 3.07
N CYS A 38 -2.47 18.57 2.04
CA CYS A 38 -1.50 18.74 0.98
C CYS A 38 -2.11 18.16 -0.28
N GLY A 39 -1.70 18.68 -1.44
CA GLY A 39 -2.20 18.18 -2.71
C GLY A 39 -1.37 17.03 -3.23
N PHE A 40 -0.56 16.45 -2.35
CA PHE A 40 0.29 15.34 -2.72
C PHE A 40 -0.50 14.06 -2.54
N PHE A 41 -0.33 13.13 -3.47
CA PHE A 41 -0.98 11.84 -3.44
C PHE A 41 0.12 10.87 -3.79
N GLU A 42 0.08 9.67 -3.23
CA GLU A 42 1.16 8.71 -3.47
C GLU A 42 0.68 7.36 -3.94
N TRP A 43 1.29 6.81 -4.96
CA TRP A 43 0.88 5.49 -5.44
C TRP A 43 1.32 4.46 -4.40
N ALA A 44 0.37 3.68 -3.88
CA ALA A 44 0.68 2.72 -2.81
C ALA A 44 1.44 1.53 -3.40
N ASP A 45 1.20 1.25 -4.67
CA ASP A 45 1.83 0.13 -5.35
C ASP A 45 3.34 0.28 -5.52
N LEU A 46 3.86 1.48 -5.24
CA LEU A 46 5.31 1.71 -5.28
C LEU A 46 5.99 0.86 -4.22
N SER A 47 5.25 0.52 -3.17
CA SER A 47 5.80 -0.25 -2.07
C SER A 47 5.60 -1.75 -2.22
N PHE A 48 5.00 -2.18 -3.32
CA PHE A 48 4.74 -3.61 -3.50
C PHE A 48 5.82 -4.24 -4.39
N PRO A 49 6.56 -5.24 -3.87
CA PRO A 49 7.50 -5.89 -4.78
C PRO A 49 6.80 -6.94 -5.64
N PHE A 50 7.57 -7.65 -6.43
CA PHE A 50 7.05 -8.78 -7.20
C PHE A 50 6.84 -9.96 -6.24
N CYS A 51 6.08 -10.95 -6.65
CA CYS A 51 5.91 -12.19 -5.89
C CYS A 51 6.56 -13.27 -6.74
N LYS A 52 6.59 -14.51 -6.26
CA LYS A 52 7.28 -15.60 -6.99
C LYS A 52 6.75 -15.82 -8.41
N HIS A 53 5.50 -15.47 -8.65
CA HIS A 53 4.90 -15.62 -9.99
C HIS A 53 5.33 -14.51 -10.95
N GLY A 54 6.08 -13.53 -10.46
CA GLY A 54 6.49 -12.39 -11.26
C GLY A 54 5.47 -11.27 -11.18
N LYS A 55 4.25 -11.65 -10.80
CA LYS A 55 3.15 -10.72 -10.67
C LYS A 55 3.40 -9.80 -9.48
N ARG A 56 2.89 -8.58 -9.55
CA ARG A 56 3.02 -7.62 -8.46
C ARG A 56 2.26 -8.15 -7.24
N SER A 57 2.82 -7.98 -6.05
CA SER A 57 2.16 -8.40 -4.82
C SER A 57 1.16 -7.31 -4.42
N ILE A 58 0.35 -7.57 -3.41
CA ILE A 58 -0.67 -6.62 -2.96
C ILE A 58 -0.67 -6.51 -1.44
N MET A 59 -1.16 -5.39 -0.93
CA MET A 59 -1.24 -5.17 0.52
C MET A 59 -2.51 -5.80 1.09
N LYS A 60 -2.37 -6.40 2.27
CA LYS A 60 -3.51 -6.85 3.07
C LYS A 60 -3.15 -6.48 4.49
N THR A 61 -4.11 -6.55 5.38
CA THR A 61 -3.93 -6.14 6.77
C THR A 61 -4.29 -7.30 7.69
N VAL A 62 -3.57 -7.43 8.79
CA VAL A 62 -3.87 -8.48 9.77
C VAL A 62 -5.08 -8.02 10.55
N LEU A 63 -6.16 -8.77 10.46
CA LEU A 63 -7.42 -8.44 11.16
C LEU A 63 -7.61 -9.28 12.41
N LYS A 64 -6.74 -10.26 12.61
CA LYS A 64 -6.83 -11.12 13.79
C LYS A 64 -6.19 -10.41 14.97
N ILE A 65 -6.97 -10.28 16.04
CA ILE A 65 -6.49 -9.65 17.26
C ILE A 65 -5.26 -10.39 17.77
N GLY A 66 -4.22 -9.62 18.11
CA GLY A 66 -2.96 -10.19 18.55
C GLY A 66 -1.92 -9.08 18.47
N PRO A 67 -0.63 -9.34 18.73
CA PRO A 67 0.36 -8.26 18.69
C PRO A 67 0.66 -7.72 17.30
N ASN A 68 0.17 -8.41 16.27
CA ASN A 68 0.36 -7.95 14.89
C ASN A 68 -0.93 -7.40 14.28
N ASN A 69 -1.96 -7.23 15.10
CA ASN A 69 -3.24 -6.74 14.58
C ASN A 69 -3.08 -5.33 14.01
N GLY A 70 -3.68 -5.09 12.86
CA GLY A 70 -3.61 -3.79 12.22
C GLY A 70 -2.37 -3.58 11.38
N LYS A 71 -1.39 -4.46 11.48
CA LYS A 71 -0.17 -4.33 10.68
C LYS A 71 -0.45 -4.77 9.26
N ASN A 72 0.20 -4.12 8.31
CA ASN A 72 0.02 -4.44 6.90
C ASN A 72 1.10 -5.40 6.46
N PHE A 73 0.79 -6.20 5.44
CA PHE A 73 1.75 -7.13 4.88
C PHE A 73 1.47 -7.28 3.38
N PHE A 74 2.44 -7.76 2.64
CA PHE A 74 2.29 -7.98 1.20
C PHE A 74 2.21 -9.48 0.94
N VAL A 75 1.28 -9.85 0.05
CA VAL A 75 0.98 -11.24 -0.31
C VAL A 75 0.59 -11.29 -1.79
N CYS A 76 0.27 -12.47 -2.29
CA CYS A 76 -0.05 -12.65 -3.70
C CYS A 76 -1.54 -12.39 -3.98
N PRO A 77 -1.88 -11.75 -5.12
CA PRO A 77 -3.29 -11.47 -5.42
C PRO A 77 -4.15 -12.66 -5.85
N LEU A 78 -3.52 -13.79 -6.14
CA LEU A 78 -4.25 -14.97 -6.58
C LEU A 78 -5.01 -15.62 -5.43
N GLU A 79 -5.93 -16.50 -5.78
CA GLU A 79 -6.75 -17.23 -4.80
C GLU A 79 -5.86 -18.10 -3.91
N LYS A 80 -6.37 -18.48 -2.74
CA LYS A 80 -5.57 -19.17 -1.71
C LYS A 80 -4.74 -20.36 -2.18
N GLU A 81 -5.29 -21.22 -3.01
CA GLU A 81 -4.62 -22.44 -3.47
C GLU A 81 -3.67 -22.17 -4.63
N LYS A 82 -3.68 -20.94 -5.12
CA LYS A 82 -2.83 -20.53 -6.24
C LYS A 82 -1.86 -19.43 -5.84
N GLN A 83 -1.79 -19.13 -4.55
CA GLN A 83 -0.83 -18.14 -4.08
C GLN A 83 0.53 -18.80 -3.97
N CYS A 84 1.57 -17.99 -4.05
CA CYS A 84 2.92 -18.45 -3.91
C CYS A 84 3.32 -18.31 -2.45
N ASN A 85 4.41 -18.97 -2.07
CA ASN A 85 4.96 -18.83 -0.73
C ASN A 85 5.78 -17.55 -0.73
N PHE A 86 5.04 -16.45 -0.66
CA PHE A 86 5.61 -15.11 -0.59
C PHE A 86 4.77 -14.27 0.35
N PHE A 87 5.39 -13.82 1.43
CA PHE A 87 4.74 -12.99 2.44
C PHE A 87 5.81 -12.02 2.92
N GLN A 88 5.48 -10.75 3.02
CA GLN A 88 6.44 -9.77 3.54
C GLN A 88 5.74 -8.77 4.45
N TRP A 89 6.28 -8.50 5.62
CA TRP A 89 5.71 -7.47 6.50
C TRP A 89 5.96 -6.11 5.87
N ALA A 90 4.98 -5.24 5.94
CA ALA A 90 5.09 -3.91 5.36
C ALA A 90 5.58 -2.94 6.45
N GLU A 91 5.85 -1.71 6.04
CA GLU A 91 6.25 -0.61 6.92
C GLU A 91 7.46 -0.87 7.84
N ASN A 92 8.65 -0.64 7.31
CA ASN A 92 9.89 -0.74 8.09
C ASN A 92 10.14 0.60 8.78
N GLY A 93 9.21 1.51 8.58
CA GLY A 93 9.25 2.86 9.10
C GLY A 93 8.14 3.53 8.33
N SER A 1 6.61 2.98 3.29
CA SER A 1 5.70 3.47 2.22
C SER A 1 6.43 4.44 1.33
N PRO A 2 5.90 4.72 0.13
CA PRO A 2 6.57 5.73 -0.70
C PRO A 2 6.44 7.13 -0.09
N LEU A 3 7.23 8.07 -0.60
CA LEU A 3 7.33 9.41 0.01
C LEU A 3 7.14 10.50 -1.02
N CYS A 4 6.35 11.52 -0.70
CA CYS A 4 6.20 12.59 -1.67
C CYS A 4 7.56 13.27 -1.74
N LYS A 5 7.86 13.82 -2.91
CA LYS A 5 9.19 14.35 -3.17
C LYS A 5 9.54 15.62 -2.43
N MET A 6 8.56 16.52 -2.32
CA MET A 6 8.77 17.83 -1.71
C MET A 6 9.14 17.77 -0.21
N HIS A 7 8.54 16.84 0.51
CA HIS A 7 8.75 16.77 1.97
C HIS A 7 9.44 15.52 2.49
N HIS A 8 9.64 14.53 1.62
CA HIS A 8 10.28 13.25 1.96
C HIS A 8 9.67 12.59 3.21
N ARG A 9 8.37 12.74 3.38
CA ARG A 9 7.67 12.14 4.51
C ARG A 9 6.36 11.56 4.03
N ARG A 10 5.99 10.43 4.62
CA ARG A 10 4.75 9.75 4.26
C ARG A 10 3.68 10.46 5.06
N CYS A 11 2.54 10.74 4.43
CA CYS A 11 1.48 11.45 5.14
C CYS A 11 0.10 10.79 5.21
N VAL A 12 -0.52 10.45 4.08
CA VAL A 12 -1.79 9.69 4.12
C VAL A 12 -1.87 8.79 2.91
N LEU A 13 -2.68 7.75 3.00
CA LEU A 13 -2.87 6.80 1.91
C LEU A 13 -4.33 6.86 1.47
N ARG A 14 -4.55 7.03 0.18
CA ARG A 14 -5.90 7.13 -0.40
C ARG A 14 -5.96 6.14 -1.55
N VAL A 15 -7.10 6.02 -2.20
CA VAL A 15 -7.27 5.13 -3.35
C VAL A 15 -8.13 5.86 -4.36
N VAL A 16 -7.83 5.68 -5.65
CA VAL A 16 -8.55 6.38 -6.71
C VAL A 16 -9.98 5.85 -6.85
N ARG A 17 -10.94 6.72 -6.57
CA ARG A 17 -12.36 6.39 -6.72
C ARG A 17 -12.82 6.66 -8.16
N LYS A 18 -12.10 7.54 -8.84
CA LYS A 18 -12.38 7.90 -10.22
C LYS A 18 -12.15 6.70 -11.13
N ASP A 19 -12.93 6.60 -12.20
CA ASP A 19 -12.76 5.55 -13.19
C ASP A 19 -11.53 5.87 -14.06
N GLY A 20 -11.07 4.89 -14.83
CA GLY A 20 -9.90 5.08 -15.67
C GLY A 20 -8.82 4.04 -15.39
N GLU A 21 -7.67 4.20 -16.01
CA GLU A 21 -6.55 3.25 -15.85
C GLU A 21 -6.09 3.06 -14.39
N ASN A 22 -6.23 4.09 -13.57
CA ASN A 22 -5.76 4.05 -12.19
C ASN A 22 -6.87 3.73 -11.20
N LYS A 23 -8.03 3.34 -11.71
CA LYS A 23 -9.19 3.03 -10.86
C LYS A 23 -8.82 1.97 -9.83
N GLY A 24 -9.07 2.27 -8.56
CA GLY A 24 -8.79 1.31 -7.51
C GLY A 24 -7.34 1.27 -7.05
N ARG A 25 -6.42 1.94 -7.73
CA ARG A 25 -5.02 1.92 -7.30
C ARG A 25 -4.86 2.84 -6.09
N GLN A 26 -4.10 2.38 -5.12
CA GLN A 26 -3.83 3.15 -3.92
C GLN A 26 -2.69 4.11 -4.17
N PHE A 27 -2.75 5.29 -3.56
CA PHE A 27 -1.72 6.31 -3.71
C PHE A 27 -1.57 7.12 -2.43
N TYR A 28 -0.36 7.55 -2.15
CA TYR A 28 -0.06 8.36 -0.98
C TYR A 28 -0.19 9.82 -1.35
N ALA A 29 -0.71 10.60 -0.42
CA ALA A 29 -0.92 12.02 -0.60
C ALA A 29 -0.38 12.73 0.63
N CYS A 30 -0.26 14.04 0.48
CA CYS A 30 0.18 14.95 1.53
C CYS A 30 -0.98 15.33 2.44
N SER A 31 -0.72 15.44 3.73
CA SER A 31 -1.72 15.89 4.71
C SER A 31 -1.08 16.92 5.62
N LEU A 32 -0.18 17.71 5.05
CA LEU A 32 0.51 18.75 5.81
C LEU A 32 -0.46 19.93 6.05
N PRO A 33 -0.15 20.79 7.03
CA PRO A 33 -1.04 21.90 7.38
C PRO A 33 -1.10 22.99 6.32
N ARG A 34 -2.14 23.82 6.39
CA ARG A 34 -2.34 24.89 5.40
C ARG A 34 -1.06 25.71 5.24
N GLY A 35 -0.67 25.92 3.98
CA GLY A 35 0.55 26.63 3.65
C GLY A 35 1.59 25.68 3.10
N ALA A 36 1.65 24.46 3.62
CA ALA A 36 2.58 23.45 3.11
C ALA A 36 1.79 22.25 2.58
N GLN A 37 2.13 21.80 1.38
CA GLN A 37 1.50 20.65 0.75
C GLN A 37 2.21 20.41 -0.56
N CYS A 38 1.82 19.38 -1.30
CA CYS A 38 2.42 19.10 -2.60
C CYS A 38 1.43 18.29 -3.43
N GLY A 39 1.42 18.51 -4.74
CA GLY A 39 0.53 17.78 -5.62
C GLY A 39 1.12 16.45 -6.07
N PHE A 40 2.28 16.10 -5.54
CA PHE A 40 2.92 14.84 -5.93
C PHE A 40 2.30 13.67 -5.17
N PHE A 41 1.61 12.82 -5.90
CA PHE A 41 1.01 11.63 -5.33
C PHE A 41 1.93 10.46 -5.63
N GLU A 42 2.07 9.55 -4.68
CA GLU A 42 2.95 8.39 -4.87
C GLU A 42 2.17 7.12 -4.93
N TRP A 43 2.37 6.38 -5.99
CA TRP A 43 1.64 5.14 -6.15
C TRP A 43 2.09 4.12 -5.10
N ALA A 44 1.14 3.55 -4.37
CA ALA A 44 1.45 2.56 -3.35
C ALA A 44 1.87 1.27 -4.04
N ASP A 45 1.57 1.21 -5.33
CA ASP A 45 1.95 0.08 -6.16
C ASP A 45 3.48 -0.06 -6.20
N LEU A 46 4.17 1.07 -6.05
CA LEU A 46 5.63 1.08 -6.08
C LEU A 46 6.22 0.36 -4.87
N SER A 47 5.51 0.36 -3.76
CA SER A 47 5.99 -0.30 -2.54
C SER A 47 5.85 -1.81 -2.60
N PHE A 48 5.02 -2.31 -3.52
CA PHE A 48 4.83 -3.75 -3.63
C PHE A 48 5.92 -4.31 -4.52
N PRO A 49 6.72 -5.24 -4.00
CA PRO A 49 7.69 -5.80 -4.95
C PRO A 49 7.00 -6.86 -5.80
N PHE A 50 7.77 -7.48 -6.67
CA PHE A 50 7.27 -8.63 -7.40
C PHE A 50 7.10 -9.77 -6.39
N CYS A 51 6.15 -10.65 -6.63
CA CYS A 51 6.00 -11.84 -5.81
C CYS A 51 6.71 -12.92 -6.60
N LYS A 52 6.77 -14.13 -6.08
CA LYS A 52 7.51 -15.22 -6.73
C LYS A 52 6.97 -15.63 -8.11
N HIS A 53 5.78 -15.17 -8.48
CA HIS A 53 5.22 -15.43 -9.81
C HIS A 53 5.61 -14.33 -10.81
N GLY A 54 6.36 -13.34 -10.36
CA GLY A 54 6.71 -12.19 -11.19
C GLY A 54 5.64 -11.13 -11.13
N LYS A 55 4.42 -11.57 -10.83
CA LYS A 55 3.26 -10.67 -10.71
C LYS A 55 3.46 -9.78 -9.50
N ARG A 56 2.83 -8.61 -9.50
CA ARG A 56 2.95 -7.68 -8.38
C ARG A 56 2.31 -8.23 -7.11
N SER A 57 2.82 -7.83 -5.96
CA SER A 57 2.22 -8.20 -4.69
C SER A 57 1.12 -7.20 -4.36
N ILE A 58 0.27 -7.49 -3.39
CA ILE A 58 -0.79 -6.58 -2.97
C ILE A 58 -0.81 -6.49 -1.44
N MET A 59 -1.42 -5.44 -0.91
CA MET A 59 -1.50 -5.23 0.53
C MET A 59 -2.75 -5.87 1.15
N LYS A 60 -2.58 -6.51 2.30
CA LYS A 60 -3.70 -7.01 3.10
C LYS A 60 -3.35 -6.71 4.54
N THR A 61 -4.36 -6.76 5.41
CA THR A 61 -4.21 -6.38 6.82
C THR A 61 -4.40 -7.58 7.75
N VAL A 62 -3.67 -7.60 8.86
CA VAL A 62 -3.83 -8.65 9.86
C VAL A 62 -5.06 -8.34 10.68
N LEU A 63 -6.05 -9.23 10.65
CA LEU A 63 -7.28 -9.06 11.43
C LEU A 63 -7.28 -9.93 12.67
N LYS A 64 -6.27 -10.78 12.80
CA LYS A 64 -6.16 -11.66 13.96
C LYS A 64 -5.55 -10.90 15.13
N ILE A 65 -6.28 -10.89 16.24
CA ILE A 65 -5.80 -10.26 17.47
C ILE A 65 -4.45 -10.87 17.87
N GLY A 66 -3.51 -10.00 18.19
CA GLY A 66 -2.16 -10.41 18.55
C GLY A 66 -1.32 -9.14 18.49
N PRO A 67 0.00 -9.20 18.72
CA PRO A 67 0.79 -7.96 18.70
C PRO A 67 0.95 -7.35 17.31
N ASN A 68 0.61 -8.10 16.27
CA ASN A 68 0.70 -7.61 14.89
C ASN A 68 -0.67 -7.31 14.31
N ASN A 69 -1.69 -7.21 15.16
CA ASN A 69 -3.04 -6.92 14.69
C ASN A 69 -3.10 -5.53 14.08
N GLY A 70 -3.79 -5.40 12.97
CA GLY A 70 -3.93 -4.10 12.30
C GLY A 70 -2.76 -3.74 11.41
N LYS A 71 -1.66 -4.47 11.51
CA LYS A 71 -0.50 -4.19 10.66
C LYS A 71 -0.78 -4.71 9.26
N ASN A 72 -0.12 -4.12 8.28
CA ASN A 72 -0.33 -4.50 6.88
C ASN A 72 0.83 -5.35 6.40
N PHE A 73 0.57 -6.17 5.40
CA PHE A 73 1.60 -7.02 4.81
C PHE A 73 1.34 -7.20 3.32
N PHE A 74 2.37 -7.66 2.61
CA PHE A 74 2.30 -7.91 1.19
C PHE A 74 2.20 -9.41 0.96
N VAL A 75 1.27 -9.78 0.09
CA VAL A 75 0.93 -11.16 -0.26
C VAL A 75 0.54 -11.21 -1.73
N CYS A 76 0.35 -12.41 -2.26
CA CYS A 76 0.05 -12.60 -3.67
C CYS A 76 -1.45 -12.47 -3.93
N PRO A 77 -1.86 -11.80 -5.02
CA PRO A 77 -3.28 -11.60 -5.31
C PRO A 77 -4.07 -12.79 -5.82
N LEU A 78 -3.39 -13.87 -6.20
CA LEU A 78 -4.07 -15.04 -6.73
C LEU A 78 -4.85 -15.78 -5.64
N GLU A 79 -5.69 -16.69 -6.07
CA GLU A 79 -6.51 -17.52 -5.18
C GLU A 79 -5.60 -18.36 -4.30
N LYS A 80 -6.09 -18.81 -3.14
CA LYS A 80 -5.28 -19.56 -2.17
C LYS A 80 -4.46 -20.70 -2.79
N GLU A 81 -5.09 -21.49 -3.64
CA GLU A 81 -4.44 -22.64 -4.27
C GLU A 81 -3.35 -22.23 -5.28
N LYS A 82 -3.30 -20.96 -5.64
CA LYS A 82 -2.36 -20.43 -6.62
C LYS A 82 -1.43 -19.38 -6.00
N GLN A 83 -1.49 -19.17 -4.70
CA GLN A 83 -0.62 -18.17 -4.08
C GLN A 83 0.78 -18.73 -3.92
N CYS A 84 1.78 -17.89 -4.12
CA CYS A 84 3.15 -18.28 -3.91
C CYS A 84 3.44 -18.14 -2.42
N ASN A 85 4.46 -18.86 -1.97
CA ASN A 85 4.91 -18.78 -0.58
C ASN A 85 5.76 -17.52 -0.45
N PHE A 86 5.05 -16.40 -0.43
CA PHE A 86 5.63 -15.07 -0.29
C PHE A 86 4.75 -14.26 0.67
N PHE A 87 5.40 -13.67 1.67
CA PHE A 87 4.72 -12.83 2.64
C PHE A 87 5.78 -11.84 3.09
N GLN A 88 5.45 -10.55 3.12
CA GLN A 88 6.40 -9.54 3.59
C GLN A 88 5.66 -8.49 4.42
N TRP A 89 6.20 -8.04 5.54
CA TRP A 89 5.54 -6.99 6.31
C TRP A 89 5.62 -5.68 5.53
N ALA A 90 4.57 -4.87 5.63
CA ALA A 90 4.55 -3.58 4.95
C ALA A 90 5.17 -2.56 5.89
N GLU A 91 6.17 -1.84 5.41
CA GLU A 91 6.88 -0.84 6.20
C GLU A 91 7.49 -1.48 7.46
N ASN A 92 7.38 -0.85 8.61
CA ASN A 92 7.94 -1.34 9.86
C ASN A 92 7.12 -0.73 10.97
N GLY A 93 6.84 -1.51 11.99
CA GLY A 93 6.06 -1.05 13.13
C GLY A 93 5.59 -2.26 13.89
N SER A 1 6.33 3.59 3.69
CA SER A 1 5.36 4.17 2.73
C SER A 1 5.91 5.48 2.20
N PRO A 2 5.34 5.99 1.09
CA PRO A 2 5.93 7.22 0.58
C PRO A 2 5.67 8.44 1.45
N LEU A 3 6.54 9.42 1.32
CA LEU A 3 6.45 10.68 2.07
C LEU A 3 6.61 11.78 1.06
N CYS A 4 5.70 12.73 1.03
CA CYS A 4 5.87 13.84 0.11
C CYS A 4 6.98 14.73 0.67
N LYS A 5 7.64 15.48 -0.22
CA LYS A 5 8.73 16.37 0.20
C LYS A 5 8.18 17.56 0.98
N MET A 6 6.90 17.81 0.81
CA MET A 6 6.23 18.95 1.43
C MET A 6 6.07 18.80 2.94
N HIS A 7 5.49 17.69 3.38
CA HIS A 7 5.21 17.49 4.80
C HIS A 7 5.95 16.34 5.49
N HIS A 8 6.63 15.50 4.70
CA HIS A 8 7.40 14.35 5.22
C HIS A 8 6.59 13.42 6.16
N ARG A 9 5.31 13.22 5.85
CA ARG A 9 4.44 12.39 6.68
C ARG A 9 3.60 11.43 5.85
N ARG A 10 3.42 10.23 6.35
CA ARG A 10 2.52 9.25 5.71
C ARG A 10 1.17 9.85 6.01
N CYS A 11 0.27 9.95 5.03
CA CYS A 11 -1.03 10.53 5.36
C CYS A 11 -2.30 9.72 5.06
N VAL A 12 -2.56 9.32 3.81
CA VAL A 12 -3.68 8.38 3.54
C VAL A 12 -3.43 7.53 2.31
N LEU A 13 -4.15 6.44 2.22
CA LEU A 13 -4.09 5.52 1.08
C LEU A 13 -5.51 5.47 0.49
N ARG A 14 -5.63 5.67 -0.81
CA ARG A 14 -6.92 5.67 -1.52
C ARG A 14 -6.85 4.69 -2.67
N VAL A 15 -8.01 4.41 -3.26
CA VAL A 15 -8.12 3.49 -4.41
C VAL A 15 -8.82 4.26 -5.54
N VAL A 16 -8.29 4.17 -6.75
CA VAL A 16 -8.90 4.86 -7.89
C VAL A 16 -10.18 4.17 -8.30
N ARG A 17 -11.30 4.90 -8.25
CA ARG A 17 -12.59 4.34 -8.65
C ARG A 17 -12.99 4.72 -10.08
N LYS A 18 -12.38 5.76 -10.63
CA LYS A 18 -12.70 6.19 -11.99
C LYS A 18 -12.02 5.24 -12.97
N ASP A 19 -12.53 5.17 -14.19
CA ASP A 19 -12.01 4.20 -15.17
C ASP A 19 -10.71 4.62 -15.89
N GLY A 20 -10.17 3.68 -16.65
CA GLY A 20 -8.91 3.87 -17.35
C GLY A 20 -7.90 2.88 -16.81
N GLU A 21 -6.65 2.96 -17.26
CA GLU A 21 -5.60 2.03 -16.83
C GLU A 21 -5.33 2.10 -15.32
N ASN A 22 -5.79 3.16 -14.68
CA ASN A 22 -5.53 3.38 -13.28
C ASN A 22 -6.64 2.85 -12.39
N LYS A 23 -7.71 2.33 -12.98
CA LYS A 23 -8.84 1.84 -12.19
C LYS A 23 -8.41 0.72 -11.26
N GLY A 24 -8.74 0.84 -9.99
CA GLY A 24 -8.41 -0.17 -9.01
C GLY A 24 -7.03 -0.03 -8.38
N ARG A 25 -6.17 0.82 -8.94
CA ARG A 25 -4.83 1.00 -8.37
C ARG A 25 -4.91 1.68 -7.03
N GLN A 26 -3.95 1.39 -6.17
CA GLN A 26 -3.85 1.96 -4.84
C GLN A 26 -2.85 3.10 -4.88
N PHE A 27 -3.13 4.19 -4.20
CA PHE A 27 -2.20 5.32 -4.18
C PHE A 27 -2.25 6.09 -2.86
N TYR A 28 -1.14 6.72 -2.51
CA TYR A 28 -1.06 7.52 -1.30
C TYR A 28 -1.29 8.97 -1.64
N ALA A 29 -1.91 9.66 -0.72
CA ALA A 29 -2.23 11.07 -0.86
C ALA A 29 -2.14 11.74 0.51
N CYS A 30 -2.26 13.05 0.50
CA CYS A 30 -2.17 13.90 1.68
C CYS A 30 -3.54 14.12 2.31
N SER A 31 -3.58 14.13 3.64
CA SER A 31 -4.82 14.36 4.39
C SER A 31 -4.58 15.39 5.47
N LEU A 32 -3.73 16.36 5.16
CA LEU A 32 -3.44 17.41 6.14
C LEU A 32 -4.67 18.33 6.26
N PRO A 33 -4.76 19.10 7.37
CA PRO A 33 -5.92 19.95 7.63
C PRO A 33 -6.06 21.13 6.67
N ARG A 34 -7.27 21.69 6.60
CA ARG A 34 -7.56 22.80 5.69
C ARG A 34 -6.49 23.90 5.82
N GLY A 35 -5.96 24.30 4.68
CA GLY A 35 -4.91 25.31 4.63
C GLY A 35 -3.58 24.71 4.26
N ALA A 36 -3.29 23.50 4.71
CA ALA A 36 -2.04 22.82 4.37
C ALA A 36 -2.39 21.53 3.64
N GLN A 37 -1.73 21.28 2.51
CA GLN A 37 -1.94 20.08 1.70
C GLN A 37 -0.95 20.18 0.56
N CYS A 38 -0.88 19.14 -0.25
CA CYS A 38 -0.03 19.13 -1.43
C CYS A 38 -0.67 18.12 -2.38
N GLY A 39 -0.42 18.28 -3.67
CA GLY A 39 -1.02 17.39 -4.67
C GLY A 39 -0.19 16.16 -4.97
N PHE A 40 0.35 15.52 -3.94
CA PHE A 40 1.18 14.34 -4.16
C PHE A 40 0.28 13.11 -4.25
N PHE A 41 0.57 12.25 -5.22
CA PHE A 41 -0.18 11.03 -5.45
C PHE A 41 0.80 9.94 -5.83
N GLU A 42 1.10 9.06 -4.88
CA GLU A 42 2.11 8.02 -5.11
C GLU A 42 1.50 6.64 -5.25
N TRP A 43 1.73 5.97 -6.37
CA TRP A 43 1.19 4.64 -6.57
C TRP A 43 1.75 3.65 -5.55
N ALA A 44 0.87 3.05 -4.78
CA ALA A 44 1.26 2.10 -3.74
C ALA A 44 1.60 0.78 -4.41
N ASP A 45 1.08 0.58 -5.61
CA ASP A 45 1.35 -0.65 -6.36
C ASP A 45 2.83 -0.74 -6.69
N LEU A 46 3.48 0.40 -6.87
CA LEU A 46 4.91 0.44 -7.15
C LEU A 46 5.70 0.10 -5.88
N SER A 47 5.11 0.37 -4.73
CA SER A 47 5.77 0.11 -3.45
C SER A 47 5.74 -1.37 -3.12
N PHE A 48 4.84 -2.11 -3.74
CA PHE A 48 4.76 -3.55 -3.50
C PHE A 48 5.85 -4.23 -4.30
N PRO A 49 6.51 -5.24 -3.71
CA PRO A 49 7.51 -5.93 -4.52
C PRO A 49 6.86 -6.95 -5.44
N PHE A 50 7.66 -7.67 -6.20
CA PHE A 50 7.17 -8.77 -7.01
C PHE A 50 6.90 -9.95 -6.07
N CYS A 51 6.20 -10.96 -6.56
CA CYS A 51 6.00 -12.19 -5.81
C CYS A 51 6.62 -13.28 -6.67
N LYS A 52 6.61 -14.52 -6.20
CA LYS A 52 7.29 -15.62 -6.93
C LYS A 52 6.77 -15.81 -8.37
N HIS A 53 5.53 -15.44 -8.63
CA HIS A 53 4.94 -15.57 -9.97
C HIS A 53 5.38 -14.44 -10.91
N GLY A 54 6.15 -13.48 -10.41
CA GLY A 54 6.55 -12.33 -11.21
C GLY A 54 5.52 -11.22 -11.11
N LYS A 55 4.30 -11.61 -10.79
CA LYS A 55 3.19 -10.67 -10.63
C LYS A 55 3.48 -9.79 -9.42
N ARG A 56 2.94 -8.58 -9.39
CA ARG A 56 3.14 -7.68 -8.26
C ARG A 56 2.39 -8.22 -7.05
N SER A 57 2.90 -7.91 -5.86
CA SER A 57 2.24 -8.28 -4.62
C SER A 57 1.17 -7.23 -4.33
N ILE A 58 0.32 -7.48 -3.35
CA ILE A 58 -0.72 -6.53 -2.94
C ILE A 58 -0.72 -6.43 -1.41
N MET A 59 -1.23 -5.33 -0.89
CA MET A 59 -1.30 -5.14 0.56
C MET A 59 -2.56 -5.76 1.16
N LYS A 60 -2.41 -6.39 2.32
CA LYS A 60 -3.53 -6.88 3.12
C LYS A 60 -3.20 -6.56 4.57
N THR A 61 -4.20 -6.60 5.41
CA THR A 61 -4.05 -6.23 6.82
C THR A 61 -4.30 -7.44 7.73
N VAL A 62 -3.57 -7.54 8.83
CA VAL A 62 -3.77 -8.64 9.78
C VAL A 62 -5.02 -8.32 10.58
N LEU A 63 -6.00 -9.21 10.51
CA LEU A 63 -7.25 -9.05 11.26
C LEU A 63 -7.28 -9.95 12.49
N LYS A 64 -6.26 -10.78 12.62
CA LYS A 64 -6.15 -11.69 13.76
C LYS A 64 -5.69 -10.88 14.97
N ILE A 65 -6.46 -10.93 16.03
CA ILE A 65 -6.13 -10.25 17.27
C ILE A 65 -4.81 -10.81 17.80
N GLY A 66 -3.92 -9.90 18.19
CA GLY A 66 -2.60 -10.27 18.67
C GLY A 66 -1.74 -9.05 18.53
N PRO A 67 -0.42 -9.10 18.80
CA PRO A 67 0.39 -7.88 18.68
C PRO A 67 0.59 -7.43 17.23
N ASN A 68 0.24 -8.30 16.28
CA ASN A 68 0.35 -7.96 14.87
C ASN A 68 -0.95 -7.44 14.29
N ASN A 69 -1.99 -7.33 15.10
CA ASN A 69 -3.30 -6.91 14.61
C ASN A 69 -3.23 -5.49 14.04
N GLY A 70 -3.87 -5.29 12.89
CA GLY A 70 -3.88 -3.98 12.25
C GLY A 70 -2.64 -3.69 11.43
N LYS A 71 -1.61 -4.51 11.54
CA LYS A 71 -0.38 -4.30 10.77
C LYS A 71 -0.60 -4.78 9.34
N ASN A 72 0.07 -4.15 8.40
CA ASN A 72 -0.07 -4.49 6.99
C ASN A 72 1.06 -5.37 6.51
N PHE A 73 0.77 -6.18 5.50
CA PHE A 73 1.75 -7.06 4.89
C PHE A 73 1.45 -7.20 3.40
N PHE A 74 2.42 -7.68 2.64
CA PHE A 74 2.28 -7.90 1.21
C PHE A 74 2.18 -9.40 0.95
N VAL A 75 1.25 -9.76 0.09
CA VAL A 75 0.97 -11.16 -0.28
C VAL A 75 0.58 -11.21 -1.76
N CYS A 76 0.28 -12.39 -2.27
CA CYS A 76 -0.03 -12.56 -3.68
C CYS A 76 -1.52 -12.32 -3.96
N PRO A 77 -1.86 -11.69 -5.11
CA PRO A 77 -3.27 -11.40 -5.41
C PRO A 77 -4.14 -12.57 -5.87
N LEU A 78 -3.53 -13.71 -6.17
CA LEU A 78 -4.28 -14.86 -6.65
C LEU A 78 -5.12 -15.51 -5.55
N GLU A 79 -5.97 -16.44 -5.97
CA GLU A 79 -6.83 -17.20 -5.07
C GLU A 79 -5.98 -18.02 -4.11
N LYS A 80 -6.52 -18.39 -2.96
CA LYS A 80 -5.77 -19.13 -1.92
C LYS A 80 -5.00 -20.32 -2.47
N GLU A 81 -5.65 -21.10 -3.33
CA GLU A 81 -5.06 -22.30 -3.92
C GLU A 81 -3.94 -22.02 -4.94
N LYS A 82 -3.82 -20.76 -5.36
CA LYS A 82 -2.84 -20.38 -6.37
C LYS A 82 -1.80 -19.39 -5.86
N GLN A 83 -1.85 -19.00 -4.60
CA GLN A 83 -0.87 -18.04 -4.09
C GLN A 83 0.47 -18.71 -3.88
N CYS A 84 1.52 -17.96 -4.13
CA CYS A 84 2.87 -18.42 -3.92
C CYS A 84 3.24 -18.26 -2.45
N ASN A 85 4.31 -18.93 -2.04
CA ASN A 85 4.84 -18.79 -0.69
C ASN A 85 5.68 -17.51 -0.67
N PHE A 86 4.96 -16.40 -0.62
CA PHE A 86 5.56 -15.08 -0.53
C PHE A 86 4.73 -14.23 0.42
N PHE A 87 5.37 -13.77 1.49
CA PHE A 87 4.73 -12.92 2.48
C PHE A 87 5.82 -11.95 2.92
N GLN A 88 5.52 -10.67 2.97
CA GLN A 88 6.49 -9.68 3.42
C GLN A 88 5.80 -8.63 4.27
N TRP A 89 6.35 -8.29 5.44
CA TRP A 89 5.73 -7.26 6.26
C TRP A 89 5.85 -5.89 5.57
N ALA A 90 4.82 -5.09 5.70
CA ALA A 90 4.79 -3.74 5.15
C ALA A 90 5.16 -2.81 6.30
N GLU A 91 5.31 -1.53 6.00
CA GLU A 91 5.53 -0.53 7.04
C GLU A 91 4.31 -0.64 7.97
N ASN A 92 4.57 -0.73 9.26
CA ASN A 92 3.53 -1.04 10.23
C ASN A 92 3.69 -0.26 11.53
N GLY A 93 4.41 0.84 11.44
CA GLY A 93 4.64 1.73 12.57
C GLY A 93 5.16 2.98 11.94
N SER A 1 6.75 2.20 2.77
CA SER A 1 5.76 2.89 1.92
C SER A 1 6.40 4.11 1.26
N PRO A 2 5.83 4.59 0.14
CA PRO A 2 6.45 5.72 -0.54
C PRO A 2 6.23 7.07 0.14
N LEU A 3 6.98 8.06 -0.31
CA LEU A 3 6.94 9.41 0.24
C LEU A 3 6.58 10.33 -0.90
N CYS A 4 5.84 11.40 -0.65
CA CYS A 4 5.63 12.34 -1.75
C CYS A 4 6.97 13.06 -1.88
N LYS A 5 7.30 13.51 -3.08
CA LYS A 5 8.59 14.16 -3.31
C LYS A 5 8.72 15.55 -2.71
N MET A 6 7.60 16.23 -2.54
CA MET A 6 7.62 17.61 -2.03
C MET A 6 7.97 17.72 -0.56
N HIS A 7 7.50 16.77 0.25
CA HIS A 7 7.71 16.85 1.70
C HIS A 7 8.55 15.73 2.28
N HIS A 8 8.88 14.72 1.46
CA HIS A 8 9.68 13.56 1.89
C HIS A 8 9.06 12.87 3.12
N ARG A 9 7.74 12.80 3.16
CA ARG A 9 7.02 12.21 4.29
C ARG A 9 5.92 11.27 3.82
N ARG A 10 5.69 10.21 4.57
CA ARG A 10 4.59 9.28 4.31
C ARG A 10 3.43 10.03 4.92
N CYS A 11 2.34 10.20 4.22
CA CYS A 11 1.20 10.92 4.82
C CYS A 11 -0.14 10.20 4.86
N VAL A 12 -0.72 9.76 3.74
CA VAL A 12 -1.91 8.89 3.81
C VAL A 12 -1.97 7.97 2.61
N LEU A 13 -2.72 6.89 2.74
CA LEU A 13 -2.96 5.96 1.64
C LEU A 13 -4.43 6.16 1.29
N ARG A 14 -4.72 6.27 0.00
CA ARG A 14 -6.06 6.52 -0.51
C ARG A 14 -6.36 5.50 -1.59
N VAL A 15 -7.63 5.30 -1.90
CA VAL A 15 -8.05 4.34 -2.91
C VAL A 15 -8.90 5.09 -3.92
N VAL A 16 -8.70 4.83 -5.20
CA VAL A 16 -9.48 5.50 -6.24
C VAL A 16 -10.91 4.98 -6.22
N ARG A 17 -11.85 5.84 -5.84
CA ARG A 17 -13.26 5.44 -5.79
C ARG A 17 -14.02 5.75 -7.08
N LYS A 18 -13.47 6.64 -7.90
CA LYS A 18 -14.14 6.99 -9.17
C LYS A 18 -13.86 5.88 -10.17
N ASP A 19 -14.68 5.81 -11.21
CA ASP A 19 -14.52 4.77 -12.23
C ASP A 19 -13.38 5.05 -13.22
N GLY A 20 -13.10 4.07 -14.07
CA GLY A 20 -12.02 4.15 -15.03
C GLY A 20 -11.04 3.02 -14.76
N GLU A 21 -9.96 2.92 -15.53
CA GLU A 21 -8.99 1.83 -15.32
C GLU A 21 -8.32 1.91 -13.94
N ASN A 22 -8.33 3.09 -13.34
CA ASN A 22 -7.68 3.30 -12.05
C ASN A 22 -8.58 2.93 -10.88
N LYS A 23 -9.82 2.54 -11.17
CA LYS A 23 -10.78 2.21 -10.11
C LYS A 23 -10.23 1.13 -9.18
N GLY A 24 -10.21 1.41 -7.89
CA GLY A 24 -9.72 0.45 -6.91
C GLY A 24 -8.22 0.45 -6.67
N ARG A 25 -7.44 1.13 -7.51
CA ARG A 25 -5.98 1.18 -7.30
C ARG A 25 -5.67 2.01 -6.08
N GLN A 26 -4.54 1.72 -5.45
CA GLN A 26 -4.13 2.40 -4.23
C GLN A 26 -3.05 3.43 -4.51
N PHE A 27 -3.14 4.58 -3.88
CA PHE A 27 -2.13 5.63 -4.05
C PHE A 27 -1.91 6.37 -2.75
N TYR A 28 -0.71 6.87 -2.56
CA TYR A 28 -0.39 7.67 -1.40
C TYR A 28 -0.66 9.09 -1.75
N ALA A 29 -1.10 9.84 -0.76
CA ALA A 29 -1.44 11.25 -0.92
C ALA A 29 -0.93 12.00 0.30
N CYS A 30 -0.96 13.32 0.19
CA CYS A 30 -0.54 14.23 1.23
C CYS A 30 -1.70 14.55 2.16
N SER A 31 -1.41 14.66 3.45
CA SER A 31 -2.43 15.02 4.45
C SER A 31 -1.90 16.12 5.35
N LEU A 32 -1.06 16.97 4.78
CA LEU A 32 -0.51 18.09 5.55
C LEU A 32 -1.61 19.14 5.79
N PRO A 33 -1.43 20.01 6.79
CA PRO A 33 -2.46 20.99 7.15
C PRO A 33 -2.65 22.09 6.12
N ARG A 34 -3.79 22.77 6.19
CA ARG A 34 -4.12 23.85 5.24
C ARG A 34 -2.96 24.81 5.10
N GLY A 35 -2.60 25.09 3.85
CA GLY A 35 -1.47 25.95 3.54
C GLY A 35 -0.30 25.16 2.99
N ALA A 36 -0.08 23.94 3.49
CA ALA A 36 0.99 23.08 2.98
C ALA A 36 0.37 21.81 2.43
N GLN A 37 0.75 21.41 1.24
CA GLN A 37 0.24 20.21 0.57
C GLN A 37 1.01 20.09 -0.72
N CYS A 38 0.75 19.04 -1.48
CA CYS A 38 1.40 18.85 -2.76
C CYS A 38 0.41 18.12 -3.66
N GLY A 39 0.53 18.32 -4.96
CA GLY A 39 -0.36 17.68 -5.91
C GLY A 39 0.15 16.34 -6.39
N PHE A 40 1.21 15.83 -5.77
CA PHE A 40 1.76 14.54 -6.19
C PHE A 40 1.06 13.41 -5.47
N PHE A 41 0.93 12.30 -6.18
CA PHE A 41 0.34 11.09 -5.64
C PHE A 41 1.26 9.95 -6.04
N GLU A 42 1.42 8.99 -5.15
CA GLU A 42 2.35 7.88 -5.39
C GLU A 42 1.60 6.57 -5.40
N TRP A 43 1.50 5.92 -6.55
CA TRP A 43 0.77 4.65 -6.64
C TRP A 43 1.42 3.61 -5.72
N ALA A 44 0.64 3.07 -4.80
CA ALA A 44 1.12 2.13 -3.82
C ALA A 44 1.36 0.79 -4.52
N ASP A 45 0.67 0.61 -5.64
CA ASP A 45 0.82 -0.61 -6.43
C ASP A 45 2.25 -0.74 -6.95
N LEU A 46 2.90 0.40 -7.20
CA LEU A 46 4.30 0.41 -7.65
C LEU A 46 5.22 0.04 -6.50
N SER A 47 4.77 0.34 -5.28
CA SER A 47 5.58 0.14 -4.09
C SER A 47 5.57 -1.31 -3.61
N PHE A 48 4.61 -2.09 -4.08
CA PHE A 48 4.57 -3.50 -3.71
C PHE A 48 5.71 -4.20 -4.43
N PRO A 49 6.37 -5.15 -3.76
CA PRO A 49 7.42 -5.84 -4.51
C PRO A 49 6.83 -6.87 -5.46
N PHE A 50 7.69 -7.51 -6.22
CA PHE A 50 7.28 -8.63 -7.06
C PHE A 50 6.94 -9.80 -6.14
N CYS A 51 6.39 -10.87 -6.67
CA CYS A 51 6.19 -12.10 -5.91
C CYS A 51 6.80 -13.19 -6.76
N LYS A 52 6.80 -14.41 -6.26
CA LYS A 52 7.45 -15.54 -6.96
C LYS A 52 6.86 -15.88 -8.34
N HIS A 53 5.67 -15.36 -8.63
CA HIS A 53 5.05 -15.54 -9.95
C HIS A 53 5.50 -14.47 -10.94
N GLY A 54 6.29 -13.51 -10.47
CA GLY A 54 6.73 -12.39 -11.29
C GLY A 54 5.74 -11.25 -11.22
N LYS A 55 4.50 -11.60 -10.89
CA LYS A 55 3.41 -10.64 -10.74
C LYS A 55 3.66 -9.78 -9.51
N ARG A 56 3.08 -8.60 -9.45
CA ARG A 56 3.24 -7.72 -8.29
C ARG A 56 2.47 -8.28 -7.10
N SER A 57 2.90 -7.90 -5.91
CA SER A 57 2.21 -8.28 -4.67
C SER A 57 1.13 -7.25 -4.39
N ILE A 58 0.34 -7.47 -3.36
CA ILE A 58 -0.70 -6.53 -2.92
C ILE A 58 -0.67 -6.44 -1.39
N MET A 59 -1.24 -5.38 -0.85
CA MET A 59 -1.30 -5.20 0.61
C MET A 59 -2.59 -5.81 1.19
N LYS A 60 -2.45 -6.47 2.34
CA LYS A 60 -3.59 -6.95 3.11
C LYS A 60 -3.28 -6.63 4.56
N THR A 61 -4.26 -6.74 5.43
CA THR A 61 -4.12 -6.36 6.84
C THR A 61 -4.37 -7.56 7.76
N VAL A 62 -3.67 -7.62 8.89
CA VAL A 62 -3.88 -8.70 9.85
C VAL A 62 -5.13 -8.39 10.67
N LEU A 63 -6.18 -9.14 10.42
CA LEU A 63 -7.45 -8.95 11.12
C LEU A 63 -7.50 -9.79 12.40
N LYS A 64 -6.61 -10.77 12.50
CA LYS A 64 -6.56 -11.63 13.69
C LYS A 64 -6.02 -10.83 14.86
N ILE A 65 -6.63 -11.01 16.02
CA ILE A 65 -6.21 -10.33 17.24
C ILE A 65 -4.85 -10.89 17.65
N GLY A 66 -3.94 -10.02 18.03
CA GLY A 66 -2.61 -10.42 18.44
C GLY A 66 -1.71 -9.20 18.37
N PRO A 67 -0.39 -9.31 18.64
CA PRO A 67 0.46 -8.12 18.58
C PRO A 67 0.70 -7.61 17.16
N ASN A 68 0.29 -8.38 16.17
CA ASN A 68 0.41 -7.98 14.77
C ASN A 68 -0.91 -7.47 14.23
N ASN A 69 -1.93 -7.33 15.06
CA ASN A 69 -3.24 -6.88 14.60
C ASN A 69 -3.15 -5.48 14.02
N GLY A 70 -3.84 -5.26 12.91
CA GLY A 70 -3.85 -3.95 12.27
C GLY A 70 -2.63 -3.68 11.41
N LYS A 71 -1.59 -4.48 11.56
CA LYS A 71 -0.38 -4.30 10.76
C LYS A 71 -0.65 -4.78 9.35
N ASN A 72 -0.05 -4.11 8.39
CA ASN A 72 -0.23 -4.43 6.99
C ASN A 72 0.92 -5.31 6.52
N PHE A 73 0.64 -6.13 5.52
CA PHE A 73 1.64 -7.04 4.97
C PHE A 73 1.39 -7.23 3.48
N PHE A 74 2.39 -7.74 2.77
CA PHE A 74 2.30 -7.94 1.32
C PHE A 74 2.23 -9.43 1.00
N VAL A 75 1.26 -9.77 0.16
CA VAL A 75 0.97 -11.16 -0.27
C VAL A 75 0.59 -11.16 -1.75
N CYS A 76 0.28 -12.33 -2.29
CA CYS A 76 0.00 -12.46 -3.71
C CYS A 76 -1.49 -12.19 -4.02
N PRO A 77 -1.80 -11.54 -5.15
CA PRO A 77 -3.21 -11.25 -5.49
C PRO A 77 -4.03 -12.45 -5.94
N LEU A 78 -3.40 -13.58 -6.19
CA LEU A 78 -4.12 -14.77 -6.63
C LEU A 78 -4.84 -15.37 -5.41
N GLU A 79 -5.84 -16.20 -5.68
CA GLU A 79 -6.62 -16.82 -4.62
C GLU A 79 -5.78 -17.79 -3.80
N LYS A 80 -6.28 -18.20 -2.63
CA LYS A 80 -5.50 -18.93 -1.61
C LYS A 80 -4.74 -20.16 -2.10
N GLU A 81 -5.36 -21.01 -2.91
CA GLU A 81 -4.71 -22.23 -3.38
C GLU A 81 -3.80 -21.96 -4.57
N LYS A 82 -3.76 -20.71 -5.00
CA LYS A 82 -2.96 -20.30 -6.15
C LYS A 82 -1.88 -19.29 -5.78
N GLN A 83 -1.77 -18.98 -4.51
CA GLN A 83 -0.76 -18.04 -4.04
C GLN A 83 0.61 -18.70 -4.00
N CYS A 84 1.64 -17.88 -4.08
CA CYS A 84 2.99 -18.35 -3.96
C CYS A 84 3.38 -18.27 -2.49
N ASN A 85 4.39 -19.04 -2.11
CA ASN A 85 4.93 -18.98 -0.75
C ASN A 85 5.88 -17.78 -0.74
N PHE A 86 5.27 -16.62 -0.66
CA PHE A 86 5.96 -15.33 -0.64
C PHE A 86 5.14 -14.40 0.25
N PHE A 87 5.79 -13.79 1.23
CA PHE A 87 5.13 -12.92 2.20
C PHE A 87 6.12 -11.87 2.65
N GLN A 88 5.67 -10.64 2.83
CA GLN A 88 6.53 -9.58 3.37
C GLN A 88 5.69 -8.72 4.30
N TRP A 89 6.32 -7.93 5.15
CA TRP A 89 5.58 -7.04 6.05
C TRP A 89 5.66 -5.61 5.56
N ALA A 90 4.71 -4.79 5.97
CA ALA A 90 4.71 -3.35 5.68
C ALA A 90 4.85 -2.67 7.04
N GLU A 91 5.24 -1.40 7.04
CA GLU A 91 5.39 -0.67 8.29
C GLU A 91 4.02 -0.44 8.96
N ASN A 92 4.01 -0.34 10.28
CA ASN A 92 2.77 -0.08 11.02
C ASN A 92 2.74 1.35 11.57
N GLY A 93 3.66 2.17 11.11
CA GLY A 93 3.75 3.56 11.52
C GLY A 93 4.89 4.12 10.71
N SER A 1 6.66 1.55 2.36
CA SER A 1 5.75 2.43 1.61
C SER A 1 6.49 3.68 1.14
N PRO A 2 6.00 4.35 0.07
CA PRO A 2 6.68 5.55 -0.41
C PRO A 2 6.53 6.74 0.54
N LEU A 3 7.18 7.83 0.20
CA LEU A 3 7.18 9.05 1.01
C LEU A 3 6.95 10.22 0.08
N CYS A 4 6.26 11.27 0.54
CA CYS A 4 6.10 12.43 -0.32
C CYS A 4 7.41 13.19 -0.34
N LYS A 5 7.64 13.92 -1.41
CA LYS A 5 8.91 14.58 -1.65
C LYS A 5 9.21 15.76 -0.74
N MET A 6 8.19 16.54 -0.44
CA MET A 6 8.39 17.76 0.34
C MET A 6 8.69 17.49 1.82
N HIS A 7 8.09 16.45 2.39
CA HIS A 7 8.23 16.19 3.83
C HIS A 7 8.94 14.90 4.21
N HIS A 8 9.20 14.04 3.23
CA HIS A 8 9.89 12.76 3.44
C HIS A 8 9.29 11.92 4.60
N ARG A 9 7.96 11.94 4.70
CA ARG A 9 7.26 11.19 5.75
C ARG A 9 5.97 10.61 5.19
N ARG A 10 5.59 9.43 5.67
CA ARG A 10 4.34 8.80 5.24
C ARG A 10 3.29 9.58 5.99
N CYS A 11 2.29 10.06 5.29
CA CYS A 11 1.25 10.84 5.97
C CYS A 11 -0.12 10.16 6.03
N VAL A 12 -0.74 9.83 4.89
CA VAL A 12 -1.95 9.00 4.91
C VAL A 12 -1.99 8.15 3.66
N LEU A 13 -2.75 7.07 3.71
CA LEU A 13 -2.94 6.19 2.57
C LEU A 13 -4.41 6.34 2.17
N ARG A 14 -4.64 6.56 0.88
CA ARG A 14 -5.98 6.73 0.33
C ARG A 14 -6.12 5.73 -0.82
N VAL A 15 -7.32 5.50 -1.29
CA VAL A 15 -7.53 4.60 -2.42
C VAL A 15 -8.55 5.30 -3.31
N VAL A 16 -8.38 5.15 -4.62
CA VAL A 16 -9.26 5.82 -5.59
C VAL A 16 -10.66 5.21 -5.52
N ARG A 17 -11.58 5.95 -4.91
CA ARG A 17 -12.97 5.51 -4.81
C ARG A 17 -13.71 5.85 -6.10
N LYS A 18 -13.17 6.80 -6.84
CA LYS A 18 -13.68 7.20 -8.14
C LYS A 18 -13.49 6.07 -9.15
N ASP A 19 -14.18 6.22 -10.27
CA ASP A 19 -14.06 5.26 -11.36
C ASP A 19 -12.98 5.72 -12.33
N GLY A 20 -12.69 4.93 -13.35
CA GLY A 20 -11.70 5.30 -14.35
C GLY A 20 -10.53 4.35 -14.37
N GLU A 21 -9.47 4.71 -15.10
CA GLU A 21 -8.29 3.86 -15.24
C GLU A 21 -7.55 3.59 -13.92
N ASN A 22 -7.80 4.39 -12.89
CA ASN A 22 -7.11 4.23 -11.61
C ASN A 22 -8.05 3.70 -10.53
N LYS A 23 -9.22 3.25 -10.94
CA LYS A 23 -10.23 2.75 -10.00
C LYS A 23 -9.65 1.69 -9.06
N GLY A 24 -9.78 1.93 -7.76
CA GLY A 24 -9.32 0.97 -6.77
C GLY A 24 -7.84 0.98 -6.42
N ARG A 25 -7.03 1.75 -7.14
CA ARG A 25 -5.58 1.80 -6.84
C ARG A 25 -5.34 2.55 -5.53
N GLN A 26 -4.28 2.21 -4.84
CA GLN A 26 -3.95 2.85 -3.56
C GLN A 26 -2.84 3.88 -3.77
N PHE A 27 -2.90 4.97 -3.04
CA PHE A 27 -1.88 6.02 -3.12
C PHE A 27 -1.72 6.71 -1.78
N TYR A 28 -0.53 7.25 -1.54
CA TYR A 28 -0.26 8.00 -0.33
C TYR A 28 -0.52 9.46 -0.66
N ALA A 29 -0.96 10.18 0.36
CA ALA A 29 -1.29 11.59 0.23
C ALA A 29 -0.80 12.25 1.52
N CYS A 30 -0.73 13.57 1.48
CA CYS A 30 -0.31 14.38 2.62
C CYS A 30 -1.51 14.74 3.46
N SER A 31 -1.33 14.74 4.76
CA SER A 31 -2.39 15.12 5.69
C SER A 31 -1.77 15.96 6.79
N LEU A 32 -0.77 16.74 6.41
CA LEU A 32 -0.10 17.61 7.37
C LEU A 32 -1.04 18.78 7.74
N PRO A 33 -0.78 19.45 8.87
CA PRO A 33 -1.67 20.51 9.35
C PRO A 33 -1.65 21.77 8.48
N ARG A 34 -2.67 22.60 8.63
CA ARG A 34 -2.83 23.83 7.84
C ARG A 34 -1.52 24.62 7.78
N GLY A 35 -1.11 24.95 6.56
CA GLY A 35 0.14 25.66 6.33
C GLY A 35 1.19 24.76 5.71
N ALA A 36 1.19 23.49 6.06
CA ALA A 36 2.14 22.54 5.48
C ALA A 36 1.36 21.45 4.76
N GLN A 37 1.73 21.14 3.53
CA GLN A 37 1.09 20.13 2.70
C GLN A 37 1.92 20.07 1.43
N CYS A 38 1.61 19.14 0.55
CA CYS A 38 2.30 19.03 -0.72
C CYS A 38 1.31 18.45 -1.71
N GLY A 39 1.44 18.81 -2.98
CA GLY A 39 0.52 18.33 -4.00
C GLY A 39 0.94 17.03 -4.65
N PHE A 40 1.95 16.38 -4.10
CA PHE A 40 2.41 15.11 -4.65
C PHE A 40 1.64 13.98 -4.01
N PHE A 41 1.39 12.94 -4.78
CA PHE A 41 0.71 11.75 -4.32
C PHE A 41 1.59 10.61 -4.78
N GLU A 42 1.67 9.55 -4.00
CA GLU A 42 2.56 8.44 -4.34
C GLU A 42 1.82 7.13 -4.46
N TRP A 43 1.92 6.49 -5.61
CA TRP A 43 1.23 5.22 -5.79
C TRP A 43 1.77 4.19 -4.80
N ALA A 44 0.88 3.62 -4.00
CA ALA A 44 1.28 2.66 -2.96
C ALA A 44 1.61 1.34 -3.62
N ASP A 45 1.10 1.16 -4.84
CA ASP A 45 1.33 -0.06 -5.61
C ASP A 45 2.83 -0.25 -5.89
N LEU A 46 3.58 0.84 -5.82
CA LEU A 46 5.02 0.80 -6.05
C LEU A 46 5.75 0.04 -4.95
N SER A 47 5.21 0.07 -3.73
CA SER A 47 5.85 -0.59 -2.59
C SER A 47 5.80 -2.09 -2.69
N PHE A 48 4.81 -2.60 -3.42
CA PHE A 48 4.65 -4.04 -3.51
C PHE A 48 5.72 -4.57 -4.44
N PRO A 49 6.54 -5.52 -3.99
CA PRO A 49 7.50 -6.03 -4.96
C PRO A 49 6.85 -7.07 -5.86
N PHE A 50 7.63 -7.67 -6.75
CA PHE A 50 7.17 -8.78 -7.54
C PHE A 50 7.07 -9.99 -6.60
N CYS A 51 6.36 -11.01 -7.03
CA CYS A 51 6.26 -12.26 -6.27
C CYS A 51 6.81 -13.35 -7.17
N LYS A 52 6.86 -14.58 -6.69
CA LYS A 52 7.44 -15.70 -7.46
C LYS A 52 6.78 -15.90 -8.83
N HIS A 53 5.53 -15.49 -8.98
CA HIS A 53 4.82 -15.63 -10.25
C HIS A 53 5.13 -14.50 -11.24
N GLY A 54 5.99 -13.57 -10.83
CA GLY A 54 6.32 -12.41 -11.66
C GLY A 54 5.32 -11.29 -11.48
N LYS A 55 4.11 -11.67 -11.07
CA LYS A 55 3.02 -10.74 -10.84
C LYS A 55 3.35 -9.87 -9.63
N ARG A 56 2.77 -8.67 -9.57
CA ARG A 56 3.00 -7.76 -8.46
C ARG A 56 2.26 -8.30 -7.23
N SER A 57 2.78 -8.00 -6.05
CA SER A 57 2.13 -8.38 -4.81
C SER A 57 1.06 -7.33 -4.48
N ILE A 58 0.28 -7.56 -3.44
CA ILE A 58 -0.74 -6.60 -2.99
C ILE A 58 -0.73 -6.51 -1.46
N MET A 59 -1.29 -5.44 -0.91
CA MET A 59 -1.36 -5.26 0.54
C MET A 59 -2.62 -5.87 1.15
N LYS A 60 -2.47 -6.49 2.32
CA LYS A 60 -3.60 -6.99 3.11
C LYS A 60 -3.27 -6.66 4.56
N THR A 61 -4.29 -6.66 5.40
CA THR A 61 -4.15 -6.28 6.81
C THR A 61 -4.34 -7.49 7.72
N VAL A 62 -3.64 -7.53 8.85
CA VAL A 62 -3.80 -8.61 9.82
C VAL A 62 -5.06 -8.35 10.63
N LEU A 63 -6.08 -9.15 10.37
CA LEU A 63 -7.35 -9.03 11.10
C LEU A 63 -7.39 -9.97 12.30
N LYS A 64 -6.46 -10.91 12.36
CA LYS A 64 -6.40 -11.85 13.48
C LYS A 64 -5.88 -11.12 14.72
N ILE A 65 -6.59 -11.25 15.83
CA ILE A 65 -6.19 -10.70 17.10
C ILE A 65 -4.82 -11.24 17.47
N GLY A 66 -4.02 -10.32 17.93
CA GLY A 66 -2.64 -10.59 18.32
C GLY A 66 -1.87 -9.30 18.29
N PRO A 67 -0.55 -9.29 18.61
CA PRO A 67 0.20 -8.04 18.62
C PRO A 67 0.48 -7.47 17.22
N ASN A 68 0.19 -8.26 16.20
CA ASN A 68 0.38 -7.82 14.82
C ASN A 68 -0.91 -7.31 14.21
N ASN A 69 -1.99 -7.27 14.99
CA ASN A 69 -3.30 -6.86 14.49
C ASN A 69 -3.24 -5.43 13.97
N GLY A 70 -3.89 -5.19 12.84
CA GLY A 70 -3.93 -3.87 12.25
C GLY A 70 -2.73 -3.56 11.37
N LYS A 71 -1.66 -4.33 11.50
CA LYS A 71 -0.47 -4.11 10.67
C LYS A 71 -0.72 -4.65 9.28
N ASN A 72 -0.02 -4.09 8.32
CA ASN A 72 -0.20 -4.46 6.91
C ASN A 72 0.96 -5.30 6.43
N PHE A 73 0.70 -6.12 5.44
CA PHE A 73 1.70 -6.98 4.84
C PHE A 73 1.42 -7.18 3.37
N PHE A 74 2.42 -7.64 2.62
CA PHE A 74 2.30 -7.89 1.20
C PHE A 74 2.23 -9.39 0.98
N VAL A 75 1.32 -9.78 0.09
CA VAL A 75 1.01 -11.17 -0.24
C VAL A 75 0.58 -11.22 -1.70
N CYS A 76 0.36 -12.42 -2.22
CA CYS A 76 0.04 -12.58 -3.64
C CYS A 76 -1.49 -12.46 -3.84
N PRO A 77 -1.93 -11.82 -4.94
CA PRO A 77 -3.36 -11.60 -5.18
C PRO A 77 -4.19 -12.80 -5.60
N LEU A 78 -3.54 -13.90 -5.95
CA LEU A 78 -4.23 -15.09 -6.41
C LEU A 78 -4.98 -15.78 -5.25
N GLU A 79 -5.83 -16.73 -5.61
CA GLU A 79 -6.58 -17.52 -4.63
C GLU A 79 -5.58 -18.31 -3.79
N LYS A 80 -5.97 -18.70 -2.58
CA LYS A 80 -5.07 -19.35 -1.62
C LYS A 80 -4.24 -20.48 -2.21
N GLU A 81 -4.91 -21.37 -2.92
CA GLU A 81 -4.30 -22.55 -3.53
C GLU A 81 -3.26 -22.21 -4.61
N LYS A 82 -3.31 -20.98 -5.11
CA LYS A 82 -2.42 -20.52 -6.18
C LYS A 82 -1.51 -19.39 -5.72
N GLN A 83 -1.46 -19.10 -4.44
CA GLN A 83 -0.56 -18.06 -3.94
C GLN A 83 0.82 -18.68 -3.75
N CYS A 84 1.84 -17.88 -4.01
CA CYS A 84 3.21 -18.31 -3.81
C CYS A 84 3.58 -18.10 -2.35
N ASN A 85 4.64 -18.75 -1.92
CA ASN A 85 5.14 -18.61 -0.55
C ASN A 85 5.92 -17.29 -0.46
N PHE A 86 5.17 -16.21 -0.45
CA PHE A 86 5.70 -14.87 -0.30
C PHE A 86 4.84 -14.10 0.69
N PHE A 87 5.49 -13.52 1.69
CA PHE A 87 4.83 -12.70 2.69
C PHE A 87 5.88 -11.68 3.12
N GLN A 88 5.52 -10.41 3.12
CA GLN A 88 6.46 -9.36 3.56
C GLN A 88 5.73 -8.35 4.42
N TRP A 89 6.27 -7.95 5.56
CA TRP A 89 5.63 -6.91 6.36
C TRP A 89 5.75 -5.59 5.60
N ALA A 90 4.70 -4.78 5.62
CA ALA A 90 4.73 -3.51 4.91
C ALA A 90 5.71 -2.59 5.63
N GLU A 91 6.49 -1.85 4.88
CA GLU A 91 7.51 -0.95 5.43
C GLU A 91 6.85 0.38 5.85
N ASN A 92 5.81 0.27 6.67
CA ASN A 92 5.07 1.43 7.15
C ASN A 92 5.00 1.46 8.67
N GLY A 93 4.92 0.29 9.30
CA GLY A 93 4.83 0.19 10.74
C GLY A 93 4.24 -1.14 11.11
N SER A 1 6.25 1.67 2.05
CA SER A 1 5.35 2.66 1.45
C SER A 1 6.15 3.82 0.92
N PRO A 2 5.68 4.45 -0.14
CA PRO A 2 6.45 5.58 -0.69
C PRO A 2 6.34 6.81 0.21
N LEU A 3 7.24 7.76 -0.01
CA LEU A 3 7.31 8.96 0.81
C LEU A 3 7.25 10.14 -0.14
N CYS A 4 6.58 11.21 0.25
CA CYS A 4 6.57 12.37 -0.64
C CYS A 4 7.96 12.99 -0.53
N LYS A 5 8.40 13.66 -1.58
CA LYS A 5 9.73 14.28 -1.56
C LYS A 5 9.83 15.49 -0.66
N MET A 6 8.71 16.15 -0.41
CA MET A 6 8.71 17.37 0.39
C MET A 6 9.02 17.14 1.87
N HIS A 7 8.41 16.12 2.46
CA HIS A 7 8.55 15.88 3.90
C HIS A 7 9.22 14.57 4.29
N HIS A 8 9.43 13.68 3.32
CA HIS A 8 10.05 12.35 3.54
C HIS A 8 9.34 11.56 4.65
N ARG A 9 8.02 11.73 4.74
CA ARG A 9 7.20 11.07 5.76
C ARG A 9 5.96 10.50 5.12
N ARG A 10 5.62 9.27 5.47
CA ARG A 10 4.38 8.66 5.01
C ARG A 10 3.33 9.27 5.89
N CYS A 11 2.24 9.61 5.27
CA CYS A 11 1.15 10.24 6.04
C CYS A 11 -0.22 9.57 6.02
N VAL A 12 -0.80 9.34 4.84
CA VAL A 12 -2.05 8.54 4.77
C VAL A 12 -2.12 7.78 3.47
N LEU A 13 -2.86 6.68 3.49
CA LEU A 13 -3.10 5.86 2.31
C LEU A 13 -4.57 6.02 1.97
N ARG A 14 -4.83 6.35 0.72
CA ARG A 14 -6.17 6.61 0.21
C ARG A 14 -6.37 5.76 -1.01
N VAL A 15 -7.56 5.77 -1.58
CA VAL A 15 -7.83 5.02 -2.81
C VAL A 15 -8.83 5.81 -3.65
N VAL A 16 -8.57 5.87 -4.95
CA VAL A 16 -9.41 6.63 -5.87
C VAL A 16 -10.76 5.95 -6.06
N ARG A 17 -11.84 6.71 -5.96
CA ARG A 17 -13.18 6.19 -6.20
C ARG A 17 -13.85 6.86 -7.40
N LYS A 18 -13.31 7.98 -7.85
CA LYS A 18 -13.84 8.66 -9.04
C LYS A 18 -13.37 7.89 -10.27
N ASP A 19 -14.01 8.11 -11.40
CA ASP A 19 -13.66 7.39 -12.63
C ASP A 19 -12.41 7.95 -13.33
N GLY A 20 -11.91 7.20 -14.29
CA GLY A 20 -10.73 7.60 -15.04
C GLY A 20 -9.66 6.52 -14.97
N GLU A 21 -8.48 6.80 -15.52
CA GLU A 21 -7.36 5.86 -15.54
C GLU A 21 -7.00 5.37 -14.13
N ASN A 22 -7.08 6.28 -13.17
CA ASN A 22 -6.66 5.98 -11.80
C ASN A 22 -7.74 5.31 -10.97
N LYS A 23 -8.88 4.99 -11.56
CA LYS A 23 -10.01 4.40 -10.81
C LYS A 23 -9.59 3.16 -10.04
N GLY A 24 -9.82 3.17 -8.73
CA GLY A 24 -9.50 2.02 -7.89
C GLY A 24 -8.06 1.94 -7.41
N ARG A 25 -7.16 2.77 -7.92
CA ARG A 25 -5.76 2.72 -7.49
C ARG A 25 -5.61 3.29 -6.09
N GLN A 26 -4.81 2.64 -5.27
CA GLN A 26 -4.50 3.18 -3.94
C GLN A 26 -3.36 4.18 -4.13
N PHE A 27 -3.38 5.25 -3.37
CA PHE A 27 -2.36 6.29 -3.48
C PHE A 27 -2.07 6.88 -2.10
N TYR A 28 -0.85 7.35 -1.90
CA TYR A 28 -0.46 7.94 -0.63
C TYR A 28 -0.60 9.44 -0.74
N ALA A 29 -0.98 10.08 0.36
CA ALA A 29 -1.17 11.52 0.39
C ALA A 29 -0.63 12.04 1.71
N CYS A 30 -0.44 13.36 1.73
CA CYS A 30 0.02 14.09 2.90
C CYS A 30 -1.16 14.39 3.80
N SER A 31 -0.94 14.32 5.10
CA SER A 31 -1.97 14.62 6.09
C SER A 31 -1.34 15.48 7.18
N LEU A 32 -0.45 16.36 6.75
CA LEU A 32 0.22 17.27 7.67
C LEU A 32 -0.77 18.36 8.10
N PRO A 33 -0.49 19.07 9.20
CA PRO A 33 -1.42 20.08 9.71
C PRO A 33 -1.52 21.30 8.81
N ARG A 34 -2.60 22.05 8.98
CA ARG A 34 -2.85 23.25 8.17
C ARG A 34 -1.62 24.15 8.13
N GLY A 35 -1.24 24.55 6.92
CA GLY A 35 -0.06 25.38 6.71
C GLY A 35 1.04 24.58 6.05
N ALA A 36 1.16 23.30 6.38
CA ALA A 36 2.17 22.44 5.77
C ALA A 36 1.46 21.28 5.06
N GLN A 37 1.85 21.02 3.82
CA GLN A 37 1.29 19.94 3.00
C GLN A 37 2.07 19.94 1.69
N CYS A 38 1.74 19.05 0.78
CA CYS A 38 2.39 19.01 -0.52
C CYS A 38 1.45 18.36 -1.52
N GLY A 39 1.50 18.80 -2.77
CA GLY A 39 0.66 18.22 -3.80
C GLY A 39 1.27 16.97 -4.40
N PHE A 40 2.34 16.49 -3.80
CA PHE A 40 3.03 15.30 -4.28
C PHE A 40 2.32 14.05 -3.79
N PHE A 41 1.42 13.53 -4.61
CA PHE A 41 0.70 12.29 -4.33
C PHE A 41 1.58 11.16 -4.83
N GLU A 42 1.52 10.03 -4.16
CA GLU A 42 2.36 8.88 -4.51
C GLU A 42 1.51 7.66 -4.81
N TRP A 43 2.04 6.72 -5.57
CA TRP A 43 1.27 5.51 -5.89
C TRP A 43 1.64 4.38 -4.94
N ALA A 44 0.64 3.77 -4.33
CA ALA A 44 0.88 2.76 -3.30
C ALA A 44 1.46 1.47 -3.86
N ASP A 45 1.14 1.15 -5.10
CA ASP A 45 1.59 -0.12 -5.70
C ASP A 45 3.10 -0.14 -5.89
N LEU A 46 3.73 1.03 -5.88
CA LEU A 46 5.20 1.11 -6.00
C LEU A 46 5.87 0.41 -4.83
N SER A 47 5.16 0.31 -3.72
CA SER A 47 5.69 -0.33 -2.52
C SER A 47 5.54 -1.85 -2.56
N PHE A 48 4.89 -2.37 -3.60
CA PHE A 48 4.71 -3.82 -3.68
C PHE A 48 5.68 -4.36 -4.72
N PRO A 49 6.63 -5.20 -4.29
CA PRO A 49 7.51 -5.74 -5.33
C PRO A 49 6.80 -6.85 -6.07
N PHE A 50 7.51 -7.48 -7.00
CA PHE A 50 6.98 -8.65 -7.67
C PHE A 50 6.87 -9.78 -6.64
N CYS A 51 5.90 -10.65 -6.81
CA CYS A 51 5.80 -11.83 -5.95
C CYS A 51 6.51 -12.92 -6.76
N LYS A 52 6.60 -14.12 -6.21
CA LYS A 52 7.33 -15.21 -6.86
C LYS A 52 6.74 -15.68 -8.20
N HIS A 53 5.55 -15.21 -8.55
CA HIS A 53 4.94 -15.53 -9.85
C HIS A 53 5.29 -14.45 -10.89
N GLY A 54 5.99 -13.41 -10.48
CA GLY A 54 6.30 -12.29 -11.36
C GLY A 54 5.21 -11.24 -11.30
N LYS A 55 4.03 -11.68 -10.91
CA LYS A 55 2.86 -10.81 -10.77
C LYS A 55 3.12 -9.86 -9.60
N ARG A 56 2.55 -8.67 -9.63
CA ARG A 56 2.73 -7.70 -8.55
C ARG A 56 2.11 -8.23 -7.26
N SER A 57 2.72 -7.92 -6.12
CA SER A 57 2.17 -8.28 -4.83
C SER A 57 1.09 -7.26 -4.48
N ILE A 58 0.29 -7.54 -3.45
CA ILE A 58 -0.74 -6.62 -2.98
C ILE A 58 -0.71 -6.53 -1.47
N MET A 59 -1.26 -5.46 -0.91
CA MET A 59 -1.31 -5.28 0.54
C MET A 59 -2.58 -5.90 1.13
N LYS A 60 -2.43 -6.55 2.28
CA LYS A 60 -3.56 -7.07 3.06
C LYS A 60 -3.24 -6.74 4.51
N THR A 61 -4.27 -6.72 5.35
CA THR A 61 -4.14 -6.35 6.75
C THR A 61 -4.34 -7.54 7.67
N VAL A 62 -3.64 -7.58 8.79
CA VAL A 62 -3.82 -8.65 9.76
C VAL A 62 -5.10 -8.37 10.55
N LEU A 63 -6.12 -9.15 10.29
CA LEU A 63 -7.40 -8.99 10.99
C LEU A 63 -7.44 -9.81 12.28
N LYS A 64 -6.55 -10.77 12.40
CA LYS A 64 -6.48 -11.60 13.60
C LYS A 64 -6.00 -10.76 14.78
N ILE A 65 -6.71 -10.87 15.88
CA ILE A 65 -6.34 -10.18 17.12
C ILE A 65 -5.01 -10.77 17.62
N GLY A 66 -4.07 -9.90 17.96
CA GLY A 66 -2.76 -10.32 18.42
C GLY A 66 -1.88 -9.08 18.41
N PRO A 67 -0.58 -9.19 18.74
CA PRO A 67 0.29 -8.00 18.75
C PRO A 67 0.61 -7.45 17.36
N ASN A 68 0.20 -8.21 16.34
CA ASN A 68 0.37 -7.81 14.95
C ASN A 68 -0.94 -7.38 14.30
N ASN A 69 -1.99 -7.23 15.09
CA ASN A 69 -3.29 -6.83 14.56
C ASN A 69 -3.22 -5.43 13.96
N GLY A 70 -3.91 -5.26 12.83
CA GLY A 70 -3.96 -3.96 12.17
C GLY A 70 -2.75 -3.66 11.31
N LYS A 71 -1.68 -4.41 11.49
CA LYS A 71 -0.46 -4.20 10.71
C LYS A 71 -0.67 -4.76 9.32
N ASN A 72 -0.05 -4.12 8.35
CA ASN A 72 -0.21 -4.50 6.95
C ASN A 72 0.96 -5.34 6.47
N PHE A 73 0.71 -6.16 5.47
CA PHE A 73 1.72 -7.02 4.88
C PHE A 73 1.43 -7.20 3.38
N PHE A 74 2.44 -7.60 2.64
CA PHE A 74 2.33 -7.83 1.20
C PHE A 74 2.27 -9.34 0.97
N VAL A 75 1.38 -9.73 0.07
CA VAL A 75 1.09 -11.13 -0.26
C VAL A 75 0.67 -11.22 -1.72
N CYS A 76 0.35 -12.42 -2.18
CA CYS A 76 -0.02 -12.63 -3.57
C CYS A 76 -1.53 -12.42 -3.77
N PRO A 77 -1.93 -11.84 -4.93
CA PRO A 77 -3.36 -11.60 -5.18
C PRO A 77 -4.18 -12.83 -5.56
N LEU A 78 -3.52 -13.95 -5.82
CA LEU A 78 -4.20 -15.18 -6.22
C LEU A 78 -4.92 -15.82 -5.03
N GLU A 79 -5.78 -16.79 -5.36
CA GLU A 79 -6.55 -17.54 -4.38
C GLU A 79 -5.61 -18.34 -3.49
N LYS A 80 -6.07 -18.74 -2.31
CA LYS A 80 -5.24 -19.49 -1.34
C LYS A 80 -4.47 -20.64 -1.97
N GLU A 81 -5.14 -21.40 -2.82
CA GLU A 81 -4.55 -22.57 -3.48
C GLU A 81 -3.45 -22.22 -4.49
N LYS A 82 -3.45 -20.99 -4.98
CA LYS A 82 -2.50 -20.57 -6.01
C LYS A 82 -1.57 -19.44 -5.57
N GLN A 83 -1.56 -19.09 -4.29
CA GLN A 83 -0.63 -18.06 -3.82
C GLN A 83 0.76 -18.66 -3.70
N CYS A 84 1.76 -17.84 -3.98
CA CYS A 84 3.14 -18.27 -3.83
C CYS A 84 3.51 -18.15 -2.37
N ASN A 85 4.61 -18.79 -1.99
CA ASN A 85 5.13 -18.70 -0.63
C ASN A 85 5.92 -17.39 -0.55
N PHE A 86 5.17 -16.31 -0.48
CA PHE A 86 5.68 -14.95 -0.38
C PHE A 86 4.83 -14.19 0.63
N PHE A 87 5.50 -13.60 1.61
CA PHE A 87 4.85 -12.79 2.62
C PHE A 87 5.91 -11.78 3.04
N GLN A 88 5.56 -10.51 3.07
CA GLN A 88 6.50 -9.45 3.47
C GLN A 88 5.78 -8.48 4.36
N TRP A 89 6.34 -8.04 5.47
CA TRP A 89 5.66 -7.02 6.28
C TRP A 89 5.73 -5.71 5.51
N ALA A 90 4.69 -4.89 5.61
CA ALA A 90 4.64 -3.66 4.84
C ALA A 90 5.81 -2.74 5.19
N GLU A 91 6.48 -2.28 4.17
CA GLU A 91 7.58 -1.35 4.31
C GLU A 91 7.01 -0.06 4.88
N ASN A 92 7.71 0.55 5.84
CA ASN A 92 7.27 1.81 6.44
C ASN A 92 5.77 1.79 6.80
N GLY A 93 5.36 0.71 7.47
CA GLY A 93 3.98 0.56 7.87
C GLY A 93 3.70 1.30 9.17
N SER A 1 5.04 2.79 5.46
CA SER A 1 4.34 3.29 4.24
C SER A 1 5.09 4.46 3.65
N PRO A 2 4.80 4.84 2.39
CA PRO A 2 5.52 6.02 1.91
C PRO A 2 5.11 7.29 2.65
N LEU A 3 5.86 8.36 2.46
CA LEU A 3 5.62 9.62 3.12
C LEU A 3 5.74 10.69 2.07
N CYS A 4 4.87 11.70 2.09
CA CYS A 4 5.02 12.76 1.11
C CYS A 4 6.24 13.57 1.53
N LYS A 5 6.88 14.19 0.55
CA LYS A 5 8.12 14.94 0.81
C LYS A 5 7.94 16.24 1.57
N MET A 6 6.75 16.79 1.56
CA MET A 6 6.50 18.08 2.20
C MET A 6 6.29 17.99 3.71
N HIS A 7 5.60 16.96 4.16
CA HIS A 7 5.25 16.86 5.58
C HIS A 7 5.87 15.67 6.32
N HIS A 8 6.48 14.76 5.58
CA HIS A 8 7.14 13.57 6.15
C HIS A 8 6.21 12.78 7.10
N ARG A 9 4.93 12.71 6.76
CA ARG A 9 3.95 11.98 7.57
C ARG A 9 2.93 11.28 6.68
N ARG A 10 2.47 10.11 7.11
CA ARG A 10 1.48 9.34 6.36
C ARG A 10 0.18 10.05 6.53
N CYS A 11 -0.58 10.21 5.47
CA CYS A 11 -1.88 10.88 5.62
C CYS A 11 -3.15 10.13 5.16
N VAL A 12 -3.26 9.73 3.88
CA VAL A 12 -4.38 8.86 3.46
C VAL A 12 -4.01 8.02 2.26
N LEU A 13 -4.77 6.96 2.03
CA LEU A 13 -4.59 6.08 0.89
C LEU A 13 -5.85 6.25 0.03
N ARG A 14 -5.68 6.44 -1.27
CA ARG A 14 -6.77 6.67 -2.22
C ARG A 14 -6.64 5.69 -3.39
N VAL A 15 -7.67 5.63 -4.24
CA VAL A 15 -7.67 4.78 -5.43
C VAL A 15 -8.14 5.63 -6.61
N VAL A 16 -7.47 5.53 -7.74
CA VAL A 16 -7.82 6.31 -8.93
C VAL A 16 -9.09 5.80 -9.61
N ARG A 17 -10.14 6.62 -9.63
CA ARG A 17 -11.40 6.28 -10.33
C ARG A 17 -11.44 6.86 -11.74
N LYS A 18 -10.85 8.04 -11.90
CA LYS A 18 -10.78 8.73 -13.21
C LYS A 18 -9.75 8.02 -14.07
N ASP A 19 -9.43 8.63 -15.21
CA ASP A 19 -8.32 8.21 -16.08
C ASP A 19 -8.50 6.81 -16.70
N GLY A 20 -7.50 6.39 -17.47
CA GLY A 20 -7.47 5.08 -18.09
C GLY A 20 -6.14 4.40 -17.84
N GLU A 21 -5.03 5.10 -18.06
CA GLU A 21 -3.69 4.51 -17.90
C GLU A 21 -3.35 4.15 -16.44
N ASN A 22 -3.62 5.05 -15.50
CA ASN A 22 -3.32 4.82 -14.09
C ASN A 22 -4.59 4.48 -13.32
N LYS A 23 -5.64 4.16 -14.06
CA LYS A 23 -6.94 3.83 -13.47
C LYS A 23 -6.81 2.63 -12.54
N GLY A 24 -7.49 2.68 -11.40
CA GLY A 24 -7.50 1.57 -10.47
C GLY A 24 -6.33 1.50 -9.51
N ARG A 25 -5.24 2.20 -9.79
CA ARG A 25 -4.06 2.16 -8.91
C ARG A 25 -4.33 2.81 -7.56
N GLN A 26 -3.68 2.26 -6.55
CA GLN A 26 -3.73 2.79 -5.20
C GLN A 26 -2.62 3.85 -5.09
N PHE A 27 -2.87 4.93 -4.37
CA PHE A 27 -1.85 5.95 -4.15
C PHE A 27 -2.07 6.63 -2.82
N TYR A 28 -1.01 7.11 -2.21
CA TYR A 28 -1.11 7.86 -0.96
C TYR A 28 -1.23 9.31 -1.33
N ALA A 29 -1.97 10.03 -0.50
CA ALA A 29 -2.24 11.43 -0.70
C ALA A 29 -2.25 12.10 0.67
N CYS A 30 -2.24 13.44 0.63
CA CYS A 30 -2.28 14.27 1.80
C CYS A 30 -3.71 14.59 2.20
N SER A 31 -3.99 14.61 3.49
CA SER A 31 -5.31 14.96 4.00
C SER A 31 -5.13 15.88 5.19
N LEU A 32 -4.14 16.74 5.09
CA LEU A 32 -3.86 17.70 6.17
C LEU A 32 -4.94 18.78 6.16
N PRO A 33 -5.08 19.53 7.27
CA PRO A 33 -6.14 20.55 7.38
C PRO A 33 -5.90 21.74 6.45
N ARG A 34 -6.95 22.53 6.21
CA ARG A 34 -6.86 23.67 5.30
C ARG A 34 -5.69 24.56 5.67
N GLY A 35 -4.92 24.93 4.66
CA GLY A 35 -3.73 25.73 4.85
C GLY A 35 -2.48 24.90 4.62
N ALA A 36 -2.51 23.64 5.02
CA ALA A 36 -1.38 22.73 4.80
C ALA A 36 -1.82 21.57 3.92
N GLN A 37 -1.04 21.26 2.88
CA GLN A 37 -1.32 20.19 1.95
C GLN A 37 -0.15 20.13 0.99
N CYS A 38 -0.12 19.15 0.12
CA CYS A 38 0.92 19.04 -0.89
C CYS A 38 0.32 18.31 -2.08
N GLY A 39 0.83 18.59 -3.27
CA GLY A 39 0.33 17.94 -4.48
C GLY A 39 1.08 16.68 -4.83
N PHE A 40 1.88 16.18 -3.90
CA PHE A 40 2.63 14.96 -4.13
C PHE A 40 1.74 13.77 -3.84
N PHE A 41 1.85 12.73 -4.65
CA PHE A 41 1.09 11.51 -4.46
C PHE A 41 2.08 10.38 -4.57
N GLU A 42 1.88 9.32 -3.80
CA GLU A 42 2.81 8.19 -3.83
C GLU A 42 2.11 6.91 -4.21
N TRP A 43 2.43 6.41 -5.38
CA TRP A 43 1.79 5.19 -5.88
C TRP A 43 2.10 4.03 -4.92
N ALA A 44 1.06 3.36 -4.44
CA ALA A 44 1.23 2.32 -3.44
C ALA A 44 1.84 1.06 -4.04
N ASP A 45 1.64 0.85 -5.33
CA ASP A 45 2.17 -0.33 -6.00
C ASP A 45 3.69 -0.27 -6.12
N LEU A 46 4.28 0.91 -5.90
CA LEU A 46 5.74 1.03 -5.87
C LEU A 46 6.28 0.30 -4.64
N SER A 47 5.46 0.25 -3.60
CA SER A 47 5.85 -0.38 -2.34
C SER A 47 5.67 -1.89 -2.39
N PHE A 48 4.95 -2.39 -3.39
CA PHE A 48 4.72 -3.82 -3.50
C PHE A 48 5.81 -4.39 -4.40
N PRO A 49 6.62 -5.34 -3.90
CA PRO A 49 7.59 -5.87 -4.85
C PRO A 49 6.93 -6.94 -5.72
N PHE A 50 7.73 -7.55 -6.57
CA PHE A 50 7.30 -8.70 -7.33
C PHE A 50 7.15 -9.86 -6.34
N CYS A 51 6.07 -10.61 -6.44
CA CYS A 51 5.92 -11.81 -5.63
C CYS A 51 6.66 -12.89 -6.41
N LYS A 52 6.72 -14.10 -5.88
CA LYS A 52 7.46 -15.19 -6.52
C LYS A 52 6.97 -15.59 -7.93
N HIS A 53 5.79 -15.14 -8.32
CA HIS A 53 5.27 -15.38 -9.68
C HIS A 53 5.70 -14.27 -10.64
N GLY A 54 6.45 -13.29 -10.15
CA GLY A 54 6.85 -12.14 -10.95
C GLY A 54 5.80 -11.06 -10.94
N LYS A 55 4.56 -11.48 -10.70
CA LYS A 55 3.41 -10.56 -10.65
C LYS A 55 3.55 -9.67 -9.43
N ARG A 56 3.03 -8.45 -9.50
CA ARG A 56 3.12 -7.51 -8.38
C ARG A 56 2.37 -8.08 -7.18
N SER A 57 2.85 -7.79 -5.98
CA SER A 57 2.17 -8.20 -4.75
C SER A 57 1.06 -7.19 -4.45
N ILE A 58 0.25 -7.49 -3.44
CA ILE A 58 -0.82 -6.59 -3.00
C ILE A 58 -0.78 -6.50 -1.48
N MET A 59 -1.40 -5.45 -0.94
CA MET A 59 -1.45 -5.26 0.51
C MET A 59 -2.70 -5.89 1.13
N LYS A 60 -2.54 -6.50 2.29
CA LYS A 60 -3.67 -6.99 3.10
C LYS A 60 -3.31 -6.71 4.55
N THR A 61 -4.31 -6.68 5.41
CA THR A 61 -4.13 -6.32 6.82
C THR A 61 -4.36 -7.50 7.76
N VAL A 62 -3.62 -7.54 8.87
CA VAL A 62 -3.79 -8.59 9.87
C VAL A 62 -5.02 -8.23 10.70
N LEU A 63 -5.99 -9.13 10.73
CA LEU A 63 -7.21 -8.94 11.53
C LEU A 63 -7.21 -9.79 12.79
N LYS A 64 -6.21 -10.65 12.90
CA LYS A 64 -6.09 -11.53 14.07
C LYS A 64 -5.47 -10.75 15.22
N ILE A 65 -6.18 -10.74 16.34
CA ILE A 65 -5.72 -10.05 17.55
C ILE A 65 -4.36 -10.61 17.97
N GLY A 66 -3.44 -9.71 18.27
CA GLY A 66 -2.09 -10.08 18.66
C GLY A 66 -1.23 -8.83 18.55
N PRO A 67 0.08 -8.89 18.78
CA PRO A 67 0.91 -7.67 18.70
C PRO A 67 1.07 -7.14 17.28
N ASN A 68 0.68 -7.92 16.28
CA ASN A 68 0.77 -7.50 14.89
C ASN A 68 -0.61 -7.19 14.31
N ASN A 69 -1.62 -7.09 15.15
CA ASN A 69 -2.97 -6.80 14.67
C ASN A 69 -3.01 -5.40 14.08
N GLY A 70 -3.71 -5.25 12.96
CA GLY A 70 -3.81 -3.97 12.30
C GLY A 70 -2.65 -3.63 11.40
N LYS A 71 -1.56 -4.39 11.49
CA LYS A 71 -0.40 -4.15 10.62
C LYS A 71 -0.70 -4.72 9.25
N ASN A 72 -0.07 -4.14 8.23
CA ASN A 72 -0.27 -4.59 6.87
C ASN A 72 0.85 -5.51 6.44
N PHE A 73 0.60 -6.30 5.41
CA PHE A 73 1.60 -7.18 4.82
C PHE A 73 1.37 -7.30 3.33
N PHE A 74 2.42 -7.71 2.61
CA PHE A 74 2.35 -7.94 1.17
C PHE A 74 2.20 -9.44 0.93
N VAL A 75 1.27 -9.77 0.06
CA VAL A 75 0.89 -11.15 -0.30
C VAL A 75 0.50 -11.18 -1.77
N CYS A 76 0.28 -12.37 -2.29
CA CYS A 76 0.02 -12.55 -3.72
C CYS A 76 -1.48 -12.38 -4.04
N PRO A 77 -1.82 -11.72 -5.17
CA PRO A 77 -3.22 -11.48 -5.51
C PRO A 77 -4.02 -12.67 -6.03
N LEU A 78 -3.35 -13.77 -6.32
CA LEU A 78 -4.04 -14.96 -6.83
C LEU A 78 -4.83 -15.62 -5.70
N GLU A 79 -5.77 -16.47 -6.07
CA GLU A 79 -6.61 -17.18 -5.10
C GLU A 79 -5.75 -18.12 -4.25
N LYS A 80 -6.26 -18.52 -3.10
CA LYS A 80 -5.48 -19.18 -2.04
C LYS A 80 -4.64 -20.39 -2.45
N GLU A 81 -5.18 -21.25 -3.29
CA GLU A 81 -4.47 -22.47 -3.71
C GLU A 81 -3.49 -22.19 -4.85
N LYS A 82 -3.49 -20.94 -5.32
CA LYS A 82 -2.62 -20.51 -6.41
C LYS A 82 -1.67 -19.40 -5.95
N GLN A 83 -1.65 -19.11 -4.66
CA GLN A 83 -0.75 -18.10 -4.13
C GLN A 83 0.64 -18.71 -3.98
N CYS A 84 1.64 -17.88 -4.13
CA CYS A 84 3.01 -18.32 -3.92
C CYS A 84 3.29 -18.25 -2.43
N ASN A 85 4.30 -18.97 -1.99
CA ASN A 85 4.76 -18.91 -0.61
C ASN A 85 5.62 -17.66 -0.50
N PHE A 86 4.94 -16.53 -0.45
CA PHE A 86 5.54 -15.22 -0.34
C PHE A 86 4.69 -14.37 0.58
N PHE A 87 5.30 -13.87 1.64
CA PHE A 87 4.65 -13.01 2.60
C PHE A 87 5.73 -12.05 3.06
N GLN A 88 5.44 -10.76 3.07
CA GLN A 88 6.41 -9.78 3.55
C GLN A 88 5.70 -8.74 4.40
N TRP A 89 6.26 -8.35 5.53
CA TRP A 89 5.61 -7.32 6.34
C TRP A 89 5.68 -5.98 5.64
N ALA A 90 4.55 -5.27 5.67
CA ALA A 90 4.46 -3.96 5.07
C ALA A 90 4.60 -2.97 6.20
N GLU A 91 4.93 -1.74 5.85
CA GLU A 91 4.99 -0.64 6.80
C GLU A 91 5.87 -0.95 8.02
N ASN A 92 6.95 -1.68 7.78
CA ASN A 92 7.94 -1.98 8.82
C ASN A 92 8.90 -0.78 8.88
N GLY A 93 8.30 0.39 9.00
CA GLY A 93 9.02 1.66 8.98
C GLY A 93 8.06 2.71 8.47
N SER A 1 6.16 1.79 3.26
CA SER A 1 5.19 2.67 2.57
C SER A 1 5.93 3.70 1.73
N PRO A 2 5.33 4.13 0.59
CA PRO A 2 5.99 5.12 -0.26
C PRO A 2 5.99 6.53 0.37
N LEU A 3 6.76 7.46 -0.20
CA LEU A 3 6.98 8.77 0.42
C LEU A 3 6.86 9.93 -0.56
N CYS A 4 6.22 11.02 -0.16
CA CYS A 4 6.18 12.16 -1.07
C CYS A 4 7.57 12.76 -1.10
N LYS A 5 7.92 13.40 -2.21
CA LYS A 5 9.23 14.02 -2.35
C LYS A 5 9.43 15.26 -1.50
N MET A 6 8.33 15.94 -1.19
CA MET A 6 8.40 17.20 -0.46
C MET A 6 8.85 17.05 0.99
N HIS A 7 8.31 16.06 1.69
CA HIS A 7 8.61 15.88 3.11
C HIS A 7 9.34 14.59 3.48
N HIS A 8 9.45 13.67 2.53
CA HIS A 8 10.07 12.34 2.76
C HIS A 8 9.39 11.62 3.94
N ARG A 9 8.07 11.76 4.02
CA ARG A 9 7.27 11.16 5.10
C ARG A 9 6.07 10.46 4.51
N ARG A 10 5.70 9.33 5.09
CA ARG A 10 4.50 8.60 4.71
C ARG A 10 3.45 9.16 5.65
N CYS A 11 2.31 9.55 5.13
CA CYS A 11 1.27 10.11 6.01
C CYS A 11 -0.10 9.46 6.02
N VAL A 12 -0.77 9.31 4.87
CA VAL A 12 -2.06 8.60 4.85
C VAL A 12 -2.22 7.89 3.53
N LEU A 13 -3.07 6.88 3.48
CA LEU A 13 -3.35 6.12 2.26
C LEU A 13 -4.82 6.30 1.89
N ARG A 14 -5.06 6.66 0.64
CA ARG A 14 -6.42 6.87 0.11
C ARG A 14 -6.55 6.04 -1.16
N VAL A 15 -7.76 5.94 -1.66
CA VAL A 15 -8.04 5.16 -2.88
C VAL A 15 -8.69 6.09 -3.90
N VAL A 16 -8.30 6.00 -5.16
CA VAL A 16 -8.85 6.86 -6.20
C VAL A 16 -10.28 6.43 -6.53
N ARG A 17 -11.23 7.34 -6.34
CA ARG A 17 -12.63 7.10 -6.71
C ARG A 17 -12.97 7.80 -8.02
N LYS A 18 -12.15 8.79 -8.38
CA LYS A 18 -12.29 9.49 -9.64
C LYS A 18 -12.10 8.51 -10.80
N ASP A 19 -12.94 8.60 -11.80
CA ASP A 19 -12.80 7.73 -12.97
C ASP A 19 -11.62 8.20 -13.84
N GLY A 20 -11.03 7.26 -14.55
CA GLY A 20 -9.84 7.53 -15.35
C GLY A 20 -8.95 6.31 -15.28
N GLU A 21 -7.76 6.39 -15.86
CA GLU A 21 -6.83 5.25 -15.87
C GLU A 21 -6.38 4.81 -14.46
N ASN A 22 -6.49 5.72 -13.50
CA ASN A 22 -6.04 5.46 -12.14
C ASN A 22 -7.17 5.04 -11.21
N LYS A 23 -8.36 4.83 -11.75
CA LYS A 23 -9.52 4.47 -10.94
C LYS A 23 -9.22 3.19 -10.16
N GLY A 24 -9.45 3.23 -8.85
CA GLY A 24 -9.23 2.05 -8.01
C GLY A 24 -7.83 1.93 -7.43
N ARG A 25 -6.85 2.63 -7.99
CA ARG A 25 -5.49 2.55 -7.45
C ARG A 25 -5.46 3.20 -6.07
N GLN A 26 -4.54 2.75 -5.25
CA GLN A 26 -4.36 3.33 -3.92
C GLN A 26 -3.17 4.26 -3.99
N PHE A 27 -3.25 5.37 -3.27
CA PHE A 27 -2.19 6.36 -3.27
C PHE A 27 -1.98 6.98 -1.91
N TYR A 28 -0.74 7.32 -1.61
CA TYR A 28 -0.39 7.93 -0.35
C TYR A 28 -0.47 9.43 -0.54
N ALA A 29 -0.96 10.10 0.49
CA ALA A 29 -1.13 11.53 0.48
C ALA A 29 -0.59 12.06 1.79
N CYS A 30 -0.42 13.37 1.81
CA CYS A 30 0.07 14.12 2.96
C CYS A 30 -1.07 14.41 3.94
N SER A 31 -0.75 14.33 5.22
CA SER A 31 -1.72 14.64 6.29
C SER A 31 -1.02 15.54 7.30
N LEU A 32 -0.19 16.44 6.78
CA LEU A 32 0.54 17.39 7.62
C LEU A 32 -0.42 18.50 8.07
N PRO A 33 -0.05 19.25 9.12
CA PRO A 33 -0.93 20.29 9.65
C PRO A 33 -1.09 21.49 8.73
N ARG A 34 -2.15 22.26 8.94
CA ARG A 34 -2.46 23.42 8.10
C ARG A 34 -1.22 24.31 7.94
N GLY A 35 -0.94 24.66 6.70
CA GLY A 35 0.22 25.46 6.36
C GLY A 35 1.29 24.64 5.66
N ALA A 36 1.42 23.36 6.03
CA ALA A 36 2.37 22.48 5.36
C ALA A 36 1.61 21.31 4.75
N GLN A 37 1.88 21.00 3.48
CA GLN A 37 1.27 19.90 2.75
C GLN A 37 1.92 19.85 1.39
N CYS A 38 1.51 18.90 0.56
CA CYS A 38 2.03 18.81 -0.80
C CYS A 38 1.01 18.11 -1.69
N GLY A 39 0.96 18.48 -2.96
CA GLY A 39 0.05 17.85 -3.90
C GLY A 39 0.67 16.62 -4.53
N PHE A 40 1.82 16.22 -4.02
CA PHE A 40 2.51 15.04 -4.53
C PHE A 40 1.87 13.81 -3.92
N PHE A 41 1.40 12.92 -4.77
CA PHE A 41 0.77 11.68 -4.33
C PHE A 41 1.65 10.54 -4.76
N GLU A 42 1.68 9.48 -3.97
CA GLU A 42 2.53 8.33 -4.27
C GLU A 42 1.71 7.10 -4.51
N TRP A 43 1.95 6.40 -5.60
CA TRP A 43 1.15 5.22 -5.88
C TRP A 43 1.58 4.09 -4.94
N ALA A 44 0.62 3.54 -4.21
CA ALA A 44 0.91 2.51 -3.21
C ALA A 44 1.45 1.25 -3.88
N ASP A 45 0.99 0.99 -5.09
CA ASP A 45 1.41 -0.19 -5.83
C ASP A 45 2.89 -0.19 -6.20
N LEU A 46 3.55 0.97 -6.15
CA LEU A 46 4.98 1.05 -6.42
C LEU A 46 5.78 0.38 -5.32
N SER A 47 5.28 0.45 -4.10
CA SER A 47 6.01 -0.05 -2.94
C SER A 47 5.94 -1.56 -2.77
N PHE A 48 4.99 -2.21 -3.43
CA PHE A 48 4.87 -3.65 -3.28
C PHE A 48 5.95 -4.31 -4.14
N PRO A 49 6.70 -5.26 -3.59
CA PRO A 49 7.66 -5.89 -4.50
C PRO A 49 6.95 -6.96 -5.33
N PHE A 50 7.70 -7.62 -6.16
CA PHE A 50 7.20 -8.78 -6.89
C PHE A 50 7.04 -9.95 -5.92
N CYS A 51 6.12 -10.85 -6.22
CA CYS A 51 5.97 -12.09 -5.47
C CYS A 51 6.71 -13.15 -6.28
N LYS A 52 6.77 -14.38 -5.79
CA LYS A 52 7.49 -15.44 -6.51
C LYS A 52 7.02 -15.70 -7.94
N HIS A 53 5.77 -15.36 -8.27
CA HIS A 53 5.26 -15.53 -9.64
C HIS A 53 5.72 -14.39 -10.56
N GLY A 54 6.48 -13.44 -10.03
CA GLY A 54 6.94 -12.28 -10.80
C GLY A 54 5.89 -11.18 -10.79
N LYS A 55 4.66 -11.55 -10.48
CA LYS A 55 3.54 -10.61 -10.44
C LYS A 55 3.70 -9.70 -9.22
N ARG A 56 3.23 -8.47 -9.36
CA ARG A 56 3.28 -7.49 -8.27
C ARG A 56 2.46 -8.02 -7.08
N SER A 57 2.96 -7.85 -5.87
CA SER A 57 2.26 -8.28 -4.66
C SER A 57 1.16 -7.26 -4.33
N ILE A 58 0.30 -7.60 -3.39
CA ILE A 58 -0.78 -6.71 -2.96
C ILE A 58 -0.82 -6.62 -1.43
N MET A 59 -1.38 -5.52 -0.93
CA MET A 59 -1.49 -5.28 0.51
C MET A 59 -2.74 -5.92 1.11
N LYS A 60 -2.59 -6.55 2.27
CA LYS A 60 -3.71 -7.05 3.08
C LYS A 60 -3.37 -6.75 4.52
N THR A 61 -4.38 -6.71 5.37
CA THR A 61 -4.21 -6.34 6.78
C THR A 61 -4.39 -7.52 7.74
N VAL A 62 -3.63 -7.52 8.83
CA VAL A 62 -3.76 -8.56 9.85
C VAL A 62 -4.97 -8.25 10.70
N LEU A 63 -5.95 -9.15 10.68
CA LEU A 63 -7.16 -9.01 11.51
C LEU A 63 -7.10 -9.96 12.70
N LYS A 64 -6.05 -10.77 12.74
CA LYS A 64 -5.85 -11.73 13.82
C LYS A 64 -5.22 -11.03 15.03
N ILE A 65 -5.95 -11.00 16.12
CA ILE A 65 -5.49 -10.43 17.37
C ILE A 65 -4.14 -10.98 17.76
N GLY A 66 -3.32 -10.04 18.16
CA GLY A 66 -1.95 -10.30 18.54
C GLY A 66 -1.19 -8.99 18.43
N PRO A 67 0.12 -8.95 18.66
CA PRO A 67 0.81 -7.65 18.55
C PRO A 67 0.92 -7.15 17.10
N ASN A 68 0.68 -8.03 16.14
CA ASN A 68 0.74 -7.67 14.73
C ASN A 68 -0.61 -7.20 14.20
N ASN A 69 -1.63 -7.20 15.05
CA ASN A 69 -2.98 -6.85 14.60
C ASN A 69 -3.04 -5.42 14.08
N GLY A 70 -3.79 -5.23 13.01
CA GLY A 70 -3.96 -3.91 12.41
C GLY A 70 -2.83 -3.50 11.47
N LYS A 71 -1.78 -4.30 11.38
CA LYS A 71 -0.64 -3.97 10.52
C LYS A 71 -0.83 -4.60 9.16
N ASN A 72 -0.26 -3.98 8.14
CA ASN A 72 -0.41 -4.48 6.79
C ASN A 72 0.79 -5.29 6.35
N PHE A 73 0.55 -6.16 5.38
CA PHE A 73 1.57 -7.05 4.86
C PHE A 73 1.32 -7.26 3.37
N PHE A 74 2.32 -7.75 2.66
CA PHE A 74 2.21 -7.96 1.22
C PHE A 74 2.16 -9.46 0.94
N VAL A 75 1.21 -9.84 0.11
CA VAL A 75 0.90 -11.23 -0.27
C VAL A 75 0.58 -11.28 -1.77
N CYS A 76 0.27 -12.44 -2.29
CA CYS A 76 0.07 -12.62 -3.72
C CYS A 76 -1.38 -12.32 -4.15
N PRO A 77 -1.58 -11.68 -5.33
CA PRO A 77 -2.93 -11.35 -5.80
C PRO A 77 -3.78 -12.52 -6.26
N LEU A 78 -3.19 -13.68 -6.44
CA LEU A 78 -3.95 -14.86 -6.87
C LEU A 78 -4.63 -15.43 -5.64
N GLU A 79 -5.68 -16.22 -5.84
CA GLU A 79 -6.41 -16.80 -4.71
C GLU A 79 -5.58 -17.88 -4.00
N LYS A 80 -6.08 -18.36 -2.87
CA LYS A 80 -5.36 -19.28 -1.98
C LYS A 80 -4.71 -20.48 -2.68
N GLU A 81 -5.46 -21.16 -3.53
CA GLU A 81 -4.94 -22.35 -4.20
C GLU A 81 -3.87 -22.03 -5.25
N LYS A 82 -3.73 -20.75 -5.59
CA LYS A 82 -2.76 -20.30 -6.60
C LYS A 82 -1.73 -19.33 -6.03
N GLN A 83 -1.70 -19.17 -4.71
CA GLN A 83 -0.72 -18.25 -4.11
C GLN A 83 0.65 -18.91 -4.03
N CYS A 84 1.65 -18.06 -3.96
CA CYS A 84 3.02 -18.51 -3.82
C CYS A 84 3.40 -18.39 -2.35
N ASN A 85 4.51 -19.01 -1.97
CA ASN A 85 5.04 -18.89 -0.62
C ASN A 85 5.81 -17.58 -0.57
N PHE A 86 5.05 -16.51 -0.49
CA PHE A 86 5.59 -15.16 -0.39
C PHE A 86 4.80 -14.35 0.62
N PHE A 87 5.51 -13.69 1.52
CA PHE A 87 4.90 -12.83 2.53
C PHE A 87 5.93 -11.76 2.85
N GLN A 88 5.51 -10.51 2.91
CA GLN A 88 6.41 -9.41 3.29
C GLN A 88 5.61 -8.52 4.23
N TRP A 89 6.25 -7.70 5.04
CA TRP A 89 5.54 -6.78 5.93
C TRP A 89 5.57 -5.39 5.34
N ALA A 90 4.51 -4.63 5.54
CA ALA A 90 4.50 -3.26 5.06
C ALA A 90 5.49 -2.48 5.93
N GLU A 91 6.35 -1.71 5.29
CA GLU A 91 7.36 -0.94 6.01
C GLU A 91 6.64 0.21 6.70
N ASN A 92 6.45 0.09 8.01
CA ASN A 92 5.73 1.09 8.81
C ASN A 92 4.33 1.31 8.21
N GLY A 93 3.57 0.23 8.15
CA GLY A 93 2.20 0.28 7.65
C GLY A 93 1.47 -0.92 8.22
N SER A 1 5.28 0.79 1.97
CA SER A 1 4.51 1.85 1.28
C SER A 1 5.26 3.17 1.34
N PRO A 2 5.13 4.01 0.30
CA PRO A 2 5.94 5.24 0.25
C PRO A 2 5.53 6.35 1.21
N LEU A 3 6.42 7.32 1.34
CA LEU A 3 6.25 8.48 2.21
C LEU A 3 6.44 9.70 1.35
N CYS A 4 5.56 10.70 1.44
CA CYS A 4 5.75 11.88 0.61
C CYS A 4 7.07 12.51 1.04
N LYS A 5 7.74 13.16 0.11
CA LYS A 5 9.08 13.70 0.35
C LYS A 5 9.12 14.89 1.29
N MET A 6 8.04 15.66 1.30
CA MET A 6 7.96 16.86 2.12
C MET A 6 7.86 16.56 3.61
N HIS A 7 7.08 15.54 3.98
CA HIS A 7 6.83 15.25 5.38
C HIS A 7 7.35 13.92 5.93
N HIS A 8 7.81 13.05 5.03
CA HIS A 8 8.33 11.72 5.41
C HIS A 8 7.36 10.93 6.30
N ARG A 9 6.06 11.03 6.00
CA ARG A 9 5.04 10.31 6.77
C ARG A 9 3.92 9.85 5.86
N ARG A 10 3.38 8.66 6.13
CA ARG A 10 2.25 8.12 5.35
C ARG A 10 1.08 8.93 5.86
N CYS A 11 0.49 9.74 5.01
CA CYS A 11 -0.60 10.61 5.49
C CYS A 11 -2.01 10.14 5.22
N VAL A 12 -2.39 9.89 3.96
CA VAL A 12 -3.66 9.20 3.68
C VAL A 12 -3.47 8.39 2.43
N LEU A 13 -4.27 7.36 2.26
CA LEU A 13 -4.16 6.46 1.13
C LEU A 13 -5.50 6.48 0.40
N ARG A 14 -5.46 6.85 -0.87
CA ARG A 14 -6.66 7.02 -1.69
C ARG A 14 -6.62 6.03 -2.85
N VAL A 15 -7.72 5.93 -3.59
CA VAL A 15 -7.81 5.02 -4.73
C VAL A 15 -8.35 5.78 -5.95
N VAL A 16 -7.70 5.63 -7.09
CA VAL A 16 -8.13 6.31 -8.33
C VAL A 16 -9.40 5.65 -8.85
N ARG A 17 -10.43 6.43 -9.13
CA ARG A 17 -11.70 5.88 -9.63
C ARG A 17 -11.83 5.92 -11.15
N LYS A 18 -11.36 6.98 -11.78
CA LYS A 18 -11.43 7.12 -13.24
C LYS A 18 -10.05 7.55 -13.70
N ASP A 19 -9.54 6.80 -14.68
CA ASP A 19 -8.25 7.03 -15.33
C ASP A 19 -8.25 5.87 -16.35
N GLY A 20 -7.08 5.51 -16.85
CA GLY A 20 -6.92 4.37 -17.73
C GLY A 20 -5.94 3.40 -17.09
N GLU A 21 -4.64 3.65 -17.25
CA GLU A 21 -3.61 2.75 -16.70
C GLU A 21 -3.51 2.78 -15.18
N ASN A 22 -3.77 3.93 -14.58
CA ASN A 22 -3.66 4.09 -13.13
C ASN A 22 -5.01 3.90 -12.46
N LYS A 23 -6.00 3.50 -13.22
CA LYS A 23 -7.35 3.30 -12.70
C LYS A 23 -7.34 2.19 -11.67
N GLY A 24 -7.92 2.46 -10.50
CA GLY A 24 -8.00 1.46 -9.45
C GLY A 24 -6.77 1.38 -8.57
N ARG A 25 -5.70 2.05 -8.93
CA ARG A 25 -4.47 1.98 -8.12
C ARG A 25 -4.60 2.80 -6.86
N GLN A 26 -3.89 2.36 -5.84
CA GLN A 26 -3.84 3.05 -4.57
C GLN A 26 -2.72 4.09 -4.65
N PHE A 27 -2.91 5.25 -4.05
CA PHE A 27 -1.87 6.27 -4.03
C PHE A 27 -1.96 7.06 -2.74
N TYR A 28 -0.82 7.52 -2.27
CA TYR A 28 -0.76 8.28 -1.04
C TYR A 28 -0.86 9.74 -1.37
N ALA A 29 -1.55 10.44 -0.49
CA ALA A 29 -1.79 11.86 -0.60
C ALA A 29 -1.60 12.41 0.82
N CYS A 30 -1.57 13.73 0.93
CA CYS A 30 -1.39 14.43 2.19
C CYS A 30 -2.72 14.93 2.72
N SER A 31 -2.89 14.84 4.03
CA SER A 31 -4.10 15.35 4.69
C SER A 31 -3.65 16.02 5.98
N LEU A 32 -2.53 16.70 5.90
CA LEU A 32 -1.99 17.41 7.05
C LEU A 32 -2.83 18.67 7.30
N PRO A 33 -2.73 19.27 8.51
CA PRO A 33 -3.56 20.43 8.84
C PRO A 33 -3.17 21.66 8.03
N ARG A 34 -4.11 22.59 7.90
CA ARG A 34 -3.90 23.79 7.08
C ARG A 34 -2.59 24.47 7.44
N GLY A 35 -1.84 24.83 6.40
CA GLY A 35 -0.51 25.40 6.57
C GLY A 35 0.55 24.40 6.14
N ALA A 36 0.32 23.11 6.40
CA ALA A 36 1.24 22.06 5.96
C ALA A 36 0.50 21.12 5.01
N GLN A 37 1.11 20.82 3.87
CA GLN A 37 0.54 19.93 2.86
C GLN A 37 1.57 19.80 1.77
N CYS A 38 1.34 18.88 0.83
CA CYS A 38 2.22 18.73 -0.31
C CYS A 38 1.38 18.10 -1.43
N GLY A 39 1.74 18.38 -2.67
CA GLY A 39 1.03 17.84 -3.82
C GLY A 39 1.70 16.59 -4.37
N PHE A 40 2.65 16.03 -3.64
CA PHE A 40 3.36 14.85 -4.10
C PHE A 40 2.54 13.60 -3.83
N PHE A 41 1.86 13.11 -4.86
CA PHE A 41 1.05 11.90 -4.76
C PHE A 41 1.95 10.72 -5.10
N GLU A 42 1.87 9.64 -4.33
CA GLU A 42 2.74 8.47 -4.59
C GLU A 42 2.02 7.14 -4.68
N TRP A 43 2.22 6.45 -5.80
CA TRP A 43 1.58 5.17 -6.03
C TRP A 43 2.04 4.14 -5.01
N ALA A 44 1.08 3.49 -4.35
CA ALA A 44 1.42 2.55 -3.29
C ALA A 44 1.98 1.25 -3.84
N ASP A 45 1.61 0.94 -5.08
CA ASP A 45 2.02 -0.31 -5.70
C ASP A 45 3.50 -0.33 -6.02
N LEU A 46 4.16 0.83 -5.98
CA LEU A 46 5.60 0.90 -6.22
C LEU A 46 6.35 0.11 -5.16
N SER A 47 5.82 0.12 -3.94
CA SER A 47 6.45 -0.57 -2.82
C SER A 47 6.09 -2.05 -2.74
N PHE A 48 5.14 -2.50 -3.55
CA PHE A 48 4.80 -3.92 -3.51
C PHE A 48 5.82 -4.61 -4.40
N PRO A 49 6.63 -5.50 -3.84
CA PRO A 49 7.61 -6.09 -4.75
C PRO A 49 6.96 -7.17 -5.61
N PHE A 50 7.75 -7.77 -6.47
CA PHE A 50 7.29 -8.90 -7.25
C PHE A 50 7.08 -10.08 -6.30
N CYS A 51 6.26 -11.03 -6.69
CA CYS A 51 6.09 -12.25 -5.93
C CYS A 51 6.70 -13.35 -6.79
N LYS A 52 6.71 -14.58 -6.30
CA LYS A 52 7.36 -15.68 -7.04
C LYS A 52 6.77 -15.92 -8.44
N HIS A 53 5.52 -15.51 -8.66
CA HIS A 53 4.87 -15.65 -9.96
C HIS A 53 5.27 -14.53 -10.94
N GLY A 54 6.07 -13.59 -10.48
CA GLY A 54 6.47 -12.45 -11.30
C GLY A 54 5.46 -11.31 -11.21
N LYS A 55 4.26 -11.65 -10.78
CA LYS A 55 3.19 -10.69 -10.62
C LYS A 55 3.49 -9.79 -9.42
N ARG A 56 2.99 -8.57 -9.43
CA ARG A 56 3.20 -7.64 -8.32
C ARG A 56 2.40 -8.15 -7.12
N SER A 57 2.88 -7.87 -5.91
CA SER A 57 2.16 -8.24 -4.69
C SER A 57 1.07 -7.21 -4.42
N ILE A 58 0.25 -7.46 -3.41
CA ILE A 58 -0.78 -6.52 -2.99
C ILE A 58 -0.77 -6.45 -1.46
N MET A 59 -1.34 -5.39 -0.91
CA MET A 59 -1.41 -5.22 0.54
C MET A 59 -2.68 -5.86 1.13
N LYS A 60 -2.53 -6.56 2.25
CA LYS A 60 -3.65 -7.10 3.03
C LYS A 60 -3.35 -6.75 4.47
N THR A 61 -4.31 -6.92 5.36
CA THR A 61 -4.17 -6.52 6.77
C THR A 61 -4.38 -7.69 7.74
N VAL A 62 -3.64 -7.69 8.85
CA VAL A 62 -3.80 -8.74 9.86
C VAL A 62 -5.01 -8.40 10.71
N LEU A 63 -6.08 -9.16 10.55
CA LEU A 63 -7.31 -8.93 11.31
C LEU A 63 -7.32 -9.76 12.61
N LYS A 64 -6.43 -10.73 12.70
CA LYS A 64 -6.38 -11.57 13.91
C LYS A 64 -5.84 -10.76 15.08
N ILE A 65 -6.50 -10.88 16.22
CA ILE A 65 -6.08 -10.18 17.43
C ILE A 65 -4.71 -10.72 17.86
N GLY A 66 -3.80 -9.82 18.22
CA GLY A 66 -2.46 -10.20 18.64
C GLY A 66 -1.59 -8.98 18.50
N PRO A 67 -0.27 -9.05 18.74
CA PRO A 67 0.56 -7.85 18.62
C PRO A 67 0.74 -7.37 17.18
N ASN A 68 0.37 -8.22 16.23
CA ASN A 68 0.45 -7.88 14.81
C ASN A 68 -0.89 -7.42 14.27
N ASN A 69 -1.88 -7.25 15.12
CA ASN A 69 -3.19 -6.81 14.67
C ASN A 69 -3.08 -5.41 14.06
N GLY A 70 -3.75 -5.21 12.93
CA GLY A 70 -3.73 -3.92 12.27
C GLY A 70 -2.51 -3.70 11.40
N LYS A 71 -1.50 -4.54 11.53
CA LYS A 71 -0.30 -4.41 10.70
C LYS A 71 -0.67 -4.87 9.30
N ASN A 72 -0.11 -4.19 8.30
CA ASN A 72 -0.36 -4.52 6.91
C ASN A 72 0.80 -5.36 6.41
N PHE A 73 0.56 -6.17 5.40
CA PHE A 73 1.59 -7.02 4.83
C PHE A 73 1.35 -7.20 3.33
N PHE A 74 2.39 -7.59 2.61
CA PHE A 74 2.31 -7.82 1.17
C PHE A 74 2.26 -9.32 0.93
N VAL A 75 1.35 -9.70 0.04
CA VAL A 75 1.00 -11.08 -0.27
C VAL A 75 0.53 -11.12 -1.72
N CYS A 76 0.30 -12.31 -2.24
CA CYS A 76 -0.02 -12.49 -3.65
C CYS A 76 -1.54 -12.34 -3.87
N PRO A 77 -1.93 -11.71 -5.01
CA PRO A 77 -3.37 -11.49 -5.28
C PRO A 77 -4.18 -12.70 -5.72
N LEU A 78 -3.51 -13.81 -6.00
CA LEU A 78 -4.22 -15.01 -6.42
C LEU A 78 -4.89 -15.66 -5.20
N GLU A 79 -5.82 -16.56 -5.46
CA GLU A 79 -6.51 -17.29 -4.41
C GLU A 79 -5.54 -18.09 -3.55
N LYS A 80 -5.96 -18.47 -2.34
CA LYS A 80 -5.12 -19.18 -1.37
C LYS A 80 -4.37 -20.37 -1.96
N GLU A 81 -5.09 -21.20 -2.71
CA GLU A 81 -4.51 -22.40 -3.32
C GLU A 81 -3.49 -22.09 -4.42
N LYS A 82 -3.51 -20.87 -4.92
CA LYS A 82 -2.63 -20.44 -6.01
C LYS A 82 -1.68 -19.33 -5.57
N GLN A 83 -1.63 -19.04 -4.27
CA GLN A 83 -0.69 -18.04 -3.78
C GLN A 83 0.68 -18.67 -3.72
N CYS A 84 1.71 -17.86 -3.91
CA CYS A 84 3.07 -18.32 -3.77
C CYS A 84 3.48 -18.19 -2.32
N ASN A 85 4.55 -18.87 -1.95
CA ASN A 85 5.12 -18.77 -0.61
C ASN A 85 5.96 -17.49 -0.59
N PHE A 86 5.26 -16.38 -0.53
CA PHE A 86 5.86 -15.06 -0.49
C PHE A 86 5.02 -14.17 0.43
N PHE A 87 5.69 -13.53 1.38
CA PHE A 87 5.03 -12.69 2.37
C PHE A 87 6.06 -11.64 2.79
N GLN A 88 5.65 -10.39 2.90
CA GLN A 88 6.55 -9.32 3.36
C GLN A 88 5.72 -8.41 4.28
N TRP A 89 6.32 -7.80 5.29
CA TRP A 89 5.56 -6.87 6.13
C TRP A 89 5.57 -5.52 5.45
N ALA A 90 4.46 -4.78 5.53
CA ALA A 90 4.37 -3.48 4.86
C ALA A 90 5.13 -2.42 5.66
N GLU A 91 6.35 -2.15 5.21
CA GLU A 91 7.23 -1.18 5.84
C GLU A 91 6.93 0.23 5.30
N ASN A 92 7.85 1.16 5.52
CA ASN A 92 7.69 2.55 5.08
C ASN A 92 8.55 2.92 3.87
N GLY A 93 8.95 1.91 3.11
CA GLY A 93 9.70 2.13 1.89
C GLY A 93 8.77 1.88 0.73
N SER A 1 5.86 2.66 4.51
CA SER A 1 5.06 3.22 3.40
C SER A 1 5.73 4.46 2.88
N PRO A 2 5.39 4.91 1.66
CA PRO A 2 6.05 6.13 1.21
C PRO A 2 5.64 7.34 2.05
N LEU A 3 6.47 8.36 2.05
CA LEU A 3 6.28 9.53 2.91
C LEU A 3 6.22 10.79 2.08
N CYS A 4 5.39 11.75 2.47
CA CYS A 4 5.40 12.99 1.72
C CYS A 4 6.64 13.75 2.17
N LYS A 5 7.17 14.55 1.27
CA LYS A 5 8.46 15.20 1.50
C LYS A 5 8.48 16.32 2.52
N MET A 6 7.39 17.07 2.62
CA MET A 6 7.35 18.22 3.52
C MET A 6 7.32 17.79 5.00
N HIS A 7 6.66 16.68 5.30
CA HIS A 7 6.48 16.27 6.70
C HIS A 7 7.15 14.97 7.12
N HIS A 8 7.68 14.21 6.17
CA HIS A 8 8.33 12.90 6.44
C HIS A 8 7.39 11.96 7.22
N ARG A 9 6.11 12.04 6.89
CA ARG A 9 5.09 11.23 7.55
C ARG A 9 4.15 10.67 6.50
N ARG A 10 3.73 9.44 6.73
CA ARG A 10 2.74 8.79 5.88
C ARG A 10 1.46 9.25 6.53
N CYS A 11 0.47 9.61 5.73
CA CYS A 11 -0.78 10.12 6.32
C CYS A 11 -2.08 9.42 5.96
N VAL A 12 -2.47 9.35 4.70
CA VAL A 12 -3.67 8.57 4.33
C VAL A 12 -3.45 7.92 2.99
N LEU A 13 -4.17 6.82 2.77
CA LEU A 13 -4.06 6.05 1.54
C LEU A 13 -5.40 6.16 0.80
N ARG A 14 -5.35 6.53 -0.46
CA ARG A 14 -6.55 6.74 -1.30
C ARG A 14 -6.40 5.91 -2.57
N VAL A 15 -7.44 5.88 -3.39
CA VAL A 15 -7.44 5.11 -4.64
C VAL A 15 -7.85 6.06 -5.78
N VAL A 16 -7.13 6.00 -6.90
CA VAL A 16 -7.43 6.85 -8.06
C VAL A 16 -8.75 6.43 -8.70
N ARG A 17 -9.63 7.39 -8.95
CA ARG A 17 -10.97 7.12 -9.54
C ARG A 17 -11.16 7.81 -10.89
N LYS A 18 -10.05 8.06 -11.57
CA LYS A 18 -10.04 8.73 -12.88
C LYS A 18 -8.95 8.04 -13.69
N ASP A 19 -8.62 8.61 -14.83
CA ASP A 19 -7.54 8.14 -15.70
C ASP A 19 -7.81 6.72 -16.24
N GLY A 20 -6.76 6.03 -16.67
CA GLY A 20 -6.90 4.69 -17.22
C GLY A 20 -5.73 3.83 -16.77
N GLU A 21 -4.51 4.27 -17.05
CA GLU A 21 -3.30 3.56 -16.65
C GLU A 21 -3.10 3.61 -15.13
N ASN A 22 -3.45 4.76 -14.56
CA ASN A 22 -3.31 4.95 -13.11
C ASN A 22 -4.61 4.69 -12.39
N LYS A 23 -5.63 4.28 -13.14
CA LYS A 23 -6.96 4.04 -12.58
C LYS A 23 -6.91 2.87 -11.62
N GLY A 24 -7.45 3.07 -10.42
CA GLY A 24 -7.48 2.02 -9.43
C GLY A 24 -6.21 1.88 -8.63
N ARG A 25 -5.14 2.58 -9.02
CA ARG A 25 -3.89 2.51 -8.26
C ARG A 25 -4.09 3.19 -6.92
N GLN A 26 -3.40 2.69 -5.92
CA GLN A 26 -3.46 3.27 -4.58
C GLN A 26 -2.39 4.35 -4.49
N PHE A 27 -2.67 5.43 -3.79
CA PHE A 27 -1.71 6.52 -3.61
C PHE A 27 -1.85 7.16 -2.24
N TYR A 28 -0.75 7.64 -1.69
CA TYR A 28 -0.73 8.27 -0.38
C TYR A 28 -0.89 9.77 -0.55
N ALA A 29 -1.58 10.37 0.40
CA ALA A 29 -1.87 11.80 0.40
C ALA A 29 -1.70 12.28 1.84
N CYS A 30 -1.62 13.61 2.00
CA CYS A 30 -1.46 14.26 3.27
C CYS A 30 -2.81 14.46 3.93
N SER A 31 -2.89 14.28 5.24
CA SER A 31 -4.12 14.51 5.99
C SER A 31 -3.75 15.22 7.27
N LEU A 32 -2.78 16.11 7.17
CA LEU A 32 -2.37 16.89 8.33
C LEU A 32 -3.45 17.92 8.67
N PRO A 33 -3.45 18.47 9.89
CA PRO A 33 -4.51 19.40 10.31
C PRO A 33 -4.45 20.74 9.61
N ARG A 34 -5.55 21.50 9.67
CA ARG A 34 -5.64 22.79 8.98
C ARG A 34 -4.43 23.66 9.27
N GLY A 35 -3.85 24.18 8.21
CA GLY A 35 -2.65 25.00 8.30
C GLY A 35 -1.44 24.27 7.76
N ALA A 36 -1.37 22.96 7.98
CA ALA A 36 -0.27 22.16 7.46
C ALA A 36 -0.83 21.10 6.51
N GLN A 37 -0.22 20.96 5.34
CA GLN A 37 -0.61 20.01 4.32
C GLN A 37 0.40 20.18 3.22
N CYS A 38 0.41 19.28 2.25
CA CYS A 38 1.32 19.38 1.14
C CYS A 38 0.64 18.79 -0.08
N GLY A 39 0.99 19.28 -1.27
CA GLY A 39 0.41 18.78 -2.50
C GLY A 39 1.18 17.61 -3.06
N PHE A 40 2.07 17.05 -2.26
CA PHE A 40 2.88 15.91 -2.69
C PHE A 40 2.09 14.62 -2.45
N PHE A 41 1.92 13.85 -3.51
CA PHE A 41 1.21 12.59 -3.47
C PHE A 41 2.23 11.52 -3.82
N GLU A 42 2.07 10.34 -3.24
CA GLU A 42 3.03 9.25 -3.49
C GLU A 42 2.32 8.01 -3.98
N TRP A 43 2.94 7.29 -4.89
CA TRP A 43 2.32 6.06 -5.39
C TRP A 43 2.54 4.98 -4.35
N ALA A 44 1.49 4.28 -3.97
CA ALA A 44 1.59 3.28 -2.92
C ALA A 44 2.09 1.95 -3.47
N ASP A 45 1.95 1.75 -4.77
CA ASP A 45 2.38 0.50 -5.38
C ASP A 45 3.90 0.43 -5.45
N LEU A 46 4.57 1.53 -5.13
CA LEU A 46 6.03 1.54 -5.06
C LEU A 46 6.48 0.56 -3.98
N SER A 47 5.65 0.38 -2.98
CA SER A 47 5.95 -0.53 -1.87
C SER A 47 5.60 -1.99 -2.19
N PHE A 48 5.03 -2.28 -3.37
CA PHE A 48 4.67 -3.66 -3.71
C PHE A 48 5.70 -4.28 -4.65
N PRO A 49 6.53 -5.20 -4.16
CA PRO A 49 7.48 -5.88 -5.03
C PRO A 49 6.81 -6.99 -5.85
N PHE A 50 7.59 -7.64 -6.68
CA PHE A 50 7.13 -8.78 -7.46
C PHE A 50 6.92 -10.00 -6.56
N CYS A 51 6.38 -11.07 -7.13
CA CYS A 51 6.27 -12.35 -6.45
C CYS A 51 6.71 -13.42 -7.43
N LYS A 52 6.84 -14.65 -6.95
CA LYS A 52 7.33 -15.78 -7.75
C LYS A 52 6.61 -16.04 -9.07
N HIS A 53 5.37 -15.60 -9.18
CA HIS A 53 4.56 -15.83 -10.39
C HIS A 53 4.82 -14.79 -11.49
N GLY A 54 5.71 -13.84 -11.24
CA GLY A 54 5.97 -12.80 -12.22
C GLY A 54 4.86 -11.77 -12.21
N LYS A 55 4.21 -11.65 -11.06
CA LYS A 55 3.10 -10.72 -10.88
C LYS A 55 3.41 -9.90 -9.65
N ARG A 56 2.81 -8.73 -9.51
CA ARG A 56 3.07 -7.88 -8.36
C ARG A 56 2.34 -8.45 -7.13
N SER A 57 2.85 -8.14 -5.95
CA SER A 57 2.20 -8.50 -4.70
C SER A 57 1.20 -7.39 -4.40
N ILE A 58 0.36 -7.60 -3.40
CA ILE A 58 -0.68 -6.63 -3.01
C ILE A 58 -0.71 -6.52 -1.48
N MET A 59 -1.30 -5.45 -0.98
CA MET A 59 -1.41 -5.22 0.46
C MET A 59 -2.67 -5.84 1.06
N LYS A 60 -2.54 -6.45 2.24
CA LYS A 60 -3.68 -6.94 3.02
C LYS A 60 -3.36 -6.61 4.47
N THR A 61 -4.35 -6.66 5.33
CA THR A 61 -4.18 -6.26 6.74
C THR A 61 -4.45 -7.42 7.71
N VAL A 62 -3.73 -7.46 8.82
CA VAL A 62 -3.93 -8.51 9.82
C VAL A 62 -5.15 -8.17 10.66
N LEU A 63 -6.14 -9.04 10.62
CA LEU A 63 -7.36 -8.87 11.43
C LEU A 63 -7.35 -9.80 12.64
N LYS A 64 -6.30 -10.62 12.71
CA LYS A 64 -6.12 -11.53 13.83
C LYS A 64 -5.56 -10.77 15.01
N ILE A 65 -6.32 -10.76 16.11
CA ILE A 65 -5.89 -10.10 17.33
C ILE A 65 -4.59 -10.74 17.79
N GLY A 66 -3.62 -9.90 18.11
CA GLY A 66 -2.30 -10.36 18.52
C GLY A 66 -1.36 -9.19 18.36
N PRO A 67 -0.03 -9.37 18.54
CA PRO A 67 0.89 -8.22 18.43
C PRO A 67 1.06 -7.66 17.01
N ASN A 68 0.50 -8.36 16.02
CA ASN A 68 0.57 -7.90 14.64
C ASN A 68 -0.77 -7.35 14.15
N ASN A 69 -1.76 -7.29 15.03
CA ASN A 69 -3.10 -6.86 14.62
C ASN A 69 -3.08 -5.44 14.07
N GLY A 70 -3.82 -5.24 12.98
CA GLY A 70 -3.92 -3.93 12.35
C GLY A 70 -2.77 -3.58 11.43
N LYS A 71 -1.69 -4.35 11.49
CA LYS A 71 -0.52 -4.09 10.65
C LYS A 71 -0.77 -4.66 9.26
N ASN A 72 -0.21 -4.01 8.25
CA ASN A 72 -0.38 -4.46 6.88
C ASN A 72 0.80 -5.32 6.44
N PHE A 73 0.56 -6.15 5.43
CA PHE A 73 1.56 -7.05 4.90
C PHE A 73 1.35 -7.24 3.41
N PHE A 74 2.36 -7.74 2.72
CA PHE A 74 2.32 -7.97 1.28
C PHE A 74 2.19 -9.46 1.00
N VAL A 75 1.25 -9.80 0.14
CA VAL A 75 0.88 -11.18 -0.22
C VAL A 75 0.51 -11.24 -1.69
N CYS A 76 0.30 -12.43 -2.20
CA CYS A 76 0.02 -12.62 -3.61
C CYS A 76 -1.49 -12.46 -3.85
N PRO A 77 -1.89 -11.85 -4.99
CA PRO A 77 -3.32 -11.62 -5.24
C PRO A 77 -4.15 -12.85 -5.62
N LEU A 78 -3.49 -13.97 -5.91
CA LEU A 78 -4.21 -15.21 -6.22
C LEU A 78 -4.77 -15.77 -4.92
N GLU A 79 -5.73 -16.69 -5.03
CA GLU A 79 -6.30 -17.31 -3.84
C GLU A 79 -5.27 -18.20 -3.14
N LYS A 80 -5.54 -18.55 -1.89
CA LYS A 80 -4.61 -19.28 -1.02
C LYS A 80 -3.98 -20.50 -1.67
N GLU A 81 -4.78 -21.29 -2.36
CA GLU A 81 -4.32 -22.51 -3.03
C GLU A 81 -3.29 -22.24 -4.13
N LYS A 82 -3.30 -21.03 -4.68
CA LYS A 82 -2.42 -20.63 -5.76
C LYS A 82 -1.42 -19.56 -5.36
N GLN A 83 -1.32 -19.24 -4.09
CA GLN A 83 -0.35 -18.22 -3.68
C GLN A 83 1.04 -18.82 -3.58
N CYS A 84 2.02 -18.01 -3.95
CA CYS A 84 3.41 -18.39 -3.82
C CYS A 84 3.81 -18.15 -2.38
N ASN A 85 4.94 -18.72 -1.96
CA ASN A 85 5.45 -18.55 -0.60
C ASN A 85 6.03 -17.15 -0.32
N PHE A 86 5.61 -16.17 -1.11
CA PHE A 86 6.11 -14.81 -0.98
C PHE A 86 5.21 -14.04 -0.03
N PHE A 87 5.77 -13.66 1.11
CA PHE A 87 5.06 -12.88 2.12
C PHE A 87 6.06 -11.86 2.63
N GLN A 88 5.62 -10.62 2.83
CA GLN A 88 6.48 -9.58 3.39
C GLN A 88 5.66 -8.68 4.28
N TRP A 89 6.31 -7.82 5.04
CA TRP A 89 5.60 -6.91 5.93
C TRP A 89 5.59 -5.50 5.36
N ALA A 90 4.47 -4.83 5.55
CA ALA A 90 4.26 -3.49 5.03
C ALA A 90 4.52 -2.47 6.13
N GLU A 91 4.48 -1.21 5.74
CA GLU A 91 4.62 -0.03 6.58
C GLU A 91 6.04 0.21 7.06
N ASN A 92 6.82 -0.86 7.21
CA ASN A 92 8.25 -0.76 7.46
C ASN A 92 8.88 -0.23 6.17
N GLY A 93 8.16 -0.47 5.07
CA GLY A 93 8.54 0.01 3.75
C GLY A 93 7.23 0.40 3.08
N SER A 1 5.19 2.17 3.09
CA SER A 1 4.17 2.75 2.17
C SER A 1 4.73 3.97 1.50
N PRO A 2 4.13 4.42 0.40
CA PRO A 2 4.72 5.59 -0.25
C PRO A 2 4.45 6.88 0.54
N LEU A 3 5.21 7.92 0.24
CA LEU A 3 5.14 9.18 0.99
C LEU A 3 5.17 10.37 0.06
N CYS A 4 4.35 11.39 0.31
CA CYS A 4 4.42 12.55 -0.56
C CYS A 4 5.72 13.27 -0.26
N LYS A 5 6.25 13.99 -1.25
CA LYS A 5 7.50 14.72 -1.09
C LYS A 5 7.38 15.92 -0.17
N MET A 6 6.17 16.45 -0.06
CA MET A 6 5.94 17.67 0.70
C MET A 6 6.02 17.49 2.22
N HIS A 7 5.37 16.46 2.74
CA HIS A 7 5.30 16.25 4.19
C HIS A 7 5.98 14.98 4.71
N HIS A 8 6.45 14.15 3.78
CA HIS A 8 7.12 12.87 4.11
C HIS A 8 6.33 12.02 5.11
N ARG A 9 5.01 12.05 5.02
CA ARG A 9 4.17 11.26 5.91
C ARG A 9 2.99 10.69 5.16
N ARG A 10 2.72 9.43 5.45
CA ARG A 10 1.60 8.73 4.84
C ARG A 10 0.40 9.22 5.59
N CYS A 11 -0.66 9.52 4.89
CA CYS A 11 -1.88 10.02 5.56
C CYS A 11 -3.17 9.25 5.32
N VAL A 12 -3.57 9.03 4.08
CA VAL A 12 -4.74 8.16 3.81
C VAL A 12 -4.50 7.41 2.52
N LEU A 13 -5.18 6.27 2.37
CA LEU A 13 -5.08 5.44 1.18
C LEU A 13 -6.47 5.35 0.55
N ARG A 14 -6.56 5.65 -0.74
CA ARG A 14 -7.82 5.66 -1.50
C ARG A 14 -7.60 4.83 -2.76
N VAL A 15 -8.65 4.65 -3.56
CA VAL A 15 -8.54 3.90 -4.82
C VAL A 15 -9.10 4.77 -5.94
N VAL A 16 -8.42 4.84 -7.06
CA VAL A 16 -8.88 5.66 -8.20
C VAL A 16 -10.18 5.06 -8.75
N ARG A 17 -11.21 5.89 -8.89
CA ARG A 17 -12.51 5.39 -9.34
C ARG A 17 -12.65 5.35 -10.87
N LYS A 18 -12.12 6.35 -11.56
CA LYS A 18 -12.12 6.34 -13.02
C LYS A 18 -10.87 7.04 -13.50
N ASP A 19 -10.37 6.60 -14.64
CA ASP A 19 -9.14 7.07 -15.27
C ASP A 19 -9.03 6.14 -16.49
N GLY A 20 -7.84 6.04 -17.05
CA GLY A 20 -7.54 5.13 -18.13
C GLY A 20 -6.71 4.00 -17.56
N GLU A 21 -5.40 4.19 -17.50
CA GLU A 21 -4.49 3.16 -16.97
C GLU A 21 -4.32 3.21 -15.45
N ASN A 22 -4.56 4.35 -14.82
CA ASN A 22 -4.39 4.46 -13.37
C ASN A 22 -5.68 4.06 -12.68
N LYS A 23 -6.64 3.63 -13.49
CA LYS A 23 -7.95 3.26 -12.99
C LYS A 23 -7.82 2.02 -12.11
N GLY A 24 -8.25 2.15 -10.86
CA GLY A 24 -8.15 1.05 -9.92
C GLY A 24 -6.86 1.02 -9.12
N ARG A 25 -5.89 1.89 -9.43
CA ARG A 25 -4.65 1.93 -8.64
C ARG A 25 -5.00 2.40 -7.24
N GLN A 26 -4.29 1.86 -6.26
CA GLN A 26 -4.45 2.30 -4.88
C GLN A 26 -3.51 3.51 -4.77
N PHE A 27 -3.95 4.59 -4.16
CA PHE A 27 -3.11 5.78 -4.05
C PHE A 27 -3.20 6.45 -2.70
N TYR A 28 -2.09 7.00 -2.26
CA TYR A 28 -2.01 7.70 -0.99
C TYR A 28 -2.25 9.16 -1.24
N ALA A 29 -2.97 9.79 -0.32
CA ALA A 29 -3.30 11.19 -0.39
C ALA A 29 -3.05 11.77 0.99
N CYS A 30 -2.98 13.09 1.02
CA CYS A 30 -2.77 13.85 2.24
C CYS A 30 -4.09 14.10 2.95
N SER A 31 -4.08 14.04 4.27
CA SER A 31 -5.28 14.29 5.08
C SER A 31 -4.91 15.23 6.21
N LEU A 32 -4.06 16.20 5.88
CA LEU A 32 -3.61 17.20 6.85
C LEU A 32 -4.72 18.24 7.02
N PRO A 33 -4.66 19.05 8.11
CA PRO A 33 -5.71 20.03 8.40
C PRO A 33 -5.71 21.18 7.40
N ARG A 34 -6.83 21.90 7.34
CA ARG A 34 -6.97 23.02 6.40
C ARG A 34 -5.79 23.97 6.52
N GLY A 35 -5.24 24.34 5.37
CA GLY A 35 -4.06 25.21 5.32
C GLY A 35 -2.86 24.42 4.88
N ALA A 36 -2.75 23.16 5.29
CA ALA A 36 -1.64 22.31 4.88
C ALA A 36 -2.17 21.09 4.12
N GLN A 37 -1.59 20.79 2.97
CA GLN A 37 -1.95 19.66 2.13
C GLN A 37 -1.01 19.67 0.94
N CYS A 38 -1.15 18.71 0.04
CA CYS A 38 -0.34 18.68 -1.17
C CYS A 38 -1.10 17.93 -2.26
N GLY A 39 -0.89 18.33 -3.51
CA GLY A 39 -1.51 17.63 -4.63
C GLY A 39 -0.67 16.46 -5.09
N PHE A 40 0.36 16.16 -4.33
CA PHE A 40 1.26 15.06 -4.66
C PHE A 40 0.66 13.75 -4.17
N PHE A 41 -0.04 13.07 -5.07
CA PHE A 41 -0.64 11.78 -4.78
C PHE A 41 0.43 10.73 -5.05
N GLU A 42 0.41 9.64 -4.30
CA GLU A 42 1.42 8.60 -4.44
C GLU A 42 0.81 7.26 -4.79
N TRP A 43 1.44 6.49 -5.64
CA TRP A 43 0.88 5.18 -6.00
C TRP A 43 1.32 4.14 -4.96
N ALA A 44 0.36 3.42 -4.39
CA ALA A 44 0.67 2.46 -3.33
C ALA A 44 1.37 1.24 -3.91
N ASP A 45 1.08 0.95 -5.17
CA ASP A 45 1.66 -0.19 -5.86
C ASP A 45 3.18 -0.08 -6.03
N LEU A 46 3.73 1.11 -5.82
CA LEU A 46 5.19 1.31 -5.86
C LEU A 46 5.86 0.58 -4.70
N SER A 47 5.09 0.33 -3.64
CA SER A 47 5.62 -0.31 -2.44
C SER A 47 5.45 -1.82 -2.45
N PHE A 48 4.89 -2.38 -3.52
CA PHE A 48 4.68 -3.83 -3.56
C PHE A 48 5.80 -4.49 -4.35
N PRO A 49 6.51 -5.46 -3.76
CA PRO A 49 7.53 -6.07 -4.58
C PRO A 49 6.93 -7.11 -5.52
N PHE A 50 7.77 -7.79 -6.27
CA PHE A 50 7.32 -8.91 -7.07
C PHE A 50 7.03 -10.07 -6.11
N CYS A 51 6.25 -11.04 -6.54
CA CYS A 51 6.04 -12.25 -5.77
C CYS A 51 6.67 -13.35 -6.60
N LYS A 52 6.67 -14.57 -6.10
CA LYS A 52 7.34 -15.69 -6.79
C LYS A 52 6.77 -16.04 -8.17
N HIS A 53 5.59 -15.52 -8.50
CA HIS A 53 5.00 -15.73 -9.83
C HIS A 53 5.45 -14.65 -10.82
N GLY A 54 6.23 -13.69 -10.35
CA GLY A 54 6.66 -12.56 -11.18
C GLY A 54 5.65 -11.43 -11.11
N LYS A 55 4.42 -11.80 -10.80
CA LYS A 55 3.32 -10.85 -10.65
C LYS A 55 3.62 -9.97 -9.44
N ARG A 56 3.06 -8.76 -9.41
CA ARG A 56 3.31 -7.86 -8.29
C ARG A 56 2.47 -8.30 -7.10
N SER A 57 2.91 -7.96 -5.90
CA SER A 57 2.21 -8.29 -4.67
C SER A 57 1.11 -7.26 -4.44
N ILE A 58 0.31 -7.46 -3.40
CA ILE A 58 -0.72 -6.51 -2.99
C ILE A 58 -0.71 -6.39 -1.47
N MET A 59 -1.23 -5.29 -0.95
CA MET A 59 -1.29 -5.07 0.50
C MET A 59 -2.57 -5.68 1.10
N LYS A 60 -2.43 -6.30 2.26
CA LYS A 60 -3.56 -6.79 3.06
C LYS A 60 -3.21 -6.46 4.50
N THR A 61 -4.16 -6.58 5.39
CA THR A 61 -3.97 -6.22 6.80
C THR A 61 -4.32 -7.40 7.71
N VAL A 62 -3.60 -7.54 8.82
CA VAL A 62 -3.86 -8.61 9.78
C VAL A 62 -5.07 -8.21 10.61
N LEU A 63 -6.11 -9.01 10.56
CA LEU A 63 -7.34 -8.75 11.32
C LEU A 63 -7.43 -9.64 12.56
N LYS A 64 -6.47 -10.55 12.69
CA LYS A 64 -6.43 -11.44 13.84
C LYS A 64 -5.87 -10.69 15.04
N ILE A 65 -6.64 -10.66 16.11
CA ILE A 65 -6.22 -10.00 17.34
C ILE A 65 -4.94 -10.65 17.85
N GLY A 66 -3.97 -9.83 18.22
CA GLY A 66 -2.68 -10.30 18.68
C GLY A 66 -1.73 -9.13 18.52
N PRO A 67 -0.42 -9.28 18.77
CA PRO A 67 0.47 -8.13 18.62
C PRO A 67 0.69 -7.70 17.16
N ASN A 68 0.26 -8.54 16.24
CA ASN A 68 0.38 -8.23 14.82
C ASN A 68 -0.89 -7.63 14.26
N ASN A 69 -1.91 -7.47 15.09
CA ASN A 69 -3.20 -6.95 14.61
C ASN A 69 -3.03 -5.54 14.07
N GLY A 70 -3.67 -5.27 12.94
CA GLY A 70 -3.59 -3.95 12.33
C GLY A 70 -2.38 -3.76 11.44
N LYS A 71 -1.38 -4.63 11.55
CA LYS A 71 -0.19 -4.51 10.72
C LYS A 71 -0.50 -4.91 9.31
N ASN A 72 0.11 -4.23 8.37
CA ASN A 72 -0.11 -4.48 6.96
C ASN A 72 0.97 -5.42 6.49
N PHE A 73 0.68 -6.18 5.46
CA PHE A 73 1.66 -7.08 4.87
C PHE A 73 1.40 -7.20 3.38
N PHE A 74 2.39 -7.66 2.64
CA PHE A 74 2.28 -7.86 1.21
C PHE A 74 2.21 -9.36 0.92
N VAL A 75 1.27 -9.73 0.07
CA VAL A 75 0.98 -11.13 -0.32
C VAL A 75 0.60 -11.18 -1.79
N CYS A 76 0.32 -12.37 -2.29
CA CYS A 76 0.00 -12.56 -3.71
C CYS A 76 -1.50 -12.35 -3.96
N PRO A 77 -1.86 -11.69 -5.09
CA PRO A 77 -3.27 -11.43 -5.39
C PRO A 77 -4.11 -12.62 -5.86
N LEU A 78 -3.46 -13.73 -6.17
CA LEU A 78 -4.18 -14.91 -6.65
C LEU A 78 -4.97 -15.57 -5.54
N GLU A 79 -5.86 -16.46 -5.94
CA GLU A 79 -6.72 -17.21 -5.03
C GLU A 79 -5.85 -18.04 -4.09
N LYS A 80 -6.37 -18.37 -2.91
CA LYS A 80 -5.59 -19.01 -1.84
C LYS A 80 -4.74 -20.21 -2.27
N GLU A 81 -5.34 -21.12 -3.02
CA GLU A 81 -4.67 -22.35 -3.44
C GLU A 81 -3.67 -22.10 -4.56
N LYS A 82 -3.74 -20.91 -5.13
CA LYS A 82 -2.88 -20.48 -6.22
C LYS A 82 -1.88 -19.42 -5.77
N GLN A 83 -1.83 -19.12 -4.49
CA GLN A 83 -0.89 -18.15 -3.97
C GLN A 83 0.48 -18.79 -3.84
N CYS A 84 1.51 -17.98 -4.00
CA CYS A 84 2.87 -18.45 -3.83
C CYS A 84 3.22 -18.34 -2.36
N ASN A 85 4.23 -19.08 -1.93
CA ASN A 85 4.73 -18.99 -0.57
C ASN A 85 5.64 -17.77 -0.53
N PHE A 86 5.00 -16.62 -0.49
CA PHE A 86 5.66 -15.32 -0.43
C PHE A 86 4.83 -14.40 0.46
N PHE A 87 5.48 -13.77 1.43
CA PHE A 87 4.81 -12.90 2.39
C PHE A 87 5.87 -11.91 2.86
N GLN A 88 5.51 -10.64 2.97
CA GLN A 88 6.44 -9.63 3.50
C GLN A 88 5.69 -8.66 4.41
N TRP A 89 6.25 -8.29 5.55
CA TRP A 89 5.60 -7.31 6.43
C TRP A 89 5.70 -5.92 5.82
N ALA A 90 4.72 -5.08 6.12
CA ALA A 90 4.68 -3.71 5.63
C ALA A 90 4.52 -2.75 6.82
N GLU A 91 4.67 -1.46 6.55
CA GLU A 91 4.59 -0.42 7.58
C GLU A 91 3.17 -0.08 8.05
N ASN A 92 3.14 0.79 9.06
CA ASN A 92 1.93 1.43 9.57
C ASN A 92 0.92 0.52 10.29
N GLY A 93 1.38 -0.11 11.35
CA GLY A 93 0.53 -0.92 12.20
C GLY A 93 1.40 -1.40 13.33
N SER A 1 5.90 3.54 3.63
CA SER A 1 5.02 3.75 2.46
C SER A 1 5.54 4.89 1.62
N PRO A 2 4.98 5.12 0.42
CA PRO A 2 5.55 6.27 -0.30
C PRO A 2 5.11 7.59 0.35
N LEU A 3 5.92 8.62 0.15
CA LEU A 3 5.71 9.91 0.78
C LEU A 3 5.68 10.96 -0.30
N CYS A 4 4.84 11.99 -0.16
CA CYS A 4 4.80 12.98 -1.21
C CYS A 4 6.05 13.81 -1.16
N LYS A 5 6.41 14.36 -2.31
CA LYS A 5 7.65 15.13 -2.45
C LYS A 5 7.63 16.48 -1.75
N MET A 6 6.46 17.00 -1.47
CA MET A 6 6.34 18.31 -0.85
C MET A 6 6.49 18.28 0.67
N HIS A 7 5.90 17.28 1.32
CA HIS A 7 5.89 17.24 2.80
C HIS A 7 6.63 16.07 3.45
N HIS A 8 7.00 15.06 2.66
CA HIS A 8 7.69 13.86 3.15
C HIS A 8 6.99 13.23 4.36
N ARG A 9 5.66 13.25 4.34
CA ARG A 9 4.87 12.63 5.39
C ARG A 9 3.65 12.01 4.73
N ARG A 10 3.35 10.77 5.09
CA ARG A 10 2.22 10.06 4.49
C ARG A 10 1.01 10.51 5.27
N CYS A 11 -0.09 10.71 4.57
CA CYS A 11 -1.29 11.21 5.23
C CYS A 11 -2.55 10.38 5.10
N VAL A 12 -2.99 10.06 3.89
CA VAL A 12 -4.15 9.18 3.73
C VAL A 12 -3.91 8.29 2.53
N LEU A 13 -4.54 7.13 2.54
CA LEU A 13 -4.39 6.14 1.47
C LEU A 13 -5.78 5.96 0.85
N ARG A 14 -5.88 6.05 -0.47
CA ARG A 14 -7.15 5.91 -1.18
C ARG A 14 -6.97 4.84 -2.25
N VAL A 15 -8.10 4.38 -2.78
CA VAL A 15 -8.12 3.35 -3.81
C VAL A 15 -8.92 3.91 -4.97
N VAL A 16 -8.37 3.81 -6.18
CA VAL A 16 -9.04 4.36 -7.37
C VAL A 16 -10.32 3.60 -7.69
N ARG A 17 -11.44 4.30 -7.66
CA ARG A 17 -12.74 3.70 -8.02
C ARG A 17 -13.03 3.87 -9.50
N LYS A 18 -12.49 4.93 -10.09
CA LYS A 18 -12.66 5.23 -11.49
C LYS A 18 -12.16 4.08 -12.36
N ASP A 19 -12.97 3.65 -13.31
CA ASP A 19 -12.56 2.59 -14.22
C ASP A 19 -11.53 3.10 -15.22
N GLY A 20 -10.62 2.22 -15.60
CA GLY A 20 -9.52 2.57 -16.48
C GLY A 20 -8.32 1.75 -16.07
N GLU A 21 -7.16 2.05 -16.61
CA GLU A 21 -5.93 1.32 -16.31
C GLU A 21 -5.58 1.37 -14.81
N ASN A 22 -5.96 2.47 -14.17
CA ASN A 22 -5.61 2.68 -12.77
C ASN A 22 -6.62 2.11 -11.77
N LYS A 23 -7.68 1.46 -12.27
CA LYS A 23 -8.74 0.95 -11.37
C LYS A 23 -8.21 0.00 -10.32
N GLY A 24 -8.60 0.23 -9.08
CA GLY A 24 -8.23 -0.65 -7.98
C GLY A 24 -6.86 -0.40 -7.37
N ARG A 25 -6.06 0.47 -7.99
CA ARG A 25 -4.73 0.77 -7.47
C ARG A 25 -4.80 1.62 -6.22
N GLN A 26 -3.78 1.49 -5.39
CA GLN A 26 -3.69 2.23 -4.14
C GLN A 26 -2.78 3.43 -4.30
N PHE A 27 -3.18 4.56 -3.74
CA PHE A 27 -2.35 5.75 -3.80
C PHE A 27 -2.50 6.58 -2.53
N TYR A 28 -1.45 7.29 -2.19
CA TYR A 28 -1.44 8.17 -1.04
C TYR A 28 -1.77 9.57 -1.50
N ALA A 29 -2.37 10.32 -0.59
CA ALA A 29 -2.75 11.69 -0.84
C ALA A 29 -2.53 12.44 0.47
N CYS A 30 -2.48 13.76 0.37
CA CYS A 30 -2.26 14.65 1.51
C CYS A 30 -3.58 14.98 2.19
N SER A 31 -3.56 15.06 3.51
CA SER A 31 -4.73 15.42 4.31
C SER A 31 -4.32 16.47 5.32
N LEU A 32 -3.47 17.38 4.89
CA LEU A 32 -2.99 18.47 5.74
C LEU A 32 -4.09 19.53 5.85
N PRO A 33 -4.00 20.43 6.84
CA PRO A 33 -5.04 21.45 7.04
C PRO A 33 -5.05 22.50 5.94
N ARG A 34 -6.17 23.20 5.81
CA ARG A 34 -6.31 24.21 4.75
C ARG A 34 -5.14 25.17 4.77
N GLY A 35 -4.61 25.43 3.58
CA GLY A 35 -3.44 26.28 3.43
C GLY A 35 -2.23 25.45 3.06
N ALA A 36 -2.12 24.24 3.60
CA ALA A 36 -1.01 23.35 3.26
C ALA A 36 -1.59 22.07 2.63
N GLN A 37 -1.04 21.65 1.51
CA GLN A 37 -1.47 20.47 0.77
C GLN A 37 -0.54 20.36 -0.42
N CYS A 38 -0.71 19.32 -1.22
CA CYS A 38 0.07 19.15 -2.42
C CYS A 38 -0.82 18.41 -3.40
N GLY A 39 -0.65 18.65 -4.69
CA GLY A 39 -1.47 18.00 -5.70
C GLY A 39 -0.86 16.69 -6.17
N PHE A 40 0.20 16.26 -5.49
CA PHE A 40 0.86 15.02 -5.83
C PHE A 40 0.14 13.85 -5.18
N PHE A 41 0.15 12.72 -5.89
CA PHE A 41 -0.43 11.49 -5.39
C PHE A 41 0.65 10.44 -5.55
N GLU A 42 0.78 9.57 -4.58
CA GLU A 42 1.88 8.60 -4.58
C GLU A 42 1.37 7.16 -4.59
N TRP A 43 1.58 6.46 -5.70
CA TRP A 43 1.10 5.08 -5.83
C TRP A 43 1.77 4.14 -4.83
N ALA A 44 0.95 3.50 -4.00
CA ALA A 44 1.44 2.59 -2.97
C ALA A 44 1.85 1.27 -3.62
N ASP A 45 1.31 1.01 -4.81
CA ASP A 45 1.60 -0.23 -5.53
C ASP A 45 3.08 -0.34 -5.91
N LEU A 46 3.75 0.81 -5.94
CA LEU A 46 5.17 0.85 -6.27
C LEU A 46 5.99 0.22 -5.15
N SER A 47 5.48 0.30 -3.93
CA SER A 47 6.18 -0.24 -2.77
C SER A 47 6.04 -1.77 -2.68
N PHE A 48 5.05 -2.32 -3.38
CA PHE A 48 4.88 -3.78 -3.34
C PHE A 48 5.92 -4.38 -4.26
N PRO A 49 6.69 -5.37 -3.79
CA PRO A 49 7.62 -5.95 -4.76
C PRO A 49 6.90 -6.97 -5.63
N PHE A 50 7.64 -7.58 -6.53
CA PHE A 50 7.15 -8.70 -7.30
C PHE A 50 7.02 -9.91 -6.36
N CYS A 51 6.12 -10.82 -6.67
CA CYS A 51 6.01 -12.07 -5.92
C CYS A 51 6.64 -13.12 -6.83
N LYS A 52 6.67 -14.38 -6.41
CA LYS A 52 7.34 -15.44 -7.19
C LYS A 52 6.78 -15.61 -8.61
N HIS A 53 5.54 -15.23 -8.82
CA HIS A 53 4.91 -15.33 -10.15
C HIS A 53 5.28 -14.17 -11.07
N GLY A 54 6.04 -13.21 -10.56
CA GLY A 54 6.40 -12.02 -11.34
C GLY A 54 5.35 -10.94 -11.18
N LYS A 55 4.13 -11.39 -10.86
CA LYS A 55 3.01 -10.48 -10.63
C LYS A 55 3.32 -9.64 -9.40
N ARG A 56 2.80 -8.43 -9.35
CA ARG A 56 3.03 -7.56 -8.19
C ARG A 56 2.34 -8.15 -6.97
N SER A 57 2.91 -7.91 -5.80
CA SER A 57 2.28 -8.32 -4.54
C SER A 57 1.22 -7.28 -4.24
N ILE A 58 0.35 -7.56 -3.28
CA ILE A 58 -0.68 -6.61 -2.85
C ILE A 58 -0.71 -6.51 -1.33
N MET A 59 -1.21 -5.39 -0.84
CA MET A 59 -1.30 -5.15 0.61
C MET A 59 -2.59 -5.70 1.21
N LYS A 60 -2.46 -6.34 2.37
CA LYS A 60 -3.62 -6.79 3.16
C LYS A 60 -3.28 -6.48 4.60
N THR A 61 -4.30 -6.42 5.44
CA THR A 61 -4.13 -6.06 6.85
C THR A 61 -4.39 -7.27 7.74
N VAL A 62 -3.65 -7.39 8.84
CA VAL A 62 -3.88 -8.51 9.77
C VAL A 62 -5.11 -8.18 10.60
N LEU A 63 -6.19 -8.89 10.33
CA LEU A 63 -7.44 -8.70 11.07
C LEU A 63 -7.53 -9.64 12.27
N LYS A 64 -6.70 -10.67 12.27
CA LYS A 64 -6.69 -11.63 13.40
C LYS A 64 -6.11 -10.95 14.62
N ILE A 65 -6.79 -11.10 15.75
CA ILE A 65 -6.32 -10.56 17.01
C ILE A 65 -4.98 -11.24 17.35
N GLY A 66 -4.00 -10.43 17.74
CA GLY A 66 -2.68 -10.93 18.06
C GLY A 66 -1.75 -9.73 18.11
N PRO A 67 -0.44 -9.91 18.38
CA PRO A 67 0.45 -8.73 18.47
C PRO A 67 0.73 -8.04 17.14
N ASN A 68 0.34 -8.65 16.03
CA ASN A 68 0.53 -8.07 14.70
C ASN A 68 -0.78 -7.51 14.15
N ASN A 69 -1.81 -7.42 14.98
CA ASN A 69 -3.11 -6.93 14.51
C ASN A 69 -2.98 -5.50 14.01
N GLY A 70 -3.66 -5.20 12.91
CA GLY A 70 -3.64 -3.87 12.34
C GLY A 70 -2.45 -3.59 11.43
N LYS A 71 -1.41 -4.39 11.52
CA LYS A 71 -0.24 -4.21 10.67
C LYS A 71 -0.58 -4.66 9.26
N ASN A 72 0.01 -3.99 8.29
CA ASN A 72 -0.20 -4.35 6.89
C ASN A 72 0.95 -5.25 6.44
N PHE A 73 0.66 -6.11 5.48
CA PHE A 73 1.62 -7.05 4.96
C PHE A 73 1.37 -7.26 3.47
N PHE A 74 2.35 -7.82 2.77
CA PHE A 74 2.27 -8.05 1.33
C PHE A 74 2.20 -9.54 1.01
N VAL A 75 1.26 -9.88 0.13
CA VAL A 75 0.89 -11.27 -0.23
C VAL A 75 0.55 -11.30 -1.71
N CYS A 76 0.30 -12.48 -2.24
CA CYS A 76 0.04 -12.63 -3.66
C CYS A 76 -1.47 -12.44 -3.94
N PRO A 77 -1.83 -11.79 -5.06
CA PRO A 77 -3.25 -11.52 -5.37
C PRO A 77 -4.08 -12.70 -5.86
N LEU A 78 -3.43 -13.81 -6.15
CA LEU A 78 -4.15 -14.98 -6.68
C LEU A 78 -4.96 -15.69 -5.59
N GLU A 79 -5.78 -16.64 -6.04
CA GLU A 79 -6.63 -17.45 -5.18
C GLU A 79 -5.76 -18.26 -4.22
N LYS A 80 -6.33 -18.69 -3.10
CA LYS A 80 -5.57 -19.42 -2.06
C LYS A 80 -4.73 -20.57 -2.63
N GLU A 81 -5.32 -21.36 -3.51
CA GLU A 81 -4.66 -22.52 -4.09
C GLU A 81 -3.59 -22.16 -5.13
N LYS A 82 -3.52 -20.89 -5.51
CA LYS A 82 -2.57 -20.43 -6.54
C LYS A 82 -1.57 -19.42 -6.01
N GLN A 83 -1.62 -19.09 -4.73
CA GLN A 83 -0.66 -18.12 -4.19
C GLN A 83 0.69 -18.78 -4.00
N CYS A 84 1.73 -18.00 -4.23
CA CYS A 84 3.09 -18.46 -4.03
C CYS A 84 3.42 -18.37 -2.56
N ASN A 85 4.46 -19.07 -2.13
CA ASN A 85 4.95 -18.98 -0.77
C ASN A 85 5.82 -17.72 -0.70
N PHE A 86 5.14 -16.59 -0.67
CA PHE A 86 5.77 -15.29 -0.60
C PHE A 86 4.95 -14.41 0.32
N PHE A 87 5.59 -13.90 1.36
CA PHE A 87 4.93 -13.06 2.34
C PHE A 87 5.96 -12.02 2.77
N GLN A 88 5.54 -10.78 2.91
CA GLN A 88 6.42 -9.71 3.39
C GLN A 88 5.60 -8.79 4.28
N TRP A 89 6.25 -7.89 4.99
CA TRP A 89 5.56 -6.97 5.87
C TRP A 89 5.70 -5.54 5.37
N ALA A 90 4.70 -4.72 5.63
CA ALA A 90 4.80 -3.30 5.33
C ALA A 90 5.48 -2.71 6.55
N GLU A 91 6.19 -1.60 6.38
CA GLU A 91 6.86 -0.96 7.49
C GLU A 91 5.84 -0.08 8.25
N ASN A 92 4.68 0.09 7.62
CA ASN A 92 3.55 0.89 8.14
C ASN A 92 3.94 2.36 8.29
N GLY A 93 4.90 2.76 7.48
CA GLY A 93 5.39 4.13 7.45
C GLY A 93 4.70 4.87 6.34
N SER A 1 4.97 2.80 5.08
CA SER A 1 4.30 3.10 3.81
C SER A 1 5.02 4.20 3.10
N PRO A 2 4.73 4.45 1.80
CA PRO A 2 5.44 5.58 1.22
C PRO A 2 5.04 6.89 1.91
N LEU A 3 5.93 7.87 1.84
CA LEU A 3 5.77 9.12 2.57
C LEU A 3 5.76 10.28 1.60
N CYS A 4 5.05 11.35 1.93
CA CYS A 4 5.07 12.51 1.06
C CYS A 4 6.35 13.28 1.37
N LYS A 5 6.84 14.03 0.39
CA LYS A 5 8.08 14.79 0.55
C LYS A 5 7.97 15.97 1.50
N MET A 6 6.75 16.43 1.74
CA MET A 6 6.54 17.63 2.55
C MET A 6 6.56 17.38 4.05
N HIS A 7 5.90 16.32 4.49
CA HIS A 7 5.75 16.06 5.93
C HIS A 7 6.43 14.79 6.43
N HIS A 8 6.97 13.99 5.51
CA HIS A 8 7.65 12.73 5.83
C HIS A 8 6.82 11.82 6.76
N ARG A 9 5.51 11.83 6.56
CA ARG A 9 4.61 10.99 7.36
C ARG A 9 3.56 10.41 6.44
N ARG A 10 3.21 9.17 6.71
CA ARG A 10 2.22 8.45 5.93
C ARG A 10 0.91 8.84 6.54
N CYS A 11 -0.07 9.18 5.72
CA CYS A 11 -1.35 9.67 6.26
C CYS A 11 -2.64 8.95 5.88
N VAL A 12 -2.96 8.79 4.60
CA VAL A 12 -4.13 7.96 4.23
C VAL A 12 -3.89 7.24 2.94
N LEU A 13 -4.58 6.14 2.76
CA LEU A 13 -4.49 5.31 1.57
C LEU A 13 -5.87 5.25 0.92
N ARG A 14 -5.92 5.51 -0.37
CA ARG A 14 -7.17 5.50 -1.14
C ARG A 14 -6.92 4.61 -2.34
N VAL A 15 -7.92 4.38 -3.17
CA VAL A 15 -7.77 3.56 -4.38
C VAL A 15 -8.60 4.18 -5.50
N VAL A 16 -8.05 4.22 -6.69
CA VAL A 16 -8.68 4.86 -7.85
C VAL A 16 -9.84 4.02 -8.40
N ARG A 17 -11.00 4.64 -8.55
CA ARG A 17 -12.16 3.98 -9.15
C ARG A 17 -12.25 4.27 -10.65
N LYS A 18 -11.83 5.47 -11.04
CA LYS A 18 -11.88 5.91 -12.43
C LYS A 18 -11.06 5.02 -13.34
N ASP A 19 -11.64 4.72 -14.49
CA ASP A 19 -11.00 3.93 -15.53
C ASP A 19 -9.78 4.64 -16.12
N GLY A 20 -8.78 3.84 -16.45
CA GLY A 20 -7.53 4.34 -16.99
C GLY A 20 -6.51 3.31 -16.54
N GLU A 21 -5.23 3.51 -16.81
CA GLU A 21 -4.21 2.53 -16.39
C GLU A 21 -4.09 2.51 -14.87
N ASN A 22 -4.59 3.56 -14.23
CA ASN A 22 -4.51 3.70 -12.79
C ASN A 22 -5.69 3.07 -12.06
N LYS A 23 -6.65 2.52 -12.79
CA LYS A 23 -7.85 1.96 -12.17
C LYS A 23 -7.45 0.82 -11.23
N GLY A 24 -7.95 0.88 -10.00
CA GLY A 24 -7.66 -0.15 -9.02
C GLY A 24 -6.36 0.04 -8.28
N ARG A 25 -5.52 0.97 -8.70
CA ARG A 25 -4.26 1.23 -8.00
C ARG A 25 -4.54 1.96 -6.71
N GLN A 26 -3.87 1.54 -5.65
CA GLN A 26 -3.99 2.18 -4.36
C GLN A 26 -2.98 3.33 -4.34
N PHE A 27 -3.33 4.45 -3.72
CA PHE A 27 -2.45 5.60 -3.66
C PHE A 27 -2.53 6.31 -2.32
N TYR A 28 -1.41 6.86 -1.88
CA TYR A 28 -1.31 7.55 -0.60
C TYR A 28 -1.50 9.03 -0.79
N ALA A 29 -2.15 9.63 0.20
CA ALA A 29 -2.44 11.06 0.19
C ALA A 29 -2.28 11.58 1.63
N CYS A 30 -2.29 12.90 1.75
CA CYS A 30 -2.15 13.61 3.01
C CYS A 30 -3.51 13.88 3.64
N SER A 31 -3.59 13.75 4.96
CA SER A 31 -4.83 14.00 5.70
C SER A 31 -4.55 14.92 6.87
N LEU A 32 -3.61 15.83 6.69
CA LEU A 32 -3.27 16.78 7.74
C LEU A 32 -4.40 17.82 7.88
N PRO A 33 -4.46 18.52 9.03
CA PRO A 33 -5.54 19.47 9.28
C PRO A 33 -5.45 20.71 8.41
N ARG A 34 -6.58 21.39 8.22
CA ARG A 34 -6.63 22.57 7.34
C ARG A 34 -5.51 23.55 7.68
N GLY A 35 -4.83 24.01 6.64
CA GLY A 35 -3.68 24.88 6.79
C GLY A 35 -2.42 24.13 6.44
N ALA A 36 -2.33 22.86 6.79
CA ALA A 36 -1.19 22.03 6.43
C ALA A 36 -1.69 20.88 5.55
N GLN A 37 -1.03 20.64 4.43
CA GLN A 37 -1.38 19.60 3.47
C GLN A 37 -0.31 19.67 2.40
N CYS A 38 -0.37 18.77 1.43
CA CYS A 38 0.56 18.79 0.32
C CYS A 38 -0.14 18.13 -0.87
N GLY A 39 0.20 18.56 -2.07
CA GLY A 39 -0.38 17.99 -3.28
C GLY A 39 0.41 16.79 -3.76
N PHE A 40 1.20 16.21 -2.87
CA PHE A 40 2.04 15.07 -3.19
C PHE A 40 1.25 13.80 -2.91
N PHE A 41 1.14 12.95 -3.92
CA PHE A 41 0.43 11.69 -3.84
C PHE A 41 1.41 10.61 -4.22
N GLU A 42 1.28 9.43 -3.63
CA GLU A 42 2.21 8.32 -3.94
C GLU A 42 1.47 7.07 -4.35
N TRP A 43 2.08 6.23 -5.18
CA TRP A 43 1.43 5.00 -5.63
C TRP A 43 1.88 3.84 -4.74
N ALA A 44 0.92 3.16 -4.12
CA ALA A 44 1.24 2.07 -3.20
C ALA A 44 1.75 0.86 -3.97
N ASP A 45 1.34 0.73 -5.22
CA ASP A 45 1.77 -0.38 -6.07
C ASP A 45 3.27 -0.33 -6.34
N LEU A 46 3.87 0.86 -6.26
CA LEU A 46 5.32 0.97 -6.43
C LEU A 46 6.03 0.31 -5.24
N SER A 47 5.39 0.38 -4.08
CA SER A 47 5.97 -0.18 -2.86
C SER A 47 5.84 -1.70 -2.77
N PHE A 48 4.99 -2.28 -3.61
CA PHE A 48 4.82 -3.72 -3.60
C PHE A 48 5.83 -4.33 -4.56
N PRO A 49 6.65 -5.28 -4.09
CA PRO A 49 7.55 -5.86 -5.09
C PRO A 49 6.82 -6.95 -5.87
N PHE A 50 7.56 -7.64 -6.71
CA PHE A 50 7.06 -8.81 -7.42
C PHE A 50 6.98 -9.98 -6.44
N CYS A 51 5.88 -10.73 -6.48
CA CYS A 51 5.77 -11.95 -5.70
C CYS A 51 6.49 -13.02 -6.51
N LYS A 52 6.57 -14.25 -6.01
CA LYS A 52 7.32 -15.31 -6.71
C LYS A 52 6.84 -15.59 -8.13
N HIS A 53 5.57 -15.29 -8.43
CA HIS A 53 5.03 -15.50 -9.78
C HIS A 53 5.41 -14.36 -10.74
N GLY A 54 6.17 -13.38 -10.26
CA GLY A 54 6.56 -12.23 -11.06
C GLY A 54 5.49 -11.15 -11.06
N LYS A 55 4.27 -11.55 -10.69
CA LYS A 55 3.14 -10.63 -10.62
C LYS A 55 3.36 -9.69 -9.44
N ARG A 56 2.88 -8.46 -9.55
CA ARG A 56 3.01 -7.48 -8.46
C ARG A 56 2.27 -8.00 -7.24
N SER A 57 2.82 -7.77 -6.06
CA SER A 57 2.19 -8.19 -4.82
C SER A 57 1.08 -7.20 -4.48
N ILE A 58 0.26 -7.54 -3.50
CA ILE A 58 -0.83 -6.67 -3.05
C ILE A 58 -0.76 -6.55 -1.53
N MET A 59 -1.34 -5.49 -0.98
CA MET A 59 -1.34 -5.29 0.47
C MET A 59 -2.63 -5.84 1.10
N LYS A 60 -2.47 -6.50 2.24
CA LYS A 60 -3.61 -6.95 3.06
C LYS A 60 -3.25 -6.59 4.49
N THR A 61 -4.22 -6.67 5.38
CA THR A 61 -4.06 -6.25 6.77
C THR A 61 -4.35 -7.41 7.72
N VAL A 62 -3.62 -7.47 8.83
CA VAL A 62 -3.83 -8.51 9.83
C VAL A 62 -5.06 -8.14 10.64
N LEU A 63 -6.08 -8.98 10.60
CA LEU A 63 -7.31 -8.75 11.36
C LEU A 63 -7.38 -9.67 12.57
N LYS A 64 -6.39 -10.52 12.70
CA LYS A 64 -6.30 -11.45 13.81
C LYS A 64 -5.70 -10.73 15.01
N ILE A 65 -6.45 -10.71 16.11
CA ILE A 65 -5.99 -10.08 17.34
C ILE A 65 -4.68 -10.71 17.79
N GLY A 66 -3.72 -9.85 18.11
CA GLY A 66 -2.39 -10.29 18.52
C GLY A 66 -1.53 -9.03 18.49
N PRO A 67 -0.22 -9.11 18.75
CA PRO A 67 0.57 -7.87 18.74
C PRO A 67 0.75 -7.25 17.35
N ASN A 68 0.47 -8.04 16.32
CA ASN A 68 0.60 -7.56 14.94
C ASN A 68 -0.77 -7.23 14.36
N ASN A 69 -1.79 -7.10 15.20
CA ASN A 69 -3.13 -6.79 14.70
C ASN A 69 -3.13 -5.39 14.10
N GLY A 70 -3.76 -5.24 12.96
CA GLY A 70 -3.83 -3.95 12.29
C GLY A 70 -2.61 -3.66 11.43
N LYS A 71 -1.56 -4.47 11.56
CA LYS A 71 -0.37 -4.27 10.75
C LYS A 71 -0.62 -4.75 9.34
N ASN A 72 0.11 -4.20 8.39
CA ASN A 72 -0.06 -4.53 6.98
C ASN A 72 1.04 -5.44 6.48
N PHE A 73 0.73 -6.22 5.46
CA PHE A 73 1.70 -7.12 4.84
C PHE A 73 1.41 -7.26 3.35
N PHE A 74 2.41 -7.67 2.59
CA PHE A 74 2.27 -7.91 1.17
C PHE A 74 2.12 -9.41 0.95
N VAL A 75 1.22 -9.76 0.05
CA VAL A 75 0.89 -11.14 -0.29
C VAL A 75 0.61 -11.21 -1.79
N CYS A 76 0.29 -12.38 -2.30
CA CYS A 76 0.09 -12.59 -3.73
C CYS A 76 -1.36 -12.27 -4.14
N PRO A 77 -1.56 -11.69 -5.34
CA PRO A 77 -2.92 -11.37 -5.80
C PRO A 77 -3.80 -12.56 -6.15
N LEU A 78 -3.22 -13.74 -6.28
CA LEU A 78 -3.98 -14.93 -6.59
C LEU A 78 -4.58 -15.43 -5.28
N GLU A 79 -5.62 -16.25 -5.35
CA GLU A 79 -6.26 -16.73 -4.12
C GLU A 79 -5.42 -17.80 -3.44
N LYS A 80 -5.79 -18.19 -2.22
CA LYS A 80 -5.02 -19.10 -1.37
C LYS A 80 -4.55 -20.37 -2.09
N GLU A 81 -5.41 -20.96 -2.88
CA GLU A 81 -5.07 -22.19 -3.62
C GLU A 81 -3.97 -21.98 -4.67
N LYS A 82 -3.79 -20.75 -5.12
CA LYS A 82 -2.79 -20.42 -6.14
C LYS A 82 -1.70 -19.46 -5.68
N GLN A 83 -1.64 -19.15 -4.40
CA GLN A 83 -0.63 -18.21 -3.92
C GLN A 83 0.75 -18.86 -3.87
N CYS A 84 1.76 -18.01 -4.01
CA CYS A 84 3.13 -18.43 -3.90
C CYS A 84 3.52 -18.34 -2.43
N ASN A 85 4.68 -18.87 -2.09
CA ASN A 85 5.23 -18.75 -0.75
C ASN A 85 5.88 -17.38 -0.65
N PHE A 86 5.02 -16.38 -0.54
CA PHE A 86 5.42 -14.99 -0.40
C PHE A 86 4.52 -14.29 0.60
N PHE A 87 5.14 -13.80 1.67
CA PHE A 87 4.47 -13.00 2.68
C PHE A 87 5.57 -12.05 3.12
N GLN A 88 5.31 -10.77 3.11
CA GLN A 88 6.33 -9.79 3.52
C GLN A 88 5.68 -8.71 4.36
N TRP A 89 6.21 -8.42 5.54
CA TRP A 89 5.65 -7.35 6.36
C TRP A 89 5.83 -6.02 5.63
N ALA A 90 4.79 -5.20 5.63
CA ALA A 90 4.85 -3.90 4.99
C ALA A 90 5.37 -2.93 6.03
N GLU A 91 6.04 -1.88 5.58
CA GLU A 91 6.46 -0.85 6.52
C GLU A 91 5.16 -0.20 6.99
N ASN A 92 4.89 -0.26 8.28
CA ASN A 92 3.68 0.31 8.84
C ASN A 92 3.86 0.74 10.30
N GLY A 93 5.04 0.52 10.84
CA GLY A 93 5.28 0.79 12.25
C GLY A 93 4.88 -0.43 13.06
N SER A 1 6.88 2.05 1.56
CA SER A 1 5.71 2.62 0.87
C SER A 1 6.06 4.00 0.38
N PRO A 2 5.35 4.49 -0.66
CA PRO A 2 5.77 5.80 -1.18
C PRO A 2 5.37 6.95 -0.27
N LEU A 3 6.00 8.10 -0.46
CA LEU A 3 5.78 9.29 0.36
C LEU A 3 5.65 10.46 -0.59
N CYS A 4 4.84 11.46 -0.28
CA CYS A 4 4.81 12.60 -1.18
C CYS A 4 6.09 13.36 -0.90
N LYS A 5 6.63 14.04 -1.90
CA LYS A 5 7.90 14.77 -1.72
C LYS A 5 7.78 16.03 -0.86
N MET A 6 6.58 16.57 -0.76
CA MET A 6 6.36 17.80 -0.02
C MET A 6 6.46 17.63 1.50
N HIS A 7 5.90 16.55 2.02
CA HIS A 7 5.86 16.34 3.47
C HIS A 7 6.64 15.13 3.98
N HIS A 8 7.07 14.26 3.06
CA HIS A 8 7.84 13.05 3.39
C HIS A 8 7.14 12.16 4.45
N ARG A 9 5.81 12.11 4.40
CA ARG A 9 5.01 11.29 5.33
C ARG A 9 3.88 10.61 4.58
N ARG A 10 3.54 9.40 4.97
CA ARG A 10 2.37 8.73 4.38
C ARG A 10 1.19 9.31 5.08
N CYS A 11 0.36 10.03 4.34
CA CYS A 11 -0.76 10.72 4.97
C CYS A 11 -2.11 10.00 4.90
N VAL A 12 -2.59 9.63 3.71
CA VAL A 12 -3.79 8.77 3.62
C VAL A 12 -3.63 7.89 2.41
N LEU A 13 -4.29 6.74 2.42
CA LEU A 13 -4.20 5.78 1.33
C LEU A 13 -5.60 5.56 0.77
N ARG A 14 -5.75 5.76 -0.54
CA ARG A 14 -7.04 5.62 -1.23
C ARG A 14 -6.81 4.62 -2.36
N VAL A 15 -7.83 4.34 -3.15
CA VAL A 15 -7.70 3.42 -4.29
C VAL A 15 -8.56 3.97 -5.41
N VAL A 16 -8.07 3.87 -6.64
CA VAL A 16 -8.77 4.39 -7.81
C VAL A 16 -10.04 3.60 -8.08
N ARG A 17 -11.18 4.27 -7.99
CA ARG A 17 -12.47 3.65 -8.27
C ARG A 17 -12.99 3.97 -9.67
N LYS A 18 -12.39 4.93 -10.35
CA LYS A 18 -12.80 5.24 -11.73
C LYS A 18 -12.28 4.12 -12.61
N ASP A 19 -12.88 3.94 -13.77
CA ASP A 19 -12.38 2.94 -14.70
C ASP A 19 -11.24 3.57 -15.49
N GLY A 20 -10.51 2.75 -16.24
CA GLY A 20 -9.39 3.25 -17.03
C GLY A 20 -8.09 2.57 -16.67
N GLU A 21 -7.02 3.16 -17.17
CA GLU A 21 -5.65 2.68 -17.03
C GLU A 21 -5.16 2.39 -15.60
N ASN A 22 -5.62 3.14 -14.62
CA ASN A 22 -5.19 2.96 -13.23
C ASN A 22 -6.28 2.36 -12.35
N LYS A 23 -7.33 1.80 -12.94
CA LYS A 23 -8.43 1.23 -12.16
C LYS A 23 -7.92 0.21 -11.14
N GLY A 24 -8.31 0.37 -9.89
CA GLY A 24 -7.94 -0.56 -8.84
C GLY A 24 -6.59 -0.33 -8.18
N ARG A 25 -5.77 0.58 -8.70
CA ARG A 25 -4.48 0.85 -8.08
C ARG A 25 -4.68 1.66 -6.82
N GLN A 26 -3.99 1.28 -5.75
CA GLN A 26 -4.04 2.03 -4.51
C GLN A 26 -3.07 3.20 -4.66
N PHE A 27 -3.40 4.33 -4.08
CA PHE A 27 -2.57 5.52 -4.19
C PHE A 27 -2.61 6.36 -2.91
N TYR A 28 -1.49 6.95 -2.56
CA TYR A 28 -1.36 7.76 -1.37
C TYR A 28 -1.67 9.19 -1.74
N ALA A 29 -2.26 9.90 -0.81
CA ALA A 29 -2.67 11.28 -0.98
C ALA A 29 -2.44 11.98 0.35
N CYS A 30 -2.59 13.30 0.34
CA CYS A 30 -2.41 14.14 1.50
C CYS A 30 -3.75 14.48 2.11
N SER A 31 -3.81 14.52 3.44
CA SER A 31 -5.03 14.89 4.15
C SER A 31 -4.63 15.77 5.32
N LEU A 32 -3.63 16.60 5.08
CA LEU A 32 -3.14 17.52 6.11
C LEU A 32 -4.16 18.64 6.33
N PRO A 33 -4.08 19.35 7.47
CA PRO A 33 -5.06 20.40 7.80
C PRO A 33 -4.95 21.62 6.90
N ARG A 34 -5.99 22.46 6.92
CA ARG A 34 -6.06 23.65 6.07
C ARG A 34 -4.77 24.46 6.20
N GLY A 35 -4.22 24.82 5.06
CA GLY A 35 -2.96 25.56 5.01
C GLY A 35 -1.82 24.68 4.51
N ALA A 36 -1.83 23.41 4.88
CA ALA A 36 -0.80 22.48 4.43
C ALA A 36 -1.46 21.35 3.62
N GLN A 37 -0.91 21.05 2.45
CA GLN A 37 -1.40 19.99 1.57
C GLN A 37 -0.47 19.97 0.38
N CYS A 38 -0.67 19.02 -0.52
CA CYS A 38 0.09 18.95 -1.76
C CYS A 38 -0.74 18.18 -2.78
N GLY A 39 -0.56 18.49 -4.05
CA GLY A 39 -1.27 17.78 -5.11
C GLY A 39 -0.48 16.58 -5.59
N PHE A 40 0.55 16.22 -4.84
CA PHE A 40 1.40 15.10 -5.20
C PHE A 40 0.77 13.80 -4.71
N PHE A 41 0.30 12.99 -5.66
CA PHE A 41 -0.30 11.70 -5.36
C PHE A 41 0.75 10.65 -5.69
N GLU A 42 0.75 9.55 -4.97
CA GLU A 42 1.77 8.50 -5.17
C GLU A 42 1.16 7.13 -5.35
N TRP A 43 1.73 6.31 -6.21
CA TRP A 43 1.18 4.98 -6.43
C TRP A 43 1.70 4.00 -5.40
N ALA A 44 0.79 3.40 -4.63
CA ALA A 44 1.18 2.54 -3.52
C ALA A 44 1.86 1.25 -3.99
N ASP A 45 1.47 0.79 -5.17
CA ASP A 45 1.97 -0.48 -5.69
C ASP A 45 3.38 -0.37 -6.26
N LEU A 46 3.98 0.81 -6.17
CA LEU A 46 5.39 0.98 -6.55
C LEU A 46 6.27 0.30 -5.52
N SER A 47 5.77 0.19 -4.29
CA SER A 47 6.53 -0.40 -3.20
C SER A 47 6.16 -1.84 -2.91
N PHE A 48 5.23 -2.40 -3.67
CA PHE A 48 4.87 -3.80 -3.45
C PHE A 48 5.93 -4.59 -4.20
N PRO A 49 6.68 -5.47 -3.51
CA PRO A 49 7.69 -6.16 -4.30
C PRO A 49 7.08 -7.25 -5.15
N PHE A 50 7.89 -7.80 -6.04
CA PHE A 50 7.46 -8.84 -6.95
C PHE A 50 7.17 -10.10 -6.09
N CYS A 51 6.60 -11.14 -6.67
CA CYS A 51 6.41 -12.39 -5.94
C CYS A 51 6.92 -13.50 -6.86
N LYS A 52 6.88 -14.74 -6.40
CA LYS A 52 7.43 -15.87 -7.17
C LYS A 52 6.85 -16.02 -8.59
N HIS A 53 5.64 -15.52 -8.80
CA HIS A 53 4.98 -15.57 -10.10
C HIS A 53 5.42 -14.44 -11.04
N GLY A 54 6.27 -13.55 -10.54
CA GLY A 54 6.75 -12.40 -11.31
C GLY A 54 5.89 -11.17 -11.10
N LYS A 55 4.59 -11.39 -10.97
CA LYS A 55 3.63 -10.31 -10.72
C LYS A 55 3.94 -9.78 -9.34
N ARG A 56 3.80 -8.48 -9.11
CA ARG A 56 4.04 -7.95 -7.77
C ARG A 56 2.85 -8.16 -6.85
N SER A 57 3.17 -8.14 -5.56
CA SER A 57 2.21 -8.41 -4.49
C SER A 57 1.19 -7.29 -4.30
N ILE A 58 0.32 -7.47 -3.30
CA ILE A 58 -0.71 -6.50 -2.94
C ILE A 58 -0.76 -6.38 -1.42
N MET A 59 -1.29 -5.28 -0.92
CA MET A 59 -1.39 -5.06 0.53
C MET A 59 -2.67 -5.65 1.13
N LYS A 60 -2.54 -6.27 2.29
CA LYS A 60 -3.68 -6.75 3.09
C LYS A 60 -3.33 -6.45 4.55
N THR A 61 -4.30 -6.58 5.43
CA THR A 61 -4.12 -6.23 6.85
C THR A 61 -4.39 -7.42 7.76
N VAL A 62 -3.67 -7.52 8.87
CA VAL A 62 -3.91 -8.59 9.85
C VAL A 62 -5.12 -8.20 10.67
N LEU A 63 -6.15 -9.03 10.66
CA LEU A 63 -7.38 -8.77 11.42
C LEU A 63 -7.47 -9.64 12.67
N LYS A 64 -6.53 -10.57 12.82
CA LYS A 64 -6.52 -11.44 13.99
C LYS A 64 -5.81 -10.75 15.14
N ILE A 65 -6.47 -10.76 16.29
CA ILE A 65 -5.93 -10.14 17.50
C ILE A 65 -4.61 -10.83 17.86
N GLY A 66 -3.60 -10.03 18.17
CA GLY A 66 -2.29 -10.54 18.51
C GLY A 66 -1.33 -9.39 18.41
N PRO A 67 -0.01 -9.59 18.59
CA PRO A 67 0.92 -8.45 18.53
C PRO A 67 1.09 -7.86 17.13
N ASN A 68 0.58 -8.55 16.11
CA ASN A 68 0.65 -8.06 14.74
C ASN A 68 -0.69 -7.56 14.22
N ASN A 69 -1.68 -7.44 15.10
CA ASN A 69 -3.01 -7.01 14.68
C ASN A 69 -2.95 -5.59 14.12
N GLY A 70 -3.65 -5.36 13.03
CA GLY A 70 -3.69 -4.05 12.41
C GLY A 70 -2.50 -3.76 11.50
N LYS A 71 -1.47 -4.56 11.56
CA LYS A 71 -0.30 -4.35 10.71
C LYS A 71 -0.63 -4.78 9.30
N ASN A 72 -0.05 -4.09 8.33
CA ASN A 72 -0.28 -4.40 6.92
C ASN A 72 0.86 -5.29 6.46
N PHE A 73 0.57 -6.11 5.46
CA PHE A 73 1.55 -7.04 4.90
C PHE A 73 1.31 -7.21 3.41
N PHE A 74 2.30 -7.72 2.71
CA PHE A 74 2.22 -7.92 1.26
C PHE A 74 2.14 -9.42 0.94
N VAL A 75 1.18 -9.77 0.10
CA VAL A 75 0.82 -11.14 -0.28
C VAL A 75 0.44 -11.19 -1.75
N CYS A 76 0.24 -12.38 -2.29
CA CYS A 76 0.00 -12.55 -3.71
C CYS A 76 -1.50 -12.40 -4.03
N PRO A 77 -1.83 -11.71 -5.15
CA PRO A 77 -3.24 -11.44 -5.49
C PRO A 77 -4.06 -12.60 -6.05
N LEU A 78 -3.41 -13.71 -6.35
CA LEU A 78 -4.13 -14.89 -6.85
C LEU A 78 -4.81 -15.54 -5.64
N GLU A 79 -5.83 -16.35 -5.88
CA GLU A 79 -6.53 -17.04 -4.79
C GLU A 79 -5.60 -18.05 -4.12
N LYS A 80 -6.01 -18.52 -2.94
CA LYS A 80 -5.22 -19.42 -2.09
C LYS A 80 -4.61 -20.60 -2.83
N GLU A 81 -5.40 -21.20 -3.70
CA GLU A 81 -4.96 -22.36 -4.50
C GLU A 81 -3.77 -22.04 -5.42
N LYS A 82 -3.63 -20.77 -5.77
CA LYS A 82 -2.61 -20.30 -6.71
C LYS A 82 -1.64 -19.30 -6.10
N GLN A 83 -1.68 -19.12 -4.79
CA GLN A 83 -0.74 -18.21 -4.13
C GLN A 83 0.63 -18.88 -4.06
N CYS A 84 1.65 -18.07 -3.88
CA CYS A 84 3.01 -18.56 -3.78
C CYS A 84 3.48 -18.41 -2.34
N ASN A 85 4.57 -19.09 -2.01
CA ASN A 85 5.17 -18.96 -0.69
C ASN A 85 6.02 -17.70 -0.72
N PHE A 86 5.32 -16.58 -0.63
CA PHE A 86 5.92 -15.25 -0.58
C PHE A 86 5.05 -14.37 0.30
N PHE A 87 5.65 -13.81 1.34
CA PHE A 87 4.95 -12.96 2.29
C PHE A 87 5.95 -11.91 2.75
N GLN A 88 5.52 -10.66 2.86
CA GLN A 88 6.40 -9.60 3.35
C GLN A 88 5.59 -8.72 4.29
N TRP A 89 6.23 -7.98 5.18
CA TRP A 89 5.52 -7.07 6.08
C TRP A 89 5.63 -5.66 5.51
N ALA A 90 4.64 -4.83 5.78
CA ALA A 90 4.69 -3.45 5.34
C ALA A 90 5.59 -2.66 6.29
N GLU A 91 6.10 -1.54 5.80
CA GLU A 91 7.01 -0.68 6.54
C GLU A 91 6.23 0.26 7.46
N ASN A 92 6.95 1.04 8.26
CA ASN A 92 6.40 2.01 9.14
C ASN A 92 6.90 3.31 8.54
N GLY A 93 6.30 4.37 8.99
CA GLY A 93 6.57 5.72 8.49
C GLY A 93 5.35 6.26 7.76
N SER A 1 6.40 2.03 2.15
CA SER A 1 5.50 3.05 1.58
C SER A 1 6.30 4.20 1.04
N PRO A 2 5.81 4.86 -0.01
CA PRO A 2 6.52 6.04 -0.51
C PRO A 2 6.27 7.24 0.41
N LEU A 3 6.94 8.32 0.12
CA LEU A 3 6.85 9.55 0.91
C LEU A 3 6.70 10.66 -0.10
N CYS A 4 5.99 11.73 0.20
CA CYS A 4 5.90 12.77 -0.80
C CYS A 4 7.29 13.41 -0.81
N LYS A 5 7.67 13.93 -1.96
CA LYS A 5 9.03 14.44 -2.15
C LYS A 5 9.38 15.74 -1.43
N MET A 6 8.37 16.57 -1.17
CA MET A 6 8.63 17.86 -0.51
C MET A 6 8.88 17.72 1.00
N HIS A 7 8.20 16.78 1.65
CA HIS A 7 8.28 16.67 3.12
C HIS A 7 8.88 15.38 3.66
N HIS A 8 9.07 14.38 2.82
CA HIS A 8 9.66 13.08 3.22
C HIS A 8 8.92 12.42 4.40
N ARG A 9 7.59 12.60 4.46
CA ARG A 9 6.78 12.02 5.53
C ARG A 9 5.55 11.36 4.93
N ARG A 10 5.10 10.27 5.55
CA ARG A 10 3.85 9.62 5.14
C ARG A 10 2.82 10.54 5.74
N CYS A 11 1.78 10.87 5.00
CA CYS A 11 0.73 11.71 5.58
C CYS A 11 -0.67 11.13 5.53
N VAL A 12 -1.19 10.74 4.36
CA VAL A 12 -2.44 9.97 4.31
C VAL A 12 -2.38 9.04 3.13
N LEU A 13 -3.14 7.96 3.18
CA LEU A 13 -3.19 6.97 2.11
C LEU A 13 -4.63 6.90 1.62
N ARG A 14 -4.83 6.95 0.31
CA ARG A 14 -6.15 6.92 -0.30
C ARG A 14 -6.16 5.82 -1.35
N VAL A 15 -7.34 5.53 -1.90
CA VAL A 15 -7.49 4.49 -2.92
C VAL A 15 -8.22 5.09 -4.12
N VAL A 16 -7.79 4.77 -5.33
CA VAL A 16 -8.41 5.30 -6.53
C VAL A 16 -9.78 4.63 -6.74
N ARG A 17 -10.83 5.44 -6.77
CA ARG A 17 -12.20 4.94 -6.98
C ARG A 17 -12.79 5.42 -8.30
N LYS A 18 -12.07 6.29 -8.99
CA LYS A 18 -12.46 6.79 -10.31
C LYS A 18 -11.65 5.98 -11.28
N ASP A 19 -11.61 6.43 -12.54
CA ASP A 19 -10.81 5.83 -13.59
C ASP A 19 -11.21 4.36 -13.86
N GLY A 20 -10.33 3.60 -14.51
CA GLY A 20 -10.59 2.22 -14.83
C GLY A 20 -9.31 1.42 -14.75
N GLU A 21 -8.31 1.78 -15.54
CA GLU A 21 -7.04 1.05 -15.55
C GLU A 21 -6.27 1.22 -14.23
N ASN A 22 -6.35 2.39 -13.61
CA ASN A 22 -5.65 2.65 -12.34
C ASN A 22 -6.59 2.47 -11.14
N LYS A 23 -7.80 2.06 -11.40
CA LYS A 23 -8.80 1.90 -10.34
C LYS A 23 -8.34 0.85 -9.34
N GLY A 24 -8.59 1.10 -8.06
CA GLY A 24 -8.23 0.16 -7.02
C GLY A 24 -6.84 0.32 -6.43
N ARG A 25 -5.93 0.98 -7.14
CA ARG A 25 -4.57 1.20 -6.63
C ARG A 25 -4.59 2.16 -5.47
N GLN A 26 -3.55 2.11 -4.66
CA GLN A 26 -3.43 2.95 -3.48
C GLN A 26 -2.47 4.09 -3.78
N PHE A 27 -2.73 5.26 -3.23
CA PHE A 27 -1.84 6.40 -3.41
C PHE A 27 -1.78 7.28 -2.16
N TYR A 28 -0.59 7.77 -1.87
CA TYR A 28 -0.36 8.60 -0.70
C TYR A 28 -0.53 10.05 -1.11
N ALA A 29 -1.00 10.85 -0.16
CA ALA A 29 -1.21 12.27 -0.35
C ALA A 29 -0.78 12.98 0.92
N CYS A 30 -0.64 14.30 0.81
CA CYS A 30 -0.23 15.18 1.88
C CYS A 30 -1.45 15.59 2.71
N SER A 31 -1.27 15.67 4.02
CA SER A 31 -2.35 16.09 4.92
C SER A 31 -1.77 17.09 5.92
N LEU A 32 -0.85 17.90 5.42
CA LEU A 32 -0.24 18.94 6.27
C LEU A 32 -1.24 20.07 6.48
N PRO A 33 -1.02 20.92 7.51
CA PRO A 33 -1.97 21.98 7.84
C PRO A 33 -1.99 23.10 6.81
N ARG A 34 -3.05 23.90 6.84
CA ARG A 34 -3.22 24.98 5.86
C ARG A 34 -1.97 25.85 5.81
N GLY A 35 -1.52 26.12 4.60
CA GLY A 35 -0.30 26.90 4.39
C GLY A 35 0.83 26.02 3.89
N ALA A 36 0.92 24.78 4.36
CA ALA A 36 1.95 23.85 3.90
C ALA A 36 1.26 22.64 3.27
N GLN A 37 1.71 22.24 2.08
CA GLN A 37 1.16 21.09 1.37
C GLN A 37 1.99 20.87 0.13
N CYS A 38 1.74 19.78 -0.57
CA CYS A 38 2.43 19.49 -1.81
C CYS A 38 1.46 18.72 -2.68
N GLY A 39 1.55 18.90 -4.00
CA GLY A 39 0.67 18.19 -4.92
C GLY A 39 1.26 16.87 -5.36
N PHE A 40 2.36 16.45 -4.75
CA PHE A 40 3.01 15.21 -5.14
C PHE A 40 2.35 13.99 -4.52
N PHE A 41 1.43 13.38 -5.27
CA PHE A 41 0.79 12.15 -4.87
C PHE A 41 1.75 11.02 -5.21
N GLU A 42 1.77 9.95 -4.43
CA GLU A 42 2.66 8.83 -4.70
C GLU A 42 1.94 7.52 -4.74
N TRP A 43 2.27 6.68 -5.70
CA TRP A 43 1.63 5.37 -5.80
C TRP A 43 2.18 4.45 -4.72
N ALA A 44 1.32 3.92 -3.86
CA ALA A 44 1.79 3.07 -2.77
C ALA A 44 2.18 1.71 -3.32
N ASP A 45 1.61 1.37 -4.46
CA ASP A 45 1.89 0.10 -5.13
C ASP A 45 3.35 -0.01 -5.54
N LEU A 46 4.07 1.11 -5.55
CA LEU A 46 5.50 1.11 -5.83
C LEU A 46 6.24 0.31 -4.78
N SER A 47 5.69 0.26 -3.57
CA SER A 47 6.32 -0.44 -2.46
C SER A 47 6.05 -1.94 -2.47
N PHE A 48 5.14 -2.41 -3.32
CA PHE A 48 4.88 -3.83 -3.40
C PHE A 48 5.95 -4.41 -4.31
N PRO A 49 6.70 -5.42 -3.84
CA PRO A 49 7.65 -5.97 -4.81
C PRO A 49 6.93 -6.98 -5.72
N PHE A 50 7.68 -7.64 -6.57
CA PHE A 50 7.14 -8.73 -7.36
C PHE A 50 6.95 -9.92 -6.41
N CYS A 51 6.06 -10.83 -6.73
CA CYS A 51 5.91 -12.06 -5.96
C CYS A 51 6.54 -13.15 -6.81
N LYS A 52 6.58 -14.38 -6.32
CA LYS A 52 7.26 -15.48 -7.04
C LYS A 52 6.70 -15.71 -8.46
N HIS A 53 5.43 -15.38 -8.66
CA HIS A 53 4.77 -15.53 -9.96
C HIS A 53 5.16 -14.42 -10.94
N GLY A 54 5.94 -13.45 -10.50
CA GLY A 54 6.32 -12.33 -11.35
C GLY A 54 5.35 -11.19 -11.22
N LYS A 55 4.09 -11.53 -10.96
CA LYS A 55 3.03 -10.53 -10.78
C LYS A 55 3.34 -9.70 -9.55
N ARG A 56 2.89 -8.45 -9.54
CA ARG A 56 3.11 -7.57 -8.39
C ARG A 56 2.37 -8.11 -7.17
N SER A 57 2.92 -7.88 -5.99
CA SER A 57 2.27 -8.26 -4.75
C SER A 57 1.21 -7.22 -4.43
N ILE A 58 0.37 -7.50 -3.45
CA ILE A 58 -0.66 -6.56 -3.01
C ILE A 58 -0.68 -6.50 -1.49
N MET A 59 -1.30 -5.46 -0.95
CA MET A 59 -1.41 -5.29 0.50
C MET A 59 -2.67 -5.97 1.06
N LYS A 60 -2.54 -6.63 2.19
CA LYS A 60 -3.67 -7.18 2.96
C LYS A 60 -3.37 -6.81 4.41
N THR A 61 -4.34 -6.97 5.29
CA THR A 61 -4.21 -6.54 6.69
C THR A 61 -4.45 -7.69 7.67
N VAL A 62 -3.74 -7.66 8.80
CA VAL A 62 -3.91 -8.67 9.84
C VAL A 62 -5.13 -8.33 10.67
N LEU A 63 -6.09 -9.24 10.73
CA LEU A 63 -7.29 -9.03 11.54
C LEU A 63 -7.25 -9.86 12.83
N LYS A 64 -6.23 -10.68 12.95
CA LYS A 64 -6.04 -11.52 14.13
C LYS A 64 -5.49 -10.68 15.28
N ILE A 65 -6.19 -10.69 16.40
CA ILE A 65 -5.74 -9.99 17.60
C ILE A 65 -4.37 -10.53 18.04
N GLY A 66 -3.45 -9.61 18.32
CA GLY A 66 -2.10 -9.95 18.71
C GLY A 66 -1.27 -8.70 18.56
N PRO A 67 0.05 -8.74 18.77
CA PRO A 67 0.87 -7.52 18.63
C PRO A 67 1.03 -7.09 17.17
N ASN A 68 0.59 -7.95 16.26
CA ASN A 68 0.64 -7.69 14.83
C ASN A 68 -0.74 -7.34 14.28
N ASN A 69 -1.72 -7.15 15.15
CA ASN A 69 -3.08 -6.83 14.71
C ASN A 69 -3.10 -5.46 14.04
N GLY A 70 -3.81 -5.36 12.92
CA GLY A 70 -3.92 -4.11 12.21
C GLY A 70 -2.73 -3.82 11.30
N LYS A 71 -1.67 -4.59 11.43
CA LYS A 71 -0.50 -4.38 10.57
C LYS A 71 -0.81 -4.83 9.16
N ASN A 72 -0.21 -4.15 8.21
CA ASN A 72 -0.40 -4.50 6.81
C ASN A 72 0.76 -5.36 6.37
N PHE A 73 0.53 -6.19 5.36
CA PHE A 73 1.57 -7.05 4.83
C PHE A 73 1.35 -7.26 3.32
N PHE A 74 2.42 -7.59 2.62
CA PHE A 74 2.40 -7.83 1.19
C PHE A 74 2.29 -9.33 0.96
N VAL A 75 1.38 -9.70 0.05
CA VAL A 75 1.04 -11.09 -0.26
C VAL A 75 0.60 -11.16 -1.72
N CYS A 76 0.23 -12.34 -2.18
CA CYS A 76 -0.12 -12.55 -3.57
C CYS A 76 -1.61 -12.27 -3.84
N PRO A 77 -1.94 -11.67 -5.02
CA PRO A 77 -3.36 -11.40 -5.33
C PRO A 77 -4.19 -12.61 -5.75
N LEU A 78 -3.54 -13.74 -6.00
CA LEU A 78 -4.26 -14.93 -6.44
C LEU A 78 -4.96 -15.65 -5.29
N GLU A 79 -5.83 -16.59 -5.67
CA GLU A 79 -6.62 -17.40 -4.75
C GLU A 79 -5.74 -18.24 -3.82
N LYS A 80 -6.35 -18.79 -2.76
CA LYS A 80 -5.62 -19.52 -1.71
C LYS A 80 -4.64 -20.57 -2.25
N GLU A 81 -5.13 -21.42 -3.12
CA GLU A 81 -4.37 -22.53 -3.68
C GLU A 81 -3.41 -22.08 -4.78
N LYS A 82 -3.49 -20.80 -5.14
CA LYS A 82 -2.64 -20.23 -6.18
C LYS A 82 -1.69 -19.17 -5.64
N GLN A 83 -1.58 -19.03 -4.33
CA GLN A 83 -0.65 -18.05 -3.78
C GLN A 83 0.74 -18.66 -3.72
N CYS A 84 1.73 -17.82 -3.90
CA CYS A 84 3.12 -18.24 -3.86
C CYS A 84 3.67 -18.15 -2.44
N ASN A 85 4.86 -18.71 -2.25
CA ASN A 85 5.58 -18.66 -0.98
C ASN A 85 6.20 -17.27 -0.78
N PHE A 86 5.34 -16.28 -0.60
CA PHE A 86 5.76 -14.91 -0.37
C PHE A 86 4.84 -14.22 0.63
N PHE A 87 5.45 -13.59 1.62
CA PHE A 87 4.75 -12.80 2.63
C PHE A 87 5.79 -11.80 3.11
N GLN A 88 5.45 -10.53 3.21
CA GLN A 88 6.40 -9.53 3.69
C GLN A 88 5.67 -8.47 4.52
N TRP A 89 6.18 -8.10 5.68
CA TRP A 89 5.54 -7.05 6.47
C TRP A 89 5.64 -5.72 5.72
N ALA A 90 4.58 -4.94 5.73
CA ALA A 90 4.54 -3.70 4.97
C ALA A 90 5.18 -2.55 5.73
N GLU A 91 5.88 -1.73 4.94
CA GLU A 91 6.50 -0.42 5.32
C GLU A 91 7.32 -0.17 6.61
N ASN A 92 6.98 -0.78 7.73
CA ASN A 92 7.72 -0.55 8.97
C ASN A 92 7.87 -1.81 9.84
N GLY A 93 7.32 -2.92 9.38
CA GLY A 93 7.41 -4.17 10.13
C GLY A 93 6.26 -4.38 11.09
N SER A 1 6.48 0.78 1.67
CA SER A 1 5.54 1.89 1.37
C SER A 1 6.30 3.13 0.93
N PRO A 2 5.71 3.96 0.04
CA PRO A 2 6.39 5.19 -0.37
C PRO A 2 6.33 6.28 0.71
N LEU A 3 6.91 7.43 0.41
CA LEU A 3 6.98 8.56 1.34
C LEU A 3 6.68 9.81 0.51
N CYS A 4 6.05 10.84 1.09
CA CYS A 4 5.81 12.04 0.30
C CYS A 4 7.12 12.80 0.16
N LYS A 5 7.22 13.59 -0.89
CA LYS A 5 8.47 14.29 -1.22
C LYS A 5 8.86 15.40 -0.28
N MET A 6 7.89 16.15 0.24
CA MET A 6 8.20 17.30 1.08
C MET A 6 8.68 16.92 2.49
N HIS A 7 8.14 15.84 3.05
CA HIS A 7 8.43 15.50 4.45
C HIS A 7 9.16 14.18 4.67
N HIS A 8 9.26 13.36 3.62
CA HIS A 8 9.95 12.06 3.68
C HIS A 8 9.49 11.17 4.86
N ARG A 9 8.19 11.22 5.15
CA ARG A 9 7.62 10.41 6.23
C ARG A 9 6.27 9.87 5.77
N ARG A 10 5.89 8.69 6.26
CA ARG A 10 4.60 8.11 5.93
C ARG A 10 3.63 8.88 6.78
N CYS A 11 2.50 9.27 6.22
CA CYS A 11 1.52 10.00 7.03
C CYS A 11 0.12 9.40 7.08
N VAL A 12 -0.53 9.16 5.96
CA VAL A 12 -1.76 8.34 5.97
C VAL A 12 -1.84 7.61 4.66
N LEU A 13 -2.56 6.50 4.66
CA LEU A 13 -2.75 5.70 3.46
C LEU A 13 -4.23 5.75 3.13
N ARG A 14 -4.54 6.04 1.88
CA ARG A 14 -5.91 6.19 1.41
C ARG A 14 -6.08 5.22 0.25
N VAL A 15 -7.30 5.01 -0.21
CA VAL A 15 -7.56 4.12 -1.34
C VAL A 15 -8.64 4.79 -2.18
N VAL A 16 -8.53 4.68 -3.50
CA VAL A 16 -9.48 5.30 -4.40
C VAL A 16 -10.82 4.58 -4.36
N ARG A 17 -11.84 5.28 -3.87
CA ARG A 17 -13.20 4.75 -3.79
C ARG A 17 -13.97 4.99 -5.09
N LYS A 18 -13.52 5.97 -5.87
CA LYS A 18 -14.16 6.28 -7.16
C LYS A 18 -13.86 5.19 -8.15
N ASP A 19 -14.68 5.12 -9.18
CA ASP A 19 -14.47 4.15 -10.25
C ASP A 19 -13.47 4.74 -11.26
N GLY A 20 -13.10 3.95 -12.25
CA GLY A 20 -12.11 4.33 -13.23
C GLY A 20 -10.95 3.37 -13.10
N GLU A 21 -9.90 3.53 -13.90
CA GLU A 21 -8.76 2.61 -13.81
C GLU A 21 -8.05 2.72 -12.47
N ASN A 22 -8.22 3.86 -11.80
CA ASN A 22 -7.60 4.09 -10.49
C ASN A 22 -8.32 3.35 -9.35
N LYS A 23 -9.49 2.78 -9.63
CA LYS A 23 -10.32 2.15 -8.59
C LYS A 23 -9.57 1.10 -7.79
N GLY A 24 -9.65 1.20 -6.47
CA GLY A 24 -9.04 0.21 -5.60
C GLY A 24 -7.56 0.43 -5.31
N ARG A 25 -6.89 1.24 -6.10
CA ARG A 25 -5.46 1.49 -5.88
C ARG A 25 -5.29 2.32 -4.62
N GLN A 26 -4.18 2.12 -3.94
CA GLN A 26 -3.92 2.80 -2.69
C GLN A 26 -2.90 3.90 -2.92
N PHE A 27 -3.02 4.99 -2.18
CA PHE A 27 -2.09 6.09 -2.30
C PHE A 27 -1.89 6.74 -0.94
N TYR A 28 -0.70 7.22 -0.70
CA TYR A 28 -0.39 7.87 0.56
C TYR A 28 -0.66 9.33 0.39
N ALA A 29 -1.03 9.94 1.50
CA ALA A 29 -1.36 11.35 1.55
C ALA A 29 -0.78 11.87 2.87
N CYS A 30 -0.73 13.18 2.98
CA CYS A 30 -0.20 13.87 4.14
C CYS A 30 -1.31 14.16 5.13
N SER A 31 -1.01 14.03 6.41
CA SER A 31 -1.97 14.34 7.47
C SER A 31 -1.23 15.07 8.58
N LEU A 32 -0.27 15.89 8.16
CA LEU A 32 0.51 16.68 9.11
C LEU A 32 -0.39 17.78 9.69
N PRO A 33 -0.01 18.36 10.83
CA PRO A 33 -0.86 19.36 11.49
C PRO A 33 -0.98 20.67 10.73
N ARG A 34 -2.03 21.42 11.03
CA ARG A 34 -2.31 22.69 10.33
C ARG A 34 -1.06 23.56 10.26
N GLY A 35 -0.77 24.04 9.07
CA GLY A 35 0.43 24.82 8.82
C GLY A 35 1.45 24.03 8.01
N ALA A 36 1.55 22.72 8.23
CA ALA A 36 2.46 21.89 7.46
C ALA A 36 1.62 20.83 6.73
N GLN A 37 1.85 20.64 5.44
CA GLN A 37 1.14 19.68 4.62
C GLN A 37 1.76 19.74 3.24
N CYS A 38 1.43 18.79 2.39
CA CYS A 38 1.89 18.78 1.02
C CYS A 38 0.74 18.24 0.19
N GLY A 39 0.60 18.73 -1.04
CA GLY A 39 -0.46 18.27 -1.92
C GLY A 39 -0.06 17.07 -2.75
N PHE A 40 1.04 16.45 -2.36
CA PHE A 40 1.54 15.29 -3.09
C PHE A 40 0.84 14.03 -2.62
N PHE A 41 0.66 13.10 -3.54
CA PHE A 41 0.05 11.81 -3.24
C PHE A 41 0.97 10.76 -3.85
N GLU A 42 1.15 9.65 -3.15
CA GLU A 42 2.08 8.62 -3.60
C GLU A 42 1.44 7.25 -3.71
N TRP A 43 1.30 6.72 -4.92
CA TRP A 43 0.67 5.40 -5.09
C TRP A 43 1.46 4.32 -4.36
N ALA A 44 0.76 3.60 -3.50
CA ALA A 44 1.39 2.58 -2.66
C ALA A 44 1.72 1.35 -3.49
N ASP A 45 0.95 1.13 -4.53
CA ASP A 45 1.10 -0.04 -5.39
C ASP A 45 2.48 -0.06 -6.07
N LEU A 46 3.07 1.11 -6.25
CA LEU A 46 4.40 1.22 -6.85
C LEU A 46 5.45 0.58 -5.93
N SER A 47 5.18 0.60 -4.63
CA SER A 47 6.13 0.05 -3.65
C SER A 47 5.86 -1.41 -3.35
N PHE A 48 4.86 -2.00 -3.98
CA PHE A 48 4.59 -3.42 -3.78
C PHE A 48 5.73 -4.18 -4.43
N PRO A 49 6.37 -5.10 -3.71
CA PRO A 49 7.41 -5.86 -4.44
C PRO A 49 6.77 -6.91 -5.34
N PHE A 50 7.60 -7.61 -6.08
CA PHE A 50 7.16 -8.73 -6.90
C PHE A 50 6.77 -9.88 -5.96
N CYS A 51 6.23 -10.95 -6.52
CA CYS A 51 6.01 -12.19 -5.78
C CYS A 51 6.65 -13.27 -6.62
N LYS A 52 6.70 -14.48 -6.10
CA LYS A 52 7.39 -15.58 -6.78
C LYS A 52 6.82 -15.98 -8.15
N HIS A 53 5.63 -15.50 -8.47
CA HIS A 53 5.03 -15.75 -9.79
C HIS A 53 5.41 -14.66 -10.80
N GLY A 54 6.20 -13.69 -10.36
CA GLY A 54 6.57 -12.56 -11.21
C GLY A 54 5.56 -11.44 -11.10
N LYS A 55 4.31 -11.81 -10.82
CA LYS A 55 3.23 -10.85 -10.64
C LYS A 55 3.54 -9.96 -9.45
N ARG A 56 3.01 -8.74 -9.44
CA ARG A 56 3.20 -7.84 -8.30
C ARG A 56 2.45 -8.40 -7.10
N SER A 57 2.92 -8.12 -5.91
CA SER A 57 2.22 -8.51 -4.68
C SER A 57 1.19 -7.42 -4.40
N ILE A 58 0.34 -7.64 -3.41
CA ILE A 58 -0.70 -6.68 -3.02
C ILE A 58 -0.74 -6.55 -1.50
N MET A 59 -1.30 -5.46 -1.01
CA MET A 59 -1.40 -5.23 0.44
C MET A 59 -2.65 -5.87 1.05
N LYS A 60 -2.49 -6.46 2.23
CA LYS A 60 -3.61 -6.97 3.04
C LYS A 60 -3.28 -6.61 4.48
N THR A 61 -4.25 -6.76 5.37
CA THR A 61 -4.10 -6.35 6.77
C THR A 61 -4.30 -7.54 7.71
N VAL A 62 -3.58 -7.56 8.84
CA VAL A 62 -3.72 -8.63 9.81
C VAL A 62 -4.99 -8.40 10.62
N LEU A 63 -5.99 -9.23 10.37
CA LEU A 63 -7.28 -9.13 11.06
C LEU A 63 -7.29 -9.96 12.34
N LYS A 64 -6.33 -10.88 12.46
CA LYS A 64 -6.24 -11.73 13.64
C LYS A 64 -5.77 -10.89 14.82
N ILE A 65 -6.42 -11.08 15.96
CA ILE A 65 -6.05 -10.36 17.19
C ILE A 65 -4.66 -10.83 17.62
N GLY A 66 -3.81 -9.89 18.00
CA GLY A 66 -2.46 -10.22 18.42
C GLY A 66 -1.64 -8.95 18.38
N PRO A 67 -0.33 -8.98 18.67
CA PRO A 67 0.47 -7.76 18.67
C PRO A 67 0.71 -7.18 17.27
N ASN A 68 0.36 -7.94 16.25
CA ASN A 68 0.50 -7.49 14.87
C ASN A 68 -0.84 -7.13 14.24
N ASN A 69 -1.89 -7.05 15.04
CA ASN A 69 -3.22 -6.73 14.53
C ASN A 69 -3.20 -5.33 13.93
N GLY A 70 -3.87 -5.17 12.80
CA GLY A 70 -3.96 -3.87 12.15
C GLY A 70 -2.76 -3.55 11.27
N LYS A 71 -1.66 -4.28 11.43
CA LYS A 71 -0.48 -4.03 10.61
C LYS A 71 -0.73 -4.59 9.22
N ASN A 72 -0.10 -3.97 8.24
CA ASN A 72 -0.29 -4.36 6.84
C ASN A 72 0.86 -5.24 6.39
N PHE A 73 0.60 -6.07 5.39
CA PHE A 73 1.61 -6.94 4.82
C PHE A 73 1.36 -7.13 3.33
N PHE A 74 2.38 -7.61 2.61
CA PHE A 74 2.28 -7.85 1.18
C PHE A 74 2.21 -9.37 0.93
N VAL A 75 1.26 -9.78 0.09
CA VAL A 75 0.99 -11.18 -0.25
C VAL A 75 0.59 -11.27 -1.74
N CYS A 76 0.28 -12.47 -2.23
CA CYS A 76 0.01 -12.67 -3.65
C CYS A 76 -1.47 -12.41 -3.99
N PRO A 77 -1.75 -11.80 -5.17
CA PRO A 77 -3.14 -11.51 -5.57
C PRO A 77 -3.97 -12.70 -6.05
N LEU A 78 -3.33 -13.84 -6.26
CA LEU A 78 -4.07 -15.03 -6.69
C LEU A 78 -4.81 -15.62 -5.49
N GLU A 79 -5.78 -16.47 -5.73
CA GLU A 79 -6.54 -17.09 -4.64
C GLU A 79 -5.66 -18.01 -3.79
N LYS A 80 -6.19 -18.43 -2.64
CA LYS A 80 -5.45 -19.23 -1.65
C LYS A 80 -4.73 -20.43 -2.26
N GLU A 81 -5.43 -21.17 -3.09
CA GLU A 81 -4.89 -22.38 -3.73
C GLU A 81 -3.77 -22.08 -4.74
N LYS A 82 -3.69 -20.84 -5.20
CA LYS A 82 -2.71 -20.43 -6.20
C LYS A 82 -1.71 -19.40 -5.69
N GLN A 83 -1.69 -19.12 -4.40
CA GLN A 83 -0.72 -18.16 -3.87
C GLN A 83 0.64 -18.81 -3.74
N CYS A 84 1.67 -17.99 -3.94
CA CYS A 84 3.03 -18.46 -3.77
C CYS A 84 3.41 -18.36 -2.31
N ASN A 85 4.45 -19.06 -1.91
CA ASN A 85 4.97 -18.98 -0.56
C ASN A 85 5.86 -17.73 -0.52
N PHE A 86 5.18 -16.60 -0.47
CA PHE A 86 5.81 -15.29 -0.42
C PHE A 86 4.96 -14.41 0.50
N PHE A 87 5.61 -13.74 1.45
CA PHE A 87 4.94 -12.86 2.39
C PHE A 87 5.99 -11.83 2.78
N GLN A 88 5.59 -10.57 2.90
CA GLN A 88 6.50 -9.53 3.38
C GLN A 88 5.69 -8.56 4.22
N TRP A 89 6.31 -7.82 5.13
CA TRP A 89 5.57 -6.87 5.96
C TRP A 89 5.53 -5.48 5.31
N ALA A 90 4.57 -4.67 5.74
CA ALA A 90 4.42 -3.30 5.29
C ALA A 90 4.28 -2.45 6.56
N GLU A 91 4.54 -1.15 6.45
CA GLU A 91 4.45 -0.22 7.57
C GLU A 91 5.21 -0.69 8.81
N ASN A 92 6.40 -1.22 8.58
CA ASN A 92 7.32 -1.64 9.64
C ASN A 92 8.17 -0.43 10.06
N GLY A 93 7.81 0.73 9.53
CA GLY A 93 8.49 1.98 9.78
C GLY A 93 7.96 2.89 8.70
N SER A 1 7.07 2.69 3.01
CA SER A 1 6.04 3.03 2.00
C SER A 1 6.58 4.09 1.06
N PRO A 2 5.87 4.41 -0.04
CA PRO A 2 6.46 5.50 -0.82
C PRO A 2 6.27 6.82 -0.07
N LEU A 3 7.04 7.83 -0.44
CA LEU A 3 7.03 9.11 0.25
C LEU A 3 6.94 10.22 -0.77
N CYS A 4 6.30 11.33 -0.41
CA CYS A 4 6.22 12.43 -1.35
C CYS A 4 7.57 13.11 -1.43
N LYS A 5 7.82 13.76 -2.55
CA LYS A 5 9.11 14.37 -2.83
C LYS A 5 9.41 15.61 -2.01
N MET A 6 8.36 16.35 -1.67
CA MET A 6 8.55 17.62 -0.95
C MET A 6 8.77 17.45 0.55
N HIS A 7 8.12 16.47 1.18
CA HIS A 7 8.24 16.31 2.64
C HIS A 7 8.89 15.03 3.14
N HIS A 8 9.08 14.05 2.26
CA HIS A 8 9.69 12.75 2.62
C HIS A 8 8.99 12.07 3.81
N ARG A 9 7.67 12.26 3.89
CA ARG A 9 6.86 11.67 4.95
C ARG A 9 5.59 11.16 4.33
N ARG A 10 5.22 9.95 4.71
CA ARG A 10 3.99 9.35 4.25
C ARG A 10 2.95 9.96 5.13
N CYS A 11 1.81 10.28 4.55
CA CYS A 11 0.76 10.94 5.34
C CYS A 11 -0.60 10.26 5.37
N VAL A 12 -1.20 9.98 4.22
CA VAL A 12 -2.46 9.20 4.22
C VAL A 12 -2.46 8.32 3.00
N LEU A 13 -3.24 7.24 3.06
CA LEU A 13 -3.36 6.32 1.95
C LEU A 13 -4.81 6.40 1.48
N ARG A 14 -5.00 6.57 0.18
CA ARG A 14 -6.32 6.75 -0.42
C ARG A 14 -6.50 5.69 -1.51
N VAL A 15 -7.71 5.55 -2.03
CA VAL A 15 -8.01 4.61 -3.11
C VAL A 15 -8.81 5.34 -4.17
N VAL A 16 -8.46 5.17 -5.44
CA VAL A 16 -9.20 5.82 -6.53
C VAL A 16 -10.57 5.16 -6.68
N ARG A 17 -11.63 5.93 -6.49
CA ARG A 17 -12.99 5.41 -6.67
C ARG A 17 -13.54 5.66 -8.07
N LYS A 18 -12.91 6.57 -8.80
CA LYS A 18 -13.24 6.85 -10.19
C LYS A 18 -12.80 5.69 -11.07
N ASP A 19 -13.32 5.65 -12.27
CA ASP A 19 -12.98 4.61 -13.23
C ASP A 19 -11.72 5.00 -14.02
N GLY A 20 -11.28 4.14 -14.93
CA GLY A 20 -10.09 4.38 -15.73
C GLY A 20 -8.98 3.42 -15.37
N GLU A 21 -7.81 3.62 -15.98
CA GLU A 21 -6.63 2.77 -15.72
C GLU A 21 -6.22 2.78 -14.24
N ASN A 22 -6.54 3.86 -13.55
CA ASN A 22 -6.17 3.99 -12.14
C ASN A 22 -7.28 3.55 -11.20
N LYS A 23 -8.37 3.00 -11.73
CA LYS A 23 -9.50 2.56 -10.89
C LYS A 23 -9.06 1.54 -9.86
N GLY A 24 -9.38 1.82 -8.60
CA GLY A 24 -9.07 0.89 -7.53
C GLY A 24 -7.64 0.95 -7.04
N ARG A 25 -6.78 1.69 -7.72
CA ARG A 25 -5.38 1.76 -7.29
C ARG A 25 -5.29 2.55 -6.00
N GLN A 26 -4.42 2.08 -5.12
CA GLN A 26 -4.16 2.74 -3.86
C GLN A 26 -3.07 3.77 -4.12
N PHE A 27 -3.17 4.94 -3.49
CA PHE A 27 -2.14 5.98 -3.64
C PHE A 27 -2.00 6.76 -2.35
N TYR A 28 -0.81 7.22 -2.07
CA TYR A 28 -0.55 8.00 -0.87
C TYR A 28 -0.74 9.44 -1.26
N ALA A 29 -1.19 10.22 -0.30
CA ALA A 29 -1.44 11.62 -0.48
C ALA A 29 -0.93 12.32 0.77
N CYS A 30 -0.70 13.62 0.66
CA CYS A 30 -0.22 14.45 1.74
C CYS A 30 -1.39 14.92 2.59
N SER A 31 -1.20 14.96 3.89
CA SER A 31 -2.23 15.40 4.83
C SER A 31 -1.59 16.36 5.82
N LEU A 32 -0.66 17.16 5.32
CA LEU A 32 0.01 18.16 6.16
C LEU A 32 -1.00 19.28 6.45
N PRO A 33 -0.73 20.10 7.49
CA PRO A 33 -1.68 21.14 7.88
C PRO A 33 -1.78 22.27 6.85
N ARG A 34 -2.89 23.01 6.92
CA ARG A 34 -3.16 24.08 5.95
C ARG A 34 -1.95 25.00 5.78
N GLY A 35 -1.57 25.22 4.53
CA GLY A 35 -0.42 26.03 4.19
C GLY A 35 0.72 25.19 3.68
N ALA A 36 0.85 23.96 4.16
CA ALA A 36 1.89 23.05 3.68
C ALA A 36 1.21 21.83 3.08
N GLN A 37 1.63 21.43 1.89
CA GLN A 37 1.09 20.30 1.16
C GLN A 37 1.98 20.15 -0.06
N CYS A 38 1.72 19.13 -0.87
CA CYS A 38 2.49 18.91 -2.08
C CYS A 38 1.54 18.36 -3.12
N GLY A 39 1.81 18.62 -4.38
CA GLY A 39 0.94 18.16 -5.46
C GLY A 39 1.27 16.78 -5.97
N PHE A 40 2.22 16.10 -5.34
CA PHE A 40 2.61 14.77 -5.77
C PHE A 40 1.80 13.75 -4.98
N PHE A 41 1.49 12.65 -5.63
CA PHE A 41 0.74 11.55 -5.03
C PHE A 41 1.56 10.33 -5.37
N GLU A 42 1.61 9.34 -4.48
CA GLU A 42 2.46 8.18 -4.71
C GLU A 42 1.68 6.90 -4.81
N TRP A 43 1.70 6.32 -5.99
CA TRP A 43 0.97 5.08 -6.22
C TRP A 43 1.56 3.98 -5.32
N ALA A 44 0.71 3.32 -4.55
CA ALA A 44 1.16 2.36 -3.55
C ALA A 44 1.60 1.04 -4.19
N ASP A 45 1.14 0.78 -5.41
CA ASP A 45 1.50 -0.47 -6.09
C ASP A 45 2.96 -0.46 -6.51
N LEU A 46 3.58 0.72 -6.48
CA LEU A 46 5.01 0.85 -6.76
C LEU A 46 5.82 0.28 -5.59
N SER A 47 5.17 0.18 -4.43
CA SER A 47 5.82 -0.28 -3.21
C SER A 47 5.65 -1.78 -3.01
N PHE A 48 4.97 -2.45 -3.93
CA PHE A 48 4.78 -3.89 -3.80
C PHE A 48 5.80 -4.57 -4.70
N PRO A 49 6.71 -5.38 -4.13
CA PRO A 49 7.65 -6.01 -5.04
C PRO A 49 7.00 -7.16 -5.78
N PHE A 50 7.76 -7.76 -6.69
CA PHE A 50 7.28 -8.92 -7.42
C PHE A 50 7.12 -10.10 -6.45
N CYS A 51 6.40 -11.12 -6.87
CA CYS A 51 6.27 -12.34 -6.08
C CYS A 51 6.76 -13.45 -6.99
N LYS A 52 6.80 -14.69 -6.50
CA LYS A 52 7.33 -15.82 -7.30
C LYS A 52 6.68 -16.01 -8.67
N HIS A 53 5.44 -15.53 -8.83
CA HIS A 53 4.72 -15.63 -10.09
C HIS A 53 5.12 -14.53 -11.09
N GLY A 54 5.98 -13.62 -10.67
CA GLY A 54 6.42 -12.52 -11.52
C GLY A 54 5.54 -11.30 -11.32
N LYS A 55 4.26 -11.55 -11.11
CA LYS A 55 3.29 -10.49 -10.86
C LYS A 55 3.63 -9.88 -9.52
N ARG A 56 3.39 -8.59 -9.32
CA ARG A 56 3.63 -7.98 -8.03
C ARG A 56 2.58 -8.31 -7.02
N SER A 57 3.01 -8.11 -5.80
CA SER A 57 2.26 -8.39 -4.60
C SER A 57 1.17 -7.32 -4.38
N ILE A 58 0.37 -7.52 -3.35
CA ILE A 58 -0.67 -6.55 -2.96
C ILE A 58 -0.69 -6.44 -1.45
N MET A 59 -1.27 -5.37 -0.95
CA MET A 59 -1.38 -5.14 0.50
C MET A 59 -2.64 -5.80 1.08
N LYS A 60 -2.50 -6.43 2.24
CA LYS A 60 -3.64 -6.95 3.01
C LYS A 60 -3.34 -6.58 4.46
N THR A 61 -4.30 -6.75 5.34
CA THR A 61 -4.17 -6.35 6.74
C THR A 61 -4.39 -7.53 7.67
N VAL A 62 -3.66 -7.58 8.79
CA VAL A 62 -3.81 -8.67 9.75
C VAL A 62 -5.07 -8.42 10.56
N LEU A 63 -6.03 -9.34 10.47
CA LEU A 63 -7.27 -9.24 11.24
C LEU A 63 -7.26 -10.22 12.41
N LYS A 64 -6.22 -11.03 12.46
CA LYS A 64 -6.06 -12.01 13.54
C LYS A 64 -5.52 -11.30 14.77
N ILE A 65 -6.27 -11.37 15.86
CA ILE A 65 -5.88 -10.76 17.12
C ILE A 65 -4.52 -11.34 17.54
N GLY A 66 -3.61 -10.44 17.91
CA GLY A 66 -2.27 -10.82 18.30
C GLY A 66 -1.47 -9.53 18.32
N PRO A 67 -0.15 -9.57 18.59
CA PRO A 67 0.62 -8.31 18.64
C PRO A 67 0.79 -7.62 17.29
N ASN A 68 0.50 -8.33 16.21
CA ASN A 68 0.62 -7.76 14.87
C ASN A 68 -0.75 -7.48 14.26
N ASN A 69 -1.80 -7.49 15.07
CA ASN A 69 -3.14 -7.20 14.57
C ASN A 69 -3.17 -5.77 14.06
N GLY A 70 -3.82 -5.55 12.94
CA GLY A 70 -3.92 -4.23 12.35
C GLY A 70 -2.75 -3.84 11.47
N LYS A 71 -1.63 -4.57 11.54
CA LYS A 71 -0.49 -4.26 10.69
C LYS A 71 -0.78 -4.69 9.27
N ASN A 72 -0.21 -3.98 8.31
CA ASN A 72 -0.38 -4.30 6.90
C ASN A 72 0.79 -5.16 6.43
N PHE A 73 0.54 -6.00 5.43
CA PHE A 73 1.56 -6.88 4.88
C PHE A 73 1.36 -7.09 3.39
N PHE A 74 2.40 -7.53 2.71
CA PHE A 74 2.37 -7.77 1.26
C PHE A 74 2.30 -9.28 1.02
N VAL A 75 1.38 -9.65 0.13
CA VAL A 75 1.06 -11.06 -0.19
C VAL A 75 0.62 -11.13 -1.65
N CYS A 76 0.28 -12.33 -2.11
CA CYS A 76 -0.06 -12.54 -3.51
C CYS A 76 -1.56 -12.27 -3.79
N PRO A 77 -1.87 -11.68 -4.97
CA PRO A 77 -3.29 -11.41 -5.30
C PRO A 77 -4.12 -12.61 -5.74
N LEU A 78 -3.48 -13.74 -5.98
CA LEU A 78 -4.20 -14.92 -6.45
C LEU A 78 -4.96 -15.61 -5.33
N GLU A 79 -5.80 -16.56 -5.72
CA GLU A 79 -6.65 -17.33 -4.83
C GLU A 79 -5.84 -18.10 -3.80
N LYS A 80 -6.47 -18.50 -2.71
CA LYS A 80 -5.79 -19.21 -1.61
C LYS A 80 -4.95 -20.39 -2.11
N GLU A 81 -5.49 -21.15 -3.04
CA GLU A 81 -4.81 -22.33 -3.59
C GLU A 81 -3.73 -22.00 -4.62
N LYS A 82 -3.68 -20.75 -5.07
CA LYS A 82 -2.74 -20.33 -6.11
C LYS A 82 -1.73 -19.30 -5.64
N GLN A 83 -1.71 -19.01 -4.34
CA GLN A 83 -0.74 -18.06 -3.82
C GLN A 83 0.61 -18.74 -3.70
N CYS A 84 1.65 -17.98 -3.92
CA CYS A 84 3.01 -18.46 -3.76
C CYS A 84 3.37 -18.29 -2.29
N ASN A 85 4.47 -18.92 -1.88
CA ASN A 85 4.98 -18.78 -0.53
C ASN A 85 5.76 -17.47 -0.47
N PHE A 86 5.01 -16.39 -0.43
CA PHE A 86 5.54 -15.04 -0.32
C PHE A 86 4.71 -14.25 0.68
N PHE A 87 5.41 -13.63 1.63
CA PHE A 87 4.79 -12.79 2.63
C PHE A 87 5.86 -11.80 3.04
N GLN A 88 5.51 -10.52 3.15
CA GLN A 88 6.45 -9.51 3.65
C GLN A 88 5.66 -8.51 4.46
N TRP A 89 6.27 -7.81 5.37
CA TRP A 89 5.56 -6.80 6.16
C TRP A 89 5.55 -5.49 5.38
N ALA A 90 4.48 -4.73 5.51
CA ALA A 90 4.37 -3.46 4.81
C ALA A 90 4.88 -2.34 5.70
N GLU A 91 4.96 -1.15 5.10
CA GLU A 91 5.32 0.09 5.79
C GLU A 91 6.40 0.01 6.87
N ASN A 92 7.54 -0.55 6.48
CA ASN A 92 8.72 -0.66 7.33
C ASN A 92 9.46 0.70 7.46
N GLY A 93 8.77 1.77 7.11
CA GLY A 93 9.31 3.11 7.13
C GLY A 93 8.31 3.96 6.38
N SER A 1 5.41 2.36 3.07
CA SER A 1 4.58 3.03 2.04
C SER A 1 5.25 4.31 1.61
N PRO A 2 4.80 4.91 0.49
CA PRO A 2 5.50 6.12 0.05
C PRO A 2 5.14 7.36 0.88
N LEU A 3 5.91 8.41 0.71
CA LEU A 3 5.74 9.64 1.49
C LEU A 3 5.73 10.82 0.55
N CYS A 4 4.91 11.84 0.82
CA CYS A 4 4.96 13.01 -0.04
C CYS A 4 6.22 13.78 0.34
N LYS A 5 6.75 14.56 -0.59
CA LYS A 5 7.97 15.31 -0.34
C LYS A 5 7.79 16.48 0.62
N MET A 6 6.58 17.02 0.69
CA MET A 6 6.34 18.20 1.51
C MET A 6 6.42 17.94 3.01
N HIS A 7 5.86 16.82 3.46
CA HIS A 7 5.79 16.53 4.90
C HIS A 7 6.58 15.30 5.32
N HIS A 8 7.10 14.53 4.35
CA HIS A 8 7.78 13.26 4.63
C HIS A 8 6.89 12.40 5.52
N ARG A 9 5.59 12.48 5.25
CA ARG A 9 4.59 11.87 6.08
C ARG A 9 3.56 11.20 5.20
N ARG A 10 3.22 9.95 5.52
CA ARG A 10 2.18 9.25 4.78
C ARG A 10 0.94 9.60 5.55
N CYS A 11 -0.13 9.86 4.83
CA CYS A 11 -1.38 10.26 5.49
C CYS A 11 -2.62 9.42 5.18
N VAL A 12 -2.99 9.24 3.92
CA VAL A 12 -4.12 8.35 3.60
C VAL A 12 -3.85 7.64 2.30
N LEU A 13 -4.48 6.48 2.14
CA LEU A 13 -4.32 5.65 0.95
C LEU A 13 -5.69 5.53 0.29
N ARG A 14 -5.76 5.83 -1.00
CA ARG A 14 -6.99 5.75 -1.79
C ARG A 14 -6.64 4.94 -3.03
N VAL A 15 -7.62 4.58 -3.82
CA VAL A 15 -7.40 3.83 -5.05
C VAL A 15 -8.20 4.50 -6.15
N VAL A 16 -7.64 4.56 -7.35
CA VAL A 16 -8.31 5.24 -8.46
C VAL A 16 -9.58 4.50 -8.88
N ARG A 17 -10.71 5.18 -8.72
CA ARG A 17 -12.01 4.61 -9.06
C ARG A 17 -12.42 4.88 -10.51
N LYS A 18 -12.06 6.06 -11.02
CA LYS A 18 -12.45 6.47 -12.37
C LYS A 18 -11.53 5.91 -13.45
N ASP A 19 -11.82 6.28 -14.68
CA ASP A 19 -11.16 5.76 -15.89
C ASP A 19 -9.71 6.23 -16.13
N GLY A 20 -8.92 5.37 -16.76
CA GLY A 20 -7.55 5.71 -17.09
C GLY A 20 -6.68 4.47 -17.00
N GLU A 21 -5.43 4.57 -17.43
CA GLU A 21 -4.51 3.43 -17.36
C GLU A 21 -4.13 3.13 -15.91
N ASN A 22 -4.38 4.11 -15.05
CA ASN A 22 -4.09 3.99 -13.62
C ASN A 22 -5.32 3.56 -12.82
N LYS A 23 -6.38 3.17 -13.49
CA LYS A 23 -7.59 2.71 -12.79
C LYS A 23 -7.26 1.49 -11.95
N GLY A 24 -7.68 1.50 -10.70
CA GLY A 24 -7.43 0.39 -9.80
C GLY A 24 -6.10 0.47 -9.05
N ARG A 25 -5.21 1.38 -9.44
CA ARG A 25 -3.93 1.52 -8.75
C ARG A 25 -4.15 2.24 -7.43
N GLN A 26 -3.40 1.86 -6.41
CA GLN A 26 -3.51 2.52 -5.12
C GLN A 26 -2.55 3.70 -5.07
N PHE A 27 -2.98 4.78 -4.43
CA PHE A 27 -2.18 6.00 -4.34
C PHE A 27 -2.34 6.63 -2.96
N TYR A 28 -1.35 7.41 -2.56
CA TYR A 28 -1.34 8.06 -1.26
C TYR A 28 -1.62 9.54 -1.44
N ALA A 29 -2.31 10.12 -0.45
CA ALA A 29 -2.66 11.53 -0.46
C ALA A 29 -2.48 12.08 0.96
N CYS A 30 -2.50 13.39 1.04
CA CYS A 30 -2.38 14.13 2.29
C CYS A 30 -3.75 14.30 2.93
N SER A 31 -3.82 14.20 4.25
CA SER A 31 -5.07 14.37 5.00
C SER A 31 -4.85 15.34 6.15
N LEU A 32 -3.99 16.32 5.92
CA LEU A 32 -3.69 17.33 6.94
C LEU A 32 -4.88 18.29 7.06
N PRO A 33 -4.95 19.04 8.18
CA PRO A 33 -6.08 19.93 8.43
C PRO A 33 -6.09 21.14 7.49
N ARG A 34 -7.25 21.80 7.40
CA ARG A 34 -7.40 22.94 6.50
C ARG A 34 -6.29 23.96 6.73
N GLY A 35 -5.70 24.42 5.63
CA GLY A 35 -4.59 25.36 5.70
C GLY A 35 -3.28 24.69 5.34
N ALA A 36 -3.11 23.43 5.75
CA ALA A 36 -1.89 22.68 5.41
C ALA A 36 -2.26 21.46 4.58
N GLN A 37 -1.55 21.24 3.48
CA GLN A 37 -1.77 20.09 2.59
C GLN A 37 -0.70 20.18 1.52
N CYS A 38 -0.71 19.24 0.59
CA CYS A 38 0.21 19.28 -0.54
C CYS A 38 -0.41 18.56 -1.72
N GLY A 39 -0.14 19.03 -2.93
CA GLY A 39 -0.69 18.39 -4.12
C GLY A 39 0.18 17.24 -4.60
N PHE A 40 1.15 16.85 -3.78
CA PHE A 40 2.05 15.77 -4.14
C PHE A 40 1.42 14.42 -3.80
N PHE A 41 0.79 13.83 -4.79
CA PHE A 41 0.19 12.50 -4.65
C PHE A 41 1.28 11.48 -4.89
N GLU A 42 1.19 10.36 -4.22
CA GLU A 42 2.21 9.31 -4.34
C GLU A 42 1.53 8.01 -4.75
N TRP A 43 2.29 7.03 -5.24
CA TRP A 43 1.68 5.75 -5.66
C TRP A 43 2.05 4.63 -4.69
N ALA A 44 1.05 4.01 -4.09
CA ALA A 44 1.29 2.98 -3.08
C ALA A 44 1.90 1.75 -3.72
N ASP A 45 1.58 1.54 -4.99
CA ASP A 45 2.05 0.37 -5.73
C ASP A 45 3.59 0.32 -5.81
N LEU A 46 4.23 1.47 -5.64
CA LEU A 46 5.69 1.54 -5.67
C LEU A 46 6.29 0.72 -4.52
N SER A 47 5.56 0.64 -3.42
CA SER A 47 6.04 -0.07 -2.23
C SER A 47 5.77 -1.56 -2.29
N PHE A 48 5.03 -2.02 -3.29
CA PHE A 48 4.75 -3.44 -3.39
C PHE A 48 5.87 -4.13 -4.13
N PRO A 49 6.55 -5.10 -3.49
CA PRO A 49 7.56 -5.81 -4.27
C PRO A 49 6.91 -6.82 -5.19
N PHE A 50 7.72 -7.53 -5.94
CA PHE A 50 7.24 -8.63 -6.76
C PHE A 50 6.90 -9.80 -5.83
N CYS A 51 6.21 -10.80 -6.35
CA CYS A 51 5.98 -12.03 -5.61
C CYS A 51 6.66 -13.11 -6.44
N LYS A 52 6.67 -14.33 -5.94
CA LYS A 52 7.40 -15.43 -6.59
C LYS A 52 6.89 -15.83 -7.99
N HIS A 53 5.73 -15.33 -8.38
CA HIS A 53 5.18 -15.55 -9.73
C HIS A 53 5.65 -14.46 -10.70
N GLY A 54 6.39 -13.49 -10.19
CA GLY A 54 6.86 -12.38 -11.01
C GLY A 54 5.85 -11.24 -11.00
N LYS A 55 4.62 -11.58 -10.68
CA LYS A 55 3.53 -10.63 -10.59
C LYS A 55 3.74 -9.75 -9.37
N ARG A 56 3.22 -8.53 -9.39
CA ARG A 56 3.33 -7.62 -8.25
C ARG A 56 2.55 -8.21 -7.07
N SER A 57 3.02 -7.95 -5.85
CA SER A 57 2.30 -8.36 -4.66
C SER A 57 1.28 -7.27 -4.34
N ILE A 58 0.39 -7.52 -3.39
CA ILE A 58 -0.64 -6.56 -2.98
C ILE A 58 -0.71 -6.49 -1.46
N MET A 59 -1.26 -5.39 -0.96
CA MET A 59 -1.39 -5.19 0.49
C MET A 59 -2.67 -5.81 1.06
N LYS A 60 -2.54 -6.46 2.22
CA LYS A 60 -3.69 -6.96 2.99
C LYS A 60 -3.36 -6.64 4.45
N THR A 61 -4.34 -6.78 5.33
CA THR A 61 -4.18 -6.40 6.73
C THR A 61 -4.40 -7.56 7.70
N VAL A 62 -3.66 -7.59 8.80
CA VAL A 62 -3.85 -8.62 9.83
C VAL A 62 -5.04 -8.23 10.68
N LEU A 63 -6.06 -9.07 10.69
CA LEU A 63 -7.26 -8.83 11.50
C LEU A 63 -7.27 -9.71 12.74
N LYS A 64 -6.28 -10.60 12.84
CA LYS A 64 -6.16 -11.50 13.98
C LYS A 64 -5.52 -10.76 15.14
N ILE A 65 -6.23 -10.74 16.27
CA ILE A 65 -5.74 -10.07 17.48
C ILE A 65 -4.40 -10.70 17.89
N GLY A 66 -3.44 -9.84 18.19
CA GLY A 66 -2.11 -10.26 18.57
C GLY A 66 -1.20 -9.06 18.46
N PRO A 67 0.12 -9.18 18.66
CA PRO A 67 0.98 -8.00 18.58
C PRO A 67 1.17 -7.46 17.15
N ASN A 68 0.70 -8.21 16.16
CA ASN A 68 0.79 -7.78 14.77
C ASN A 68 -0.58 -7.39 14.23
N ASN A 69 -1.57 -7.25 15.10
CA ASN A 69 -2.91 -6.89 14.66
C ASN A 69 -2.91 -5.49 14.06
N GLY A 70 -3.62 -5.31 12.96
CA GLY A 70 -3.71 -4.02 12.32
C GLY A 70 -2.53 -3.72 11.40
N LYS A 71 -1.47 -4.52 11.46
CA LYS A 71 -0.32 -4.32 10.59
C LYS A 71 -0.69 -4.77 9.20
N ASN A 72 -0.10 -4.13 8.21
CA ASN A 72 -0.34 -4.48 6.82
C ASN A 72 0.81 -5.37 6.36
N PHE A 73 0.55 -6.18 5.35
CA PHE A 73 1.57 -7.05 4.79
C PHE A 73 1.33 -7.23 3.30
N PHE A 74 2.35 -7.67 2.59
CA PHE A 74 2.28 -7.91 1.16
C PHE A 74 2.18 -9.42 0.91
N VAL A 75 1.24 -9.78 0.04
CA VAL A 75 0.92 -11.17 -0.30
C VAL A 75 0.54 -11.23 -1.77
N CYS A 76 0.20 -12.41 -2.27
CA CYS A 76 -0.09 -12.58 -3.69
C CYS A 76 -1.59 -12.31 -3.97
N PRO A 77 -1.91 -11.68 -5.12
CA PRO A 77 -3.31 -11.39 -5.45
C PRO A 77 -4.13 -12.58 -5.92
N LEU A 78 -3.48 -13.72 -6.13
CA LEU A 78 -4.19 -14.93 -6.58
C LEU A 78 -4.94 -15.55 -5.39
N GLU A 79 -5.86 -16.46 -5.70
CA GLU A 79 -6.67 -17.11 -4.67
C GLU A 79 -5.81 -17.99 -3.75
N LYS A 80 -6.36 -18.41 -2.62
CA LYS A 80 -5.59 -19.06 -1.55
C LYS A 80 -4.74 -20.26 -1.96
N GLU A 81 -5.30 -21.18 -2.74
CA GLU A 81 -4.57 -22.38 -3.17
C GLU A 81 -3.70 -22.08 -4.39
N LYS A 82 -3.73 -20.84 -4.84
CA LYS A 82 -2.99 -20.42 -6.04
C LYS A 82 -1.93 -19.38 -5.72
N GLN A 83 -1.82 -19.01 -4.46
CA GLN A 83 -0.82 -18.05 -4.04
C GLN A 83 0.55 -18.71 -3.98
N CYS A 84 1.58 -17.89 -4.06
CA CYS A 84 2.94 -18.36 -3.90
C CYS A 84 3.26 -18.32 -2.42
N ASN A 85 4.30 -19.03 -2.01
CA ASN A 85 4.78 -18.99 -0.64
C ASN A 85 5.63 -17.73 -0.52
N PHE A 86 4.93 -16.61 -0.44
CA PHE A 86 5.54 -15.29 -0.31
C PHE A 86 4.68 -14.44 0.62
N PHE A 87 5.33 -13.84 1.61
CA PHE A 87 4.68 -12.98 2.57
C PHE A 87 5.75 -12.00 3.01
N GLN A 88 5.45 -10.70 3.02
CA GLN A 88 6.42 -9.71 3.49
C GLN A 88 5.66 -8.68 4.30
N TRP A 89 6.21 -8.18 5.40
CA TRP A 89 5.51 -7.18 6.19
C TRP A 89 5.56 -5.84 5.48
N ALA A 90 4.59 -4.97 5.74
CA ALA A 90 4.59 -3.62 5.18
C ALA A 90 5.06 -2.69 6.30
N GLU A 91 6.01 -1.82 5.98
CA GLU A 91 6.63 -0.86 6.88
C GLU A 91 7.33 -1.48 8.11
N ASN A 92 7.33 -2.80 8.15
CA ASN A 92 8.07 -3.59 9.14
C ASN A 92 8.85 -4.56 8.23
N GLY A 93 8.98 -4.14 6.99
CA GLY A 93 9.62 -4.90 5.93
C GLY A 93 9.19 -4.17 4.68
N SER A 1 7.26 2.51 3.14
CA SER A 1 6.22 3.09 2.23
C SER A 1 6.74 4.36 1.57
N PRO A 2 6.12 4.80 0.47
CA PRO A 2 6.63 6.03 -0.13
C PRO A 2 6.30 7.27 0.72
N LEU A 3 6.88 8.41 0.36
CA LEU A 3 6.74 9.66 1.10
C LEU A 3 6.51 10.77 0.10
N CYS A 4 5.74 11.79 0.43
CA CYS A 4 5.58 12.88 -0.53
C CYS A 4 6.88 13.67 -0.52
N LYS A 5 7.17 14.33 -1.62
CA LYS A 5 8.44 15.02 -1.80
C LYS A 5 8.61 16.28 -0.96
N MET A 6 7.53 17.03 -0.79
CA MET A 6 7.59 18.31 -0.08
C MET A 6 7.87 18.17 1.42
N HIS A 7 7.30 17.14 2.05
CA HIS A 7 7.40 17.01 3.51
C HIS A 7 8.15 15.80 4.01
N HIS A 8 8.49 14.87 3.12
CA HIS A 8 9.21 13.65 3.46
C HIS A 8 8.59 12.88 4.64
N ARG A 9 7.26 12.86 4.70
CA ARG A 9 6.54 12.15 5.76
C ARG A 9 5.29 11.49 5.19
N ARG A 10 4.92 10.35 5.73
CA ARG A 10 3.73 9.63 5.29
C ARG A 10 2.60 10.35 5.95
N CYS A 11 1.52 10.56 5.21
CA CYS A 11 0.35 11.20 5.82
C CYS A 11 -0.95 10.42 5.74
N VAL A 12 -1.39 10.02 4.56
CA VAL A 12 -2.56 9.13 4.46
C VAL A 12 -2.43 8.25 3.25
N LEU A 13 -3.13 7.14 3.28
CA LEU A 13 -3.18 6.21 2.16
C LEU A 13 -4.61 6.35 1.63
N ARG A 14 -4.75 6.50 0.33
CA ARG A 14 -6.03 6.73 -0.33
C ARG A 14 -6.15 5.75 -1.50
N VAL A 15 -7.36 5.63 -2.04
CA VAL A 15 -7.63 4.73 -3.18
C VAL A 15 -8.30 5.55 -4.26
N VAL A 16 -7.92 5.34 -5.51
CA VAL A 16 -8.51 6.11 -6.62
C VAL A 16 -9.95 5.68 -6.85
N ARG A 17 -10.87 6.62 -6.71
CA ARG A 17 -12.29 6.37 -6.96
C ARG A 17 -12.70 6.79 -8.37
N LYS A 18 -11.78 7.44 -9.10
CA LYS A 18 -12.03 7.81 -10.49
C LYS A 18 -11.88 6.57 -11.34
N ASP A 19 -12.39 6.64 -12.55
CA ASP A 19 -12.26 5.56 -13.51
C ASP A 19 -10.99 5.77 -14.33
N GLY A 20 -10.66 4.81 -15.20
CA GLY A 20 -9.48 4.91 -16.04
C GLY A 20 -8.44 3.90 -15.58
N GLU A 21 -7.22 3.99 -16.11
CA GLU A 21 -6.15 3.07 -15.73
C GLU A 21 -5.90 3.11 -14.22
N ASN A 22 -5.99 4.30 -13.65
CA ASN A 22 -5.68 4.50 -12.24
C ASN A 22 -6.75 3.92 -11.30
N LYS A 23 -7.89 3.49 -11.84
CA LYS A 23 -9.02 3.03 -11.03
C LYS A 23 -8.63 1.96 -10.00
N GLY A 24 -8.93 2.23 -8.74
CA GLY A 24 -8.68 1.27 -7.68
C GLY A 24 -7.26 1.23 -7.14
N ARG A 25 -6.32 1.91 -7.79
CA ARG A 25 -4.93 1.89 -7.32
C ARG A 25 -4.80 2.64 -6.00
N GLN A 26 -3.92 2.15 -5.15
CA GLN A 26 -3.64 2.77 -3.85
C GLN A 26 -2.55 3.82 -4.03
N PHE A 27 -2.68 4.94 -3.34
CA PHE A 27 -1.67 6.00 -3.39
C PHE A 27 -1.61 6.73 -2.06
N TYR A 28 -0.46 7.29 -1.74
CA TYR A 28 -0.31 8.08 -0.54
C TYR A 28 -0.62 9.50 -0.90
N ALA A 29 -1.18 10.23 0.05
CA ALA A 29 -1.57 11.62 -0.14
C ALA A 29 -1.21 12.35 1.15
N CYS A 30 -1.22 13.67 1.06
CA CYS A 30 -0.90 14.55 2.17
C CYS A 30 -2.16 14.85 2.97
N SER A 31 -2.00 14.92 4.28
CA SER A 31 -3.12 15.24 5.18
C SER A 31 -2.60 16.20 6.22
N LEU A 32 -1.69 17.06 5.80
CA LEU A 32 -1.14 18.07 6.72
C LEU A 32 -2.24 19.11 7.00
N PRO A 33 -2.11 19.89 8.09
CA PRO A 33 -3.15 20.84 8.48
C PRO A 33 -3.28 22.03 7.55
N ARG A 34 -4.40 22.75 7.66
CA ARG A 34 -4.69 23.89 6.79
C ARG A 34 -3.50 24.84 6.71
N GLY A 35 -3.10 25.15 5.49
CA GLY A 35 -1.97 26.02 5.24
C GLY A 35 -0.77 25.26 4.70
N ALA A 36 -0.58 24.02 5.14
CA ALA A 36 0.52 23.20 4.65
C ALA A 36 -0.06 21.96 3.97
N GLN A 37 0.44 21.65 2.78
CA GLN A 37 -0.01 20.51 1.99
C GLN A 37 0.89 20.48 0.78
N CYS A 38 0.70 19.50 -0.10
CA CYS A 38 1.49 19.43 -1.32
C CYS A 38 0.64 18.82 -2.41
N GLY A 39 0.91 19.20 -3.65
CA GLY A 39 0.16 18.69 -4.78
C GLY A 39 0.81 17.46 -5.36
N PHE A 40 0.95 16.42 -4.56
CA PHE A 40 1.56 15.18 -5.03
C PHE A 40 0.88 13.96 -4.46
N PHE A 41 0.96 12.87 -5.21
CA PHE A 41 0.42 11.59 -4.80
C PHE A 41 1.49 10.56 -5.11
N GLU A 42 1.65 9.60 -4.22
CA GLU A 42 2.69 8.59 -4.37
C GLU A 42 2.07 7.21 -4.46
N TRP A 43 2.14 6.57 -5.62
CA TRP A 43 1.52 5.26 -5.80
C TRP A 43 2.07 4.25 -4.79
N ALA A 44 1.18 3.65 -4.01
CA ALA A 44 1.57 2.73 -2.96
C ALA A 44 1.96 1.40 -3.59
N ASP A 45 1.43 1.14 -4.78
CA ASP A 45 1.73 -0.10 -5.50
C ASP A 45 3.20 -0.17 -5.91
N LEU A 46 3.88 0.97 -5.94
CA LEU A 46 5.31 1.00 -6.26
C LEU A 46 6.11 0.41 -5.10
N SER A 47 5.51 0.39 -3.92
CA SER A 47 6.17 -0.11 -2.72
C SER A 47 6.00 -1.63 -2.58
N PHE A 48 5.20 -2.23 -3.44
CA PHE A 48 4.99 -3.67 -3.37
C PHE A 48 6.10 -4.35 -4.15
N PRO A 49 6.68 -5.43 -3.62
CA PRO A 49 7.68 -6.10 -4.45
C PRO A 49 6.98 -7.04 -5.44
N PHE A 50 7.77 -7.75 -6.23
CA PHE A 50 7.25 -8.80 -7.08
C PHE A 50 6.99 -10.01 -6.18
N CYS A 51 6.32 -11.03 -6.70
CA CYS A 51 6.16 -12.28 -5.97
C CYS A 51 6.73 -13.36 -6.87
N LYS A 52 6.74 -14.61 -6.40
CA LYS A 52 7.36 -15.71 -7.17
C LYS A 52 6.73 -15.95 -8.55
N HIS A 53 5.50 -15.52 -8.75
CA HIS A 53 4.82 -15.67 -10.05
C HIS A 53 5.21 -14.54 -11.02
N GLY A 54 6.01 -13.60 -10.55
CA GLY A 54 6.41 -12.44 -11.37
C GLY A 54 5.40 -11.32 -11.22
N LYS A 55 4.19 -11.69 -10.83
CA LYS A 55 3.11 -10.73 -10.61
C LYS A 55 3.45 -9.85 -9.42
N ARG A 56 2.93 -8.64 -9.40
CA ARG A 56 3.18 -7.72 -8.28
C ARG A 56 2.43 -8.23 -7.05
N SER A 57 2.96 -7.94 -5.88
CA SER A 57 2.30 -8.30 -4.62
C SER A 57 1.22 -7.26 -4.35
N ILE A 58 0.36 -7.53 -3.39
CA ILE A 58 -0.71 -6.59 -2.98
C ILE A 58 -0.77 -6.51 -1.47
N MET A 59 -1.33 -5.42 -0.95
CA MET A 59 -1.45 -5.21 0.49
C MET A 59 -2.72 -5.86 1.08
N LYS A 60 -2.57 -6.50 2.23
CA LYS A 60 -3.69 -7.02 3.03
C LYS A 60 -3.34 -6.70 4.48
N THR A 61 -4.30 -6.87 5.37
CA THR A 61 -4.13 -6.48 6.79
C THR A 61 -4.36 -7.64 7.75
N VAL A 62 -3.64 -7.66 8.87
CA VAL A 62 -3.81 -8.71 9.88
C VAL A 62 -5.03 -8.40 10.71
N LEU A 63 -6.08 -9.21 10.52
CA LEU A 63 -7.32 -9.04 11.25
C LEU A 63 -7.35 -9.86 12.55
N LYS A 64 -6.44 -10.82 12.68
CA LYS A 64 -6.38 -11.64 13.89
C LYS A 64 -5.73 -10.86 15.03
N ILE A 65 -6.35 -10.93 16.19
CA ILE A 65 -5.86 -10.28 17.39
C ILE A 65 -4.50 -10.86 17.71
N GLY A 66 -3.61 -9.97 18.12
CA GLY A 66 -2.24 -10.35 18.45
C GLY A 66 -1.37 -9.11 18.37
N PRO A 67 -0.06 -9.19 18.62
CA PRO A 67 0.78 -7.98 18.56
C PRO A 67 1.00 -7.46 17.14
N ASN A 68 0.51 -8.19 16.15
CA ASN A 68 0.61 -7.78 14.75
C ASN A 68 -0.74 -7.31 14.21
N ASN A 69 -1.75 -7.23 15.06
CA ASN A 69 -3.09 -6.84 14.61
C ASN A 69 -3.08 -5.43 14.03
N GLY A 70 -3.80 -5.26 12.94
CA GLY A 70 -3.90 -3.95 12.29
C GLY A 70 -2.73 -3.63 11.39
N LYS A 71 -1.67 -4.41 11.44
CA LYS A 71 -0.50 -4.16 10.62
C LYS A 71 -0.74 -4.72 9.23
N ASN A 72 -0.17 -4.06 8.24
CA ASN A 72 -0.36 -4.45 6.85
C ASN A 72 0.80 -5.33 6.41
N PHE A 73 0.55 -6.15 5.40
CA PHE A 73 1.57 -7.02 4.83
C PHE A 73 1.30 -7.19 3.34
N PHE A 74 2.32 -7.62 2.61
CA PHE A 74 2.23 -7.86 1.18
C PHE A 74 2.17 -9.37 0.95
N VAL A 75 1.23 -9.76 0.10
CA VAL A 75 0.94 -11.16 -0.25
C VAL A 75 0.60 -11.21 -1.73
N CYS A 76 0.29 -12.38 -2.26
CA CYS A 76 0.05 -12.53 -3.68
C CYS A 76 -1.43 -12.26 -4.03
N PRO A 77 -1.71 -11.65 -5.20
CA PRO A 77 -3.10 -11.36 -5.57
C PRO A 77 -3.95 -12.57 -5.96
N LEU A 78 -3.34 -13.72 -6.16
CA LEU A 78 -4.09 -14.93 -6.45
C LEU A 78 -4.66 -15.41 -5.12
N GLU A 79 -5.68 -16.26 -5.14
CA GLU A 79 -6.26 -16.72 -3.89
C GLU A 79 -5.42 -17.83 -3.27
N LYS A 80 -5.76 -18.23 -2.05
CA LYS A 80 -4.96 -19.18 -1.25
C LYS A 80 -4.53 -20.44 -2.00
N GLU A 81 -5.42 -21.02 -2.79
CA GLU A 81 -5.10 -22.23 -3.54
C GLU A 81 -4.01 -22.01 -4.61
N LYS A 82 -3.84 -20.77 -5.05
CA LYS A 82 -2.88 -20.43 -6.09
C LYS A 82 -1.78 -19.45 -5.66
N GLN A 83 -1.70 -19.15 -4.38
CA GLN A 83 -0.68 -18.22 -3.90
C GLN A 83 0.68 -18.86 -3.83
N CYS A 84 1.70 -18.04 -3.97
CA CYS A 84 3.07 -18.47 -3.83
C CYS A 84 3.41 -18.32 -2.35
N ASN A 85 4.47 -18.99 -1.91
CA ASN A 85 4.95 -18.86 -0.53
C ASN A 85 5.81 -17.60 -0.49
N PHE A 86 5.13 -16.47 -0.50
CA PHE A 86 5.76 -15.16 -0.47
C PHE A 86 4.94 -14.24 0.43
N PHE A 87 5.60 -13.62 1.40
CA PHE A 87 4.95 -12.75 2.36
C PHE A 87 5.98 -11.71 2.80
N GLN A 88 5.58 -10.45 2.91
CA GLN A 88 6.49 -9.41 3.41
C GLN A 88 5.71 -8.43 4.28
N TRP A 89 6.29 -7.94 5.37
CA TRP A 89 5.59 -6.95 6.19
C TRP A 89 5.59 -5.60 5.47
N ALA A 90 4.46 -4.92 5.50
CA ALA A 90 4.32 -3.64 4.84
C ALA A 90 4.69 -2.55 5.84
N GLU A 91 4.76 -1.32 5.33
CA GLU A 91 5.09 -0.12 6.11
C GLU A 91 6.47 -0.15 6.80
N ASN A 92 7.20 -1.24 6.63
CA ASN A 92 8.53 -1.39 7.18
C ASN A 92 9.54 -0.71 6.26
N GLY A 93 9.86 0.53 6.55
CA GLY A 93 10.82 1.28 5.76
C GLY A 93 10.57 2.75 5.95
N SER A 1 7.56 2.07 2.74
CA SER A 1 6.54 2.70 1.87
C SER A 1 7.11 3.94 1.22
N PRO A 2 6.43 4.50 0.20
CA PRO A 2 7.03 5.70 -0.40
C PRO A 2 6.90 6.91 0.52
N LEU A 3 7.61 7.97 0.18
CA LEU A 3 7.65 9.18 1.00
C LEU A 3 7.49 10.39 0.10
N CYS A 4 6.85 11.44 0.61
CA CYS A 4 6.68 12.64 -0.18
C CYS A 4 7.99 13.38 -0.28
N LYS A 5 8.14 14.16 -1.33
CA LYS A 5 9.40 14.84 -1.62
C LYS A 5 9.78 15.95 -0.67
N MET A 6 8.79 16.67 -0.16
CA MET A 6 9.06 17.82 0.69
C MET A 6 9.41 17.47 2.14
N HIS A 7 8.76 16.43 2.69
CA HIS A 7 8.94 16.10 4.11
C HIS A 7 9.58 14.75 4.40
N HIS A 8 9.76 13.91 3.38
CA HIS A 8 10.37 12.58 3.50
C HIS A 8 9.79 11.73 4.65
N ARG A 9 8.49 11.89 4.89
CA ARG A 9 7.80 11.14 5.93
C ARG A 9 6.48 10.66 5.36
N ARG A 10 6.15 9.41 5.60
CA ARG A 10 4.89 8.86 5.10
C ARG A 10 3.87 9.33 6.11
N CYS A 11 2.71 9.71 5.63
CA CYS A 11 1.69 10.26 6.53
C CYS A 11 0.33 9.58 6.56
N VAL A 12 -0.37 9.52 5.42
CA VAL A 12 -1.64 8.77 5.37
C VAL A 12 -1.77 8.08 4.05
N LEU A 13 -2.55 7.02 4.02
CA LEU A 13 -2.79 6.26 2.81
C LEU A 13 -4.24 6.52 2.40
N ARG A 14 -4.43 6.88 1.14
CA ARG A 14 -5.75 7.19 0.57
C ARG A 14 -5.88 6.33 -0.70
N VAL A 15 -7.02 6.38 -1.36
CA VAL A 15 -7.23 5.61 -2.59
C VAL A 15 -8.14 6.44 -3.49
N VAL A 16 -8.08 6.21 -4.80
CA VAL A 16 -8.92 6.94 -5.76
C VAL A 16 -10.30 6.26 -5.84
N ARG A 17 -11.35 6.97 -5.44
CA ARG A 17 -12.73 6.40 -5.42
C ARG A 17 -13.61 6.71 -6.62
N LYS A 18 -13.21 7.67 -7.45
CA LYS A 18 -14.05 8.10 -8.58
C LYS A 18 -13.35 7.81 -9.89
N ASP A 19 -14.00 8.16 -10.99
CA ASP A 19 -13.44 7.91 -12.32
C ASP A 19 -12.09 8.59 -12.52
N GLY A 20 -11.33 8.00 -13.43
CA GLY A 20 -9.99 8.44 -13.77
C GLY A 20 -9.33 7.13 -14.09
N GLU A 21 -8.23 7.12 -14.83
CA GLU A 21 -7.59 5.84 -15.17
C GLU A 21 -6.96 5.23 -13.90
N ASN A 22 -6.74 6.07 -12.91
CA ASN A 22 -6.16 5.64 -11.64
C ASN A 22 -7.19 5.15 -10.64
N LYS A 23 -8.43 4.99 -11.06
CA LYS A 23 -9.49 4.54 -10.16
C LYS A 23 -9.10 3.23 -9.49
N GLY A 24 -9.22 3.17 -8.17
CA GLY A 24 -8.88 1.98 -7.42
C GLY A 24 -7.45 1.95 -6.93
N ARG A 25 -6.55 2.73 -7.52
CA ARG A 25 -5.15 2.73 -7.07
C ARG A 25 -5.03 3.52 -5.78
N GLN A 26 -4.15 3.06 -4.91
CA GLN A 26 -3.95 3.69 -3.62
C GLN A 26 -2.77 4.64 -3.70
N PHE A 27 -2.77 5.67 -2.87
CA PHE A 27 -1.68 6.64 -2.85
C PHE A 27 -1.48 7.22 -1.45
N TYR A 28 -0.27 7.61 -1.14
CA TYR A 28 0.04 8.23 0.12
C TYR A 28 -0.13 9.70 -0.07
N ALA A 29 -0.58 10.36 0.98
CA ALA A 29 -0.81 11.78 0.99
C ALA A 29 -0.27 12.33 2.31
N CYS A 30 -0.07 13.64 2.34
CA CYS A 30 0.41 14.35 3.51
C CYS A 30 -0.73 14.64 4.48
N SER A 31 -0.45 14.53 5.77
CA SER A 31 -1.44 14.82 6.81
C SER A 31 -0.81 15.73 7.85
N LEU A 32 0.05 16.62 7.39
CA LEU A 32 0.74 17.56 8.27
C LEU A 32 -0.23 18.68 8.68
N PRO A 33 0.08 19.43 9.75
CA PRO A 33 -0.81 20.47 10.25
C PRO A 33 -0.89 21.68 9.32
N ARG A 34 -1.92 22.50 9.51
CA ARG A 34 -2.12 23.68 8.65
C ARG A 34 -0.86 24.51 8.60
N GLY A 35 -0.48 24.90 7.38
CA GLY A 35 0.73 25.66 7.16
C GLY A 35 1.78 24.82 6.47
N ALA A 36 1.86 23.54 6.80
CA ALA A 36 2.81 22.64 6.17
C ALA A 36 2.04 21.51 5.48
N GLN A 37 2.39 21.25 4.23
CA GLN A 37 1.76 20.21 3.42
C GLN A 37 2.52 20.21 2.11
N CYS A 38 2.25 19.25 1.25
CA CYS A 38 2.90 19.19 -0.05
C CYS A 38 1.87 18.66 -1.04
N GLY A 39 1.99 19.06 -2.29
CA GLY A 39 1.03 18.65 -3.31
C GLY A 39 1.38 17.36 -4.03
N PHE A 40 2.40 16.66 -3.56
CA PHE A 40 2.79 15.40 -4.18
C PHE A 40 2.04 14.28 -3.49
N PHE A 41 1.72 13.25 -4.26
CA PHE A 41 1.04 12.07 -3.75
C PHE A 41 1.86 10.91 -4.26
N GLU A 42 1.97 9.84 -3.49
CA GLU A 42 2.81 8.72 -3.90
C GLU A 42 2.04 7.44 -4.03
N TRP A 43 2.03 6.88 -5.22
CA TRP A 43 1.26 5.66 -5.45
C TRP A 43 1.74 4.55 -4.51
N ALA A 44 0.83 4.03 -3.72
CA ALA A 44 1.16 3.05 -2.69
C ALA A 44 1.46 1.71 -3.32
N ASP A 45 0.95 1.52 -4.53
CA ASP A 45 1.15 0.27 -5.26
C ASP A 45 2.63 0.10 -5.65
N LEU A 46 3.40 1.18 -5.58
CA LEU A 46 4.83 1.14 -5.88
C LEU A 46 5.57 0.37 -4.78
N SER A 47 4.97 0.33 -3.59
CA SER A 47 5.58 -0.36 -2.45
C SER A 47 5.52 -1.86 -2.62
N PHE A 48 4.64 -2.33 -3.50
CA PHE A 48 4.45 -3.76 -3.66
C PHE A 48 5.62 -4.35 -4.43
N PRO A 49 6.36 -5.29 -3.83
CA PRO A 49 7.40 -5.92 -4.63
C PRO A 49 6.79 -6.98 -5.56
N PHE A 50 7.64 -7.63 -6.33
CA PHE A 50 7.22 -8.76 -7.15
C PHE A 50 6.98 -9.96 -6.21
N CYS A 51 6.42 -11.03 -6.74
CA CYS A 51 6.25 -12.26 -5.98
C CYS A 51 6.85 -13.36 -6.84
N LYS A 52 6.86 -14.60 -6.35
CA LYS A 52 7.49 -15.72 -7.07
C LYS A 52 6.92 -15.95 -8.48
N HIS A 53 5.69 -15.54 -8.71
CA HIS A 53 5.05 -15.70 -10.02
C HIS A 53 5.43 -14.61 -11.00
N GLY A 54 6.28 -13.66 -10.57
CA GLY A 54 6.66 -12.52 -11.41
C GLY A 54 5.65 -11.40 -11.29
N LYS A 55 4.40 -11.79 -10.99
CA LYS A 55 3.30 -10.86 -10.81
C LYS A 55 3.59 -9.98 -9.59
N ARG A 56 3.00 -8.81 -9.54
CA ARG A 56 3.18 -7.92 -8.39
C ARG A 56 2.38 -8.47 -7.22
N SER A 57 2.81 -8.15 -6.01
CA SER A 57 2.08 -8.53 -4.80
C SER A 57 1.05 -7.43 -4.52
N ILE A 58 0.24 -7.62 -3.47
CA ILE A 58 -0.77 -6.64 -3.05
C ILE A 58 -0.74 -6.55 -1.53
N MET A 59 -1.29 -5.47 -0.99
CA MET A 59 -1.34 -5.29 0.47
C MET A 59 -2.63 -5.88 1.07
N LYS A 60 -2.50 -6.46 2.26
CA LYS A 60 -3.63 -6.94 3.06
C LYS A 60 -3.31 -6.62 4.50
N THR A 61 -4.33 -6.64 5.35
CA THR A 61 -4.19 -6.28 6.76
C THR A 61 -4.36 -7.50 7.67
N VAL A 62 -3.65 -7.52 8.79
CA VAL A 62 -3.79 -8.59 9.77
C VAL A 62 -5.07 -8.35 10.54
N LEU A 63 -5.95 -9.35 10.54
CA LEU A 63 -7.22 -9.27 11.28
C LEU A 63 -7.19 -10.19 12.51
N LYS A 64 -6.12 -10.96 12.62
CA LYS A 64 -5.95 -11.88 13.75
C LYS A 64 -5.47 -11.09 14.95
N ILE A 65 -6.18 -11.23 16.05
CA ILE A 65 -5.81 -10.56 17.30
C ILE A 65 -4.41 -11.00 17.74
N GLY A 66 -3.58 -10.04 18.07
CA GLY A 66 -2.20 -10.28 18.46
C GLY A 66 -1.51 -8.94 18.44
N PRO A 67 -0.20 -8.85 18.73
CA PRO A 67 0.48 -7.55 18.68
C PRO A 67 0.67 -7.03 17.26
N ASN A 68 0.45 -7.90 16.28
CA ASN A 68 0.54 -7.55 14.88
C ASN A 68 -0.81 -7.25 14.26
N ASN A 69 -1.86 -7.23 15.08
CA ASN A 69 -3.20 -6.97 14.57
C ASN A 69 -3.27 -5.55 13.99
N GLY A 70 -3.92 -5.41 12.85
CA GLY A 70 -4.04 -4.12 12.22
C GLY A 70 -2.84 -3.72 11.38
N LYS A 71 -1.75 -4.45 11.47
CA LYS A 71 -0.56 -4.13 10.66
C LYS A 71 -0.78 -4.65 9.24
N ASN A 72 -0.11 -4.04 8.28
CA ASN A 72 -0.28 -4.41 6.88
C ASN A 72 0.90 -5.26 6.41
N PHE A 73 0.64 -6.08 5.41
CA PHE A 73 1.65 -6.94 4.82
C PHE A 73 1.36 -7.13 3.33
N PHE A 74 2.36 -7.59 2.59
CA PHE A 74 2.22 -7.87 1.16
C PHE A 74 2.17 -9.38 0.94
N VAL A 75 1.25 -9.78 0.08
CA VAL A 75 0.94 -11.19 -0.24
C VAL A 75 0.53 -11.24 -1.71
N CYS A 76 0.32 -12.44 -2.25
CA CYS A 76 0.02 -12.60 -3.66
C CYS A 76 -1.49 -12.45 -3.90
N PRO A 77 -1.90 -11.82 -5.03
CA PRO A 77 -3.33 -11.60 -5.29
C PRO A 77 -4.13 -12.82 -5.71
N LEU A 78 -3.46 -13.92 -5.97
CA LEU A 78 -4.13 -15.15 -6.40
C LEU A 78 -4.86 -15.80 -5.22
N GLU A 79 -5.69 -16.78 -5.53
CA GLU A 79 -6.46 -17.52 -4.55
C GLU A 79 -5.53 -18.24 -3.58
N LYS A 80 -6.01 -18.56 -2.39
CA LYS A 80 -5.18 -19.12 -1.30
C LYS A 80 -4.27 -20.28 -1.71
N GLU A 81 -4.81 -21.23 -2.42
CA GLU A 81 -4.08 -22.45 -2.81
C GLU A 81 -3.23 -22.22 -4.06
N LYS A 82 -3.37 -21.04 -4.65
CA LYS A 82 -2.63 -20.67 -5.84
C LYS A 82 -1.63 -19.55 -5.55
N GLN A 83 -1.52 -19.15 -4.29
CA GLN A 83 -0.55 -18.13 -3.91
C GLN A 83 0.83 -18.77 -3.79
N CYS A 84 1.84 -17.94 -3.95
CA CYS A 84 3.21 -18.38 -3.78
C CYS A 84 3.58 -18.22 -2.32
N ASN A 85 4.67 -18.84 -1.91
CA ASN A 85 5.20 -18.69 -0.55
C ASN A 85 5.98 -17.38 -0.53
N PHE A 86 5.22 -16.30 -0.49
CA PHE A 86 5.78 -14.96 -0.43
C PHE A 86 4.92 -14.11 0.50
N PHE A 87 5.54 -13.57 1.54
CA PHE A 87 4.88 -12.72 2.51
C PHE A 87 5.91 -11.69 2.96
N GLN A 88 5.53 -10.41 3.01
CA GLN A 88 6.46 -9.38 3.48
C GLN A 88 5.72 -8.34 4.31
N TRP A 89 6.27 -7.91 5.44
CA TRP A 89 5.61 -6.86 6.23
C TRP A 89 5.69 -5.52 5.50
N ALA A 90 4.64 -4.72 5.61
CA ALA A 90 4.60 -3.42 4.97
C ALA A 90 5.11 -2.35 5.94
N GLU A 91 5.49 -1.22 5.36
CA GLU A 91 6.02 -0.08 6.11
C GLU A 91 7.29 -0.44 6.91
N ASN A 92 7.61 0.33 7.94
CA ASN A 92 8.82 0.13 8.72
C ASN A 92 8.51 0.12 10.21
N GLY A 93 7.22 0.10 10.51
CA GLY A 93 6.74 0.11 11.88
C GLY A 93 5.29 0.51 11.81
N SER A 1 6.74 2.41 2.25
CA SER A 1 5.84 2.95 1.21
C SER A 1 6.43 4.22 0.62
N PRO A 2 5.86 4.75 -0.48
CA PRO A 2 6.51 5.94 -1.05
C PRO A 2 6.26 7.19 -0.20
N LEU A 3 7.02 8.23 -0.49
CA LEU A 3 6.97 9.47 0.27
C LEU A 3 6.87 10.63 -0.70
N CYS A 4 6.15 11.69 -0.33
CA CYS A 4 6.11 12.83 -1.24
C CYS A 4 7.47 13.51 -1.13
N LYS A 5 7.88 14.20 -2.19
CA LYS A 5 9.17 14.90 -2.19
C LYS A 5 9.19 16.13 -1.28
N MET A 6 8.01 16.62 -0.97
CA MET A 6 7.88 17.85 -0.16
C MET A 6 8.18 17.64 1.31
N HIS A 7 7.60 16.61 1.91
CA HIS A 7 7.75 16.40 3.35
C HIS A 7 8.48 15.12 3.76
N HIS A 8 8.77 14.25 2.79
CA HIS A 8 9.45 12.97 3.05
C HIS A 8 8.72 12.14 4.12
N ARG A 9 7.38 12.22 4.10
CA ARG A 9 6.54 11.51 5.07
C ARG A 9 5.38 10.86 4.34
N ARG A 10 5.08 9.62 4.69
CA ARG A 10 3.93 8.91 4.12
C ARG A 10 2.85 9.18 5.14
N CYS A 11 1.75 9.73 4.66
CA CYS A 11 0.68 10.13 5.57
C CYS A 11 -0.64 9.38 5.53
N VAL A 12 -1.29 9.28 4.38
CA VAL A 12 -2.53 8.49 4.29
C VAL A 12 -2.60 7.77 2.97
N LEU A 13 -3.31 6.66 2.94
CA LEU A 13 -3.47 5.84 1.75
C LEU A 13 -4.95 5.88 1.35
N ARG A 14 -5.21 6.16 0.08
CA ARG A 14 -6.58 6.21 -0.46
C ARG A 14 -6.58 5.39 -1.74
N VAL A 15 -7.75 5.16 -2.32
CA VAL A 15 -7.86 4.38 -3.55
C VAL A 15 -8.90 5.04 -4.44
N VAL A 16 -8.63 5.08 -5.75
CA VAL A 16 -9.52 5.71 -6.73
C VAL A 16 -10.74 4.84 -7.00
N ARG A 17 -11.93 5.43 -6.99
CA ARG A 17 -13.16 4.71 -7.37
C ARG A 17 -13.81 5.30 -8.62
N LYS A 18 -13.30 6.43 -9.08
CA LYS A 18 -13.77 7.01 -10.35
C LYS A 18 -13.26 6.08 -11.44
N ASP A 19 -13.97 6.00 -12.54
CA ASP A 19 -13.55 5.12 -13.63
C ASP A 19 -12.38 5.70 -14.43
N GLY A 20 -11.87 4.90 -15.36
CA GLY A 20 -10.71 5.25 -16.14
C GLY A 20 -9.61 4.28 -15.78
N GLU A 21 -8.42 4.42 -16.36
CA GLU A 21 -7.32 3.49 -16.08
C GLU A 21 -6.91 3.53 -14.60
N ASN A 22 -7.21 4.63 -13.94
CA ASN A 22 -6.82 4.81 -12.54
C ASN A 22 -7.74 4.11 -11.57
N LYS A 23 -8.86 3.58 -12.04
CA LYS A 23 -9.82 2.94 -11.15
C LYS A 23 -9.19 1.79 -10.40
N GLY A 24 -9.37 1.76 -9.08
CA GLY A 24 -8.83 0.70 -8.26
C GLY A 24 -7.41 0.93 -7.79
N ARG A 25 -6.69 1.87 -8.42
CA ARG A 25 -5.31 2.12 -8.02
C ARG A 25 -5.27 2.79 -6.65
N GLN A 26 -4.40 2.28 -5.80
CA GLN A 26 -4.17 2.84 -4.47
C GLN A 26 -3.12 3.94 -4.60
N PHE A 27 -3.27 5.00 -3.83
CA PHE A 27 -2.34 6.12 -3.86
C PHE A 27 -2.17 6.74 -2.48
N TYR A 28 -1.06 7.39 -2.25
CA TYR A 28 -0.76 8.04 -0.98
C TYR A 28 -0.99 9.53 -1.13
N ALA A 29 -1.41 10.16 -0.04
CA ALA A 29 -1.68 11.59 -0.01
C ALA A 29 -1.16 12.12 1.33
N CYS A 30 -1.03 13.43 1.39
CA CYS A 30 -0.58 14.14 2.57
C CYS A 30 -1.75 14.42 3.51
N SER A 31 -1.52 14.31 4.80
CA SER A 31 -2.55 14.57 5.81
C SER A 31 -1.94 15.45 6.89
N LEU A 32 -1.17 16.44 6.43
CA LEU A 32 -0.52 17.38 7.35
C LEU A 32 -1.55 18.41 7.81
N PRO A 33 -1.24 19.15 8.90
CA PRO A 33 -2.19 20.13 9.43
C PRO A 33 -2.37 21.33 8.51
N ARG A 34 -3.47 22.06 8.68
CA ARG A 34 -3.78 23.20 7.80
C ARG A 34 -2.58 24.15 7.71
N GLY A 35 -2.36 24.63 6.49
CA GLY A 35 -1.22 25.49 6.22
C GLY A 35 -0.12 24.73 5.52
N ALA A 36 0.08 23.46 5.89
CA ALA A 36 1.10 22.63 5.26
C ALA A 36 0.44 21.41 4.59
N GLN A 37 0.81 21.15 3.34
CA GLN A 37 0.32 20.02 2.56
C GLN A 37 1.05 20.04 1.23
N CYS A 38 0.74 19.10 0.36
CA CYS A 38 1.34 19.08 -0.97
C CYS A 38 0.40 18.38 -1.95
N GLY A 39 0.42 18.81 -3.19
CA GLY A 39 -0.40 18.18 -4.23
C GLY A 39 0.33 16.99 -4.82
N PHE A 40 1.44 16.61 -4.20
CA PHE A 40 2.25 15.50 -4.67
C PHE A 40 1.65 14.19 -4.16
N PHE A 41 0.82 13.58 -4.98
CA PHE A 41 0.22 12.29 -4.67
C PHE A 41 1.22 11.24 -5.12
N GLU A 42 1.27 10.12 -4.42
CA GLU A 42 2.21 9.05 -4.75
C GLU A 42 1.48 7.78 -5.05
N TRP A 43 2.03 6.89 -5.86
CA TRP A 43 1.35 5.63 -6.15
C TRP A 43 1.71 4.61 -5.09
N ALA A 44 0.71 4.09 -4.39
CA ALA A 44 0.96 3.14 -3.30
C ALA A 44 1.44 1.82 -3.87
N ASP A 45 1.21 1.63 -5.16
CA ASP A 45 1.64 0.42 -5.87
C ASP A 45 3.17 0.25 -5.81
N LEU A 46 3.87 1.37 -5.64
CA LEU A 46 5.33 1.35 -5.54
C LEU A 46 5.82 0.70 -4.26
N SER A 47 4.91 0.46 -3.32
CA SER A 47 5.27 -0.19 -2.06
C SER A 47 5.42 -1.68 -2.25
N PHE A 48 4.92 -2.19 -3.36
CA PHE A 48 4.88 -3.63 -3.59
C PHE A 48 5.97 -4.11 -4.52
N PRO A 49 6.73 -5.14 -4.12
CA PRO A 49 7.62 -5.69 -5.12
C PRO A 49 6.83 -6.78 -5.87
N PHE A 50 7.50 -7.86 -6.24
CA PHE A 50 6.92 -8.86 -7.10
C PHE A 50 6.99 -10.21 -6.42
N CYS A 51 5.88 -10.93 -6.47
CA CYS A 51 5.81 -12.24 -5.85
C CYS A 51 6.46 -13.27 -6.76
N LYS A 52 6.53 -14.51 -6.30
CA LYS A 52 7.23 -15.59 -7.05
C LYS A 52 6.69 -15.83 -8.47
N HIS A 53 5.43 -15.49 -8.70
CA HIS A 53 4.80 -15.65 -10.01
C HIS A 53 5.23 -14.59 -11.02
N GLY A 54 6.03 -13.62 -10.58
CA GLY A 54 6.47 -12.55 -11.45
C GLY A 54 5.38 -11.50 -11.60
N LYS A 55 4.54 -11.39 -10.58
CA LYS A 55 3.40 -10.47 -10.61
C LYS A 55 3.45 -9.60 -9.37
N ARG A 56 2.94 -8.39 -9.47
CA ARG A 56 2.98 -7.43 -8.36
C ARG A 56 2.31 -8.00 -7.11
N SER A 57 2.91 -7.74 -5.96
CA SER A 57 2.36 -8.15 -4.68
C SER A 57 1.25 -7.18 -4.30
N ILE A 58 0.41 -7.54 -3.34
CA ILE A 58 -0.67 -6.65 -2.89
C ILE A 58 -0.72 -6.55 -1.38
N MET A 59 -1.35 -5.50 -0.87
CA MET A 59 -1.46 -5.27 0.57
C MET A 59 -2.70 -5.91 1.17
N LYS A 60 -2.55 -6.53 2.34
CA LYS A 60 -3.67 -7.03 3.14
C LYS A 60 -3.35 -6.71 4.58
N THR A 61 -4.36 -6.69 5.42
CA THR A 61 -4.22 -6.30 6.83
C THR A 61 -4.41 -7.49 7.76
N VAL A 62 -3.67 -7.52 8.87
CA VAL A 62 -3.83 -8.60 9.85
C VAL A 62 -5.07 -8.30 10.70
N LEU A 63 -6.11 -9.09 10.49
CA LEU A 63 -7.35 -8.94 11.26
C LEU A 63 -7.33 -9.85 12.48
N LYS A 64 -6.40 -10.80 12.51
CA LYS A 64 -6.27 -11.71 13.65
C LYS A 64 -5.75 -10.94 14.86
N ILE A 65 -6.38 -11.15 16.00
CA ILE A 65 -5.97 -10.51 17.24
C ILE A 65 -4.57 -11.02 17.61
N GLY A 66 -3.69 -10.09 17.98
CA GLY A 66 -2.33 -10.44 18.34
C GLY A 66 -1.52 -9.17 18.28
N PRO A 67 -0.19 -9.18 18.54
CA PRO A 67 0.57 -7.93 18.49
C PRO A 67 0.74 -7.39 17.06
N ASN A 68 0.45 -8.22 16.07
CA ASN A 68 0.55 -7.82 14.67
C ASN A 68 -0.79 -7.31 14.14
N ASN A 69 -1.81 -7.25 14.99
CA ASN A 69 -3.14 -6.81 14.54
C ASN A 69 -3.08 -5.39 14.00
N GLY A 70 -3.80 -5.16 12.91
CA GLY A 70 -3.86 -3.84 12.30
C GLY A 70 -2.70 -3.55 11.36
N LYS A 71 -1.62 -4.32 11.47
CA LYS A 71 -0.46 -4.11 10.61
C LYS A 71 -0.75 -4.66 9.23
N ASN A 72 -0.11 -4.07 8.24
CA ASN A 72 -0.31 -4.47 6.86
C ASN A 72 0.84 -5.33 6.41
N PHE A 73 0.59 -6.17 5.42
CA PHE A 73 1.61 -7.05 4.87
C PHE A 73 1.39 -7.25 3.38
N PHE A 74 2.43 -7.72 2.70
CA PHE A 74 2.40 -7.95 1.26
C PHE A 74 2.28 -9.45 1.00
N VAL A 75 1.34 -9.80 0.12
CA VAL A 75 1.02 -11.19 -0.23
C VAL A 75 0.68 -11.27 -1.73
N CYS A 76 0.37 -12.46 -2.21
CA CYS A 76 0.08 -12.69 -3.62
C CYS A 76 -1.41 -12.43 -3.95
N PRO A 77 -1.70 -11.80 -5.11
CA PRO A 77 -3.11 -11.51 -5.46
C PRO A 77 -3.98 -12.67 -5.94
N LEU A 78 -3.37 -13.79 -6.28
CA LEU A 78 -4.13 -14.93 -6.80
C LEU A 78 -4.92 -15.63 -5.69
N GLU A 79 -5.85 -16.48 -6.11
CA GLU A 79 -6.72 -17.24 -5.23
C GLU A 79 -5.94 -18.20 -4.32
N LYS A 80 -6.62 -18.79 -3.35
CA LYS A 80 -5.96 -19.53 -2.25
C LYS A 80 -5.06 -20.67 -2.68
N GLU A 81 -5.51 -21.46 -3.65
CA GLU A 81 -4.74 -22.60 -4.13
C GLU A 81 -3.70 -22.18 -5.16
N LYS A 82 -3.66 -20.88 -5.44
CA LYS A 82 -2.76 -20.33 -6.45
C LYS A 82 -1.78 -19.33 -5.87
N GLN A 83 -1.77 -19.12 -4.57
CA GLN A 83 -0.83 -18.17 -3.97
C GLN A 83 0.53 -18.83 -3.83
N CYS A 84 1.57 -18.02 -3.97
CA CYS A 84 2.93 -18.50 -3.78
C CYS A 84 3.31 -18.27 -2.32
N ASN A 85 4.36 -18.96 -1.89
CA ASN A 85 4.91 -18.80 -0.55
C ASN A 85 5.77 -17.53 -0.60
N PHE A 86 5.06 -16.42 -0.60
CA PHE A 86 5.66 -15.09 -0.65
C PHE A 86 4.90 -14.18 0.30
N PHE A 87 5.58 -13.69 1.33
CA PHE A 87 4.98 -12.83 2.34
C PHE A 87 6.04 -11.83 2.78
N GLN A 88 5.66 -10.58 2.96
CA GLN A 88 6.55 -9.56 3.52
C GLN A 88 5.71 -8.65 4.38
N TRP A 89 6.32 -7.93 5.32
CA TRP A 89 5.58 -6.96 6.11
C TRP A 89 5.57 -5.65 5.36
N ALA A 90 4.55 -4.84 5.55
CA ALA A 90 4.45 -3.55 4.88
C ALA A 90 4.92 -2.47 5.83
N GLU A 91 5.46 -1.40 5.25
CA GLU A 91 5.94 -0.25 6.00
C GLU A 91 7.01 -0.64 7.04
N ASN A 92 7.24 0.22 8.02
CA ASN A 92 8.23 -0.03 9.07
C ASN A 92 7.53 -0.58 10.32
N GLY A 93 6.24 -0.79 10.22
CA GLY A 93 5.45 -1.30 11.34
C GLY A 93 4.00 -0.97 11.10
N SER A 1 4.39 1.05 3.91
CA SER A 1 3.72 1.89 2.88
C SER A 1 4.51 3.15 2.66
N PRO A 2 4.25 3.88 1.54
CA PRO A 2 5.04 5.10 1.35
C PRO A 2 4.58 6.24 2.26
N LEU A 3 5.36 7.31 2.28
CA LEU A 3 5.09 8.47 3.14
C LEU A 3 5.29 9.74 2.32
N CYS A 4 4.52 10.79 2.62
CA CYS A 4 4.71 12.04 1.90
C CYS A 4 5.97 12.70 2.40
N LYS A 5 6.55 13.54 1.54
CA LYS A 5 7.83 14.17 1.84
C LYS A 5 7.77 15.24 2.91
N MET A 6 6.70 16.02 2.93
CA MET A 6 6.60 17.14 3.86
C MET A 6 6.40 16.73 5.33
N HIS A 7 5.60 15.70 5.56
CA HIS A 7 5.26 15.32 6.93
C HIS A 7 5.73 13.94 7.39
N HIS A 8 6.22 13.13 6.45
CA HIS A 8 6.73 11.78 6.75
C HIS A 8 5.71 10.92 7.55
N ARG A 9 4.42 11.10 7.24
CA ARG A 9 3.35 10.41 7.96
C ARG A 9 2.34 9.80 7.01
N ARG A 10 1.85 8.62 7.34
CA ARG A 10 0.79 7.97 6.55
C ARG A 10 -0.44 8.76 6.90
N CYS A 11 -1.24 9.15 5.93
CA CYS A 11 -2.48 9.86 6.25
C CYS A 11 -3.76 9.22 5.71
N VAL A 12 -3.89 9.07 4.40
CA VAL A 12 -5.03 8.29 3.85
C VAL A 12 -4.59 7.57 2.60
N LEU A 13 -5.30 6.49 2.26
CA LEU A 13 -5.01 5.68 1.08
C LEU A 13 -6.26 5.68 0.20
N ARG A 14 -6.10 6.02 -1.07
CA ARG A 14 -7.21 6.11 -2.03
C ARG A 14 -6.88 5.23 -3.23
N VAL A 15 -7.85 5.05 -4.12
CA VAL A 15 -7.68 4.24 -5.33
C VAL A 15 -8.14 5.06 -6.53
N VAL A 16 -7.36 5.06 -7.60
CA VAL A 16 -7.69 5.83 -8.80
C VAL A 16 -8.82 5.19 -9.61
N ARG A 17 -9.78 6.00 -10.04
CA ARG A 17 -10.87 5.52 -10.90
C ARG A 17 -10.79 6.08 -12.33
N LYS A 18 -10.02 7.15 -12.52
CA LYS A 18 -9.84 7.75 -13.85
C LYS A 18 -8.78 6.96 -14.60
N ASP A 19 -8.44 7.45 -15.79
CA ASP A 19 -7.33 6.96 -16.60
C ASP A 19 -7.48 5.51 -17.05
N GLY A 20 -6.38 4.93 -17.51
CA GLY A 20 -6.35 3.54 -17.95
C GLY A 20 -5.16 2.85 -17.30
N GLU A 21 -3.98 3.47 -17.35
CA GLU A 21 -2.79 2.91 -16.71
C GLU A 21 -2.86 3.16 -15.21
N ASN A 22 -3.17 4.40 -14.85
CA ASN A 22 -3.21 4.78 -13.43
C ASN A 22 -4.41 4.14 -12.76
N LYS A 23 -5.34 3.64 -13.55
CA LYS A 23 -6.60 3.11 -13.05
C LYS A 23 -6.40 1.93 -12.12
N GLY A 24 -7.07 1.94 -10.97
CA GLY A 24 -6.98 0.84 -10.03
C GLY A 24 -5.76 0.91 -9.12
N ARG A 25 -4.78 1.74 -9.46
CA ARG A 25 -3.60 1.87 -8.62
C ARG A 25 -3.99 2.57 -7.32
N GLN A 26 -3.37 2.11 -6.24
CA GLN A 26 -3.61 2.65 -4.91
C GLN A 26 -2.61 3.78 -4.70
N PHE A 27 -3.02 4.86 -4.05
CA PHE A 27 -2.11 5.97 -3.77
C PHE A 27 -2.43 6.64 -2.43
N TYR A 28 -1.39 7.09 -1.75
CA TYR A 28 -1.54 7.76 -0.47
C TYR A 28 -1.66 9.24 -0.72
N ALA A 29 -2.36 9.90 0.20
CA ALA A 29 -2.60 11.33 0.13
C ALA A 29 -2.62 11.84 1.56
N CYS A 30 -2.52 13.15 1.70
CA CYS A 30 -2.53 13.83 2.98
C CYS A 30 -3.95 14.13 3.45
N SER A 31 -4.16 13.99 4.75
CA SER A 31 -5.43 14.29 5.38
C SER A 31 -5.11 14.99 6.70
N LEU A 32 -4.10 15.83 6.66
CA LEU A 32 -3.66 16.56 7.84
C LEU A 32 -4.67 17.66 8.20
N PRO A 33 -4.62 18.21 9.43
CA PRO A 33 -5.52 19.29 9.87
C PRO A 33 -5.55 20.49 8.93
N ARG A 34 -6.66 21.21 8.92
CA ARG A 34 -6.80 22.40 8.06
C ARG A 34 -5.63 23.35 8.33
N GLY A 35 -4.96 23.75 7.27
CA GLY A 35 -3.80 24.63 7.38
C GLY A 35 -2.50 23.91 7.10
N ALA A 36 -2.47 22.60 7.34
CA ALA A 36 -1.28 21.80 7.06
C ALA A 36 -1.68 20.73 6.03
N GLN A 37 -0.87 20.59 4.98
CA GLN A 37 -1.12 19.63 3.91
C GLN A 37 0.08 19.68 2.98
N CYS A 38 0.11 18.80 2.00
CA CYS A 38 1.16 18.80 1.00
C CYS A 38 0.50 18.32 -0.28
N GLY A 39 1.02 18.74 -1.42
CA GLY A 39 0.44 18.36 -2.70
C GLY A 39 1.03 17.10 -3.28
N PHE A 40 1.84 16.40 -2.51
CA PHE A 40 2.45 15.17 -2.98
C PHE A 40 1.49 14.01 -2.75
N PHE A 41 1.53 13.04 -3.64
CA PHE A 41 0.72 11.83 -3.55
C PHE A 41 1.69 10.71 -3.78
N GLU A 42 1.48 9.57 -3.14
CA GLU A 42 2.43 8.46 -3.27
C GLU A 42 1.81 7.18 -3.75
N TRP A 43 2.31 6.65 -4.84
CA TRP A 43 1.80 5.38 -5.35
C TRP A 43 2.12 4.30 -4.33
N ALA A 44 1.11 3.59 -3.87
CA ALA A 44 1.31 2.57 -2.83
C ALA A 44 1.91 1.31 -3.45
N ASP A 45 1.69 1.15 -4.75
CA ASP A 45 2.21 0.01 -5.49
C ASP A 45 3.73 0.00 -5.56
N LEU A 46 4.36 1.14 -5.28
CA LEU A 46 5.83 1.22 -5.23
C LEU A 46 6.36 0.37 -4.09
N SER A 47 5.50 0.05 -3.14
CA SER A 47 5.90 -0.75 -1.99
C SER A 47 5.69 -2.25 -2.21
N PHE A 48 5.14 -2.65 -3.36
CA PHE A 48 4.88 -4.07 -3.58
C PHE A 48 5.93 -4.66 -4.53
N PRO A 49 6.79 -5.54 -4.03
CA PRO A 49 7.73 -6.13 -4.99
C PRO A 49 7.04 -7.23 -5.79
N PHE A 50 7.76 -7.80 -6.73
CA PHE A 50 7.23 -8.91 -7.53
C PHE A 50 7.04 -10.10 -6.56
N CYS A 51 6.23 -11.07 -6.91
CA CYS A 51 6.08 -12.27 -6.08
C CYS A 51 6.60 -13.44 -6.89
N LYS A 52 6.60 -14.64 -6.31
CA LYS A 52 7.12 -15.83 -6.97
C LYS A 52 6.48 -16.16 -8.33
N HIS A 53 5.29 -15.65 -8.58
CA HIS A 53 4.61 -15.87 -9.87
C HIS A 53 4.97 -14.80 -10.91
N GLY A 54 5.83 -13.86 -10.55
CA GLY A 54 6.24 -12.79 -11.43
C GLY A 54 5.36 -11.56 -11.28
N LYS A 55 4.09 -11.81 -11.05
CA LYS A 55 3.11 -10.74 -10.84
C LYS A 55 3.48 -10.10 -9.51
N ARG A 56 3.32 -8.80 -9.35
CA ARG A 56 3.67 -8.17 -8.08
C ARG A 56 2.62 -8.35 -7.00
N SER A 57 3.07 -8.17 -5.77
CA SER A 57 2.26 -8.35 -4.58
C SER A 57 1.19 -7.27 -4.41
N ILE A 58 0.34 -7.47 -3.40
CA ILE A 58 -0.69 -6.51 -3.02
C ILE A 58 -0.69 -6.40 -1.51
N MET A 59 -1.33 -5.37 -0.98
CA MET A 59 -1.41 -5.17 0.46
C MET A 59 -2.66 -5.83 1.07
N LYS A 60 -2.50 -6.50 2.20
CA LYS A 60 -3.62 -7.04 2.99
C LYS A 60 -3.31 -6.71 4.44
N THR A 61 -4.30 -6.87 5.31
CA THR A 61 -4.17 -6.46 6.72
C THR A 61 -4.36 -7.64 7.68
N VAL A 62 -3.65 -7.62 8.81
CA VAL A 62 -3.77 -8.68 9.81
C VAL A 62 -5.03 -8.48 10.64
N LEU A 63 -6.01 -9.33 10.42
CA LEU A 63 -7.26 -9.26 11.18
C LEU A 63 -7.18 -10.13 12.45
N LYS A 64 -6.23 -11.05 12.48
CA LYS A 64 -6.08 -11.94 13.64
C LYS A 64 -5.50 -11.16 14.81
N ILE A 65 -6.11 -11.33 15.98
CA ILE A 65 -5.62 -10.70 17.20
C ILE A 65 -4.22 -11.22 17.50
N GLY A 66 -3.32 -10.32 17.82
CA GLY A 66 -1.93 -10.66 18.10
C GLY A 66 -1.17 -9.35 18.17
N PRO A 67 0.15 -9.35 18.41
CA PRO A 67 0.87 -8.07 18.51
C PRO A 67 1.00 -7.31 17.19
N ASN A 68 0.73 -8.00 16.08
CA ASN A 68 0.80 -7.39 14.75
C ASN A 68 -0.60 -7.16 14.17
N ASN A 69 -1.61 -7.10 15.03
CA ASN A 69 -2.98 -6.88 14.56
C ASN A 69 -3.09 -5.49 13.95
N GLY A 70 -3.82 -5.38 12.85
CA GLY A 70 -4.01 -4.09 12.19
C GLY A 70 -2.87 -3.68 11.29
N LYS A 71 -1.73 -4.36 11.41
CA LYS A 71 -0.57 -4.05 10.58
C LYS A 71 -0.81 -4.61 9.18
N ASN A 72 -0.18 -4.00 8.20
CA ASN A 72 -0.35 -4.41 6.81
C ASN A 72 0.83 -5.25 6.36
N PHE A 73 0.60 -6.10 5.37
CA PHE A 73 1.63 -6.96 4.83
C PHE A 73 1.42 -7.15 3.32
N PHE A 74 2.46 -7.61 2.66
CA PHE A 74 2.45 -7.83 1.22
C PHE A 74 2.35 -9.33 0.95
N VAL A 75 1.41 -9.67 0.08
CA VAL A 75 1.03 -11.05 -0.25
C VAL A 75 0.59 -11.11 -1.69
N CYS A 76 0.33 -12.31 -2.18
CA CYS A 76 0.01 -12.52 -3.58
C CYS A 76 -1.50 -12.34 -3.83
N PRO A 77 -1.89 -11.73 -4.98
CA PRO A 77 -3.30 -11.47 -5.28
C PRO A 77 -4.17 -12.65 -5.70
N LEU A 78 -3.55 -13.79 -5.97
CA LEU A 78 -4.30 -14.97 -6.39
C LEU A 78 -5.09 -15.52 -5.21
N GLU A 79 -6.03 -16.41 -5.52
CA GLU A 79 -6.88 -17.05 -4.51
C GLU A 79 -6.00 -17.84 -3.55
N LYS A 80 -6.47 -18.09 -2.34
CA LYS A 80 -5.69 -18.78 -1.31
C LYS A 80 -4.98 -20.05 -1.80
N GLU A 81 -5.70 -20.85 -2.57
CA GLU A 81 -5.17 -22.11 -3.11
C GLU A 81 -4.04 -21.92 -4.12
N LYS A 82 -3.98 -20.75 -4.73
CA LYS A 82 -3.00 -20.46 -5.79
C LYS A 82 -2.01 -19.37 -5.37
N GLN A 83 -2.02 -18.99 -4.11
CA GLN A 83 -1.04 -18.01 -3.62
C GLN A 83 0.29 -18.70 -3.41
N CYS A 84 1.36 -17.98 -3.69
CA CYS A 84 2.69 -18.46 -3.38
C CYS A 84 2.90 -18.10 -1.90
N ASN A 85 3.83 -18.77 -1.23
CA ASN A 85 4.16 -18.47 0.16
C ASN A 85 5.07 -17.22 0.26
N PHE A 86 4.84 -16.27 -0.63
CA PHE A 86 5.60 -15.04 -0.67
C PHE A 86 4.89 -14.05 0.25
N PHE A 87 5.57 -13.67 1.33
CA PHE A 87 4.99 -12.78 2.35
C PHE A 87 6.06 -11.80 2.82
N GLN A 88 5.69 -10.53 2.96
CA GLN A 88 6.60 -9.51 3.52
C GLN A 88 5.75 -8.57 4.34
N TRP A 89 6.34 -7.82 5.26
CA TRP A 89 5.58 -6.86 6.07
C TRP A 89 5.61 -5.50 5.38
N ALA A 90 4.58 -4.70 5.57
CA ALA A 90 4.53 -3.36 5.02
C ALA A 90 5.07 -2.44 6.11
N GLU A 91 5.92 -1.49 5.74
CA GLU A 91 6.44 -0.53 6.72
C GLU A 91 5.29 0.18 7.39
N ASN A 92 5.34 0.22 8.71
CA ASN A 92 4.25 0.74 9.52
C ASN A 92 4.67 1.43 10.79
N GLY A 93 5.68 0.87 11.45
CA GLY A 93 6.08 1.30 12.77
C GLY A 93 5.45 0.29 13.71
N SER A 1 6.38 2.09 2.94
CA SER A 1 5.49 2.91 2.08
C SER A 1 6.25 4.09 1.51
N PRO A 2 5.83 4.63 0.35
CA PRO A 2 6.57 5.78 -0.17
C PRO A 2 6.29 7.04 0.64
N LEU A 3 7.09 8.08 0.37
CA LEU A 3 7.01 9.35 1.08
C LEU A 3 7.03 10.40 -0.01
N CYS A 4 6.37 11.53 0.17
CA CYS A 4 6.44 12.54 -0.89
C CYS A 4 7.85 13.13 -0.85
N LYS A 5 8.32 13.58 -2.00
CA LYS A 5 9.68 14.11 -2.10
C LYS A 5 9.86 15.45 -1.40
N MET A 6 8.75 16.14 -1.16
CA MET A 6 8.82 17.46 -0.54
C MET A 6 8.98 17.42 0.97
N HIS A 7 8.26 16.53 1.65
CA HIS A 7 8.27 16.49 3.11
C HIS A 7 8.85 15.23 3.74
N HIS A 8 9.10 14.20 2.93
CA HIS A 8 9.67 12.92 3.39
C HIS A 8 8.89 12.32 4.58
N ARG A 9 7.56 12.46 4.55
CA ARG A 9 6.71 11.92 5.61
C ARG A 9 5.41 11.38 5.02
N ARG A 10 4.93 10.27 5.57
CA ARG A 10 3.68 9.67 5.10
C ARG A 10 2.60 10.56 5.66
N CYS A 11 1.68 11.00 4.82
CA CYS A 11 0.61 11.87 5.32
C CYS A 11 -0.79 11.28 5.19
N VAL A 12 -1.24 10.92 3.98
CA VAL A 12 -2.51 10.18 3.85
C VAL A 12 -2.42 9.24 2.66
N LEU A 13 -3.26 8.22 2.67
CA LEU A 13 -3.30 7.23 1.59
C LEU A 13 -4.68 7.34 0.94
N ARG A 14 -4.72 7.46 -0.37
CA ARG A 14 -5.96 7.59 -1.14
C ARG A 14 -5.98 6.57 -2.26
N VAL A 15 -7.12 6.43 -2.93
CA VAL A 15 -7.30 5.49 -4.03
C VAL A 15 -7.84 6.30 -5.21
N VAL A 16 -7.32 6.06 -6.41
CA VAL A 16 -7.78 6.80 -7.60
C VAL A 16 -9.21 6.33 -7.95
N ARG A 17 -10.11 7.27 -8.23
CA ARG A 17 -11.55 6.95 -8.46
C ARG A 17 -12.11 7.18 -9.87
N LYS A 18 -11.28 6.97 -10.88
CA LYS A 18 -11.71 7.03 -12.29
C LYS A 18 -11.35 5.66 -12.82
N ASP A 19 -11.43 5.45 -14.12
CA ASP A 19 -11.07 4.17 -14.75
C ASP A 19 -9.86 4.31 -15.72
N GLY A 20 -9.10 3.23 -15.90
CA GLY A 20 -7.94 3.20 -16.78
C GLY A 20 -6.78 2.44 -16.13
N GLU A 21 -5.63 2.38 -16.79
CA GLU A 21 -4.48 1.61 -16.28
C GLU A 21 -3.99 1.98 -14.86
N ASN A 22 -3.82 3.27 -14.61
CA ASN A 22 -3.30 3.74 -13.33
C ASN A 22 -4.40 3.80 -12.28
N LYS A 23 -5.61 3.68 -12.76
CA LYS A 23 -6.78 3.85 -11.95
C LYS A 23 -7.15 2.75 -11.01
N GLY A 24 -7.72 3.17 -9.90
CA GLY A 24 -8.08 2.24 -8.83
C GLY A 24 -6.91 1.90 -7.94
N ARG A 25 -5.71 2.33 -8.33
CA ARG A 25 -4.52 2.05 -7.55
C ARG A 25 -4.44 3.00 -6.36
N GLN A 26 -3.64 2.59 -5.38
CA GLN A 26 -3.41 3.36 -4.18
C GLN A 26 -2.29 4.37 -4.40
N PHE A 27 -2.39 5.52 -3.75
CA PHE A 27 -1.34 6.54 -3.80
C PHE A 27 -1.33 7.33 -2.50
N TYR A 28 -0.19 7.89 -2.16
CA TYR A 28 -0.04 8.72 -0.98
C TYR A 28 -0.16 10.17 -1.41
N ALA A 29 -0.70 10.98 -0.52
CA ALA A 29 -0.91 12.39 -0.77
C ALA A 29 -0.61 13.11 0.54
N CYS A 30 -0.51 14.42 0.45
CA CYS A 30 -0.20 15.30 1.58
C CYS A 30 -1.46 15.78 2.30
N SER A 31 -1.37 15.84 3.62
CA SER A 31 -2.46 16.33 4.46
C SER A 31 -1.90 17.31 5.49
N LEU A 32 -0.84 18.01 5.09
CA LEU A 32 -0.20 18.97 5.99
C LEU A 32 -1.10 20.21 6.14
N PRO A 33 -0.88 21.02 7.20
CA PRO A 33 -1.72 22.18 7.48
C PRO A 33 -1.52 23.33 6.50
N ARG A 34 -2.42 24.32 6.55
CA ARG A 34 -2.37 25.46 5.64
C ARG A 34 -0.97 26.08 5.64
N GLY A 35 -0.45 26.31 4.44
CA GLY A 35 0.88 26.87 4.29
C GLY A 35 1.87 25.82 3.81
N ALA A 36 1.71 24.58 4.25
CA ALA A 36 2.59 23.50 3.82
C ALA A 36 1.79 22.41 3.11
N GLN A 37 2.25 21.97 1.96
CA GLN A 37 1.60 20.92 1.17
C GLN A 37 2.46 20.67 -0.04
N CYS A 38 2.09 19.68 -0.84
CA CYS A 38 2.78 19.41 -2.09
C CYS A 38 1.76 18.75 -3.00
N GLY A 39 1.86 19.02 -4.29
CA GLY A 39 0.93 18.44 -5.25
C GLY A 39 1.40 17.10 -5.77
N PHE A 40 2.43 16.55 -5.13
CA PHE A 40 2.98 15.28 -5.56
C PHE A 40 2.12 14.15 -5.01
N PHE A 41 1.98 13.11 -5.81
CA PHE A 41 1.24 11.93 -5.43
C PHE A 41 2.17 10.76 -5.63
N GLU A 42 2.31 9.96 -4.59
CA GLU A 42 3.27 8.86 -4.62
C GLU A 42 2.57 7.53 -4.67
N TRP A 43 2.68 6.83 -5.79
CA TRP A 43 1.99 5.55 -5.96
C TRP A 43 2.40 4.58 -4.86
N ALA A 44 1.42 4.11 -4.09
CA ALA A 44 1.70 3.17 -3.01
C ALA A 44 1.97 1.81 -3.64
N ASP A 45 1.67 1.71 -4.92
CA ASP A 45 1.93 0.52 -5.74
C ASP A 45 3.43 0.21 -5.70
N LEU A 46 4.25 1.25 -5.56
CA LEU A 46 5.71 1.10 -5.52
C LEU A 46 6.18 0.37 -4.25
N SER A 47 5.29 0.19 -3.28
CA SER A 47 5.65 -0.53 -2.06
C SER A 47 5.65 -2.02 -2.32
N PHE A 48 5.02 -2.44 -3.40
CA PHE A 48 4.87 -3.86 -3.68
C PHE A 48 5.95 -4.37 -4.62
N PRO A 49 6.76 -5.35 -4.17
CA PRO A 49 7.70 -5.88 -5.15
C PRO A 49 6.97 -6.90 -6.02
N PHE A 50 7.70 -7.52 -6.93
CA PHE A 50 7.17 -8.62 -7.70
C PHE A 50 7.08 -9.82 -6.75
N CYS A 51 6.24 -10.79 -7.09
CA CYS A 51 6.16 -12.03 -6.33
C CYS A 51 6.74 -13.10 -7.25
N LYS A 52 6.82 -14.34 -6.77
CA LYS A 52 7.43 -15.43 -7.55
C LYS A 52 6.72 -15.71 -8.89
N HIS A 53 5.46 -15.31 -9.00
CA HIS A 53 4.71 -15.49 -10.25
C HIS A 53 4.97 -14.34 -11.24
N GLY A 54 5.82 -13.40 -10.86
CA GLY A 54 6.12 -12.25 -11.70
C GLY A 54 5.10 -11.14 -11.48
N LYS A 55 3.93 -11.53 -11.00
CA LYS A 55 2.84 -10.60 -10.74
C LYS A 55 3.18 -9.69 -9.58
N ARG A 56 2.59 -8.51 -9.54
CA ARG A 56 2.81 -7.55 -8.47
C ARG A 56 2.18 -8.08 -7.17
N SER A 57 2.80 -7.78 -6.04
CA SER A 57 2.23 -8.16 -4.74
C SER A 57 1.13 -7.15 -4.39
N ILE A 58 0.30 -7.46 -3.41
CA ILE A 58 -0.75 -6.56 -2.96
C ILE A 58 -0.75 -6.48 -1.44
N MET A 59 -1.42 -5.47 -0.90
CA MET A 59 -1.51 -5.27 0.54
C MET A 59 -2.75 -5.94 1.14
N LYS A 60 -2.57 -6.60 2.28
CA LYS A 60 -3.70 -7.12 3.08
C LYS A 60 -3.36 -6.81 4.53
N THR A 61 -4.38 -6.80 5.37
CA THR A 61 -4.22 -6.40 6.78
C THR A 61 -4.43 -7.58 7.73
N VAL A 62 -3.71 -7.59 8.84
CA VAL A 62 -3.88 -8.62 9.86
C VAL A 62 -5.13 -8.29 10.66
N LEU A 63 -6.11 -9.16 10.62
CA LEU A 63 -7.36 -8.98 11.37
C LEU A 63 -7.38 -9.89 12.59
N LYS A 64 -6.37 -10.74 12.69
CA LYS A 64 -6.26 -11.66 13.82
C LYS A 64 -5.68 -10.92 15.01
N ILE A 65 -6.42 -10.95 16.12
CA ILE A 65 -5.98 -10.30 17.35
C ILE A 65 -4.62 -10.89 17.76
N GLY A 66 -3.70 -10.00 18.09
CA GLY A 66 -2.35 -10.38 18.47
C GLY A 66 -1.53 -9.12 18.40
N PRO A 67 -0.20 -9.16 18.65
CA PRO A 67 0.57 -7.90 18.59
C PRO A 67 0.74 -7.33 17.18
N ASN A 68 0.44 -8.13 16.18
CA ASN A 68 0.54 -7.70 14.78
C ASN A 68 -0.81 -7.25 14.23
N ASN A 69 -1.83 -7.23 15.07
CA ASN A 69 -3.18 -6.87 14.62
C ASN A 69 -3.20 -5.45 14.06
N GLY A 70 -3.87 -5.28 12.93
CA GLY A 70 -3.97 -3.97 12.30
C GLY A 70 -2.80 -3.62 11.41
N LYS A 71 -1.72 -4.39 11.47
CA LYS A 71 -0.57 -4.14 10.61
C LYS A 71 -0.82 -4.73 9.24
N ASN A 72 -0.15 -4.20 8.24
CA ASN A 72 -0.34 -4.65 6.87
C ASN A 72 0.83 -5.50 6.43
N PHE A 73 0.60 -6.31 5.42
CA PHE A 73 1.63 -7.16 4.85
C PHE A 73 1.38 -7.31 3.36
N PHE A 74 2.41 -7.74 2.65
CA PHE A 74 2.36 -7.96 1.21
C PHE A 74 2.26 -9.45 0.97
N VAL A 75 1.31 -9.79 0.11
CA VAL A 75 0.93 -11.16 -0.24
C VAL A 75 0.54 -11.16 -1.71
N CYS A 76 0.30 -12.33 -2.26
CA CYS A 76 -0.01 -12.48 -3.67
C CYS A 76 -1.53 -12.31 -3.87
N PRO A 77 -1.96 -11.68 -4.99
CA PRO A 77 -3.39 -11.49 -5.20
C PRO A 77 -4.20 -12.74 -5.53
N LEU A 78 -3.52 -13.84 -5.81
CA LEU A 78 -4.21 -15.10 -6.08
C LEU A 78 -4.72 -15.67 -4.75
N GLU A 79 -5.67 -16.58 -4.80
CA GLU A 79 -6.19 -17.21 -3.59
C GLU A 79 -5.13 -18.07 -2.90
N LYS A 80 -5.40 -18.44 -1.65
CA LYS A 80 -4.47 -19.22 -0.81
C LYS A 80 -3.89 -20.43 -1.53
N GLU A 81 -4.73 -21.15 -2.23
CA GLU A 81 -4.34 -22.36 -2.97
C GLU A 81 -3.31 -22.09 -4.08
N LYS A 82 -3.31 -20.87 -4.59
CA LYS A 82 -2.45 -20.48 -5.71
C LYS A 82 -1.44 -19.40 -5.36
N GLN A 83 -1.29 -19.06 -4.09
CA GLN A 83 -0.32 -18.05 -3.71
C GLN A 83 1.07 -18.64 -3.75
N CYS A 84 2.04 -17.79 -4.04
CA CYS A 84 3.43 -18.18 -4.04
C CYS A 84 3.89 -18.15 -2.59
N ASN A 85 4.99 -18.81 -2.30
CA ASN A 85 5.58 -18.79 -0.96
C ASN A 85 6.35 -17.47 -0.81
N PHE A 86 5.58 -16.41 -0.67
CA PHE A 86 6.09 -15.05 -0.48
C PHE A 86 5.15 -14.32 0.46
N PHE A 87 5.73 -13.68 1.47
CA PHE A 87 4.98 -12.88 2.44
C PHE A 87 5.99 -11.86 2.93
N GLN A 88 5.59 -10.59 3.01
CA GLN A 88 6.51 -9.56 3.50
C GLN A 88 5.76 -8.56 4.36
N TRP A 89 6.28 -8.20 5.52
CA TRP A 89 5.61 -7.20 6.36
C TRP A 89 5.69 -5.83 5.69
N ALA A 90 4.60 -5.07 5.77
CA ALA A 90 4.54 -3.74 5.19
C ALA A 90 4.82 -2.74 6.30
N GLU A 91 5.46 -1.64 5.97
CA GLU A 91 5.74 -0.61 6.95
C GLU A 91 4.60 0.41 6.97
N ASN A 92 3.80 0.35 8.02
CA ASN A 92 2.69 1.29 8.23
C ASN A 92 2.63 1.74 9.70
N GLY A 93 3.67 1.45 10.45
CA GLY A 93 3.69 1.71 11.88
C GLY A 93 3.24 0.48 12.64
N SER A 1 5.40 1.81 3.07
CA SER A 1 4.54 2.49 2.08
C SER A 1 5.06 3.88 1.81
N PRO A 2 4.63 4.52 0.70
CA PRO A 2 5.19 5.84 0.40
C PRO A 2 4.62 6.99 1.26
N LEU A 3 5.21 8.16 1.11
CA LEU A 3 4.84 9.36 1.87
C LEU A 3 4.72 10.52 0.91
N CYS A 4 3.84 11.47 1.17
CA CYS A 4 3.78 12.63 0.31
C CYS A 4 4.93 13.56 0.68
N LYS A 5 5.34 14.37 -0.27
CA LYS A 5 6.52 15.23 -0.09
C LYS A 5 6.30 16.39 0.87
N MET A 6 5.12 16.97 0.82
CA MET A 6 4.81 18.15 1.64
C MET A 6 4.72 17.87 3.14
N HIS A 7 4.18 16.72 3.51
CA HIS A 7 3.94 16.43 4.93
C HIS A 7 4.73 15.26 5.51
N HIS A 8 5.38 14.48 4.66
CA HIS A 8 6.19 13.33 5.08
C HIS A 8 5.43 12.38 6.02
N ARG A 9 4.14 12.18 5.74
CA ARG A 9 3.31 11.30 6.57
C ARG A 9 2.32 10.54 5.70
N ARG A 10 2.05 9.30 6.06
CA ARG A 10 1.06 8.48 5.35
C ARG A 10 -0.26 9.04 5.79
N CYS A 11 -1.02 9.65 4.89
CA CYS A 11 -2.26 10.28 5.32
C CYS A 11 -3.52 9.45 5.08
N VAL A 12 -3.78 9.01 3.86
CA VAL A 12 -4.85 8.01 3.62
C VAL A 12 -4.45 7.16 2.43
N LEU A 13 -5.02 5.96 2.35
CA LEU A 13 -4.76 5.04 1.24
C LEU A 13 -6.09 4.79 0.53
N ARG A 14 -6.08 4.95 -0.78
CA ARG A 14 -7.27 4.79 -1.63
C ARG A 14 -6.90 3.84 -2.75
N VAL A 15 -7.85 3.49 -3.60
CA VAL A 15 -7.59 2.62 -4.75
C VAL A 15 -8.39 3.17 -5.93
N VAL A 16 -7.80 3.17 -7.11
CA VAL A 16 -8.43 3.74 -8.30
C VAL A 16 -9.62 2.93 -8.79
N ARG A 17 -10.73 3.62 -9.06
CA ARG A 17 -11.92 2.98 -9.62
C ARG A 17 -12.12 3.32 -11.11
N LYS A 18 -11.34 4.27 -11.63
CA LYS A 18 -11.33 4.58 -13.05
C LYS A 18 -10.61 3.45 -13.78
N ASP A 19 -10.71 3.45 -15.11
CA ASP A 19 -10.05 2.42 -15.91
C ASP A 19 -8.65 2.89 -16.34
N GLY A 20 -7.92 1.99 -17.01
CA GLY A 20 -6.56 2.28 -17.43
C GLY A 20 -5.64 1.25 -16.79
N GLU A 21 -4.34 1.35 -17.01
CA GLU A 21 -3.38 0.40 -16.41
C GLU A 21 -3.31 0.58 -14.89
N ASN A 22 -3.82 1.69 -14.41
CA ASN A 22 -3.83 1.99 -12.98
C ASN A 22 -5.14 1.59 -12.32
N LYS A 23 -6.03 0.95 -13.07
CA LYS A 23 -7.30 0.47 -12.52
C LYS A 23 -7.02 -0.52 -11.41
N GLY A 24 -7.58 -0.28 -10.24
CA GLY A 24 -7.38 -1.19 -9.12
C GLY A 24 -6.08 -0.98 -8.38
N ARG A 25 -5.20 -0.11 -8.85
CA ARG A 25 -3.94 0.13 -8.14
C ARG A 25 -4.22 1.04 -6.96
N GLN A 26 -3.57 0.76 -5.85
CA GLN A 26 -3.74 1.52 -4.63
C GLN A 26 -2.81 2.74 -4.67
N PHE A 27 -3.24 3.82 -4.05
CA PHE A 27 -2.44 5.05 -3.99
C PHE A 27 -2.70 5.82 -2.70
N TYR A 28 -1.68 6.50 -2.21
CA TYR A 28 -1.79 7.32 -1.03
C TYR A 28 -2.16 8.71 -1.46
N ALA A 29 -2.90 9.37 -0.59
CA ALA A 29 -3.41 10.72 -0.82
C ALA A 29 -3.42 11.41 0.53
N CYS A 30 -3.62 12.72 0.49
CA CYS A 30 -3.69 13.54 1.69
C CYS A 30 -5.12 13.73 2.13
N SER A 31 -5.35 13.71 3.43
CA SER A 31 -6.67 13.96 4.00
C SER A 31 -6.48 14.83 5.23
N LEU A 32 -5.52 15.72 5.15
CA LEU A 32 -5.23 16.64 6.25
C LEU A 32 -6.38 17.68 6.29
N PRO A 33 -6.53 18.39 7.42
CA PRO A 33 -7.63 19.33 7.59
C PRO A 33 -7.50 20.54 6.67
N ARG A 34 -8.62 21.20 6.40
CA ARG A 34 -8.65 22.35 5.49
C ARG A 34 -7.56 23.35 5.87
N GLY A 35 -6.84 23.81 4.86
CA GLY A 35 -5.71 24.70 5.06
C GLY A 35 -4.41 23.96 4.78
N ALA A 36 -4.35 22.67 5.14
CA ALA A 36 -3.18 21.86 4.85
C ALA A 36 -3.59 20.69 3.95
N GLN A 37 -2.85 20.47 2.87
CA GLN A 37 -3.11 19.42 1.90
C GLN A 37 -1.97 19.50 0.90
N CYS A 38 -1.91 18.56 -0.03
CA CYS A 38 -0.90 18.59 -1.07
C CYS A 38 -1.50 17.92 -2.29
N GLY A 39 -1.04 18.32 -3.48
CA GLY A 39 -1.57 17.76 -4.71
C GLY A 39 -0.81 16.55 -5.19
N PHE A 40 0.10 16.05 -4.38
CA PHE A 40 0.87 14.87 -4.74
C PHE A 40 0.12 13.64 -4.28
N PHE A 41 0.21 12.58 -5.08
CA PHE A 41 -0.41 11.31 -4.77
C PHE A 41 0.70 10.30 -4.98
N GLU A 42 0.69 9.22 -4.21
CA GLU A 42 1.76 8.24 -4.31
C GLU A 42 1.27 6.86 -4.59
N TRP A 43 1.79 6.23 -5.63
CA TRP A 43 1.36 4.88 -5.96
C TRP A 43 1.85 3.93 -4.87
N ALA A 44 0.92 3.22 -4.24
CA ALA A 44 1.25 2.37 -3.11
C ALA A 44 1.96 1.11 -3.58
N ASP A 45 1.69 0.71 -4.82
CA ASP A 45 2.28 -0.49 -5.38
C ASP A 45 3.76 -0.31 -5.72
N LEU A 46 4.29 0.89 -5.50
CA LEU A 46 5.73 1.13 -5.64
C LEU A 46 6.43 0.41 -4.48
N SER A 47 5.68 0.15 -3.42
CA SER A 47 6.23 -0.52 -2.24
C SER A 47 5.98 -2.02 -2.24
N PHE A 48 5.34 -2.54 -3.27
CA PHE A 48 5.06 -3.98 -3.31
C PHE A 48 6.03 -4.62 -4.30
N PRO A 49 6.90 -5.51 -3.84
CA PRO A 49 7.80 -6.09 -4.84
C PRO A 49 7.10 -7.17 -5.65
N PHE A 50 7.84 -7.76 -6.56
CA PHE A 50 7.38 -8.90 -7.31
C PHE A 50 7.22 -10.10 -6.37
N CYS A 51 6.09 -10.78 -6.47
CA CYS A 51 5.91 -12.02 -5.74
C CYS A 51 6.59 -13.09 -6.58
N LYS A 52 6.64 -14.31 -6.09
CA LYS A 52 7.35 -15.41 -6.78
C LYS A 52 6.83 -15.74 -8.18
N HIS A 53 5.63 -15.29 -8.51
CA HIS A 53 5.05 -15.50 -9.85
C HIS A 53 5.53 -14.46 -10.87
N GLY A 54 6.33 -13.51 -10.42
CA GLY A 54 6.81 -12.45 -11.31
C GLY A 54 5.75 -11.40 -11.53
N LYS A 55 4.87 -11.25 -10.55
CA LYS A 55 3.75 -10.30 -10.64
C LYS A 55 3.77 -9.47 -9.38
N ARG A 56 3.33 -8.22 -9.46
CA ARG A 56 3.37 -7.32 -8.29
C ARG A 56 2.51 -7.89 -7.14
N SER A 57 3.01 -7.76 -5.92
CA SER A 57 2.27 -8.22 -4.74
C SER A 57 1.22 -7.17 -4.40
N ILE A 58 0.37 -7.46 -3.42
CA ILE A 58 -0.67 -6.52 -2.98
C ILE A 58 -0.68 -6.47 -1.45
N MET A 59 -1.24 -5.40 -0.89
CA MET A 59 -1.31 -5.22 0.55
C MET A 59 -2.60 -5.80 1.15
N LYS A 60 -2.47 -6.49 2.27
CA LYS A 60 -3.61 -6.98 3.05
C LYS A 60 -3.28 -6.69 4.51
N THR A 61 -4.30 -6.74 5.36
CA THR A 61 -4.15 -6.37 6.78
C THR A 61 -4.36 -7.55 7.73
N VAL A 62 -3.62 -7.57 8.84
CA VAL A 62 -3.78 -8.60 9.86
C VAL A 62 -5.00 -8.25 10.71
N LEU A 63 -6.00 -9.12 10.71
CA LEU A 63 -7.21 -8.91 11.51
C LEU A 63 -7.21 -9.77 12.77
N LYS A 64 -6.20 -10.60 12.90
CA LYS A 64 -6.06 -11.47 14.07
C LYS A 64 -5.50 -10.66 15.24
N ILE A 65 -6.26 -10.61 16.32
CA ILE A 65 -5.87 -9.88 17.52
C ILE A 65 -4.53 -10.44 18.04
N GLY A 66 -3.62 -9.54 18.35
CA GLY A 66 -2.29 -9.92 18.82
C GLY A 66 -1.41 -8.69 18.67
N PRO A 67 -0.10 -8.77 18.91
CA PRO A 67 0.73 -7.56 18.80
C PRO A 67 0.92 -7.07 17.36
N ASN A 68 0.56 -7.90 16.40
CA ASN A 68 0.67 -7.54 14.98
C ASN A 68 -0.70 -7.22 14.39
N ASN A 69 -1.70 -7.04 15.22
CA ASN A 69 -3.04 -6.74 14.72
C ASN A 69 -3.04 -5.36 14.09
N GLY A 70 -3.71 -5.23 12.95
CA GLY A 70 -3.79 -3.96 12.25
C GLY A 70 -2.58 -3.68 11.37
N LYS A 71 -1.53 -4.47 11.50
CA LYS A 71 -0.34 -4.29 10.66
C LYS A 71 -0.69 -4.77 9.26
N ASN A 72 0.00 -4.21 8.29
CA ASN A 72 -0.22 -4.57 6.90
C ASN A 72 0.93 -5.44 6.43
N PHE A 73 0.66 -6.25 5.42
CA PHE A 73 1.67 -7.13 4.84
C PHE A 73 1.39 -7.29 3.35
N PHE A 74 2.40 -7.76 2.62
CA PHE A 74 2.32 -7.97 1.19
C PHE A 74 2.19 -9.46 0.92
N VAL A 75 1.26 -9.80 0.06
CA VAL A 75 0.90 -11.18 -0.31
C VAL A 75 0.53 -11.19 -1.79
N CYS A 76 0.17 -12.35 -2.33
CA CYS A 76 -0.10 -12.50 -3.75
C CYS A 76 -1.58 -12.18 -4.10
N PRO A 77 -1.82 -11.53 -5.26
CA PRO A 77 -3.20 -11.21 -5.66
C PRO A 77 -4.05 -12.37 -6.16
N LEU A 78 -3.43 -13.52 -6.40
CA LEU A 78 -4.15 -14.68 -6.90
C LEU A 78 -4.97 -15.29 -5.75
N GLU A 79 -5.96 -16.10 -6.09
CA GLU A 79 -6.81 -16.73 -5.09
C GLU A 79 -6.01 -17.74 -4.24
N LYS A 80 -6.60 -18.20 -3.14
CA LYS A 80 -5.87 -18.89 -2.06
C LYS A 80 -5.02 -20.09 -2.49
N GLU A 81 -5.54 -20.94 -3.34
CA GLU A 81 -4.84 -22.17 -3.75
C GLU A 81 -3.82 -21.89 -4.86
N LYS A 82 -3.83 -20.67 -5.36
CA LYS A 82 -2.94 -20.24 -6.43
C LYS A 82 -1.95 -19.17 -5.98
N GLN A 83 -1.91 -18.88 -4.68
CA GLN A 83 -0.95 -17.92 -4.17
C GLN A 83 0.40 -18.58 -4.03
N CYS A 84 1.44 -17.80 -4.19
CA CYS A 84 2.80 -18.29 -3.98
C CYS A 84 3.06 -18.21 -2.50
N ASN A 85 4.03 -18.98 -2.02
CA ASN A 85 4.44 -18.94 -0.61
C ASN A 85 5.35 -17.72 -0.40
N PHE A 86 4.72 -16.56 -0.46
CA PHE A 86 5.38 -15.26 -0.30
C PHE A 86 4.56 -14.42 0.66
N PHE A 87 5.23 -13.84 1.65
CA PHE A 87 4.60 -12.98 2.64
C PHE A 87 5.70 -12.01 3.08
N GLN A 88 5.40 -10.72 3.11
CA GLN A 88 6.38 -9.73 3.57
C GLN A 88 5.69 -8.67 4.41
N TRP A 89 6.24 -8.29 5.54
CA TRP A 89 5.62 -7.23 6.34
C TRP A 89 5.74 -5.86 5.66
N ALA A 90 4.75 -5.01 5.87
CA ALA A 90 4.76 -3.66 5.33
C ALA A 90 5.35 -2.71 6.39
N GLU A 91 5.53 -1.47 5.99
CA GLU A 91 6.06 -0.41 6.84
C GLU A 91 7.47 -0.70 7.41
N ASN A 92 7.56 -1.30 8.58
CA ASN A 92 8.84 -1.61 9.20
C ASN A 92 8.74 -2.88 10.05
N GLY A 93 7.75 -3.71 9.73
CA GLY A 93 7.53 -4.94 10.50
C GLY A 93 6.37 -4.82 11.46
N SER A 1 6.22 1.79 3.00
CA SER A 1 5.34 2.80 2.40
C SER A 1 6.17 3.90 1.81
N PRO A 2 5.72 4.48 0.69
CA PRO A 2 6.49 5.60 0.15
C PRO A 2 6.33 6.83 1.05
N LEU A 3 7.22 7.80 0.88
CA LEU A 3 7.23 9.00 1.71
C LEU A 3 7.19 10.22 0.84
N CYS A 4 6.23 11.12 1.07
CA CYS A 4 6.15 12.29 0.22
C CYS A 4 7.40 13.11 0.45
N LYS A 5 7.79 13.87 -0.57
CA LYS A 5 9.07 14.56 -0.56
C LYS A 5 9.17 15.75 0.38
N MET A 6 8.08 16.47 0.54
CA MET A 6 8.09 17.67 1.40
C MET A 6 8.30 17.35 2.88
N HIS A 7 7.69 16.26 3.35
CA HIS A 7 7.73 15.95 4.79
C HIS A 7 8.45 14.67 5.19
N HIS A 8 8.77 13.82 4.22
CA HIS A 8 9.44 12.53 4.46
C HIS A 8 8.76 11.68 5.54
N ARG A 9 7.44 11.74 5.57
CA ARG A 9 6.65 10.96 6.53
C ARG A 9 5.42 10.42 5.83
N ARG A 10 5.10 9.18 6.15
CA ARG A 10 3.93 8.51 5.60
C ARG A 10 2.76 9.22 6.25
N CYS A 11 1.72 9.52 5.51
CA CYS A 11 0.57 10.21 6.13
C CYS A 11 -0.80 9.56 6.01
N VAL A 12 -1.31 9.26 4.83
CA VAL A 12 -2.55 8.47 4.71
C VAL A 12 -2.53 7.67 3.41
N LEU A 13 -3.33 6.62 3.38
CA LEU A 13 -3.47 5.77 2.20
C LEU A 13 -4.95 5.84 1.77
N ARG A 14 -5.18 6.14 0.50
CA ARG A 14 -6.52 6.27 -0.06
C ARG A 14 -6.62 5.37 -1.29
N VAL A 15 -7.82 5.19 -1.79
CA VAL A 15 -8.05 4.35 -2.96
C VAL A 15 -8.80 5.16 -4.01
N VAL A 16 -8.37 5.08 -5.26
CA VAL A 16 -9.01 5.85 -6.34
C VAL A 16 -10.41 5.30 -6.61
N ARG A 17 -11.39 6.19 -6.63
CA ARG A 17 -12.79 5.80 -6.94
C ARG A 17 -13.30 6.51 -8.19
N LYS A 18 -12.53 7.46 -8.68
CA LYS A 18 -12.85 8.17 -9.92
C LYS A 18 -12.19 7.39 -11.04
N ASP A 19 -12.25 7.93 -12.25
CA ASP A 19 -11.58 7.35 -13.42
C ASP A 19 -12.05 5.92 -13.73
N GLY A 20 -11.23 5.15 -14.42
CA GLY A 20 -11.57 3.77 -14.77
C GLY A 20 -10.31 2.94 -14.84
N GLU A 21 -9.30 3.44 -15.54
CA GLU A 21 -8.02 2.74 -15.69
C GLU A 21 -7.29 2.67 -14.34
N ASN A 22 -7.37 3.75 -13.58
CA ASN A 22 -6.72 3.82 -12.26
C ASN A 22 -7.69 3.51 -11.14
N LYS A 23 -8.92 3.21 -11.46
CA LYS A 23 -9.94 2.98 -10.43
C LYS A 23 -9.59 1.74 -9.62
N GLY A 24 -9.62 1.88 -8.30
CA GLY A 24 -9.29 0.77 -7.41
C GLY A 24 -7.84 0.76 -6.96
N ARG A 25 -6.98 1.52 -7.62
CA ARG A 25 -5.56 1.55 -7.23
C ARG A 25 -5.37 2.31 -5.93
N GLN A 26 -4.44 1.82 -5.13
CA GLN A 26 -4.10 2.41 -3.84
C GLN A 26 -3.05 3.51 -4.02
N PHE A 27 -3.17 4.59 -3.27
CA PHE A 27 -2.19 5.68 -3.33
C PHE A 27 -2.07 6.38 -1.97
N TYR A 28 -0.93 6.97 -1.72
CA TYR A 28 -0.66 7.71 -0.51
C TYR A 28 -0.85 9.19 -0.76
N ALA A 29 -1.27 9.86 0.30
CA ALA A 29 -1.53 11.30 0.26
C ALA A 29 -1.12 11.85 1.62
N CYS A 30 -1.08 13.17 1.68
CA CYS A 30 -0.75 13.93 2.87
C CYS A 30 -2.02 14.19 3.66
N SER A 31 -1.92 14.12 4.98
CA SER A 31 -3.03 14.46 5.86
C SER A 31 -2.47 15.23 7.04
N LEU A 32 -1.49 16.07 6.75
CA LEU A 32 -0.88 16.91 7.79
C LEU A 32 -1.92 17.97 8.20
N PRO A 33 -1.73 18.58 9.37
CA PRO A 33 -2.72 19.54 9.88
C PRO A 33 -2.76 20.82 9.07
N ARG A 34 -3.89 21.52 9.12
CA ARG A 34 -4.09 22.74 8.34
C ARG A 34 -2.90 23.69 8.45
N GLY A 35 -2.45 24.18 7.31
CA GLY A 35 -1.27 25.03 7.25
C GLY A 35 -0.11 24.28 6.62
N ALA A 36 0.01 22.99 6.89
CA ALA A 36 1.07 22.17 6.31
C ALA A 36 0.44 21.05 5.47
N GLN A 37 0.92 20.86 4.25
CA GLN A 37 0.42 19.83 3.34
C GLN A 37 1.31 19.85 2.11
N CYS A 38 1.07 18.92 1.20
CA CYS A 38 1.79 18.89 -0.06
C CYS A 38 0.91 18.18 -1.07
N GLY A 39 1.01 18.55 -2.34
CA GLY A 39 0.20 17.93 -3.38
C GLY A 39 0.88 16.71 -3.96
N PHE A 40 1.88 16.19 -3.26
CA PHE A 40 2.63 15.04 -3.72
C PHE A 40 1.86 13.76 -3.37
N PHE A 41 1.37 13.06 -4.39
CA PHE A 41 0.64 11.82 -4.21
C PHE A 41 1.53 10.69 -4.69
N GLU A 42 1.43 9.53 -4.05
CA GLU A 42 2.32 8.41 -4.39
C GLU A 42 1.57 7.13 -4.62
N TRP A 43 1.84 6.43 -5.70
CA TRP A 43 1.16 5.17 -5.92
C TRP A 43 1.67 4.19 -4.87
N ALA A 44 0.76 3.55 -4.14
CA ALA A 44 1.15 2.62 -3.08
C ALA A 44 1.69 1.35 -3.73
N ASP A 45 1.35 1.19 -5.01
CA ASP A 45 1.78 0.05 -5.80
C ASP A 45 3.31 -0.03 -5.85
N LEU A 46 3.96 1.12 -5.74
CA LEU A 46 5.42 1.20 -5.79
C LEU A 46 6.09 0.56 -4.58
N SER A 47 5.36 0.38 -3.49
CA SER A 47 5.91 -0.24 -2.27
C SER A 47 5.85 -1.75 -2.36
N PHE A 48 5.13 -2.29 -3.34
CA PHE A 48 5.01 -3.74 -3.44
C PHE A 48 6.11 -4.32 -4.31
N PRO A 49 6.85 -5.31 -3.78
CA PRO A 49 7.80 -5.91 -4.72
C PRO A 49 7.07 -6.93 -5.59
N PHE A 50 7.80 -7.59 -6.46
CA PHE A 50 7.25 -8.68 -7.23
C PHE A 50 7.06 -9.86 -6.27
N CYS A 51 6.10 -10.73 -6.55
CA CYS A 51 5.95 -11.96 -5.78
C CYS A 51 6.64 -13.02 -6.62
N LYS A 52 6.69 -14.25 -6.13
CA LYS A 52 7.41 -15.32 -6.86
C LYS A 52 6.86 -15.64 -8.25
N HIS A 53 5.63 -15.23 -8.53
CA HIS A 53 5.03 -15.43 -9.86
C HIS A 53 5.42 -14.33 -10.83
N GLY A 54 6.17 -13.33 -10.35
CA GLY A 54 6.56 -12.19 -11.17
C GLY A 54 5.51 -11.10 -11.11
N LYS A 55 4.30 -11.50 -10.73
CA LYS A 55 3.18 -10.57 -10.58
C LYS A 55 3.44 -9.67 -9.38
N ARG A 56 2.90 -8.46 -9.41
CA ARG A 56 3.06 -7.52 -8.31
C ARG A 56 2.37 -8.09 -7.06
N SER A 57 2.93 -7.83 -5.89
CA SER A 57 2.33 -8.24 -4.63
C SER A 57 1.23 -7.22 -4.28
N ILE A 58 0.36 -7.55 -3.37
CA ILE A 58 -0.70 -6.63 -2.93
C ILE A 58 -0.77 -6.55 -1.42
N MET A 59 -1.37 -5.48 -0.92
CA MET A 59 -1.51 -5.27 0.52
C MET A 59 -2.75 -5.96 1.09
N LYS A 60 -2.57 -6.62 2.24
CA LYS A 60 -3.68 -7.17 3.02
C LYS A 60 -3.35 -6.83 4.46
N THR A 61 -4.35 -6.80 5.31
CA THR A 61 -4.17 -6.37 6.71
C THR A 61 -4.41 -7.52 7.70
N VAL A 62 -3.69 -7.53 8.81
CA VAL A 62 -3.87 -8.55 9.83
C VAL A 62 -5.08 -8.20 10.66
N LEU A 63 -6.14 -8.97 10.48
CA LEU A 63 -7.38 -8.75 11.24
C LEU A 63 -7.42 -9.62 12.50
N LYS A 64 -6.56 -10.62 12.56
CA LYS A 64 -6.50 -11.50 13.73
C LYS A 64 -5.88 -10.75 14.89
N ILE A 65 -6.51 -10.83 16.05
CA ILE A 65 -6.00 -10.20 17.27
C ILE A 65 -4.65 -10.82 17.62
N GLY A 66 -3.68 -9.98 17.95
CA GLY A 66 -2.35 -10.43 18.28
C GLY A 66 -1.44 -9.22 18.28
N PRO A 67 -0.13 -9.35 18.52
CA PRO A 67 0.75 -8.17 18.55
C PRO A 67 0.96 -7.52 17.18
N ASN A 68 0.55 -8.19 16.12
CA ASN A 68 0.68 -7.66 14.76
C ASN A 68 -0.68 -7.24 14.20
N ASN A 69 -1.68 -7.10 15.07
CA ASN A 69 -3.02 -6.73 14.62
C ASN A 69 -3.00 -5.32 14.02
N GLY A 70 -3.71 -5.15 12.91
CA GLY A 70 -3.80 -3.85 12.26
C GLY A 70 -2.66 -3.57 11.30
N LYS A 71 -1.57 -4.32 11.41
CA LYS A 71 -0.43 -4.13 10.50
C LYS A 71 -0.76 -4.68 9.14
N ASN A 72 -0.15 -4.09 8.13
CA ASN A 72 -0.34 -4.53 6.76
C ASN A 72 0.84 -5.37 6.31
N PHE A 73 0.59 -6.22 5.34
CA PHE A 73 1.62 -7.07 4.79
C PHE A 73 1.36 -7.28 3.30
N PHE A 74 2.40 -7.68 2.59
CA PHE A 74 2.35 -7.91 1.16
C PHE A 74 2.29 -9.40 0.91
N VAL A 75 1.36 -9.79 0.05
CA VAL A 75 1.03 -11.18 -0.26
C VAL A 75 0.60 -11.24 -1.72
N CYS A 76 0.26 -12.42 -2.20
CA CYS A 76 -0.09 -12.61 -3.60
C CYS A 76 -1.60 -12.36 -3.84
N PRO A 77 -1.95 -11.76 -5.00
CA PRO A 77 -3.36 -11.51 -5.29
C PRO A 77 -4.18 -12.71 -5.73
N LEU A 78 -3.52 -13.83 -5.99
CA LEU A 78 -4.21 -15.03 -6.46
C LEU A 78 -4.96 -15.74 -5.33
N GLU A 79 -5.80 -16.68 -5.74
CA GLU A 79 -6.62 -17.48 -4.83
C GLU A 79 -5.76 -18.34 -3.89
N LYS A 80 -6.37 -18.97 -2.90
CA LYS A 80 -5.61 -19.52 -1.76
C LYS A 80 -4.67 -20.63 -2.17
N GLU A 81 -5.14 -21.46 -3.07
CA GLU A 81 -4.40 -22.61 -3.56
C GLU A 81 -3.42 -22.22 -4.67
N LYS A 82 -3.46 -20.97 -5.10
CA LYS A 82 -2.58 -20.49 -6.18
C LYS A 82 -1.65 -19.37 -5.72
N GLN A 83 -1.63 -19.04 -4.44
CA GLN A 83 -0.69 -18.03 -3.95
C GLN A 83 0.68 -18.66 -3.87
N CYS A 84 1.70 -17.84 -4.07
CA CYS A 84 3.07 -18.29 -3.90
C CYS A 84 3.42 -18.16 -2.43
N ASN A 85 4.47 -18.84 -2.02
CA ASN A 85 4.98 -18.73 -0.65
C ASN A 85 5.82 -17.47 -0.60
N PHE A 86 5.12 -16.35 -0.57
CA PHE A 86 5.72 -15.03 -0.50
C PHE A 86 4.91 -14.15 0.45
N PHE A 87 5.56 -13.63 1.46
CA PHE A 87 4.93 -12.79 2.47
C PHE A 87 5.97 -11.77 2.92
N GLN A 88 5.59 -10.51 3.01
CA GLN A 88 6.51 -9.48 3.52
C GLN A 88 5.72 -8.52 4.39
N TRP A 89 6.26 -8.08 5.51
CA TRP A 89 5.57 -7.06 6.30
C TRP A 89 5.69 -5.72 5.56
N ALA A 90 4.68 -4.89 5.65
CA ALA A 90 4.75 -3.57 5.01
C ALA A 90 5.83 -2.78 5.76
N GLU A 91 6.64 -2.05 5.02
CA GLU A 91 7.70 -1.26 5.63
C GLU A 91 6.99 -0.07 6.25
N ASN A 92 7.07 0.06 7.57
CA ASN A 92 6.42 1.15 8.31
C ASN A 92 4.91 1.20 7.97
N GLY A 93 4.24 0.06 8.11
CA GLY A 93 2.82 -0.02 7.83
C GLY A 93 2.26 -1.27 8.48
N SER A 1 7.83 2.25 1.09
CA SER A 1 6.64 2.97 0.57
C SER A 1 7.06 4.29 -0.02
N PRO A 2 6.26 4.84 -0.96
CA PRO A 2 6.67 6.12 -1.51
C PRO A 2 6.54 7.26 -0.50
N LEU A 3 7.31 8.31 -0.72
CA LEU A 3 7.34 9.47 0.17
C LEU A 3 7.27 10.70 -0.71
N CYS A 4 6.46 11.69 -0.35
CA CYS A 4 6.42 12.90 -1.15
C CYS A 4 7.68 13.70 -0.87
N LYS A 5 8.09 14.53 -1.82
CA LYS A 5 9.32 15.31 -1.66
C LYS A 5 9.21 16.43 -0.64
N MET A 6 7.99 16.85 -0.33
CA MET A 6 7.79 17.97 0.59
C MET A 6 8.03 17.61 2.05
N HIS A 7 7.49 16.47 2.49
CA HIS A 7 7.59 16.09 3.90
C HIS A 7 8.40 14.82 4.18
N HIS A 8 8.73 14.08 3.12
CA HIS A 8 9.51 12.83 3.22
C HIS A 8 9.00 11.85 4.29
N ARG A 9 7.68 11.77 4.46
CA ARG A 9 7.10 10.90 5.47
C ARG A 9 5.85 10.23 4.93
N ARG A 10 5.59 9.01 5.38
CA ARG A 10 4.39 8.28 4.99
C ARG A 10 3.30 9.04 5.73
N CYS A 11 2.22 9.40 5.06
CA CYS A 11 1.20 10.20 5.75
C CYS A 11 -0.19 9.58 5.89
N VAL A 12 -0.86 9.22 4.81
CA VAL A 12 -2.06 8.38 4.90
C VAL A 12 -2.13 7.56 3.63
N LEU A 13 -2.85 6.46 3.70
CA LEU A 13 -3.00 5.56 2.58
C LEU A 13 -4.49 5.49 2.24
N ARG A 14 -4.81 5.58 0.96
CA ARG A 14 -6.19 5.56 0.48
C ARG A 14 -6.32 4.47 -0.56
N VAL A 15 -7.55 4.12 -0.88
CA VAL A 15 -7.85 3.06 -1.85
C VAL A 15 -8.82 3.63 -2.88
N VAL A 16 -8.59 3.32 -4.15
CA VAL A 16 -9.46 3.80 -5.21
C VAL A 16 -10.80 3.06 -5.15
N ARG A 17 -11.88 3.80 -4.95
CA ARG A 17 -13.21 3.20 -4.87
C ARG A 17 -14.01 3.33 -6.16
N LYS A 18 -13.60 4.24 -7.04
CA LYS A 18 -14.29 4.40 -8.33
C LYS A 18 -13.94 3.19 -9.20
N ASP A 19 -14.76 2.93 -10.21
CA ASP A 19 -14.49 1.82 -11.12
C ASP A 19 -13.41 2.21 -12.15
N GLY A 20 -12.92 1.23 -12.89
CA GLY A 20 -11.88 1.45 -13.88
C GLY A 20 -10.72 0.51 -13.65
N GLU A 21 -9.69 0.58 -14.47
CA GLU A 21 -8.53 -0.32 -14.34
C GLU A 21 -7.78 -0.13 -13.01
N ASN A 22 -7.90 1.05 -12.42
CA ASN A 22 -7.24 1.34 -11.14
C ASN A 22 -8.14 1.09 -9.93
N LYS A 23 -9.29 0.48 -10.14
CA LYS A 23 -10.21 0.16 -9.04
C LYS A 23 -9.50 -0.73 -8.03
N GLY A 24 -9.59 -0.39 -6.75
CA GLY A 24 -8.99 -1.20 -5.71
C GLY A 24 -7.51 -0.96 -5.44
N ARG A 25 -6.81 -0.26 -6.33
CA ARG A 25 -5.39 0.04 -6.12
C ARG A 25 -5.25 1.01 -4.96
N GLN A 26 -4.07 1.07 -4.37
CA GLN A 26 -3.83 1.91 -3.22
C GLN A 26 -2.89 3.05 -3.57
N PHE A 27 -3.04 4.19 -2.88
CA PHE A 27 -2.18 5.33 -3.13
C PHE A 27 -2.03 6.16 -1.85
N TYR A 28 -0.86 6.74 -1.66
CA TYR A 28 -0.58 7.54 -0.48
C TYR A 28 -0.92 8.97 -0.76
N ALA A 29 -1.39 9.65 0.28
CA ALA A 29 -1.77 11.05 0.23
C ALA A 29 -1.30 11.66 1.54
N CYS A 30 -1.38 12.99 1.62
CA CYS A 30 -0.93 13.76 2.76
C CYS A 30 -2.13 14.14 3.61
N SER A 31 -2.00 14.00 4.92
CA SER A 31 -3.06 14.38 5.85
C SER A 31 -2.38 15.07 7.02
N LEU A 32 -1.40 15.91 6.69
CA LEU A 32 -0.69 16.67 7.71
C LEU A 32 -1.64 17.74 8.26
N PRO A 33 -1.32 18.31 9.43
CA PRO A 33 -2.20 19.29 10.06
C PRO A 33 -2.32 20.58 9.28
N ARG A 34 -3.41 21.30 9.48
CA ARG A 34 -3.70 22.53 8.74
C ARG A 34 -2.48 23.46 8.73
N GLY A 35 -2.15 23.93 7.53
CA GLY A 35 -0.96 24.75 7.33
C GLY A 35 0.11 23.97 6.58
N ALA A 36 0.22 22.67 6.83
CA ALA A 36 1.18 21.83 6.10
C ALA A 36 0.40 20.76 5.36
N GLN A 37 0.70 20.58 4.07
CA GLN A 37 0.05 19.60 3.21
C GLN A 37 0.72 19.70 1.85
N CYS A 38 0.39 18.78 0.97
CA CYS A 38 0.85 18.82 -0.41
C CYS A 38 -0.13 17.90 -1.14
N GLY A 39 -0.38 18.15 -2.41
CA GLY A 39 -1.35 17.36 -3.16
C GLY A 39 -0.77 16.13 -3.84
N PHE A 40 0.06 15.39 -3.12
CA PHE A 40 0.69 14.21 -3.70
C PHE A 40 -0.23 13.01 -3.63
N PHE A 41 -0.17 12.19 -4.67
CA PHE A 41 -0.95 10.96 -4.74
C PHE A 41 -0.04 9.92 -5.37
N GLU A 42 0.56 9.09 -4.54
CA GLU A 42 1.57 8.14 -5.01
C GLU A 42 1.13 6.70 -4.85
N TRP A 43 1.03 5.99 -5.95
CA TRP A 43 0.57 4.60 -5.93
C TRP A 43 1.45 3.72 -5.03
N ALA A 44 0.79 2.98 -4.13
CA ALA A 44 1.50 2.12 -3.19
C ALA A 44 1.99 0.87 -3.93
N ASP A 45 1.33 0.57 -5.03
CA ASP A 45 1.66 -0.59 -5.85
C ASP A 45 3.07 -0.50 -6.42
N LEU A 46 3.60 0.71 -6.50
CA LEU A 46 4.97 0.93 -6.96
C LEU A 46 5.96 0.40 -5.93
N SER A 47 5.54 0.37 -4.68
CA SER A 47 6.38 -0.08 -3.57
C SER A 47 6.21 -1.56 -3.29
N PHE A 48 5.15 -2.17 -3.79
CA PHE A 48 4.97 -3.61 -3.58
C PHE A 48 5.97 -4.27 -4.51
N PRO A 49 6.75 -5.25 -4.02
CA PRO A 49 7.66 -5.86 -4.97
C PRO A 49 6.92 -6.87 -5.83
N PHE A 50 7.64 -7.53 -6.71
CA PHE A 50 7.07 -8.64 -7.46
C PHE A 50 6.86 -9.79 -6.47
N CYS A 51 5.92 -10.66 -6.74
CA CYS A 51 5.75 -11.86 -5.94
C CYS A 51 6.41 -12.96 -6.76
N LYS A 52 6.46 -14.16 -6.24
CA LYS A 52 7.16 -15.26 -6.92
C LYS A 52 6.56 -15.70 -8.26
N HIS A 53 5.39 -15.17 -8.61
CA HIS A 53 4.77 -15.44 -9.91
C HIS A 53 5.14 -14.37 -10.93
N GLY A 54 5.93 -13.38 -10.50
CA GLY A 54 6.30 -12.27 -11.37
C GLY A 54 5.29 -11.15 -11.27
N LYS A 55 4.06 -11.53 -10.96
CA LYS A 55 2.95 -10.58 -10.79
C LYS A 55 3.26 -9.70 -9.59
N ARG A 56 2.75 -8.48 -9.58
CA ARG A 56 2.99 -7.56 -8.46
C ARG A 56 2.33 -8.12 -7.20
N SER A 57 2.92 -7.84 -6.05
CA SER A 57 2.33 -8.22 -4.76
C SER A 57 1.29 -7.17 -4.43
N ILE A 58 0.43 -7.46 -3.46
CA ILE A 58 -0.60 -6.52 -3.02
C ILE A 58 -0.60 -6.50 -1.49
N MET A 59 -1.20 -5.46 -0.92
CA MET A 59 -1.30 -5.34 0.53
C MET A 59 -2.57 -5.97 1.08
N LYS A 60 -2.45 -6.67 2.21
CA LYS A 60 -3.59 -7.19 2.97
C LYS A 60 -3.26 -6.84 4.41
N THR A 61 -4.23 -6.97 5.30
CA THR A 61 -4.07 -6.53 6.70
C THR A 61 -4.35 -7.67 7.69
N VAL A 62 -3.64 -7.67 8.80
CA VAL A 62 -3.83 -8.67 9.85
C VAL A 62 -5.06 -8.28 10.66
N LEU A 63 -6.07 -9.13 10.66
CA LEU A 63 -7.31 -8.88 11.39
C LEU A 63 -7.40 -9.68 12.69
N LYS A 64 -6.40 -10.52 12.92
CA LYS A 64 -6.36 -11.33 14.14
C LYS A 64 -5.83 -10.47 15.28
N ILE A 65 -6.57 -10.45 16.38
CA ILE A 65 -6.20 -9.69 17.56
C ILE A 65 -4.88 -10.24 18.11
N GLY A 66 -3.95 -9.35 18.42
CA GLY A 66 -2.64 -9.73 18.91
C GLY A 66 -1.76 -8.53 18.71
N PRO A 67 -0.44 -8.61 18.98
CA PRO A 67 0.39 -7.41 18.79
C PRO A 67 0.58 -7.02 17.33
N ASN A 68 0.24 -7.92 16.41
CA ASN A 68 0.34 -7.64 14.98
C ASN A 68 -0.99 -7.19 14.40
N ASN A 69 -2.01 -7.03 15.21
CA ASN A 69 -3.33 -6.64 14.71
C ASN A 69 -3.28 -5.27 14.05
N GLY A 70 -3.94 -5.16 12.90
CA GLY A 70 -3.99 -3.91 12.18
C GLY A 70 -2.77 -3.64 11.33
N LYS A 71 -1.73 -4.46 11.47
CA LYS A 71 -0.52 -4.28 10.68
C LYS A 71 -0.75 -4.83 9.28
N ASN A 72 -0.06 -4.25 8.32
CA ASN A 72 -0.23 -4.64 6.93
C ASN A 72 0.92 -5.50 6.45
N PHE A 73 0.65 -6.30 5.44
CA PHE A 73 1.67 -7.15 4.85
C PHE A 73 1.44 -7.32 3.35
N PHE A 74 2.50 -7.61 2.61
CA PHE A 74 2.45 -7.82 1.18
C PHE A 74 2.32 -9.32 0.93
N VAL A 75 1.42 -9.67 0.04
CA VAL A 75 1.06 -11.06 -0.29
C VAL A 75 0.64 -11.11 -1.75
N CYS A 76 0.27 -12.28 -2.23
CA CYS A 76 -0.07 -12.48 -3.63
C CYS A 76 -1.55 -12.18 -3.93
N PRO A 77 -1.85 -11.59 -5.12
CA PRO A 77 -3.25 -11.31 -5.45
C PRO A 77 -4.09 -12.49 -5.91
N LEU A 78 -3.48 -13.64 -6.18
CA LEU A 78 -4.22 -14.80 -6.64
C LEU A 78 -4.98 -15.47 -5.50
N GLU A 79 -5.85 -16.39 -5.88
CA GLU A 79 -6.71 -17.15 -4.98
C GLU A 79 -5.89 -17.99 -3.99
N LYS A 80 -6.58 -18.57 -3.01
CA LYS A 80 -5.94 -19.22 -1.85
C LYS A 80 -4.93 -20.28 -2.26
N GLU A 81 -5.40 -21.20 -3.08
CA GLU A 81 -4.61 -22.34 -3.54
C GLU A 81 -3.64 -21.95 -4.65
N LYS A 82 -3.66 -20.70 -5.05
CA LYS A 82 -2.81 -20.20 -6.13
C LYS A 82 -1.81 -19.17 -5.65
N GLN A 83 -1.77 -18.90 -4.36
CA GLN A 83 -0.80 -17.94 -3.84
C GLN A 83 0.56 -18.57 -3.78
N CYS A 84 1.57 -17.77 -4.04
CA CYS A 84 2.94 -18.21 -3.92
C CYS A 84 3.33 -18.12 -2.45
N ASN A 85 4.40 -18.81 -2.08
CA ASN A 85 4.92 -18.76 -0.72
C ASN A 85 5.74 -17.47 -0.61
N PHE A 86 5.01 -16.38 -0.51
CA PHE A 86 5.56 -15.04 -0.35
C PHE A 86 4.71 -14.27 0.64
N PHE A 87 5.37 -13.69 1.63
CA PHE A 87 4.73 -12.87 2.65
C PHE A 87 5.81 -11.89 3.10
N GLN A 88 5.49 -10.61 3.15
CA GLN A 88 6.45 -9.62 3.63
C GLN A 88 5.72 -8.61 4.49
N TRP A 89 6.25 -8.23 5.64
CA TRP A 89 5.59 -7.17 6.42
C TRP A 89 5.69 -5.88 5.61
N ALA A 90 4.65 -5.06 5.67
CA ALA A 90 4.62 -3.85 4.88
C ALA A 90 5.66 -2.86 5.41
N GLU A 91 6.31 -2.15 4.50
CA GLU A 91 7.34 -1.18 4.87
C GLU A 91 6.73 -0.02 5.66
N ASN A 92 5.45 0.26 5.42
CA ASN A 92 4.75 1.32 6.15
C ASN A 92 4.13 0.82 7.46
N GLY A 93 4.29 -0.46 7.76
CA GLY A 93 3.70 -1.04 8.97
C GLY A 93 2.31 -1.58 8.71
N SER A 1 6.45 2.32 3.21
CA SER A 1 5.43 2.98 2.37
C SER A 1 6.01 4.25 1.76
N PRO A 2 5.45 4.72 0.64
CA PRO A 2 6.03 5.94 0.04
C PRO A 2 5.77 7.20 0.86
N LEU A 3 6.42 8.29 0.50
CA LEU A 3 6.36 9.56 1.24
C LEU A 3 6.12 10.70 0.29
N CYS A 4 5.32 11.70 0.66
CA CYS A 4 5.19 12.82 -0.26
C CYS A 4 6.53 13.55 -0.19
N LYS A 5 6.88 14.20 -1.29
CA LYS A 5 8.17 14.85 -1.40
C LYS A 5 8.34 16.08 -0.54
N MET A 6 7.27 16.86 -0.45
CA MET A 6 7.28 18.13 0.29
C MET A 6 7.55 18.00 1.79
N HIS A 7 7.00 16.96 2.41
CA HIS A 7 7.11 16.82 3.87
C HIS A 7 7.89 15.59 4.34
N HIS A 8 8.25 14.71 3.41
CA HIS A 8 8.99 13.48 3.70
C HIS A 8 8.38 12.66 4.86
N ARG A 9 7.05 12.61 4.91
CA ARG A 9 6.34 11.86 5.96
C ARG A 9 5.11 11.18 5.37
N ARG A 10 4.77 10.02 5.92
CA ARG A 10 3.60 9.28 5.47
C ARG A 10 2.45 9.97 6.14
N CYS A 11 1.37 10.22 5.41
CA CYS A 11 0.21 10.85 6.06
C CYS A 11 -1.13 10.13 5.96
N VAL A 12 -1.61 9.79 4.77
CA VAL A 12 -2.81 8.94 4.65
C VAL A 12 -2.78 8.11 3.40
N LEU A 13 -3.55 7.03 3.39
CA LEU A 13 -3.64 6.13 2.24
C LEU A 13 -5.10 6.18 1.77
N ARG A 14 -5.31 6.42 0.47
CA ARG A 14 -6.64 6.51 -0.14
C ARG A 14 -6.66 5.63 -1.39
N VAL A 15 -7.81 5.49 -2.02
CA VAL A 15 -7.95 4.67 -3.24
C VAL A 15 -8.60 5.54 -4.33
N VAL A 16 -8.04 5.52 -5.53
CA VAL A 16 -8.57 6.30 -6.65
C VAL A 16 -9.94 5.69 -7.03
N ARG A 17 -10.98 6.52 -7.14
CA ARG A 17 -12.37 6.03 -7.30
C ARG A 17 -12.90 5.83 -8.74
N LYS A 18 -12.05 5.46 -9.68
CA LYS A 18 -12.46 5.19 -11.07
C LYS A 18 -11.66 3.99 -11.51
N ASP A 19 -11.82 3.57 -12.76
CA ASP A 19 -11.06 2.43 -13.33
C ASP A 19 -10.12 2.96 -14.42
N GLY A 20 -8.99 2.29 -14.64
CA GLY A 20 -8.02 2.72 -15.64
C GLY A 20 -6.60 2.35 -15.22
N GLU A 21 -5.61 2.90 -15.92
CA GLU A 21 -4.19 2.56 -15.66
C GLU A 21 -3.68 2.95 -14.26
N ASN A 22 -4.05 4.12 -13.76
CA ASN A 22 -3.69 4.54 -12.38
C ASN A 22 -4.91 4.49 -11.50
N LYS A 23 -6.05 4.43 -12.15
CA LYS A 23 -7.30 4.47 -11.48
C LYS A 23 -7.58 3.16 -10.78
N GLY A 24 -8.18 3.30 -9.61
CA GLY A 24 -8.47 2.15 -8.77
C GLY A 24 -7.32 1.77 -7.85
N ARG A 25 -6.13 2.32 -8.09
CA ARG A 25 -4.97 2.00 -7.27
C ARG A 25 -5.01 2.67 -5.90
N GLN A 26 -4.27 2.09 -4.99
CA GLN A 26 -4.05 2.68 -3.67
C GLN A 26 -3.00 3.77 -3.86
N PHE A 27 -3.17 4.89 -3.17
CA PHE A 27 -2.21 5.98 -3.25
C PHE A 27 -2.09 6.69 -1.91
N TYR A 28 -0.96 7.32 -1.67
CA TYR A 28 -0.71 8.05 -0.45
C TYR A 28 -0.91 9.52 -0.71
N ALA A 29 -1.47 10.21 0.27
CA ALA A 29 -1.78 11.62 0.17
C ALA A 29 -1.43 12.28 1.50
N CYS A 30 -1.46 13.61 1.49
CA CYS A 30 -1.14 14.44 2.63
C CYS A 30 -2.39 14.71 3.45
N SER A 31 -2.24 14.72 4.77
CA SER A 31 -3.36 15.02 5.66
C SER A 31 -2.86 15.97 6.74
N LEU A 32 -1.96 16.85 6.35
CA LEU A 32 -1.43 17.84 7.28
C LEU A 32 -2.51 18.89 7.55
N PRO A 33 -2.39 19.65 8.65
CA PRO A 33 -3.42 20.61 9.04
C PRO A 33 -3.50 21.82 8.11
N ARG A 34 -4.63 22.51 8.13
CA ARG A 34 -4.86 23.66 7.25
C ARG A 34 -3.68 24.62 7.29
N GLY A 35 -3.22 25.00 6.12
CA GLY A 35 -2.05 25.85 5.97
C GLY A 35 -0.87 25.07 5.44
N ALA A 36 -0.72 23.81 5.84
CA ALA A 36 0.35 22.96 5.32
C ALA A 36 -0.29 21.77 4.60
N GLN A 37 0.17 21.47 3.40
CA GLN A 37 -0.34 20.37 2.59
C GLN A 37 0.53 20.34 1.34
N CYS A 38 0.30 19.39 0.46
CA CYS A 38 1.02 19.31 -0.78
C CYS A 38 0.14 18.60 -1.79
N GLY A 39 0.31 18.91 -3.08
CA GLY A 39 -0.46 18.26 -4.12
C GLY A 39 0.23 17.00 -4.63
N PHE A 40 1.33 16.63 -3.98
CA PHE A 40 2.07 15.44 -4.40
C PHE A 40 1.42 14.19 -3.85
N PHE A 41 1.05 13.28 -4.74
CA PHE A 41 0.45 12.01 -4.38
C PHE A 41 1.45 10.93 -4.74
N GLU A 42 1.47 9.86 -3.98
CA GLU A 42 2.40 8.76 -4.24
C GLU A 42 1.65 7.50 -4.48
N TRP A 43 2.18 6.64 -5.31
CA TRP A 43 1.51 5.38 -5.60
C TRP A 43 1.90 4.34 -4.55
N ALA A 44 0.92 3.72 -3.92
CA ALA A 44 1.23 2.79 -2.82
C ALA A 44 1.79 1.48 -3.37
N ASP A 45 1.49 1.18 -4.63
CA ASP A 45 1.96 -0.07 -5.23
C ASP A 45 3.45 -0.06 -5.52
N LEU A 46 4.09 1.10 -5.35
CA LEU A 46 5.55 1.20 -5.52
C LEU A 46 6.23 0.33 -4.48
N SER A 47 5.59 0.20 -3.33
CA SER A 47 6.12 -0.61 -2.23
C SER A 47 5.95 -2.10 -2.43
N PHE A 48 5.13 -2.51 -3.40
CA PHE A 48 4.89 -3.94 -3.60
C PHE A 48 5.98 -4.52 -4.48
N PRO A 49 6.73 -5.50 -3.99
CA PRO A 49 7.67 -6.08 -4.95
C PRO A 49 6.92 -7.06 -5.85
N PHE A 50 7.63 -7.74 -6.72
CA PHE A 50 7.03 -8.83 -7.47
C PHE A 50 6.83 -9.98 -6.48
N CYS A 51 5.85 -10.83 -6.71
CA CYS A 51 5.69 -12.02 -5.89
C CYS A 51 6.35 -13.12 -6.71
N LYS A 52 6.43 -14.32 -6.16
CA LYS A 52 7.14 -15.42 -6.84
C LYS A 52 6.50 -15.89 -8.16
N HIS A 53 5.31 -15.42 -8.47
CA HIS A 53 4.65 -15.71 -9.75
C HIS A 53 5.00 -14.66 -10.81
N GLY A 54 5.75 -13.64 -10.40
CA GLY A 54 6.10 -12.53 -11.29
C GLY A 54 5.06 -11.42 -11.21
N LYS A 55 3.86 -11.79 -10.80
CA LYS A 55 2.76 -10.85 -10.63
C LYS A 55 3.10 -9.89 -9.49
N ARG A 56 2.61 -8.67 -9.56
CA ARG A 56 2.86 -7.67 -8.50
C ARG A 56 2.21 -8.18 -7.21
N SER A 57 2.83 -7.93 -6.07
CA SER A 57 2.24 -8.28 -4.78
C SER A 57 1.17 -7.25 -4.48
N ILE A 58 0.36 -7.50 -3.46
CA ILE A 58 -0.67 -6.57 -3.03
C ILE A 58 -0.66 -6.48 -1.51
N MET A 59 -1.26 -5.43 -0.96
CA MET A 59 -1.34 -5.25 0.49
C MET A 59 -2.61 -5.87 1.07
N LYS A 60 -2.48 -6.57 2.19
CA LYS A 60 -3.62 -7.09 2.96
C LYS A 60 -3.31 -6.70 4.41
N THR A 61 -4.29 -6.85 5.28
CA THR A 61 -4.15 -6.42 6.68
C THR A 61 -4.39 -7.58 7.65
N VAL A 62 -3.67 -7.61 8.76
CA VAL A 62 -3.85 -8.65 9.75
C VAL A 62 -5.08 -8.32 10.59
N LEU A 63 -6.14 -9.10 10.38
CA LEU A 63 -7.38 -8.92 11.13
C LEU A 63 -7.43 -9.83 12.36
N LYS A 64 -6.55 -10.83 12.37
CA LYS A 64 -6.49 -11.76 13.50
C LYS A 64 -5.95 -11.05 14.72
N ILE A 65 -6.63 -11.21 15.86
CA ILE A 65 -6.18 -10.63 17.12
C ILE A 65 -4.81 -11.24 17.48
N GLY A 66 -3.89 -10.39 17.88
CA GLY A 66 -2.54 -10.81 18.23
C GLY A 66 -1.68 -9.57 18.25
N PRO A 67 -0.37 -9.66 18.53
CA PRO A 67 0.45 -8.44 18.58
C PRO A 67 0.70 -7.79 17.21
N ASN A 68 0.39 -8.50 16.14
CA ASN A 68 0.57 -7.98 14.79
C ASN A 68 -0.76 -7.51 14.20
N ASN A 69 -1.79 -7.37 15.03
CA ASN A 69 -3.11 -6.95 14.54
C ASN A 69 -3.03 -5.54 13.99
N GLY A 70 -3.71 -5.31 12.88
CA GLY A 70 -3.74 -3.99 12.26
C GLY A 70 -2.56 -3.74 11.33
N LYS A 71 -1.52 -4.53 11.44
CA LYS A 71 -0.35 -4.36 10.57
C LYS A 71 -0.71 -4.80 9.17
N ASN A 72 -0.12 -4.13 8.19
CA ASN A 72 -0.34 -4.44 6.79
C ASN A 72 0.81 -5.32 6.33
N PHE A 73 0.57 -6.14 5.33
CA PHE A 73 1.60 -7.01 4.77
C PHE A 73 1.39 -7.22 3.27
N PHE A 74 2.49 -7.49 2.56
CA PHE A 74 2.49 -7.77 1.14
C PHE A 74 2.37 -9.28 0.95
N VAL A 75 1.49 -9.65 0.02
CA VAL A 75 1.06 -11.03 -0.24
C VAL A 75 0.59 -11.10 -1.67
N CYS A 76 0.28 -12.29 -2.13
CA CYS A 76 -0.04 -12.54 -3.51
C CYS A 76 -1.55 -12.30 -3.77
N PRO A 77 -1.90 -11.75 -4.96
CA PRO A 77 -3.32 -11.48 -5.26
C PRO A 77 -4.17 -12.69 -5.61
N LEU A 78 -3.54 -13.84 -5.83
CA LEU A 78 -4.29 -15.05 -6.19
C LEU A 78 -5.00 -15.65 -4.97
N GLU A 79 -5.91 -16.56 -5.26
CA GLU A 79 -6.72 -17.25 -4.25
C GLU A 79 -5.86 -18.08 -3.28
N LYS A 80 -6.48 -18.52 -2.19
CA LYS A 80 -5.76 -19.16 -1.07
C LYS A 80 -4.82 -20.30 -1.47
N GLU A 81 -5.29 -21.21 -2.32
CA GLU A 81 -4.52 -22.38 -2.74
C GLU A 81 -3.56 -22.05 -3.88
N LYS A 82 -3.64 -20.82 -4.38
CA LYS A 82 -2.81 -20.40 -5.52
C LYS A 82 -1.78 -19.36 -5.14
N GLN A 83 -1.71 -19.00 -3.87
CA GLN A 83 -0.72 -18.01 -3.45
C GLN A 83 0.65 -18.64 -3.40
N CYS A 84 1.66 -17.84 -3.72
CA CYS A 84 3.03 -18.29 -3.64
C CYS A 84 3.47 -18.18 -2.19
N ASN A 85 4.57 -18.85 -1.86
CA ASN A 85 5.16 -18.79 -0.52
C ASN A 85 5.96 -17.48 -0.44
N PHE A 86 5.21 -16.40 -0.30
CA PHE A 86 5.74 -15.05 -0.16
C PHE A 86 4.86 -14.26 0.80
N PHE A 87 5.49 -13.61 1.76
CA PHE A 87 4.81 -12.78 2.74
C PHE A 87 5.87 -11.77 3.19
N GLN A 88 5.54 -10.49 3.21
CA GLN A 88 6.49 -9.46 3.65
C GLN A 88 5.73 -8.39 4.43
N TRP A 89 6.27 -7.89 5.53
CA TRP A 89 5.56 -6.85 6.27
C TRP A 89 5.58 -5.52 5.51
N ALA A 90 4.46 -4.82 5.51
CA ALA A 90 4.33 -3.53 4.84
C ALA A 90 4.54 -2.46 5.90
N GLU A 91 5.78 -2.00 6.00
CA GLU A 91 6.18 -1.04 7.03
C GLU A 91 6.95 0.12 6.43
N ASN A 92 8.27 0.11 6.57
CA ASN A 92 9.10 1.18 6.01
C ASN A 92 9.21 1.06 4.49
N GLY A 93 9.09 -0.16 3.99
CA GLY A 93 9.12 -0.38 2.55
C GLY A 93 7.78 0.02 1.97
N SER A 1 6.99 1.50 1.01
CA SER A 1 6.05 2.46 0.37
C SER A 1 6.77 3.72 -0.05
N PRO A 2 6.26 4.41 -1.09
CA PRO A 2 6.94 5.63 -1.57
C PRO A 2 6.71 6.83 -0.65
N LEU A 3 7.34 7.94 -1.00
CA LEU A 3 7.26 9.18 -0.22
C LEU A 3 7.07 10.32 -1.20
N CYS A 4 6.37 11.37 -0.84
CA CYS A 4 6.26 12.49 -1.77
C CYS A 4 7.61 13.21 -1.75
N LYS A 5 7.93 13.89 -2.83
CA LYS A 5 9.22 14.59 -2.93
C LYS A 5 9.31 15.83 -2.05
N MET A 6 8.18 16.39 -1.68
CA MET A 6 8.16 17.64 -0.93
C MET A 6 8.49 17.49 0.55
N HIS A 7 7.92 16.48 1.19
CA HIS A 7 8.10 16.31 2.64
C HIS A 7 8.85 15.05 3.06
N HIS A 8 9.12 14.16 2.11
CA HIS A 8 9.84 12.90 2.36
C HIS A 8 9.20 12.08 3.51
N ARG A 9 7.88 12.12 3.59
CA ARG A 9 7.13 11.42 4.65
C ARG A 9 5.93 10.71 4.05
N ARG A 10 5.61 9.54 4.59
CA ARG A 10 4.40 8.82 4.18
C ARG A 10 3.35 9.55 4.99
N CYS A 11 2.23 9.88 4.39
CA CYS A 11 1.19 10.58 5.14
C CYS A 11 -0.18 9.90 5.19
N VAL A 12 -0.80 9.58 4.07
CA VAL A 12 -2.02 8.75 4.10
C VAL A 12 -2.10 7.90 2.85
N LEU A 13 -2.82 6.81 2.94
CA LEU A 13 -3.01 5.89 1.82
C LEU A 13 -4.49 5.90 1.46
N ARG A 14 -4.79 6.14 0.19
CA ARG A 14 -6.16 6.17 -0.33
C ARG A 14 -6.21 5.26 -1.54
N VAL A 15 -7.38 5.05 -2.12
CA VAL A 15 -7.50 4.22 -3.32
C VAL A 15 -8.48 4.89 -4.27
N VAL A 16 -8.12 4.90 -5.54
CA VAL A 16 -8.89 5.59 -6.58
C VAL A 16 -10.26 4.95 -6.82
N ARG A 17 -11.30 5.78 -6.94
CA ARG A 17 -12.65 5.30 -7.27
C ARG A 17 -13.12 5.87 -8.62
N LYS A 18 -12.51 6.97 -9.06
CA LYS A 18 -12.83 7.59 -10.35
C LYS A 18 -12.15 6.79 -11.46
N ASP A 19 -12.16 7.34 -12.67
CA ASP A 19 -11.43 6.83 -13.83
C ASP A 19 -11.79 5.39 -14.23
N GLY A 20 -10.97 4.82 -15.12
CA GLY A 20 -11.14 3.46 -15.59
C GLY A 20 -9.83 2.69 -15.52
N GLU A 21 -8.72 3.27 -15.96
CA GLU A 21 -7.44 2.54 -15.95
C GLU A 21 -6.74 2.61 -14.60
N ASN A 22 -6.78 3.76 -13.94
CA ASN A 22 -6.16 3.87 -12.60
C ASN A 22 -7.20 3.59 -11.54
N LYS A 23 -8.37 3.15 -11.97
CA LYS A 23 -9.46 2.83 -11.05
C LYS A 23 -9.04 1.68 -10.14
N GLY A 24 -9.26 1.82 -8.85
CA GLY A 24 -8.92 0.77 -7.91
C GLY A 24 -7.47 0.75 -7.46
N ARG A 25 -6.60 1.51 -8.09
CA ARG A 25 -5.19 1.54 -7.68
C ARG A 25 -5.08 2.28 -6.36
N GLN A 26 -4.23 1.77 -5.47
CA GLN A 26 -3.98 2.44 -4.20
C GLN A 26 -2.93 3.53 -4.46
N PHE A 27 -3.02 4.63 -3.74
CA PHE A 27 -2.08 5.74 -3.90
C PHE A 27 -1.87 6.46 -2.57
N TYR A 28 -0.72 7.09 -2.43
CA TYR A 28 -0.38 7.83 -1.22
C TYR A 28 -0.65 9.29 -1.48
N ALA A 29 -1.12 9.97 -0.43
CA ALA A 29 -1.45 11.39 -0.50
C ALA A 29 -0.94 12.04 0.78
N CYS A 30 -0.92 13.36 0.75
CA CYS A 30 -0.46 14.19 1.85
C CYS A 30 -1.61 14.53 2.80
N SER A 31 -1.33 14.54 4.08
CA SER A 31 -2.33 14.87 5.10
C SER A 31 -1.76 15.89 6.07
N LEU A 32 -0.89 16.76 5.56
CA LEU A 32 -0.27 17.79 6.39
C LEU A 32 -1.32 18.86 6.70
N PRO A 33 -1.09 19.68 7.75
CA PRO A 33 -2.07 20.68 8.17
C PRO A 33 -2.20 21.84 7.19
N ARG A 34 -3.31 22.56 7.27
CA ARG A 34 -3.59 23.67 6.35
C ARG A 34 -2.40 24.62 6.28
N GLY A 35 -2.01 24.97 5.06
CA GLY A 35 -0.85 25.81 4.82
C GLY A 35 0.30 25.02 4.24
N ALA A 36 0.47 23.78 4.68
CA ALA A 36 1.52 22.92 4.14
C ALA A 36 0.86 21.68 3.51
N GLN A 37 1.26 21.35 2.29
CA GLN A 37 0.74 20.20 1.56
C GLN A 37 1.51 20.14 0.25
N CYS A 38 1.24 19.14 -0.56
CA CYS A 38 1.84 19.04 -1.87
C CYS A 38 0.88 18.26 -2.76
N GLY A 39 0.86 18.56 -4.05
CA GLY A 39 0.00 17.85 -4.97
C GLY A 39 0.69 16.61 -5.53
N PHE A 40 1.80 16.26 -4.92
CA PHE A 40 2.58 15.11 -5.36
C PHE A 40 1.97 13.83 -4.79
N PHE A 41 1.11 13.20 -5.57
CA PHE A 41 0.49 11.94 -5.18
C PHE A 41 1.44 10.86 -5.62
N GLU A 42 1.50 9.77 -4.88
CA GLU A 42 2.43 8.68 -5.18
C GLU A 42 1.69 7.37 -5.36
N TRP A 43 2.22 6.44 -6.14
CA TRP A 43 1.53 5.17 -6.35
C TRP A 43 1.91 4.18 -5.27
N ALA A 44 0.92 3.69 -4.52
CA ALA A 44 1.20 2.75 -3.44
C ALA A 44 1.61 1.40 -4.01
N ASP A 45 1.41 1.23 -5.32
CA ASP A 45 1.83 0.01 -6.01
C ASP A 45 3.34 -0.16 -5.90
N LEU A 46 4.05 0.96 -5.77
CA LEU A 46 5.50 0.95 -5.64
C LEU A 46 5.96 0.36 -4.30
N SER A 47 5.03 0.11 -3.40
CA SER A 47 5.35 -0.51 -2.11
C SER A 47 5.57 -2.00 -2.30
N PHE A 48 5.06 -2.53 -3.41
CA PHE A 48 5.06 -3.97 -3.63
C PHE A 48 6.10 -4.44 -4.63
N PRO A 49 6.93 -5.43 -4.25
CA PRO A 49 7.77 -5.98 -5.31
C PRO A 49 6.98 -7.04 -6.08
N PHE A 50 7.63 -7.66 -7.04
CA PHE A 50 7.07 -8.80 -7.74
C PHE A 50 7.02 -9.96 -6.74
N CYS A 51 5.97 -10.75 -6.81
CA CYS A 51 5.87 -11.95 -5.98
C CYS A 51 6.52 -13.06 -6.81
N LYS A 52 6.56 -14.28 -6.30
CA LYS A 52 7.24 -15.38 -7.02
C LYS A 52 6.63 -15.71 -8.39
N HIS A 53 5.38 -15.30 -8.62
CA HIS A 53 4.73 -15.52 -9.92
C HIS A 53 5.09 -14.43 -10.93
N GLY A 54 5.86 -13.43 -10.50
CA GLY A 54 6.21 -12.30 -11.37
C GLY A 54 5.17 -11.21 -11.26
N LYS A 55 3.95 -11.61 -10.90
CA LYS A 55 2.84 -10.68 -10.72
C LYS A 55 3.16 -9.78 -9.53
N ARG A 56 2.66 -8.56 -9.52
CA ARG A 56 2.90 -7.65 -8.40
C ARG A 56 2.26 -8.21 -7.13
N SER A 57 2.87 -7.94 -5.99
CA SER A 57 2.29 -8.31 -4.71
C SER A 57 1.25 -7.25 -4.35
N ILE A 58 0.43 -7.51 -3.35
CA ILE A 58 -0.58 -6.54 -2.90
C ILE A 58 -0.60 -6.46 -1.38
N MET A 59 -1.21 -5.41 -0.87
CA MET A 59 -1.36 -5.21 0.58
C MET A 59 -2.61 -5.90 1.13
N LYS A 60 -2.46 -6.55 2.28
CA LYS A 60 -3.60 -7.09 3.03
C LYS A 60 -3.31 -6.73 4.47
N THR A 61 -4.35 -6.73 5.29
CA THR A 61 -4.25 -6.32 6.69
C THR A 61 -4.47 -7.51 7.63
N VAL A 62 -3.75 -7.55 8.74
CA VAL A 62 -3.90 -8.63 9.70
C VAL A 62 -5.17 -8.37 10.51
N LEU A 63 -6.12 -9.29 10.42
CA LEU A 63 -7.37 -9.17 11.19
C LEU A 63 -7.36 -10.12 12.39
N LYS A 64 -6.34 -10.96 12.45
CA LYS A 64 -6.21 -11.91 13.56
C LYS A 64 -5.61 -11.21 14.77
N ILE A 65 -6.31 -11.28 15.89
CA ILE A 65 -5.83 -10.71 17.14
C ILE A 65 -4.45 -11.31 17.47
N GLY A 66 -3.52 -10.42 17.81
CA GLY A 66 -2.16 -10.80 18.13
C GLY A 66 -1.36 -9.51 18.20
N PRO A 67 -0.04 -9.54 18.42
CA PRO A 67 0.70 -8.27 18.52
C PRO A 67 0.84 -7.52 17.20
N ASN A 68 0.58 -8.19 16.09
CA ASN A 68 0.65 -7.57 14.78
C ASN A 68 -0.74 -7.34 14.18
N ASN A 69 -1.76 -7.32 15.03
CA ASN A 69 -3.13 -7.10 14.56
C ASN A 69 -3.26 -5.68 14.02
N GLY A 70 -3.94 -5.53 12.89
CA GLY A 70 -4.15 -4.22 12.29
C GLY A 70 -3.00 -3.79 11.39
N LYS A 71 -1.87 -4.49 11.45
CA LYS A 71 -0.72 -4.13 10.63
C LYS A 71 -0.91 -4.63 9.21
N ASN A 72 -0.19 -4.02 8.27
CA ASN A 72 -0.32 -4.38 6.86
C ASN A 72 0.87 -5.22 6.41
N PHE A 73 0.62 -6.09 5.45
CA PHE A 73 1.65 -6.98 4.94
C PHE A 73 1.45 -7.21 3.44
N PHE A 74 2.48 -7.70 2.77
CA PHE A 74 2.46 -7.93 1.33
C PHE A 74 2.36 -9.42 1.04
N VAL A 75 1.43 -9.74 0.14
CA VAL A 75 1.07 -11.12 -0.21
C VAL A 75 0.64 -11.16 -1.67
N CYS A 76 0.25 -12.34 -2.15
CA CYS A 76 -0.12 -12.51 -3.55
C CYS A 76 -1.62 -12.21 -3.76
N PRO A 77 -1.99 -11.59 -4.90
CA PRO A 77 -3.41 -11.29 -5.16
C PRO A 77 -4.27 -12.51 -5.50
N LEU A 78 -3.63 -13.63 -5.76
CA LEU A 78 -4.36 -14.85 -6.09
C LEU A 78 -5.02 -15.44 -4.84
N GLU A 79 -5.98 -16.34 -5.06
CA GLU A 79 -6.68 -17.02 -3.98
C GLU A 79 -5.73 -17.86 -3.12
N LYS A 80 -6.16 -18.22 -1.92
CA LYS A 80 -5.34 -18.97 -0.96
C LYS A 80 -4.66 -20.21 -1.54
N GLU A 81 -5.35 -20.96 -2.38
CA GLU A 81 -4.81 -22.18 -2.97
C GLU A 81 -3.95 -21.90 -4.21
N LYS A 82 -3.88 -20.63 -4.59
CA LYS A 82 -3.14 -20.21 -5.78
C LYS A 82 -1.99 -19.25 -5.44
N GLN A 83 -1.80 -18.96 -4.16
CA GLN A 83 -0.75 -18.04 -3.76
C GLN A 83 0.62 -18.70 -3.83
N CYS A 84 1.64 -17.86 -3.90
CA CYS A 84 3.02 -18.32 -3.90
C CYS A 84 3.54 -18.23 -2.47
N ASN A 85 4.69 -18.84 -2.24
CA ASN A 85 5.35 -18.75 -0.93
C ASN A 85 6.11 -17.43 -0.92
N PHE A 86 5.34 -16.37 -0.71
CA PHE A 86 5.85 -15.01 -0.61
C PHE A 86 5.04 -14.29 0.46
N PHE A 87 5.72 -13.67 1.40
CA PHE A 87 5.08 -12.88 2.44
C PHE A 87 6.09 -11.82 2.84
N GLN A 88 5.66 -10.59 3.01
CA GLN A 88 6.52 -9.50 3.45
C GLN A 88 5.70 -8.60 4.34
N TRP A 89 6.31 -7.70 5.08
CA TRP A 89 5.57 -6.77 5.94
C TRP A 89 5.67 -5.36 5.39
N ALA A 90 4.64 -4.56 5.61
CA ALA A 90 4.64 -3.16 5.18
C ALA A 90 5.16 -2.33 6.36
N GLU A 91 5.70 -1.16 6.08
CA GLU A 91 6.12 -0.26 7.16
C GLU A 91 4.94 0.61 7.57
N ASN A 92 3.80 0.33 6.96
CA ASN A 92 2.56 1.04 7.25
C ASN A 92 1.78 0.21 8.28
N GLY A 93 2.45 -0.06 9.39
CA GLY A 93 1.87 -0.84 10.48
C GLY A 93 2.95 -0.95 11.52
N SER A 1 6.48 2.16 2.32
CA SER A 1 5.55 3.13 1.70
C SER A 1 6.32 4.23 1.01
N PRO A 2 5.76 4.80 -0.08
CA PRO A 2 6.45 5.93 -0.70
C PRO A 2 6.30 7.19 0.15
N LEU A 3 7.03 8.24 -0.22
CA LEU A 3 7.02 9.50 0.52
C LEU A 3 6.87 10.62 -0.46
N CYS A 4 6.12 11.67 -0.13
CA CYS A 4 6.04 12.80 -1.03
C CYS A 4 7.40 13.48 -0.96
N LYS A 5 7.80 14.09 -2.05
CA LYS A 5 9.12 14.72 -2.14
C LYS A 5 9.28 15.97 -1.30
N MET A 6 8.17 16.64 -0.99
CA MET A 6 8.23 17.88 -0.23
C MET A 6 8.56 17.68 1.26
N HIS A 7 7.99 16.65 1.87
CA HIS A 7 8.15 16.44 3.31
C HIS A 7 8.89 15.17 3.70
N HIS A 8 9.13 14.29 2.73
CA HIS A 8 9.80 13.00 2.97
C HIS A 8 9.13 12.26 4.15
N ARG A 9 7.81 12.38 4.21
CA ARG A 9 7.04 11.88 5.35
C ARG A 9 5.76 11.20 4.88
N ARG A 10 5.45 10.04 5.47
CA ARG A 10 4.20 9.33 5.18
C ARG A 10 3.13 10.16 5.84
N CYS A 11 2.04 10.45 5.14
CA CYS A 11 0.97 11.23 5.77
C CYS A 11 -0.43 10.59 5.78
N VAL A 12 -1.02 10.28 4.62
CA VAL A 12 -2.27 9.49 4.61
C VAL A 12 -2.30 8.65 3.33
N LEU A 13 -3.08 7.58 3.34
CA LEU A 13 -3.22 6.69 2.18
C LEU A 13 -4.69 6.72 1.73
N ARG A 14 -4.92 6.98 0.45
CA ARG A 14 -6.27 7.03 -0.13
C ARG A 14 -6.29 6.12 -1.35
N VAL A 15 -7.49 5.87 -1.87
CA VAL A 15 -7.66 5.00 -3.04
C VAL A 15 -8.40 5.80 -4.10
N VAL A 16 -7.94 5.75 -5.34
CA VAL A 16 -8.57 6.53 -6.40
C VAL A 16 -9.96 5.98 -6.72
N ARG A 17 -10.95 6.86 -6.73
CA ARG A 17 -12.33 6.49 -7.06
C ARG A 17 -12.79 7.11 -8.38
N LYS A 18 -12.10 8.14 -8.85
CA LYS A 18 -12.44 8.75 -10.14
C LYS A 18 -11.99 7.78 -11.24
N ASP A 19 -12.54 7.93 -12.43
CA ASP A 19 -12.23 7.01 -13.52
C ASP A 19 -10.94 7.35 -14.28
N GLY A 20 -10.59 6.48 -15.22
CA GLY A 20 -9.35 6.60 -15.98
C GLY A 20 -8.48 5.45 -15.55
N GLU A 21 -7.27 5.35 -16.07
CA GLU A 21 -6.36 4.25 -15.70
C GLU A 21 -5.95 4.36 -14.22
N ASN A 22 -6.19 5.53 -13.63
CA ASN A 22 -5.88 5.77 -12.23
C ASN A 22 -6.82 4.99 -11.30
N LYS A 23 -8.00 4.65 -11.80
CA LYS A 23 -9.07 4.05 -10.99
C LYS A 23 -8.65 2.81 -10.22
N GLY A 24 -8.93 2.82 -8.92
CA GLY A 24 -8.66 1.66 -8.08
C GLY A 24 -7.30 1.61 -7.41
N ARG A 25 -6.30 2.29 -7.94
CA ARG A 25 -4.96 2.24 -7.36
C ARG A 25 -4.86 2.99 -6.03
N GLN A 26 -3.91 2.58 -5.22
CA GLN A 26 -3.66 3.19 -3.91
C GLN A 26 -2.66 4.33 -4.06
N PHE A 27 -2.83 5.42 -3.33
CA PHE A 27 -1.89 6.52 -3.39
C PHE A 27 -1.80 7.23 -2.05
N TYR A 28 -0.63 7.78 -1.76
CA TYR A 28 -0.41 8.55 -0.56
C TYR A 28 -0.65 10.00 -0.88
N ALA A 29 -1.16 10.70 0.10
CA ALA A 29 -1.45 12.12 0.00
C ALA A 29 -1.00 12.75 1.32
N CYS A 30 -0.96 14.07 1.33
CA CYS A 30 -0.53 14.85 2.48
C CYS A 30 -1.73 15.23 3.33
N SER A 31 -1.54 15.21 4.64
CA SER A 31 -2.58 15.63 5.58
C SER A 31 -1.91 16.44 6.68
N LEU A 32 -0.95 17.25 6.27
CA LEU A 32 -0.22 18.11 7.20
C LEU A 32 -1.12 19.26 7.65
N PRO A 33 -0.77 19.93 8.76
CA PRO A 33 -1.61 21.01 9.27
C PRO A 33 -1.60 22.24 8.38
N ARG A 34 -2.66 23.05 8.47
CA ARG A 34 -2.82 24.22 7.61
C ARG A 34 -1.56 25.08 7.61
N GLY A 35 -1.15 25.47 6.41
CA GLY A 35 0.08 26.24 6.23
C GLY A 35 1.15 25.38 5.58
N ALA A 36 1.19 24.09 5.93
CA ALA A 36 2.14 23.17 5.33
C ALA A 36 1.36 22.06 4.61
N GLN A 37 1.74 21.75 3.37
CA GLN A 37 1.13 20.70 2.57
C GLN A 37 1.85 20.67 1.24
N CYS A 38 1.51 19.69 0.42
CA CYS A 38 2.03 19.59 -0.92
C CYS A 38 0.90 18.97 -1.72
N GLY A 39 0.85 19.23 -3.01
CA GLY A 39 -0.21 18.70 -3.86
C GLY A 39 0.18 17.42 -4.57
N PHE A 40 1.33 16.85 -4.23
CA PHE A 40 1.76 15.63 -4.89
C PHE A 40 1.08 14.41 -4.31
N PHE A 41 0.96 13.39 -5.15
CA PHE A 41 0.37 12.12 -4.76
C PHE A 41 1.37 11.05 -5.14
N GLU A 42 1.55 10.06 -4.27
CA GLU A 42 2.55 9.03 -4.50
C GLU A 42 1.92 7.64 -4.54
N TRP A 43 2.00 6.96 -5.67
CA TRP A 43 1.40 5.64 -5.84
C TRP A 43 1.97 4.64 -4.85
N ALA A 44 1.09 4.05 -4.03
CA ALA A 44 1.51 3.12 -2.99
C ALA A 44 1.86 1.77 -3.62
N ASP A 45 1.28 1.53 -4.79
CA ASP A 45 1.47 0.27 -5.51
C ASP A 45 2.93 0.06 -5.88
N LEU A 46 3.70 1.14 -5.92
CA LEU A 46 5.13 1.07 -6.22
C LEU A 46 5.89 0.34 -5.13
N SER A 47 5.37 0.36 -3.91
CA SER A 47 6.03 -0.28 -2.77
C SER A 47 5.76 -1.78 -2.73
N PHE A 48 4.89 -2.28 -3.58
CA PHE A 48 4.62 -3.71 -3.61
C PHE A 48 5.81 -4.39 -4.26
N PRO A 49 6.46 -5.34 -3.56
CA PRO A 49 7.50 -6.07 -4.28
C PRO A 49 6.91 -7.11 -5.22
N PHE A 50 7.77 -7.80 -5.94
CA PHE A 50 7.38 -8.91 -6.80
C PHE A 50 7.00 -10.10 -5.90
N CYS A 51 6.54 -11.18 -6.50
CA CYS A 51 6.31 -12.43 -5.78
C CYS A 51 6.90 -13.53 -6.65
N LYS A 52 6.86 -14.77 -6.17
CA LYS A 52 7.47 -15.90 -6.91
C LYS A 52 6.91 -16.09 -8.33
N HIS A 53 5.68 -15.69 -8.56
CA HIS A 53 5.06 -15.82 -9.89
C HIS A 53 5.49 -14.70 -10.84
N GLY A 54 6.35 -13.79 -10.38
CA GLY A 54 6.79 -12.66 -11.19
C GLY A 54 5.81 -11.51 -11.07
N LYS A 55 4.56 -11.85 -10.81
CA LYS A 55 3.49 -10.88 -10.64
C LYS A 55 3.76 -10.01 -9.42
N ARG A 56 3.21 -8.81 -9.40
CA ARG A 56 3.38 -7.92 -8.26
C ARG A 56 2.54 -8.45 -7.10
N SER A 57 2.94 -8.16 -5.88
CA SER A 57 2.18 -8.53 -4.70
C SER A 57 1.17 -7.42 -4.43
N ILE A 58 0.32 -7.59 -3.42
CA ILE A 58 -0.70 -6.61 -3.04
C ILE A 58 -0.75 -6.49 -1.52
N MET A 59 -1.31 -5.40 -1.00
CA MET A 59 -1.40 -5.18 0.44
C MET A 59 -2.68 -5.78 1.05
N LYS A 60 -2.55 -6.39 2.24
CA LYS A 60 -3.68 -6.87 3.03
C LYS A 60 -3.36 -6.57 4.49
N THR A 61 -4.33 -6.72 5.36
CA THR A 61 -4.18 -6.36 6.79
C THR A 61 -4.35 -7.57 7.71
N VAL A 62 -3.61 -7.61 8.81
CA VAL A 62 -3.75 -8.68 9.80
C VAL A 62 -4.99 -8.39 10.63
N LEU A 63 -5.97 -9.27 10.56
CA LEU A 63 -7.21 -9.11 11.35
C LEU A 63 -7.21 -10.02 12.57
N LYS A 64 -6.20 -10.86 12.68
CA LYS A 64 -6.08 -11.76 13.81
C LYS A 64 -5.49 -11.03 15.00
N ILE A 65 -6.19 -11.13 16.12
CA ILE A 65 -5.77 -10.49 17.36
C ILE A 65 -4.40 -11.06 17.76
N GLY A 66 -3.49 -10.18 18.13
CA GLY A 66 -2.15 -10.57 18.51
C GLY A 66 -1.29 -9.32 18.42
N PRO A 67 0.04 -9.41 18.64
CA PRO A 67 0.88 -8.20 18.59
C PRO A 67 1.04 -7.61 17.19
N ASN A 68 0.60 -8.34 16.18
CA ASN A 68 0.67 -7.85 14.80
C ASN A 68 -0.70 -7.44 14.26
N ASN A 69 -1.71 -7.39 15.10
CA ASN A 69 -3.05 -7.04 14.65
C ASN A 69 -3.06 -5.62 14.09
N GLY A 70 -3.76 -5.44 12.98
CA GLY A 70 -3.85 -4.13 12.35
C GLY A 70 -2.68 -3.78 11.45
N LYS A 71 -1.60 -4.54 11.51
CA LYS A 71 -0.44 -4.26 10.66
C LYS A 71 -0.74 -4.73 9.24
N ASN A 72 -0.19 -4.02 8.27
CA ASN A 72 -0.40 -4.37 6.87
C ASN A 72 0.76 -5.22 6.39
N PHE A 73 0.52 -6.04 5.39
CA PHE A 73 1.54 -6.90 4.82
C PHE A 73 1.30 -7.09 3.32
N PHE A 74 2.32 -7.54 2.60
CA PHE A 74 2.22 -7.80 1.18
C PHE A 74 2.17 -9.31 0.95
N VAL A 75 1.24 -9.72 0.09
CA VAL A 75 0.92 -11.13 -0.23
C VAL A 75 0.51 -11.21 -1.69
N CYS A 76 0.32 -12.41 -2.21
CA CYS A 76 0.04 -12.60 -3.63
C CYS A 76 -1.47 -12.48 -3.91
N PRO A 77 -1.86 -11.81 -5.03
CA PRO A 77 -3.28 -11.58 -5.34
C PRO A 77 -4.09 -12.76 -5.83
N LEU A 78 -3.43 -13.86 -6.20
CA LEU A 78 -4.15 -15.02 -6.71
C LEU A 78 -4.95 -15.72 -5.60
N GLU A 79 -5.85 -16.58 -6.02
CA GLU A 79 -6.69 -17.36 -5.11
C GLU A 79 -5.84 -18.25 -4.20
N LYS A 80 -6.40 -18.68 -3.08
CA LYS A 80 -5.66 -19.40 -2.03
C LYS A 80 -4.79 -20.58 -2.49
N GLU A 81 -5.28 -21.39 -3.41
CA GLU A 81 -4.54 -22.57 -3.88
C GLU A 81 -3.52 -22.21 -4.95
N LYS A 82 -3.51 -20.95 -5.34
CA LYS A 82 -2.59 -20.43 -6.35
C LYS A 82 -1.61 -19.41 -5.78
N GLN A 83 -1.67 -19.15 -4.49
CA GLN A 83 -0.77 -18.18 -3.89
C GLN A 83 0.60 -18.80 -3.70
N CYS A 84 1.63 -17.99 -3.84
CA CYS A 84 2.99 -18.45 -3.62
C CYS A 84 3.32 -18.21 -2.16
N ASN A 85 4.32 -18.93 -1.66
CA ASN A 85 4.81 -18.75 -0.31
C ASN A 85 5.71 -17.52 -0.30
N PHE A 86 5.06 -16.37 -0.37
CA PHE A 86 5.73 -15.08 -0.33
C PHE A 86 4.90 -14.16 0.55
N PHE A 87 5.52 -13.59 1.56
CA PHE A 87 4.87 -12.70 2.51
C PHE A 87 5.92 -11.68 2.91
N GLN A 88 5.53 -10.42 3.00
CA GLN A 88 6.44 -9.37 3.49
C GLN A 88 5.63 -8.39 4.30
N TRP A 89 6.24 -7.66 5.21
CA TRP A 89 5.50 -6.66 6.00
C TRP A 89 5.42 -5.36 5.21
N ALA A 90 4.31 -4.66 5.36
CA ALA A 90 4.07 -3.42 4.63
C ALA A 90 4.18 -2.23 5.56
N GLU A 91 5.24 -1.45 5.39
CA GLU A 91 5.43 -0.25 6.18
C GLU A 91 4.33 0.75 5.88
N ASN A 92 3.60 1.15 6.92
CA ASN A 92 2.47 2.06 6.80
C ASN A 92 2.38 3.00 8.01
N GLY A 93 3.51 3.18 8.68
CA GLY A 93 3.56 4.08 9.82
C GLY A 93 4.00 5.45 9.33
#